data_5NR6
#
_entry.id   5NR6
#
_entity_poly.entity_id   1
_entity_poly.type   'polypeptide(L)'
_entity_poly.pdbx_seq_one_letter_code
;GSHMASMDQLDEIIEQIQKEAINSNVVLKNPRVPTQKTGELSEEQKKIVADYISEVGLNNLNATELSKRLNITVDKAKTY
IKNSNRMGRTNNFKTIKMFEDDVSSASAQPNLP
;
_entity_poly.pdbx_strand_id   A
#
# COMPACT_ATOMS: atom_id res chain seq x y z
N GLY A 1 13.83 6.33 29.71
CA GLY A 1 14.71 7.51 29.79
C GLY A 1 14.08 8.60 30.66
N SER A 2 14.82 9.07 31.66
CA SER A 2 14.40 10.13 32.60
C SER A 2 15.59 10.97 33.10
N HIS A 3 15.32 12.18 33.61
CA HIS A 3 16.31 13.06 34.23
C HIS A 3 16.23 12.99 35.76
N MET A 4 17.36 12.67 36.40
CA MET A 4 17.51 12.60 37.85
C MET A 4 18.81 13.30 38.28
N ALA A 5 18.67 14.44 38.96
CA ALA A 5 19.80 15.26 39.47
C ALA A 5 19.55 15.72 40.92
N SER A 6 18.45 16.46 41.16
CA SER A 6 17.96 16.90 42.48
C SER A 6 19.01 17.60 43.37
N MET A 7 19.94 18.32 42.73
CA MET A 7 21.06 19.07 43.34
C MET A 7 21.40 20.34 42.57
N ASP A 8 21.46 20.20 41.26
CA ASP A 8 21.81 21.25 40.30
C ASP A 8 20.59 22.08 39.84
N GLN A 9 19.39 21.75 40.35
CA GLN A 9 18.10 22.20 39.81
C GLN A 9 17.05 22.52 40.91
N LEU A 10 17.50 22.93 42.11
CA LEU A 10 16.64 23.29 43.24
C LEU A 10 16.51 24.82 43.37
N ASP A 11 15.80 25.44 42.42
CA ASP A 11 15.54 26.89 42.39
C ASP A 11 14.11 27.23 41.95
N GLU A 12 13.64 26.68 40.82
CA GLU A 12 12.30 26.87 40.27
C GLU A 12 11.64 25.52 40.03
N ILE A 13 10.47 25.29 40.63
CA ILE A 13 9.76 24.00 40.67
C ILE A 13 8.27 24.26 40.35
N ILE A 14 7.75 23.60 39.31
CA ILE A 14 6.39 23.79 38.78
C ILE A 14 5.83 22.49 38.17
N GLU A 15 4.51 22.28 38.27
CA GLU A 15 3.83 21.03 37.85
C GLU A 15 3.10 21.13 36.50
N GLN A 16 2.64 22.32 36.12
CA GLN A 16 1.94 22.59 34.85
C GLN A 16 2.33 23.95 34.26
N ILE A 17 2.54 23.99 32.94
CA ILE A 17 3.03 25.18 32.20
C ILE A 17 2.23 25.49 30.92
N GLN A 18 1.14 24.75 30.64
CA GLN A 18 0.30 24.89 29.45
C GLN A 18 -1.19 24.63 29.75
N LYS A 19 -2.08 25.00 28.82
CA LYS A 19 -3.55 24.99 28.96
C LYS A 19 -4.22 23.63 28.71
N GLU A 20 -3.44 22.55 28.65
CA GLU A 20 -3.87 21.17 28.45
C GLU A 20 -3.10 20.22 29.37
N ALA A 21 -3.74 19.10 29.70
CA ALA A 21 -3.16 18.01 30.48
C ALA A 21 -3.73 16.65 30.07
N ILE A 22 -4.91 16.29 30.63
CA ILE A 22 -5.62 15.00 30.45
C ILE A 22 -7.08 15.20 30.02
N ASN A 23 -7.45 16.44 29.73
CA ASN A 23 -8.84 16.85 29.47
C ASN A 23 -9.22 16.85 27.98
N SER A 24 -8.30 16.42 27.10
CA SER A 24 -8.45 16.45 25.62
C SER A 24 -8.21 15.09 24.97
N ASN A 25 -7.15 14.38 25.39
CA ASN A 25 -6.80 13.04 24.90
C ASN A 25 -7.74 11.92 25.38
N VAL A 26 -8.37 12.11 26.54
CA VAL A 26 -9.38 11.20 27.11
C VAL A 26 -10.80 11.57 26.66
N VAL A 27 -11.07 12.86 26.42
CA VAL A 27 -12.39 13.40 26.07
C VAL A 27 -12.28 14.33 24.84
N LEU A 28 -12.33 13.74 23.64
CA LEU A 28 -12.29 14.46 22.35
C LEU A 28 -13.64 14.41 21.62
N LYS A 29 -14.04 15.54 21.03
CA LYS A 29 -15.25 15.70 20.19
C LYS A 29 -14.99 16.56 18.93
N ASN A 30 -13.82 16.39 18.31
CA ASN A 30 -13.40 17.12 17.10
C ASN A 30 -12.91 16.18 15.96
N PRO A 31 -13.73 15.19 15.49
CA PRO A 31 -13.36 14.28 14.40
C PRO A 31 -13.49 14.97 13.02
N ARG A 32 -12.54 15.85 12.70
CA ARG A 32 -12.51 16.64 11.44
C ARG A 32 -11.21 16.47 10.65
N VAL A 33 -10.05 16.72 11.27
CA VAL A 33 -8.73 16.75 10.61
C VAL A 33 -7.68 16.00 11.45
N PRO A 34 -7.50 14.68 11.27
CA PRO A 34 -6.48 13.91 11.98
C PRO A 34 -5.08 14.07 11.38
N THR A 35 -4.08 13.84 12.22
CA THR A 35 -2.64 14.07 12.00
C THR A 35 -1.93 12.90 11.31
N GLN A 36 -2.45 12.53 10.13
CA GLN A 36 -2.05 11.33 9.38
C GLN A 36 -0.79 11.49 8.49
N LYS A 37 0.00 12.53 8.73
CA LYS A 37 1.05 13.03 7.84
C LYS A 37 2.42 12.38 8.16
N THR A 38 2.53 11.08 7.86
CA THR A 38 3.68 10.22 8.23
C THR A 38 4.20 9.37 7.05
N GLY A 39 4.17 9.94 5.83
CA GLY A 39 4.64 9.28 4.60
C GLY A 39 3.65 8.25 4.04
N GLU A 40 2.37 8.62 3.97
CA GLU A 40 1.21 7.75 3.68
C GLU A 40 0.76 7.84 2.20
N LEU A 41 1.72 8.00 1.30
CA LEU A 41 1.59 8.03 -0.16
C LEU A 41 0.76 9.23 -0.69
N SER A 42 1.44 10.28 -1.16
CA SER A 42 0.81 11.58 -1.46
C SER A 42 0.39 11.71 -2.92
N GLU A 43 1.35 11.87 -3.81
CA GLU A 43 1.08 12.15 -5.22
C GLU A 43 2.31 11.87 -6.09
N GLU A 44 3.47 12.35 -5.63
CA GLU A 44 4.77 12.07 -6.27
C GLU A 44 5.13 10.59 -6.13
N GLN A 45 4.73 9.96 -5.02
CA GLN A 45 5.04 8.57 -4.68
C GLN A 45 4.33 7.59 -5.62
N LYS A 46 3.08 7.89 -5.99
CA LYS A 46 2.32 7.14 -7.01
C LYS A 46 2.93 7.26 -8.40
N LYS A 47 3.44 8.44 -8.74
CA LYS A 47 4.23 8.66 -9.97
C LYS A 47 5.58 7.93 -10.01
N ILE A 48 5.95 7.21 -8.94
CA ILE A 48 7.03 6.21 -8.92
C ILE A 48 6.45 4.79 -8.90
N VAL A 49 5.55 4.47 -7.96
CA VAL A 49 5.02 3.10 -7.76
C VAL A 49 4.11 2.67 -8.91
N ALA A 50 2.97 3.36 -9.08
CA ALA A 50 1.97 2.98 -10.07
C ALA A 50 2.45 3.20 -11.50
N ASP A 51 3.31 4.21 -11.69
CA ASP A 51 4.08 4.39 -12.93
C ASP A 51 4.91 3.15 -13.30
N TYR A 52 5.49 2.45 -12.31
CA TYR A 52 6.22 1.19 -12.50
C TYR A 52 5.29 0.00 -12.77
N ILE A 53 4.13 -0.05 -12.09
CA ILE A 53 3.11 -1.08 -12.31
C ILE A 53 2.58 -1.01 -13.76
N SER A 54 2.57 0.19 -14.35
CA SER A 54 2.27 0.43 -15.76
C SER A 54 3.39 0.00 -16.72
N GLU A 55 4.63 -0.23 -16.26
CA GLU A 55 5.80 -0.42 -17.11
C GLU A 55 6.20 -1.90 -17.24
N VAL A 56 6.17 -2.67 -16.13
CA VAL A 56 6.74 -4.04 -16.08
C VAL A 56 5.81 -5.12 -15.53
N GLY A 57 4.69 -4.75 -14.89
CA GLY A 57 3.56 -5.63 -14.56
C GLY A 57 3.15 -5.52 -13.10
N LEU A 58 3.92 -6.18 -12.23
CA LEU A 58 3.76 -6.12 -10.77
C LEU A 58 5.03 -6.55 -10.03
N ASN A 59 5.59 -7.67 -10.49
CA ASN A 59 6.65 -8.44 -9.81
C ASN A 59 8.02 -8.36 -10.49
N ASN A 60 8.10 -7.77 -11.69
CA ASN A 60 9.32 -7.69 -12.50
C ASN A 60 10.18 -6.46 -12.17
N LEU A 61 9.61 -5.48 -11.46
CA LEU A 61 10.34 -4.41 -10.78
C LEU A 61 11.20 -4.93 -9.62
N ASN A 62 12.11 -4.09 -9.11
CA ASN A 62 12.85 -4.38 -7.89
C ASN A 62 12.59 -3.32 -6.80
N ALA A 63 12.97 -3.67 -5.57
CA ALA A 63 12.79 -2.84 -4.38
C ALA A 63 13.75 -1.65 -4.33
N THR A 64 14.93 -1.78 -4.95
CA THR A 64 16.00 -0.77 -5.01
C THR A 64 15.57 0.49 -5.77
N GLU A 65 14.95 0.33 -6.94
CA GLU A 65 14.45 1.44 -7.76
C GLU A 65 13.28 2.20 -7.10
N LEU A 66 12.49 1.52 -6.26
CA LEU A 66 11.52 2.14 -5.35
C LEU A 66 12.22 2.93 -4.23
N SER A 67 13.08 2.29 -3.43
CA SER A 67 13.77 2.90 -2.28
C SER A 67 14.66 4.09 -2.66
N LYS A 68 15.16 4.13 -3.89
CA LYS A 68 15.99 5.24 -4.43
C LYS A 68 15.21 6.54 -4.67
N ARG A 69 13.89 6.44 -4.92
CA ARG A 69 13.02 7.59 -5.29
C ARG A 69 11.96 7.91 -4.23
N LEU A 70 11.48 6.89 -3.51
CA LEU A 70 10.57 7.02 -2.37
C LEU A 70 11.30 7.30 -1.04
N ASN A 71 12.61 7.02 -0.98
CA ASN A 71 13.48 7.18 0.19
C ASN A 71 13.05 6.32 1.42
N ILE A 72 12.29 5.25 1.17
CA ILE A 72 12.05 4.12 2.09
C ILE A 72 13.31 3.23 2.18
N THR A 73 13.38 2.36 3.18
CA THR A 73 14.37 1.26 3.21
C THR A 73 13.96 0.13 2.26
N VAL A 74 14.92 -0.68 1.81
CA VAL A 74 14.69 -1.77 0.83
C VAL A 74 13.68 -2.78 1.33
N ASP A 75 13.70 -3.10 2.63
CA ASP A 75 12.74 -4.04 3.24
C ASP A 75 11.32 -3.48 3.34
N LYS A 76 11.17 -2.16 3.50
CA LYS A 76 9.86 -1.50 3.37
C LYS A 76 9.37 -1.55 1.94
N ALA A 77 10.25 -1.41 0.94
CA ALA A 77 9.86 -1.51 -0.47
C ALA A 77 9.40 -2.94 -0.83
N LYS A 78 10.19 -3.94 -0.42
CA LYS A 78 9.91 -5.38 -0.62
C LYS A 78 8.55 -5.79 -0.06
N THR A 79 8.18 -5.33 1.13
CA THR A 79 6.86 -5.64 1.73
C THR A 79 5.75 -4.73 1.20
N TYR A 80 6.01 -3.43 0.99
CA TYR A 80 5.01 -2.46 0.50
C TYR A 80 4.40 -2.89 -0.85
N ILE A 81 5.20 -3.45 -1.76
CA ILE A 81 4.77 -4.04 -3.03
C ILE A 81 3.59 -5.01 -2.81
N LYS A 82 3.81 -6.13 -2.10
CA LYS A 82 2.76 -7.11 -1.75
C LYS A 82 1.68 -6.56 -0.81
N ASN A 83 1.98 -5.57 0.03
CA ASN A 83 1.03 -5.03 1.01
C ASN A 83 -0.07 -4.18 0.35
N SER A 84 0.27 -3.41 -0.68
CA SER A 84 -0.69 -2.67 -1.52
C SER A 84 -1.37 -3.55 -2.56
N ASN A 85 -0.62 -4.47 -3.17
CA ASN A 85 -1.09 -5.34 -4.25
C ASN A 85 -0.39 -6.71 -4.23
N ARG A 86 -0.95 -7.66 -3.48
CA ARG A 86 -0.43 -9.04 -3.36
C ARG A 86 -0.66 -9.89 -4.61
N MET A 87 -1.87 -9.79 -5.18
CA MET A 87 -2.30 -10.51 -6.39
C MET A 87 -2.32 -9.63 -7.65
N GLY A 88 -2.35 -8.29 -7.49
CA GLY A 88 -2.60 -7.34 -8.57
C GLY A 88 -4.10 -7.08 -8.73
N ARG A 89 -4.48 -5.79 -8.84
CA ARG A 89 -5.89 -5.32 -8.95
C ARG A 89 -6.83 -5.94 -7.91
N THR A 90 -6.31 -6.18 -6.71
CA THR A 90 -6.97 -6.83 -5.56
C THR A 90 -7.70 -8.13 -5.91
N ASN A 91 -7.17 -8.89 -6.89
CA ASN A 91 -7.76 -10.10 -7.49
C ASN A 91 -9.16 -9.89 -8.15
N ASN A 92 -9.68 -8.67 -8.22
CA ASN A 92 -11.05 -8.39 -8.71
C ASN A 92 -11.16 -8.38 -10.25
N PHE A 93 -10.03 -8.41 -10.97
CA PHE A 93 -9.91 -8.34 -12.44
C PHE A 93 -10.45 -9.57 -13.21
N LYS A 94 -11.14 -10.48 -12.51
CA LYS A 94 -11.63 -11.79 -12.95
C LYS A 94 -13.07 -11.78 -13.49
N THR A 95 -13.73 -10.62 -13.40
CA THR A 95 -15.15 -10.42 -13.68
C THR A 95 -15.38 -9.09 -14.38
N ILE A 96 -14.75 -8.01 -13.90
CA ILE A 96 -14.77 -6.69 -14.56
C ILE A 96 -14.09 -6.75 -15.93
N LYS A 97 -14.24 -5.68 -16.74
CA LYS A 97 -13.73 -5.53 -18.11
C LYS A 97 -14.38 -6.42 -19.19
N MET A 98 -15.12 -7.48 -18.84
CA MET A 98 -15.84 -8.34 -19.80
C MET A 98 -17.24 -8.79 -19.35
N PHE A 99 -17.86 -8.09 -18.40
CA PHE A 99 -19.17 -8.47 -17.82
C PHE A 99 -20.10 -7.27 -17.49
N GLU A 100 -19.55 -6.08 -17.23
CA GLU A 100 -20.32 -4.89 -16.87
C GLU A 100 -20.89 -4.17 -18.11
N ASP A 101 -22.19 -3.86 -18.11
CA ASP A 101 -22.92 -3.17 -19.18
C ASP A 101 -24.05 -2.30 -18.63
N ASP A 102 -24.45 -1.27 -19.38
CA ASP A 102 -25.62 -0.43 -19.08
C ASP A 102 -26.95 -1.15 -19.41
N VAL A 103 -27.99 -0.90 -18.61
CA VAL A 103 -29.36 -1.45 -18.80
C VAL A 103 -30.40 -0.34 -18.90
N SER A 104 -30.35 0.65 -18.00
CA SER A 104 -31.28 1.80 -17.93
C SER A 104 -30.54 3.15 -17.93
N SER A 105 -29.34 3.19 -18.52
CA SER A 105 -28.43 4.35 -18.62
C SER A 105 -28.21 5.14 -17.31
N ALA A 106 -28.18 4.42 -16.18
CA ALA A 106 -28.05 4.95 -14.82
C ALA A 106 -27.10 4.11 -13.95
N SER A 107 -26.56 4.71 -12.89
CA SER A 107 -25.55 4.13 -11.98
C SER A 107 -25.78 4.60 -10.54
N ALA A 108 -25.60 3.70 -9.57
CA ALA A 108 -25.85 3.91 -8.13
C ALA A 108 -27.29 4.39 -7.78
N GLN A 109 -28.23 4.28 -8.71
CA GLN A 109 -29.65 4.60 -8.51
C GLN A 109 -30.41 3.45 -7.82
N PRO A 110 -31.51 3.73 -7.09
CA PRO A 110 -32.34 2.70 -6.46
C PRO A 110 -33.02 1.81 -7.50
N ASN A 111 -32.65 0.54 -7.52
CA ASN A 111 -33.16 -0.50 -8.41
C ASN A 111 -33.35 -1.82 -7.63
N LEU A 112 -34.55 -2.03 -7.09
CA LEU A 112 -34.90 -3.16 -6.24
C LEU A 112 -36.24 -3.79 -6.73
N PRO A 113 -36.19 -4.79 -7.63
CA PRO A 113 -37.38 -5.41 -8.23
C PRO A 113 -38.15 -6.34 -7.27
N GLY A 1 -4.64 51.31 7.99
CA GLY A 1 -5.79 51.00 7.11
C GLY A 1 -6.99 50.52 7.91
N SER A 2 -7.46 49.29 7.63
CA SER A 2 -8.63 48.66 8.28
C SER A 2 -8.27 47.35 8.99
N HIS A 3 -9.01 47.00 10.05
CA HIS A 3 -8.73 45.87 10.96
C HIS A 3 -9.75 44.72 10.82
N MET A 4 -10.27 44.52 9.61
CA MET A 4 -11.30 43.52 9.29
C MET A 4 -10.67 42.15 8.99
N ALA A 5 -10.30 41.42 10.05
CA ALA A 5 -9.61 40.12 9.96
C ALA A 5 -10.39 38.99 10.68
N SER A 6 -10.44 39.02 12.01
CA SER A 6 -11.27 38.17 12.89
C SER A 6 -11.14 36.64 12.70
N MET A 7 -10.01 36.16 12.17
CA MET A 7 -9.72 34.73 11.93
C MET A 7 -8.25 34.35 12.10
N ASP A 8 -7.37 35.28 11.77
CA ASP A 8 -5.89 35.10 11.74
C ASP A 8 -5.21 35.55 13.05
N GLN A 9 -5.99 36.08 14.00
CA GLN A 9 -5.52 36.88 15.13
C GLN A 9 -6.33 36.61 16.42
N LEU A 10 -6.72 35.36 16.65
CA LEU A 10 -7.52 34.90 17.81
C LEU A 10 -6.65 34.16 18.86
N ASP A 11 -5.43 34.66 19.10
CA ASP A 11 -4.50 34.18 20.14
C ASP A 11 -3.77 35.41 20.71
N GLU A 12 -4.23 35.89 21.86
CA GLU A 12 -3.71 37.10 22.52
C GLU A 12 -2.44 36.78 23.35
N ILE A 13 -1.26 37.20 22.86
CA ILE A 13 0.05 36.81 23.42
C ILE A 13 0.60 37.93 24.34
N ILE A 14 0.04 38.05 25.56
CA ILE A 14 0.50 39.00 26.59
C ILE A 14 0.27 38.44 28.02
N GLU A 15 1.13 38.84 28.96
CA GLU A 15 1.03 38.49 30.39
C GLU A 15 1.56 39.61 31.32
N GLN A 16 2.64 40.28 30.92
CA GLN A 16 3.24 41.43 31.62
C GLN A 16 3.67 42.53 30.62
N ILE A 17 4.22 43.63 31.16
CA ILE A 17 4.66 44.82 30.46
C ILE A 17 6.17 45.01 30.65
N GLN A 18 6.88 45.08 29.53
CA GLN A 18 8.32 45.21 29.38
C GLN A 18 8.70 45.71 27.97
N LYS A 19 9.99 46.00 27.75
CA LYS A 19 10.56 46.37 26.43
C LYS A 19 10.61 45.16 25.49
N GLU A 20 9.50 44.92 24.80
CA GLU A 20 9.15 43.74 23.99
C GLU A 20 9.91 43.57 22.64
N ALA A 21 11.16 44.02 22.57
CA ALA A 21 11.93 44.21 21.35
C ALA A 21 12.28 42.95 20.55
N ILE A 22 12.07 41.76 21.11
CA ILE A 22 12.30 40.45 20.49
C ILE A 22 11.21 40.02 19.50
N ASN A 23 10.07 40.70 19.54
CA ASN A 23 8.88 40.32 18.77
C ASN A 23 8.99 40.64 17.27
N SER A 24 9.98 41.42 16.85
CA SER A 24 10.17 41.85 15.45
C SER A 24 10.95 40.85 14.59
N ASN A 25 11.83 40.03 15.18
CA ASN A 25 12.73 39.11 14.44
C ASN A 25 12.21 37.66 14.33
N VAL A 26 11.19 37.31 15.12
CA VAL A 26 10.54 35.98 15.10
C VAL A 26 9.68 35.79 13.84
N VAL A 27 9.10 36.88 13.31
CA VAL A 27 8.19 36.87 12.16
C VAL A 27 8.96 37.10 10.85
N LEU A 28 9.78 36.12 10.47
CA LEU A 28 10.51 36.07 9.18
C LEU A 28 10.30 34.72 8.45
N LYS A 29 10.38 34.74 7.11
CA LYS A 29 10.16 33.59 6.21
C LYS A 29 11.41 32.69 6.01
N ASN A 30 12.35 32.69 6.98
CA ASN A 30 13.69 32.08 6.96
C ASN A 30 13.76 30.73 6.18
N PRO A 31 14.22 30.72 4.92
CA PRO A 31 14.02 29.59 4.01
C PRO A 31 15.24 28.66 3.95
N ARG A 32 15.50 27.96 5.07
CA ARG A 32 16.65 27.04 5.24
C ARG A 32 16.27 25.61 5.64
N VAL A 33 15.25 25.44 6.49
CA VAL A 33 14.82 24.13 7.04
C VAL A 33 13.32 23.90 6.74
N PRO A 34 12.98 23.37 5.54
CA PRO A 34 11.60 22.99 5.20
C PRO A 34 11.17 21.67 5.85
N THR A 35 9.87 21.36 5.71
CA THR A 35 9.14 20.28 6.37
C THR A 35 8.67 19.20 5.40
N GLN A 36 9.63 18.53 4.76
CA GLN A 36 9.41 17.51 3.73
C GLN A 36 8.93 16.12 4.22
N LYS A 37 8.15 16.08 5.31
CA LYS A 37 7.72 14.86 6.00
C LYS A 37 6.47 14.25 5.32
N THR A 38 6.68 13.67 4.14
CA THR A 38 5.61 13.18 3.23
C THR A 38 5.82 11.74 2.75
N GLY A 39 6.52 10.92 3.56
CA GLY A 39 6.81 9.50 3.32
C GLY A 39 5.64 8.55 3.60
N GLU A 40 4.42 9.07 3.68
CA GLU A 40 3.17 8.36 4.04
C GLU A 40 2.26 8.11 2.81
N LEU A 41 2.89 7.94 1.63
CA LEU A 41 2.28 7.65 0.34
C LEU A 41 1.24 8.70 -0.12
N SER A 42 1.74 9.83 -0.64
CA SER A 42 0.96 11.04 -0.91
C SER A 42 0.47 11.12 -2.33
N GLU A 43 1.39 11.32 -3.28
CA GLU A 43 1.03 11.57 -4.68
C GLU A 43 2.20 11.32 -5.63
N GLU A 44 3.39 11.79 -5.25
CA GLU A 44 4.63 11.56 -6.01
C GLU A 44 5.09 10.11 -5.83
N GLN A 45 4.72 9.48 -4.72
CA GLN A 45 5.09 8.11 -4.35
C GLN A 45 4.41 7.09 -5.27
N LYS A 46 3.12 7.33 -5.57
CA LYS A 46 2.39 6.60 -6.62
C LYS A 46 2.98 6.81 -8.01
N LYS A 47 3.47 8.02 -8.31
CA LYS A 47 4.22 8.30 -9.56
C LYS A 47 5.56 7.56 -9.69
N ILE A 48 5.98 6.82 -8.65
CA ILE A 48 7.17 5.94 -8.65
C ILE A 48 6.79 4.44 -8.65
N VAL A 49 5.57 4.07 -8.24
CA VAL A 49 5.16 2.66 -8.05
C VAL A 49 3.94 2.26 -8.88
N ALA A 50 2.81 2.98 -8.77
CA ALA A 50 1.67 2.76 -9.66
C ALA A 50 2.05 3.03 -11.13
N ASP A 51 2.95 3.99 -11.35
CA ASP A 51 3.63 4.20 -12.64
C ASP A 51 4.46 2.99 -13.09
N TYR A 52 5.23 2.36 -12.18
CA TYR A 52 6.10 1.21 -12.48
C TYR A 52 5.28 -0.06 -12.80
N ILE A 53 4.14 -0.25 -12.13
CA ILE A 53 3.15 -1.28 -12.43
C ILE A 53 2.59 -1.16 -13.86
N SER A 54 2.63 0.04 -14.45
CA SER A 54 2.30 0.28 -15.87
C SER A 54 3.44 -0.06 -16.84
N GLU A 55 4.69 -0.19 -16.38
CA GLU A 55 5.86 -0.46 -17.24
C GLU A 55 6.18 -1.95 -17.32
N VAL A 56 6.29 -2.61 -16.15
CA VAL A 56 6.86 -3.97 -16.03
C VAL A 56 5.90 -4.99 -15.38
N GLY A 57 4.81 -4.54 -14.74
CA GLY A 57 3.66 -5.36 -14.37
C GLY A 57 3.34 -5.31 -12.88
N LEU A 58 4.15 -6.00 -12.07
CA LEU A 58 4.08 -6.01 -10.60
C LEU A 58 5.34 -6.63 -9.96
N ASN A 59 5.82 -7.72 -10.56
CA ASN A 59 6.85 -8.60 -9.97
C ASN A 59 8.22 -8.54 -10.68
N ASN A 60 8.33 -7.81 -11.79
CA ASN A 60 9.56 -7.67 -12.58
C ASN A 60 10.40 -6.44 -12.18
N LEU A 61 9.79 -5.47 -11.48
CA LEU A 61 10.48 -4.39 -10.77
C LEU A 61 11.27 -4.91 -9.56
N ASN A 62 12.19 -4.09 -9.05
CA ASN A 62 12.91 -4.36 -7.80
C ASN A 62 12.60 -3.30 -6.72
N ALA A 63 13.04 -3.59 -5.50
CA ALA A 63 12.87 -2.73 -4.34
C ALA A 63 13.91 -1.59 -4.30
N THR A 64 15.06 -1.77 -4.95
CA THR A 64 16.18 -0.81 -5.00
C THR A 64 15.81 0.47 -5.74
N GLU A 65 15.15 0.38 -6.89
CA GLU A 65 14.66 1.56 -7.62
C GLU A 65 13.57 2.31 -6.84
N LEU A 66 12.69 1.59 -6.14
CA LEU A 66 11.72 2.17 -5.22
C LEU A 66 12.39 2.94 -4.07
N SER A 67 13.35 2.33 -3.36
CA SER A 67 14.03 2.95 -2.22
C SER A 67 14.88 4.16 -2.63
N LYS A 68 15.42 4.16 -3.86
CA LYS A 68 16.20 5.28 -4.44
C LYS A 68 15.33 6.49 -4.78
N ARG A 69 14.14 6.25 -5.34
CA ARG A 69 13.27 7.29 -5.94
C ARG A 69 12.19 7.80 -4.97
N LEU A 70 11.65 6.93 -4.12
CA LEU A 70 10.61 7.22 -3.11
C LEU A 70 11.22 7.60 -1.74
N ASN A 71 12.51 7.28 -1.52
CA ASN A 71 13.26 7.53 -0.29
C ASN A 71 12.66 6.81 0.94
N ILE A 72 12.80 5.48 0.91
CA ILE A 72 12.37 4.49 1.91
C ILE A 72 13.49 3.45 2.11
N THR A 73 13.46 2.68 3.21
CA THR A 73 14.33 1.50 3.34
C THR A 73 13.89 0.39 2.38
N VAL A 74 14.82 -0.47 1.96
CA VAL A 74 14.57 -1.54 0.97
C VAL A 74 13.48 -2.51 1.46
N ASP A 75 13.43 -2.78 2.76
CA ASP A 75 12.42 -3.66 3.36
C ASP A 75 11.00 -3.09 3.34
N LYS A 76 10.84 -1.76 3.43
CA LYS A 76 9.54 -1.10 3.24
C LYS A 76 9.11 -1.18 1.78
N ALA A 77 10.04 -1.10 0.83
CA ALA A 77 9.73 -1.25 -0.60
C ALA A 77 9.29 -2.69 -0.90
N LYS A 78 10.09 -3.68 -0.44
CA LYS A 78 9.84 -5.12 -0.60
C LYS A 78 8.46 -5.54 -0.10
N THR A 79 8.02 -5.03 1.06
CA THR A 79 6.71 -5.39 1.63
C THR A 79 5.55 -4.51 1.12
N TYR A 80 5.79 -3.24 0.80
CA TYR A 80 4.76 -2.35 0.24
C TYR A 80 4.27 -2.83 -1.14
N ILE A 81 5.16 -3.36 -1.98
CA ILE A 81 4.83 -3.96 -3.29
C ILE A 81 3.68 -4.97 -3.18
N LYS A 82 3.70 -5.85 -2.17
CA LYS A 82 2.66 -6.88 -1.94
C LYS A 82 1.51 -6.41 -1.03
N ASN A 83 1.72 -5.44 -0.14
CA ASN A 83 0.63 -4.88 0.67
C ASN A 83 -0.29 -3.96 -0.15
N SER A 84 0.22 -3.33 -1.21
CA SER A 84 -0.55 -2.44 -2.10
C SER A 84 -1.35 -3.19 -3.18
N ASN A 85 -0.77 -4.25 -3.76
CA ASN A 85 -1.33 -4.96 -4.94
C ASN A 85 -1.84 -6.38 -4.64
N ARG A 86 -1.18 -7.06 -3.70
CA ARG A 86 -1.47 -8.41 -3.21
C ARG A 86 -1.68 -9.46 -4.32
N MET A 87 -0.70 -9.52 -5.22
CA MET A 87 -0.64 -10.35 -6.45
C MET A 87 -1.70 -10.01 -7.53
N GLY A 88 -2.90 -9.57 -7.15
CA GLY A 88 -3.93 -8.96 -8.00
C GLY A 88 -5.34 -9.45 -7.67
N ARG A 89 -5.46 -10.72 -7.26
CA ARG A 89 -6.72 -11.37 -6.80
C ARG A 89 -6.58 -12.05 -5.42
N THR A 90 -5.56 -11.70 -4.63
CA THR A 90 -5.27 -12.27 -3.31
C THR A 90 -5.22 -13.81 -3.32
N ASN A 91 -4.75 -14.38 -4.45
CA ASN A 91 -4.70 -15.82 -4.73
C ASN A 91 -6.05 -16.57 -4.53
N ASN A 92 -7.18 -15.89 -4.77
CA ASN A 92 -8.54 -16.45 -4.61
C ASN A 92 -9.21 -16.90 -5.94
N PHE A 93 -8.53 -16.74 -7.08
CA PHE A 93 -9.03 -17.02 -8.45
C PHE A 93 -9.26 -18.52 -8.80
N LYS A 94 -9.27 -19.38 -7.78
CA LYS A 94 -9.39 -20.85 -7.84
C LYS A 94 -10.84 -21.37 -7.75
N THR A 95 -11.79 -20.46 -7.48
CA THR A 95 -13.20 -20.74 -7.21
C THR A 95 -14.12 -19.76 -7.93
N ILE A 96 -13.77 -18.46 -7.96
CA ILE A 96 -14.44 -17.45 -8.78
C ILE A 96 -14.13 -17.66 -10.27
N LYS A 97 -14.84 -16.94 -11.15
CA LYS A 97 -14.75 -16.98 -12.63
C LYS A 97 -15.22 -18.30 -13.29
N MET A 98 -15.12 -19.44 -12.61
CA MET A 98 -15.57 -20.75 -13.10
C MET A 98 -17.00 -21.12 -12.63
N PHE A 99 -17.39 -20.72 -11.41
CA PHE A 99 -18.75 -20.89 -10.89
C PHE A 99 -19.67 -19.68 -11.19
N GLU A 100 -19.09 -18.49 -11.37
CA GLU A 100 -19.84 -17.24 -11.53
C GLU A 100 -19.08 -16.22 -12.39
N ASP A 101 -19.76 -15.61 -13.38
CA ASP A 101 -19.20 -14.66 -14.34
C ASP A 101 -20.30 -13.78 -14.98
N ASP A 102 -20.95 -12.95 -14.16
CA ASP A 102 -22.08 -12.08 -14.55
C ASP A 102 -21.86 -10.62 -14.12
N VAL A 103 -22.23 -9.67 -14.99
CA VAL A 103 -22.02 -8.21 -14.77
C VAL A 103 -23.27 -7.38 -15.08
N SER A 104 -23.91 -7.62 -16.22
CA SER A 104 -25.11 -6.88 -16.70
C SER A 104 -26.26 -7.83 -17.11
N SER A 105 -26.24 -9.05 -16.56
CA SER A 105 -27.08 -10.23 -16.91
C SER A 105 -27.02 -10.65 -18.40
N ALA A 106 -27.69 -11.75 -18.75
CA ALA A 106 -27.79 -12.26 -20.11
C ALA A 106 -29.14 -12.97 -20.36
N SER A 107 -29.96 -12.42 -21.27
CA SER A 107 -31.25 -12.97 -21.72
C SER A 107 -31.42 -12.74 -23.22
N ALA A 108 -31.58 -13.83 -24.00
CA ALA A 108 -31.68 -13.84 -25.47
C ALA A 108 -30.49 -13.20 -26.23
N GLN A 109 -29.35 -12.99 -25.56
CA GLN A 109 -28.13 -12.43 -26.15
C GLN A 109 -27.23 -13.53 -26.77
N PRO A 110 -26.48 -13.23 -27.85
CA PRO A 110 -25.50 -14.15 -28.42
C PRO A 110 -24.31 -14.33 -27.46
N ASN A 111 -24.09 -15.57 -27.04
CA ASN A 111 -23.04 -15.96 -26.09
C ASN A 111 -22.27 -17.20 -26.62
N LEU A 112 -21.33 -16.96 -27.53
CA LEU A 112 -20.54 -17.96 -28.25
C LEU A 112 -19.13 -17.42 -28.62
N PRO A 113 -18.10 -18.28 -28.73
CA PRO A 113 -16.74 -17.89 -29.13
C PRO A 113 -16.64 -17.46 -30.60
N GLY A 1 21.03 13.86 10.08
CA GLY A 1 21.76 14.07 8.81
C GLY A 1 23.24 13.71 8.93
N SER A 2 23.91 13.49 7.81
CA SER A 2 25.35 13.20 7.75
C SER A 2 26.22 14.44 8.02
N HIS A 3 27.41 14.22 8.59
CA HIS A 3 28.43 15.25 8.84
C HIS A 3 29.84 14.65 8.78
N MET A 4 30.76 15.31 8.07
CA MET A 4 32.14 14.83 7.85
C MET A 4 33.15 15.91 8.25
N ALA A 5 33.64 15.84 9.50
CA ALA A 5 34.67 16.72 10.06
C ALA A 5 35.54 15.99 11.10
N SER A 6 34.91 15.38 12.13
CA SER A 6 35.55 14.60 13.20
C SER A 6 36.68 15.31 13.98
N MET A 7 36.65 16.65 13.99
CA MET A 7 37.63 17.52 14.66
C MET A 7 37.01 18.78 15.27
N ASP A 8 35.98 19.30 14.61
CA ASP A 8 35.14 20.41 15.08
C ASP A 8 33.86 19.93 15.80
N GLN A 9 33.66 18.61 15.85
CA GLN A 9 32.40 17.95 16.22
C GLN A 9 32.67 16.59 16.91
N LEU A 10 33.39 16.62 18.04
CA LEU A 10 33.53 15.49 18.97
C LEU A 10 33.55 15.95 20.44
N ASP A 11 33.04 15.11 21.35
CA ASP A 11 33.04 15.35 22.80
C ASP A 11 33.17 14.05 23.62
N GLU A 12 32.29 13.06 23.38
CA GLU A 12 32.26 11.77 24.06
C GLU A 12 32.54 10.64 23.06
N ILE A 13 33.66 9.95 23.23
CA ILE A 13 34.15 8.86 22.37
C ILE A 13 34.50 7.65 23.25
N ILE A 14 33.72 6.57 23.17
CA ILE A 14 33.82 5.39 24.04
C ILE A 14 33.55 4.05 23.32
N GLU A 15 33.46 4.06 21.98
CA GLU A 15 33.27 2.87 21.15
C GLU A 15 34.60 2.41 20.52
N GLN A 16 35.14 1.29 21.00
CA GLN A 16 36.35 0.64 20.46
C GLN A 16 36.42 -0.85 20.84
N ILE A 17 36.34 -1.15 22.14
CA ILE A 17 36.36 -2.50 22.74
C ILE A 17 35.41 -2.52 23.97
N GLN A 18 34.30 -3.26 23.86
CA GLN A 18 33.27 -3.33 24.90
C GLN A 18 32.42 -4.60 24.72
N LYS A 19 31.88 -5.15 25.81
CA LYS A 19 30.99 -6.32 25.80
C LYS A 19 29.56 -5.92 25.45
N GLU A 20 29.33 -5.70 24.15
CA GLU A 20 28.07 -5.19 23.55
C GLU A 20 26.88 -6.18 23.51
N ALA A 21 26.79 -7.05 24.52
CA ALA A 21 25.76 -8.08 24.69
C ALA A 21 24.39 -7.50 25.09
N ILE A 22 24.27 -7.03 26.34
CA ILE A 22 23.02 -6.57 26.97
C ILE A 22 23.12 -5.13 27.50
N ASN A 23 24.32 -4.58 27.47
CA ASN A 23 24.64 -3.29 28.08
C ASN A 23 24.05 -2.07 27.34
N SER A 24 23.56 -2.27 26.10
CA SER A 24 22.83 -1.26 25.32
C SER A 24 21.31 -1.34 25.50
N ASN A 25 20.71 -2.51 25.22
CA ASN A 25 19.24 -2.66 25.16
C ASN A 25 18.52 -2.60 26.51
N VAL A 26 19.25 -2.70 27.61
CA VAL A 26 18.73 -2.55 28.99
C VAL A 26 18.33 -1.10 29.31
N VAL A 27 18.90 -0.11 28.60
CA VAL A 27 18.68 1.33 28.80
C VAL A 27 17.52 1.85 27.92
N LEU A 28 16.33 1.26 28.10
CA LEU A 28 15.10 1.58 27.35
C LEU A 28 13.87 1.67 28.28
N LYS A 29 13.08 2.74 28.10
CA LYS A 29 11.85 3.06 28.86
C LYS A 29 10.68 3.54 27.98
N ASN A 30 10.73 3.24 26.67
CA ASN A 30 9.72 3.61 25.68
C ASN A 30 9.16 2.40 24.85
N PRO A 31 8.73 1.28 25.48
CA PRO A 31 8.31 0.06 24.77
C PRO A 31 6.87 0.16 24.22
N ARG A 32 6.66 1.04 23.25
CA ARG A 32 5.36 1.33 22.62
C ARG A 32 5.25 0.91 21.15
N VAL A 33 6.30 1.18 20.36
CA VAL A 33 6.45 0.88 18.92
C VAL A 33 5.15 1.09 18.10
N PRO A 34 4.80 2.33 17.73
CA PRO A 34 3.58 2.63 16.97
C PRO A 34 3.60 2.11 15.53
N THR A 35 2.42 2.10 14.93
CA THR A 35 2.06 1.26 13.78
C THR A 35 1.66 2.06 12.54
N GLN A 36 2.61 2.86 12.04
CA GLN A 36 2.38 3.87 10.99
C GLN A 36 2.76 3.44 9.57
N LYS A 37 2.89 2.13 9.36
CA LYS A 37 3.40 1.47 8.14
C LYS A 37 2.37 1.39 7.00
N THR A 38 1.41 2.32 6.95
CA THR A 38 0.17 2.22 6.16
C THR A 38 -0.32 3.56 5.59
N GLY A 39 0.53 4.60 5.60
CA GLY A 39 0.18 5.97 5.19
C GLY A 39 1.36 6.80 4.68
N GLU A 40 2.30 6.16 3.96
CA GLU A 40 3.62 6.72 3.61
C GLU A 40 3.75 7.17 2.14
N LEU A 41 2.64 7.35 1.41
CA LEU A 41 2.57 7.85 0.04
C LEU A 41 1.56 9.00 -0.04
N SER A 42 1.95 10.04 -0.77
CA SER A 42 1.21 11.29 -0.96
C SER A 42 0.73 11.50 -2.39
N GLU A 43 1.66 11.81 -3.28
CA GLU A 43 1.32 12.24 -4.65
C GLU A 43 2.48 12.10 -5.64
N GLU A 44 3.72 12.29 -5.18
CA GLU A 44 4.92 12.01 -5.98
C GLU A 44 5.29 10.53 -5.95
N GLN A 45 4.93 9.83 -4.87
CA GLN A 45 5.39 8.48 -4.56
C GLN A 45 4.70 7.43 -5.44
N LYS A 46 3.38 7.58 -5.62
CA LYS A 46 2.58 6.74 -6.53
C LYS A 46 2.88 7.03 -8.02
N LYS A 47 3.32 8.25 -8.35
CA LYS A 47 3.93 8.59 -9.66
C LYS A 47 5.28 7.90 -9.93
N ILE A 48 5.82 7.16 -8.96
CA ILE A 48 6.94 6.22 -9.13
C ILE A 48 6.44 4.77 -9.05
N VAL A 49 5.71 4.39 -7.99
CA VAL A 49 5.30 2.98 -7.78
C VAL A 49 4.30 2.52 -8.84
N ALA A 50 3.15 3.20 -8.96
CA ALA A 50 2.12 2.80 -9.92
C ALA A 50 2.55 3.04 -11.38
N ASP A 51 3.38 4.06 -11.62
CA ASP A 51 4.08 4.23 -12.90
C ASP A 51 4.95 3.00 -13.28
N TYR A 52 5.62 2.36 -12.30
CA TYR A 52 6.35 1.10 -12.50
C TYR A 52 5.41 -0.09 -12.73
N ILE A 53 4.27 -0.16 -12.04
CA ILE A 53 3.25 -1.21 -12.27
C ILE A 53 2.74 -1.16 -13.73
N SER A 54 2.65 0.04 -14.31
CA SER A 54 2.35 0.27 -15.73
C SER A 54 3.53 0.02 -16.69
N GLU A 55 4.74 -0.27 -16.19
CA GLU A 55 5.97 -0.40 -17.01
C GLU A 55 6.44 -1.86 -17.15
N VAL A 56 6.20 -2.74 -16.17
CA VAL A 56 6.77 -4.10 -16.15
C VAL A 56 5.80 -5.24 -15.76
N GLY A 57 4.71 -4.95 -15.06
CA GLY A 57 3.65 -5.92 -14.73
C GLY A 57 3.14 -5.73 -13.30
N LEU A 58 3.82 -6.36 -12.35
CA LEU A 58 3.56 -6.24 -10.91
C LEU A 58 4.77 -6.67 -10.05
N ASN A 59 5.40 -7.78 -10.45
CA ASN A 59 6.40 -8.49 -9.65
C ASN A 59 7.81 -8.54 -10.29
N ASN A 60 8.01 -7.91 -11.45
CA ASN A 60 9.28 -7.96 -12.18
C ASN A 60 10.19 -6.75 -11.87
N LEU A 61 9.61 -5.69 -11.29
CA LEU A 61 10.33 -4.56 -10.68
C LEU A 61 11.15 -4.99 -9.46
N ASN A 62 12.12 -4.17 -9.05
CA ASN A 62 12.82 -4.32 -7.78
C ASN A 62 12.47 -3.20 -6.80
N ALA A 63 12.75 -3.45 -5.54
CA ALA A 63 12.48 -2.53 -4.43
C ALA A 63 13.51 -1.40 -4.34
N THR A 64 14.72 -1.63 -4.86
CA THR A 64 15.85 -0.70 -4.84
C THR A 64 15.56 0.58 -5.65
N GLU A 65 15.02 0.44 -6.86
CA GLU A 65 14.63 1.56 -7.74
C GLU A 65 13.54 2.45 -7.14
N LEU A 66 12.53 1.84 -6.50
CA LEU A 66 11.54 2.54 -5.66
C LEU A 66 12.21 3.26 -4.50
N SER A 67 13.05 2.57 -3.72
CA SER A 67 13.73 3.09 -2.53
C SER A 67 14.62 4.30 -2.82
N LYS A 68 15.17 4.37 -4.03
CA LYS A 68 16.07 5.45 -4.50
C LYS A 68 15.32 6.73 -4.92
N ARG A 69 14.01 6.63 -5.19
CA ARG A 69 13.15 7.76 -5.61
C ARG A 69 12.13 8.18 -4.54
N LEU A 70 11.59 7.23 -3.78
CA LEU A 70 10.74 7.49 -2.60
C LEU A 70 11.57 7.82 -1.34
N ASN A 71 12.86 7.46 -1.31
CA ASN A 71 13.76 7.63 -0.16
C ASN A 71 13.24 6.86 1.07
N ILE A 72 13.19 5.52 0.93
CA ILE A 72 12.72 4.55 1.94
C ILE A 72 13.74 3.43 2.15
N THR A 73 13.51 2.67 3.23
CA THR A 73 14.13 1.38 3.51
C THR A 73 13.70 0.36 2.45
N VAL A 74 14.63 -0.43 1.93
CA VAL A 74 14.35 -1.42 0.86
C VAL A 74 13.33 -2.46 1.31
N ASP A 75 13.33 -2.84 2.59
CA ASP A 75 12.36 -3.78 3.16
C ASP A 75 10.93 -3.21 3.24
N LYS A 76 10.76 -1.88 3.40
CA LYS A 76 9.44 -1.26 3.29
C LYS A 76 8.93 -1.30 1.86
N ALA A 77 9.79 -1.14 0.86
CA ALA A 77 9.42 -1.24 -0.55
C ALA A 77 9.04 -2.70 -0.90
N LYS A 78 9.89 -3.67 -0.54
CA LYS A 78 9.68 -5.11 -0.76
C LYS A 78 8.33 -5.60 -0.22
N THR A 79 7.95 -5.15 0.98
CA THR A 79 6.69 -5.59 1.61
C THR A 79 5.48 -4.75 1.19
N TYR A 80 5.65 -3.45 0.94
CA TYR A 80 4.56 -2.56 0.50
C TYR A 80 3.99 -2.99 -0.85
N ILE A 81 4.83 -3.42 -1.79
CA ILE A 81 4.44 -4.00 -3.08
C ILE A 81 3.34 -5.07 -2.88
N LYS A 82 3.67 -6.17 -2.20
CA LYS A 82 2.74 -7.28 -1.94
C LYS A 82 1.59 -6.94 -0.98
N ASN A 83 1.77 -6.01 -0.03
CA ASN A 83 0.68 -5.62 0.89
C ASN A 83 -0.36 -4.68 0.24
N SER A 84 0.04 -3.88 -0.76
CA SER A 84 -0.86 -3.06 -1.56
C SER A 84 -1.56 -3.87 -2.65
N ASN A 85 -0.80 -4.72 -3.34
CA ASN A 85 -1.25 -5.54 -4.46
C ASN A 85 -0.45 -6.86 -4.55
N ARG A 86 -0.91 -7.89 -3.82
CA ARG A 86 -0.32 -9.25 -3.82
C ARG A 86 -0.55 -10.02 -5.14
N MET A 87 -1.79 -9.94 -5.64
CA MET A 87 -2.28 -10.64 -6.84
C MET A 87 -2.91 -9.69 -7.88
N GLY A 88 -3.35 -8.50 -7.46
CA GLY A 88 -3.70 -7.36 -8.32
C GLY A 88 -5.21 -7.05 -8.39
N ARG A 89 -6.07 -8.05 -8.18
CA ARG A 89 -7.54 -7.95 -8.05
C ARG A 89 -8.06 -8.51 -6.72
N THR A 90 -7.22 -8.44 -5.68
CA THR A 90 -7.52 -8.84 -4.28
C THR A 90 -8.14 -10.24 -4.16
N ASN A 91 -7.74 -11.15 -5.07
CA ASN A 91 -8.32 -12.48 -5.29
C ASN A 91 -9.86 -12.56 -5.37
N ASN A 92 -10.54 -11.47 -5.75
CA ASN A 92 -12.00 -11.35 -5.78
C ASN A 92 -12.64 -11.58 -7.17
N PHE A 93 -11.83 -11.68 -8.22
CA PHE A 93 -12.23 -11.79 -9.64
C PHE A 93 -12.85 -13.15 -10.05
N LYS A 94 -13.24 -13.96 -9.06
CA LYS A 94 -13.65 -15.37 -9.15
C LYS A 94 -15.15 -15.59 -9.41
N THR A 95 -15.90 -14.50 -9.42
CA THR A 95 -17.37 -14.47 -9.46
C THR A 95 -17.84 -13.36 -10.42
N ILE A 96 -17.30 -12.15 -10.24
CA ILE A 96 -17.49 -11.01 -11.16
C ILE A 96 -16.83 -11.24 -12.53
N LYS A 97 -17.19 -10.42 -13.53
CA LYS A 97 -16.70 -10.43 -14.93
C LYS A 97 -17.03 -11.70 -15.75
N MET A 98 -17.58 -12.77 -15.15
CA MET A 98 -17.91 -14.03 -15.84
C MET A 98 -19.34 -14.09 -16.37
N PHE A 99 -20.33 -13.66 -15.56
CA PHE A 99 -21.77 -13.72 -15.90
C PHE A 99 -22.42 -12.35 -16.17
N GLU A 100 -21.67 -11.25 -15.94
CA GLU A 100 -22.10 -9.88 -16.19
C GLU A 100 -22.08 -9.52 -17.69
N ASP A 101 -22.82 -8.48 -18.09
CA ASP A 101 -22.81 -7.94 -19.45
C ASP A 101 -21.54 -7.10 -19.70
N ASP A 102 -20.77 -7.47 -20.73
CA ASP A 102 -19.57 -6.76 -21.21
C ASP A 102 -19.51 -6.78 -22.75
N VAL A 103 -18.97 -5.71 -23.34
CA VAL A 103 -18.94 -5.50 -24.81
C VAL A 103 -17.49 -5.31 -25.30
N SER A 104 -16.71 -4.50 -24.57
CA SER A 104 -15.29 -4.19 -24.88
C SER A 104 -14.29 -4.73 -23.83
N SER A 105 -14.78 -5.45 -22.82
CA SER A 105 -14.00 -5.98 -21.68
C SER A 105 -14.39 -7.43 -21.31
N ALA A 106 -14.93 -8.18 -22.28
CA ALA A 106 -15.31 -9.59 -22.13
C ALA A 106 -14.08 -10.54 -22.17
N SER A 107 -14.30 -11.82 -21.82
CA SER A 107 -13.29 -12.89 -21.86
C SER A 107 -13.80 -14.14 -22.60
N ALA A 108 -12.90 -15.06 -22.95
CA ALA A 108 -13.14 -16.26 -23.75
C ALA A 108 -13.79 -17.42 -22.94
N GLN A 109 -14.55 -17.08 -21.90
CA GLN A 109 -15.25 -17.98 -20.97
C GLN A 109 -14.35 -19.12 -20.42
N PRO A 110 -13.23 -18.79 -19.72
CA PRO A 110 -12.25 -19.75 -19.21
C PRO A 110 -12.74 -20.45 -17.91
N ASN A 111 -13.89 -21.11 -17.97
CA ASN A 111 -14.53 -21.84 -16.87
C ASN A 111 -15.07 -23.18 -17.37
N LEU A 112 -14.26 -24.24 -17.21
CA LEU A 112 -14.56 -25.62 -17.63
C LEU A 112 -14.51 -26.57 -16.42
N PRO A 113 -15.65 -26.81 -15.73
CA PRO A 113 -15.74 -27.68 -14.55
C PRO A 113 -15.60 -29.18 -14.89
N GLY A 1 7.63 -14.74 44.49
CA GLY A 1 8.33 -15.66 45.41
C GLY A 1 8.76 -16.92 44.67
N SER A 2 8.41 -18.11 45.21
CA SER A 2 8.67 -19.41 44.57
C SER A 2 7.75 -19.66 43.37
N HIS A 3 8.10 -20.64 42.53
CA HIS A 3 7.29 -21.11 41.39
C HIS A 3 7.36 -22.64 41.26
N MET A 4 6.19 -23.28 41.15
CA MET A 4 6.02 -24.74 40.97
C MET A 4 5.07 -25.04 39.81
N ALA A 5 5.62 -25.49 38.68
CA ALA A 5 4.88 -25.93 37.49
C ALA A 5 5.54 -27.13 36.79
N SER A 6 6.87 -27.10 36.60
CA SER A 6 7.73 -28.15 36.00
C SER A 6 7.40 -28.65 34.58
N MET A 7 6.24 -28.29 34.02
CA MET A 7 5.75 -28.70 32.69
C MET A 7 5.47 -27.53 31.73
N ASP A 8 5.52 -26.31 32.25
CA ASP A 8 5.42 -25.02 31.54
C ASP A 8 6.65 -24.11 31.81
N GLN A 9 7.71 -24.72 32.35
CA GLN A 9 8.68 -24.07 33.25
C GLN A 9 10.05 -24.78 33.26
N LEU A 10 10.28 -25.77 32.37
CA LEU A 10 11.48 -26.59 32.33
C LEU A 10 11.84 -26.97 30.88
N ASP A 11 13.13 -26.84 30.52
CA ASP A 11 13.71 -27.12 29.19
C ASP A 11 13.03 -26.38 28.01
N GLU A 12 12.22 -25.36 28.27
CA GLU A 12 11.46 -24.59 27.28
C GLU A 12 12.10 -23.21 27.04
N ILE A 13 13.12 -23.17 26.17
CA ILE A 13 13.83 -21.96 25.75
C ILE A 13 13.75 -21.85 24.21
N ILE A 14 12.53 -21.59 23.72
CA ILE A 14 12.18 -21.47 22.29
C ILE A 14 11.41 -20.15 22.10
N GLU A 15 11.73 -19.41 21.03
CA GLU A 15 11.14 -18.11 20.69
C GLU A 15 11.00 -17.96 19.16
N GLN A 16 10.11 -17.08 18.70
CA GLN A 16 9.93 -16.78 17.27
C GLN A 16 11.20 -16.18 16.63
N ILE A 17 11.49 -16.58 15.40
CA ILE A 17 12.63 -16.15 14.58
C ILE A 17 12.18 -15.91 13.14
N GLN A 18 12.60 -14.77 12.60
CA GLN A 18 12.28 -14.28 11.25
C GLN A 18 13.56 -13.80 10.54
N LYS A 19 14.02 -12.58 10.89
CA LYS A 19 15.20 -11.90 10.33
C LYS A 19 15.86 -10.92 11.34
N GLU A 20 15.68 -11.14 12.65
CA GLU A 20 16.19 -10.22 13.69
C GLU A 20 17.72 -10.24 13.80
N ALA A 21 18.34 -11.38 13.51
CA ALA A 21 19.77 -11.68 13.71
C ALA A 21 20.29 -11.30 15.12
N ILE A 22 19.42 -11.36 16.13
CA ILE A 22 19.64 -10.95 17.54
C ILE A 22 20.00 -9.46 17.71
N ASN A 23 19.90 -8.67 16.65
CA ASN A 23 20.39 -7.30 16.62
C ASN A 23 19.53 -6.32 17.44
N SER A 24 18.27 -6.68 17.73
CA SER A 24 17.30 -5.79 18.37
C SER A 24 17.21 -6.03 19.88
N ASN A 25 17.13 -7.29 20.33
CA ASN A 25 16.94 -7.61 21.75
C ASN A 25 18.21 -7.42 22.62
N VAL A 26 19.38 -7.25 21.99
CA VAL A 26 20.67 -6.93 22.66
C VAL A 26 20.96 -5.42 22.66
N VAL A 27 20.48 -4.68 21.64
CA VAL A 27 20.73 -3.23 21.48
C VAL A 27 19.41 -2.50 21.24
N LEU A 28 18.74 -2.10 22.33
CA LEU A 28 17.46 -1.38 22.32
C LEU A 28 17.45 -0.24 23.36
N LYS A 29 17.02 0.97 22.94
CA LYS A 29 16.97 2.18 23.77
C LYS A 29 15.71 3.06 23.56
N ASN A 30 14.67 2.51 22.93
CA ASN A 30 13.43 3.22 22.58
C ASN A 30 12.16 2.38 22.90
N PRO A 31 11.77 2.25 24.17
CA PRO A 31 10.58 1.49 24.59
C PRO A 31 9.28 2.30 24.43
N ARG A 32 8.94 2.64 23.18
CA ARG A 32 7.77 3.47 22.80
C ARG A 32 6.92 2.87 21.67
N VAL A 33 7.55 2.58 20.52
CA VAL A 33 6.95 2.01 19.30
C VAL A 33 5.56 2.63 18.95
N PRO A 34 5.49 3.94 18.62
CA PRO A 34 4.22 4.63 18.38
C PRO A 34 3.57 4.29 17.02
N THR A 35 2.26 4.52 16.96
CA THR A 35 1.33 4.19 15.86
C THR A 35 1.40 5.18 14.69
N GLN A 36 2.59 5.27 14.09
CA GLN A 36 2.97 6.25 13.06
C GLN A 36 2.56 5.88 11.61
N LYS A 37 1.55 5.02 11.45
CA LYS A 37 1.14 4.35 10.20
C LYS A 37 0.15 5.21 9.38
N THR A 38 0.64 6.36 8.90
CA THR A 38 -0.22 7.44 8.36
C THR A 38 0.45 8.31 7.26
N GLY A 39 1.61 7.89 6.74
CA GLY A 39 2.47 8.72 5.88
C GLY A 39 3.27 7.95 4.81
N GLU A 40 2.73 6.85 4.29
CA GLU A 40 3.49 5.91 3.43
C GLU A 40 3.68 6.41 2.00
N LEU A 41 2.61 6.84 1.33
CA LEU A 41 2.58 7.37 -0.04
C LEU A 41 1.57 8.53 -0.14
N SER A 42 2.02 9.60 -0.78
CA SER A 42 1.27 10.84 -1.03
C SER A 42 0.63 10.85 -2.42
N GLU A 43 1.37 11.29 -3.42
CA GLU A 43 0.87 11.53 -4.79
C GLU A 43 2.00 11.55 -5.83
N GLU A 44 3.16 12.11 -5.48
CA GLU A 44 4.39 11.99 -6.25
C GLU A 44 4.92 10.55 -6.22
N GLN A 45 4.71 9.86 -5.10
CA GLN A 45 5.21 8.51 -4.85
C GLN A 45 4.45 7.46 -5.69
N LYS A 46 3.16 7.72 -5.97
CA LYS A 46 2.39 6.99 -7.00
C LYS A 46 2.92 7.16 -8.41
N LYS A 47 3.33 8.38 -8.78
CA LYS A 47 4.02 8.67 -10.07
C LYS A 47 5.36 7.92 -10.23
N ILE A 48 5.86 7.27 -9.17
CA ILE A 48 6.95 6.29 -9.21
C ILE A 48 6.41 4.85 -9.20
N VAL A 49 5.62 4.44 -8.19
CA VAL A 49 5.18 3.03 -8.01
C VAL A 49 4.17 2.59 -9.07
N ALA A 50 3.05 3.30 -9.22
CA ALA A 50 1.99 2.94 -10.17
C ALA A 50 2.50 3.04 -11.62
N ASP A 51 3.41 3.98 -11.89
CA ASP A 51 4.13 4.08 -13.17
C ASP A 51 5.01 2.85 -13.47
N TYR A 52 5.62 2.22 -12.46
CA TYR A 52 6.40 0.97 -12.59
C TYR A 52 5.48 -0.25 -12.80
N ILE A 53 4.31 -0.29 -12.15
CA ILE A 53 3.25 -1.28 -12.44
C ILE A 53 2.79 -1.15 -13.92
N SER A 54 2.78 0.06 -14.47
CA SER A 54 2.57 0.31 -15.91
C SER A 54 3.82 0.09 -16.78
N GLU A 55 4.99 -0.24 -16.23
CA GLU A 55 6.24 -0.45 -16.96
C GLU A 55 6.57 -1.94 -17.16
N VAL A 56 6.34 -2.79 -16.14
CA VAL A 56 6.81 -4.19 -16.13
C VAL A 56 5.76 -5.23 -15.72
N GLY A 57 4.72 -4.84 -14.99
CA GLY A 57 3.60 -5.71 -14.59
C GLY A 57 3.11 -5.38 -13.18
N LEU A 58 3.79 -5.98 -12.20
CA LEU A 58 3.57 -5.78 -10.77
C LEU A 58 4.74 -6.34 -9.94
N ASN A 59 5.16 -7.54 -10.32
CA ASN A 59 6.05 -8.41 -9.55
C ASN A 59 7.50 -8.47 -10.06
N ASN A 60 7.80 -7.89 -11.25
CA ASN A 60 9.12 -7.98 -11.87
C ASN A 60 10.04 -6.80 -11.48
N LEU A 61 9.47 -5.72 -10.97
CA LEU A 61 10.17 -4.49 -10.55
C LEU A 61 11.14 -4.69 -9.37
N ASN A 62 12.07 -3.73 -9.22
CA ASN A 62 13.12 -3.75 -8.21
C ASN A 62 12.75 -2.82 -7.03
N ALA A 63 12.74 -3.40 -5.82
CA ALA A 63 12.47 -2.68 -4.58
C ALA A 63 13.52 -1.60 -4.26
N THR A 64 14.76 -1.76 -4.71
CA THR A 64 15.84 -0.77 -4.55
C THR A 64 15.58 0.49 -5.38
N GLU A 65 15.12 0.35 -6.63
CA GLU A 65 14.75 1.48 -7.49
C GLU A 65 13.58 2.30 -6.92
N LEU A 66 12.59 1.65 -6.29
CA LEU A 66 11.57 2.36 -5.51
C LEU A 66 12.18 3.10 -4.31
N SER A 67 13.05 2.44 -3.53
CA SER A 67 13.68 3.02 -2.32
C SER A 67 14.52 4.27 -2.60
N LYS A 68 15.05 4.38 -3.83
CA LYS A 68 15.88 5.51 -4.33
C LYS A 68 15.05 6.75 -4.66
N ARG A 69 13.77 6.58 -4.99
CA ARG A 69 12.83 7.65 -5.39
C ARG A 69 11.82 8.00 -4.30
N LEU A 70 11.32 7.00 -3.56
CA LEU A 70 10.46 7.18 -2.38
C LEU A 70 11.25 7.56 -1.11
N ASN A 71 12.57 7.34 -1.11
CA ASN A 71 13.48 7.63 0.01
C ASN A 71 13.09 6.88 1.30
N ILE A 72 13.09 5.54 1.17
CA ILE A 72 12.77 4.53 2.19
C ILE A 72 13.91 3.50 2.27
N THR A 73 13.81 2.55 3.21
CA THR A 73 14.62 1.33 3.16
C THR A 73 14.05 0.34 2.13
N VAL A 74 14.92 -0.46 1.51
CA VAL A 74 14.53 -1.54 0.58
C VAL A 74 13.59 -2.54 1.26
N ASP A 75 13.71 -2.72 2.58
CA ASP A 75 12.91 -3.66 3.36
C ASP A 75 11.44 -3.23 3.51
N LYS A 76 11.15 -1.92 3.50
CA LYS A 76 9.77 -1.40 3.37
C LYS A 76 9.27 -1.55 1.94
N ALA A 77 10.13 -1.36 0.94
CA ALA A 77 9.73 -1.42 -0.46
C ALA A 77 9.29 -2.83 -0.84
N LYS A 78 10.09 -3.84 -0.47
CA LYS A 78 9.82 -5.24 -0.84
C LYS A 78 8.62 -5.87 -0.12
N THR A 79 8.18 -5.32 1.02
CA THR A 79 6.92 -5.75 1.67
C THR A 79 5.72 -4.88 1.25
N TYR A 80 5.90 -3.57 1.09
CA TYR A 80 4.85 -2.65 0.62
C TYR A 80 4.26 -3.08 -0.72
N ILE A 81 5.10 -3.51 -1.68
CA ILE A 81 4.69 -4.03 -2.99
C ILE A 81 3.56 -5.07 -2.82
N LYS A 82 3.84 -6.20 -2.16
CA LYS A 82 2.87 -7.31 -2.04
C LYS A 82 1.73 -7.01 -1.07
N ASN A 83 1.97 -6.24 -0.01
CA ASN A 83 0.94 -5.97 0.99
C ASN A 83 -0.09 -4.93 0.51
N SER A 84 0.32 -3.95 -0.29
CA SER A 84 -0.57 -2.94 -0.88
C SER A 84 -1.21 -3.42 -2.18
N ASN A 85 -0.41 -3.94 -3.12
CA ASN A 85 -0.86 -4.42 -4.43
C ASN A 85 -0.67 -5.94 -4.61
N ARG A 86 -1.66 -6.71 -4.13
CA ARG A 86 -1.76 -8.17 -4.32
C ARG A 86 -2.69 -8.61 -5.47
N MET A 87 -3.47 -7.70 -6.06
CA MET A 87 -4.52 -8.01 -7.06
C MET A 87 -4.03 -7.95 -8.52
N GLY A 88 -3.30 -6.89 -8.89
CA GLY A 88 -2.87 -6.61 -10.28
C GLY A 88 -3.90 -5.77 -11.04
N ARG A 89 -3.44 -4.66 -11.64
CA ARG A 89 -4.26 -3.67 -12.37
C ARG A 89 -5.55 -3.25 -11.62
N THR A 90 -5.48 -3.21 -10.30
CA THR A 90 -6.59 -2.95 -9.35
C THR A 90 -7.86 -3.78 -9.66
N ASN A 91 -7.68 -5.00 -10.16
CA ASN A 91 -8.72 -5.92 -10.63
C ASN A 91 -9.69 -5.30 -11.69
N ASN A 92 -9.20 -4.38 -12.53
CA ASN A 92 -9.97 -3.76 -13.62
C ASN A 92 -9.70 -4.37 -15.01
N PHE A 93 -8.69 -5.24 -15.14
CA PHE A 93 -8.22 -5.87 -16.40
C PHE A 93 -9.12 -7.00 -16.95
N LYS A 94 -10.36 -7.09 -16.47
CA LYS A 94 -11.35 -8.17 -16.68
C LYS A 94 -12.17 -8.07 -17.97
N THR A 95 -11.77 -7.15 -18.84
CA THR A 95 -12.50 -6.69 -20.02
C THR A 95 -11.53 -6.34 -21.15
N ILE A 96 -10.47 -5.60 -20.81
CA ILE A 96 -9.36 -5.23 -21.70
C ILE A 96 -8.44 -6.44 -21.92
N LYS A 97 -7.60 -6.43 -22.96
CA LYS A 97 -6.62 -7.46 -23.32
C LYS A 97 -7.17 -8.85 -23.72
N MET A 98 -8.46 -9.12 -23.55
CA MET A 98 -9.06 -10.44 -23.81
C MET A 98 -9.64 -10.61 -25.22
N PHE A 99 -10.15 -9.54 -25.83
CA PHE A 99 -10.75 -9.55 -27.17
C PHE A 99 -9.81 -9.01 -28.27
N GLU A 100 -8.69 -8.40 -27.87
CA GLU A 100 -7.76 -7.65 -28.74
C GLU A 100 -6.76 -8.57 -29.49
N ASP A 101 -7.24 -9.70 -30.02
CA ASP A 101 -6.45 -10.72 -30.73
C ASP A 101 -6.13 -10.37 -32.21
N ASP A 102 -5.07 -11.00 -32.73
CA ASP A 102 -4.46 -10.78 -34.06
C ASP A 102 -3.88 -9.37 -34.29
N VAL A 103 -2.99 -9.24 -35.27
CA VAL A 103 -2.21 -8.03 -35.59
C VAL A 103 -2.11 -7.78 -37.10
N SER A 104 -1.88 -8.84 -37.88
CA SER A 104 -1.65 -8.79 -39.33
C SER A 104 -2.55 -9.76 -40.12
N SER A 105 -3.62 -10.27 -39.49
CA SER A 105 -4.55 -11.27 -40.04
C SER A 105 -3.87 -12.58 -40.45
N ALA A 106 -3.31 -13.29 -39.46
CA ALA A 106 -2.68 -14.60 -39.64
C ALA A 106 -3.72 -15.72 -39.91
N SER A 107 -3.34 -16.73 -40.70
CA SER A 107 -4.23 -17.84 -41.11
C SER A 107 -3.50 -19.18 -41.07
N ALA A 108 -3.96 -20.12 -40.21
CA ALA A 108 -3.35 -21.44 -39.96
C ALA A 108 -1.85 -21.38 -39.60
N GLN A 109 -1.43 -20.28 -38.97
CA GLN A 109 -0.05 -19.93 -38.63
C GLN A 109 0.12 -19.69 -37.12
N PRO A 110 1.31 -19.95 -36.54
CA PRO A 110 1.59 -19.75 -35.11
C PRO A 110 1.89 -18.27 -34.78
N ASN A 111 0.92 -17.38 -35.04
CA ASN A 111 1.05 -15.91 -34.97
C ASN A 111 2.25 -15.37 -35.78
N LEU A 112 2.46 -15.95 -36.98
CA LEU A 112 3.63 -15.74 -37.85
C LEU A 112 3.18 -15.09 -39.18
N PRO A 113 3.36 -13.76 -39.35
CA PRO A 113 2.95 -13.03 -40.55
C PRO A 113 3.90 -13.21 -41.75
N GLY A 1 10.38 -28.39 37.12
CA GLY A 1 11.18 -29.36 37.89
C GLY A 1 12.26 -28.70 38.74
N SER A 2 13.08 -29.51 39.42
CA SER A 2 14.16 -29.06 40.30
C SER A 2 15.40 -28.54 39.52
N HIS A 3 15.92 -27.39 39.94
CA HIS A 3 17.13 -26.74 39.38
C HIS A 3 17.75 -25.81 40.44
N MET A 4 18.91 -26.18 40.99
CA MET A 4 19.69 -25.38 41.94
C MET A 4 21.19 -25.44 41.59
N ALA A 5 21.66 -24.47 40.82
CA ALA A 5 23.07 -24.33 40.41
C ALA A 5 23.41 -22.85 40.14
N SER A 6 24.03 -22.22 41.14
CA SER A 6 24.35 -20.77 41.17
C SER A 6 25.85 -20.46 41.38
N MET A 7 26.69 -21.50 41.39
CA MET A 7 28.10 -21.44 41.80
C MET A 7 29.07 -22.34 41.01
N ASP A 8 28.52 -23.20 40.15
CA ASP A 8 29.25 -24.19 39.32
C ASP A 8 28.79 -24.17 37.85
N GLN A 9 28.02 -23.13 37.48
CA GLN A 9 27.21 -23.05 36.26
C GLN A 9 27.16 -21.62 35.67
N LEU A 10 28.09 -20.74 36.09
CA LEU A 10 28.18 -19.32 35.68
C LEU A 10 29.50 -19.10 34.91
N ASP A 11 29.54 -19.56 33.66
CA ASP A 11 30.74 -19.52 32.79
C ASP A 11 30.46 -19.08 31.33
N GLU A 12 29.19 -18.88 30.94
CA GLU A 12 28.79 -18.46 29.61
C GLU A 12 28.50 -16.95 29.56
N ILE A 13 29.56 -16.15 29.33
CA ILE A 13 29.51 -14.68 29.20
C ILE A 13 30.25 -14.25 27.92
N ILE A 14 29.64 -14.53 26.77
CA ILE A 14 30.16 -14.27 25.42
C ILE A 14 29.09 -13.55 24.57
N GLU A 15 29.53 -12.64 23.70
CA GLU A 15 28.69 -11.96 22.69
C GLU A 15 29.29 -12.13 21.29
N GLN A 16 28.51 -12.66 20.34
CA GLN A 16 28.89 -12.86 18.94
C GLN A 16 27.68 -12.87 17.98
N ILE A 17 26.63 -13.60 18.34
CA ILE A 17 25.37 -13.75 17.60
C ILE A 17 24.24 -14.10 18.59
N GLN A 18 23.19 -13.26 18.62
CA GLN A 18 22.07 -13.33 19.56
C GLN A 18 20.72 -13.06 18.84
N LYS A 19 19.60 -13.27 19.54
CA LYS A 19 18.26 -12.83 19.14
C LYS A 19 18.12 -11.31 19.35
N GLU A 20 18.77 -10.53 18.49
CA GLU A 20 18.73 -9.07 18.48
C GLU A 20 17.38 -8.57 17.96
N ALA A 21 16.57 -8.03 18.88
CA ALA A 21 15.28 -7.42 18.59
C ALA A 21 15.12 -6.03 19.23
N ILE A 22 15.01 -5.97 20.56
CA ILE A 22 14.71 -4.74 21.33
C ILE A 22 15.77 -4.40 22.38
N ASN A 23 16.67 -5.33 22.65
CA ASN A 23 17.67 -5.21 23.71
C ASN A 23 18.81 -4.22 23.38
N SER A 24 18.93 -3.83 22.11
CA SER A 24 19.93 -2.88 21.61
C SER A 24 19.41 -1.44 21.58
N ASN A 25 18.38 -1.19 20.76
CA ASN A 25 17.86 0.15 20.46
C ASN A 25 17.10 0.83 21.62
N VAL A 26 16.78 0.10 22.68
CA VAL A 26 16.20 0.64 23.92
C VAL A 26 17.23 1.42 24.76
N VAL A 27 18.53 1.21 24.52
CA VAL A 27 19.66 1.93 25.15
C VAL A 27 20.47 2.65 24.07
N LEU A 28 19.93 3.75 23.55
CA LEU A 28 20.49 4.52 22.43
C LEU A 28 20.38 6.04 22.64
N LYS A 29 21.31 6.83 22.08
CA LYS A 29 21.48 8.28 22.31
C LYS A 29 21.51 9.10 21.00
N ASN A 30 20.58 8.80 20.10
CA ASN A 30 20.41 9.44 18.78
C ASN A 30 21.72 9.55 17.94
N PRO A 31 22.22 8.42 17.39
CA PRO A 31 23.40 8.39 16.52
C PRO A 31 23.07 8.87 15.09
N ARG A 32 22.63 10.13 14.98
CA ARG A 32 22.16 10.81 13.74
C ARG A 32 21.06 10.03 13.01
N VAL A 33 19.98 9.73 13.72
CA VAL A 33 18.77 9.05 13.21
C VAL A 33 17.57 10.00 13.27
N PRO A 34 17.31 10.80 12.21
CA PRO A 34 16.08 11.60 12.10
C PRO A 34 14.85 10.75 11.76
N THR A 35 13.68 11.37 11.93
CA THR A 35 12.37 10.71 12.02
C THR A 35 11.35 11.29 11.03
N GLN A 36 11.58 11.00 9.75
CA GLN A 36 10.78 11.46 8.59
C GLN A 36 9.70 10.48 8.11
N LYS A 37 9.25 9.58 8.99
CA LYS A 37 8.31 8.48 8.71
C LYS A 37 6.86 8.96 8.72
N THR A 38 6.53 9.90 7.83
CA THR A 38 5.23 10.63 7.78
C THR A 38 4.69 10.88 6.36
N GLY A 39 5.28 10.24 5.35
CA GLY A 39 4.93 10.44 3.93
C GLY A 39 3.55 9.90 3.54
N GLU A 40 3.27 8.63 3.88
CA GLU A 40 1.97 7.96 3.74
C GLU A 40 1.34 8.03 2.32
N LEU A 41 2.20 8.03 1.28
CA LEU A 41 1.87 8.15 -0.15
C LEU A 41 1.02 9.40 -0.48
N SER A 42 1.69 10.51 -0.79
CA SER A 42 1.06 11.80 -1.09
C SER A 42 0.60 11.88 -2.53
N GLU A 43 1.54 12.02 -3.46
CA GLU A 43 1.25 12.22 -4.87
C GLU A 43 2.45 11.93 -5.77
N GLU A 44 3.66 12.27 -5.30
CA GLU A 44 4.89 11.90 -5.98
C GLU A 44 5.22 10.42 -5.76
N GLN A 45 4.89 9.85 -4.60
CA GLN A 45 5.31 8.50 -4.19
C GLN A 45 4.63 7.40 -5.02
N LYS A 46 3.33 7.55 -5.29
CA LYS A 46 2.58 6.68 -6.22
C LYS A 46 2.97 6.88 -7.69
N LYS A 47 3.48 8.06 -8.06
CA LYS A 47 4.17 8.32 -9.36
C LYS A 47 5.57 7.69 -9.47
N ILE A 48 6.00 6.94 -8.44
CA ILE A 48 7.20 6.07 -8.47
C ILE A 48 6.80 4.59 -8.41
N VAL A 49 5.84 4.20 -7.56
CA VAL A 49 5.38 2.79 -7.45
C VAL A 49 4.41 2.41 -8.57
N ALA A 50 3.23 3.02 -8.64
CA ALA A 50 2.19 2.65 -9.60
C ALA A 50 2.60 2.97 -11.05
N ASP A 51 3.45 3.99 -11.24
CA ASP A 51 4.13 4.26 -12.52
C ASP A 51 5.11 3.15 -12.97
N TYR A 52 5.54 2.26 -12.07
CA TYR A 52 6.31 1.06 -12.39
C TYR A 52 5.37 -0.13 -12.69
N ILE A 53 4.22 -0.22 -12.03
CA ILE A 53 3.21 -1.27 -12.26
C ILE A 53 2.64 -1.25 -13.69
N SER A 54 2.75 -0.11 -14.38
CA SER A 54 2.42 0.03 -15.81
C SER A 54 3.60 -0.22 -16.79
N GLU A 55 4.83 -0.45 -16.29
CA GLU A 55 6.02 -0.72 -17.14
C GLU A 55 6.26 -2.22 -17.33
N VAL A 56 6.41 -2.96 -16.23
CA VAL A 56 6.92 -4.35 -16.24
C VAL A 56 5.90 -5.38 -15.73
N GLY A 57 5.11 -5.03 -14.70
CA GLY A 57 4.01 -5.84 -14.18
C GLY A 57 3.77 -5.57 -12.70
N LEU A 58 4.43 -6.35 -11.83
CA LEU A 58 4.34 -6.27 -10.37
C LEU A 58 5.45 -7.09 -9.69
N ASN A 59 5.63 -8.33 -10.15
CA ASN A 59 6.45 -9.36 -9.51
C ASN A 59 7.88 -9.45 -10.09
N ASN A 60 8.28 -8.38 -10.75
CA ASN A 60 9.36 -8.31 -11.74
C ASN A 60 10.08 -6.94 -11.77
N LEU A 61 9.59 -5.96 -11.00
CA LEU A 61 10.22 -4.65 -10.79
C LEU A 61 11.33 -4.71 -9.73
N ASN A 62 12.23 -3.72 -9.72
CA ASN A 62 13.29 -3.61 -8.72
C ASN A 62 12.91 -2.64 -7.59
N ALA A 63 12.76 -3.18 -6.38
CA ALA A 63 12.42 -2.46 -5.16
C ALA A 63 13.48 -1.40 -4.76
N THR A 64 14.72 -1.55 -5.20
CA THR A 64 15.80 -0.56 -5.00
C THR A 64 15.53 0.76 -5.73
N GLU A 65 14.97 0.71 -6.95
CA GLU A 65 14.63 1.90 -7.72
C GLU A 65 13.45 2.67 -7.10
N LEU A 66 12.48 1.96 -6.51
CA LEU A 66 11.44 2.56 -5.66
C LEU A 66 12.06 3.26 -4.44
N SER A 67 12.88 2.56 -3.66
CA SER A 67 13.44 3.05 -2.40
C SER A 67 14.43 4.22 -2.59
N LYS A 68 15.11 4.28 -3.74
CA LYS A 68 15.94 5.41 -4.18
C LYS A 68 15.15 6.71 -4.35
N ARG A 69 14.03 6.68 -5.10
CA ARG A 69 13.25 7.88 -5.47
C ARG A 69 12.20 8.26 -4.43
N LEU A 70 11.57 7.27 -3.79
CA LEU A 70 10.59 7.44 -2.71
C LEU A 70 11.26 7.70 -1.35
N ASN A 71 12.56 7.38 -1.22
CA ASN A 71 13.40 7.60 -0.04
C ASN A 71 12.88 6.81 1.19
N ILE A 72 12.94 5.49 1.07
CA ILE A 72 12.56 4.48 2.08
C ILE A 72 13.67 3.43 2.23
N THR A 73 13.49 2.55 3.21
CA THR A 73 14.23 1.29 3.36
C THR A 73 13.84 0.32 2.24
N VAL A 74 14.80 -0.41 1.66
CA VAL A 74 14.54 -1.33 0.52
C VAL A 74 13.50 -2.39 0.89
N ASP A 75 13.55 -2.90 2.13
CA ASP A 75 12.62 -3.91 2.62
C ASP A 75 11.18 -3.40 2.78
N LYS A 76 11.00 -2.08 3.04
CA LYS A 76 9.67 -1.47 3.06
C LYS A 76 9.05 -1.42 1.67
N ALA A 77 9.85 -1.21 0.62
CA ALA A 77 9.38 -1.32 -0.77
C ALA A 77 9.06 -2.78 -1.12
N LYS A 78 9.97 -3.71 -0.80
CA LYS A 78 9.82 -5.15 -1.08
C LYS A 78 8.54 -5.75 -0.49
N THR A 79 8.13 -5.32 0.71
CA THR A 79 6.87 -5.79 1.34
C THR A 79 5.65 -4.96 0.91
N TYR A 80 5.80 -3.65 0.72
CA TYR A 80 4.69 -2.77 0.30
C TYR A 80 4.14 -3.12 -1.09
N ILE A 81 5.00 -3.56 -2.02
CA ILE A 81 4.61 -4.08 -3.34
C ILE A 81 3.48 -5.12 -3.24
N LYS A 82 3.56 -6.05 -2.28
CA LYS A 82 2.53 -7.08 -2.05
C LYS A 82 1.41 -6.61 -1.13
N ASN A 83 1.72 -5.79 -0.14
CA ASN A 83 0.70 -5.32 0.80
C ASN A 83 -0.35 -4.42 0.12
N SER A 84 0.06 -3.66 -0.92
CA SER A 84 -0.81 -2.79 -1.72
C SER A 84 -1.59 -3.54 -2.81
N ASN A 85 -0.90 -4.36 -3.63
CA ASN A 85 -1.47 -4.95 -4.85
C ASN A 85 -2.02 -6.37 -4.66
N ARG A 86 -1.41 -7.12 -3.75
CA ARG A 86 -1.66 -8.52 -3.40
C ARG A 86 -1.87 -9.48 -4.59
N MET A 87 -1.12 -9.23 -5.67
CA MET A 87 -1.22 -9.95 -6.95
C MET A 87 -2.63 -9.94 -7.61
N GLY A 88 -3.47 -8.95 -7.26
CA GLY A 88 -4.85 -8.80 -7.77
C GLY A 88 -4.89 -7.79 -8.91
N ARG A 89 -3.88 -7.84 -9.78
CA ARG A 89 -3.28 -6.73 -10.54
C ARG A 89 -2.87 -5.58 -9.62
N THR A 90 -3.86 -4.85 -9.13
CA THR A 90 -3.75 -3.62 -8.33
C THR A 90 -4.83 -3.45 -7.25
N ASN A 91 -5.48 -4.57 -6.87
CA ASN A 91 -6.67 -4.60 -6.01
C ASN A 91 -7.90 -3.88 -6.62
N ASN A 92 -8.10 -4.01 -7.94
CA ASN A 92 -9.25 -3.46 -8.68
C ASN A 92 -10.44 -4.44 -8.85
N PHE A 93 -10.33 -5.69 -8.38
CA PHE A 93 -11.31 -6.78 -8.54
C PHE A 93 -12.59 -6.64 -7.69
N LYS A 94 -12.86 -5.44 -7.17
CA LYS A 94 -14.03 -5.07 -6.33
C LYS A 94 -15.28 -4.71 -7.14
N THR A 95 -15.12 -4.66 -8.47
CA THR A 95 -16.11 -4.25 -9.46
C THR A 95 -16.06 -5.19 -10.68
N ILE A 96 -14.85 -5.45 -11.19
CA ILE A 96 -14.60 -6.36 -12.32
C ILE A 96 -14.69 -7.83 -11.84
N LYS A 97 -14.98 -8.77 -12.75
CA LYS A 97 -15.09 -10.23 -12.54
C LYS A 97 -16.27 -10.72 -11.67
N MET A 98 -17.07 -9.83 -11.08
CA MET A 98 -18.24 -10.21 -10.28
C MET A 98 -19.50 -10.41 -11.13
N PHE A 99 -19.81 -9.46 -12.02
CA PHE A 99 -21.02 -9.45 -12.84
C PHE A 99 -20.87 -10.20 -14.18
N GLU A 100 -19.62 -10.42 -14.60
CA GLU A 100 -19.24 -10.97 -15.90
C GLU A 100 -18.93 -12.48 -15.85
N ASP A 101 -19.31 -13.16 -14.77
CA ASP A 101 -19.07 -14.59 -14.56
C ASP A 101 -20.03 -15.48 -15.37
N ASP A 102 -19.48 -16.21 -16.35
CA ASP A 102 -20.17 -17.23 -17.16
C ASP A 102 -19.21 -18.40 -17.47
N VAL A 103 -19.74 -19.63 -17.46
CA VAL A 103 -18.98 -20.87 -17.72
C VAL A 103 -19.74 -21.80 -18.68
N SER A 104 -21.02 -22.08 -18.40
CA SER A 104 -21.90 -22.99 -19.15
C SER A 104 -23.09 -22.31 -19.82
N SER A 105 -23.05 -20.98 -19.96
CA SER A 105 -24.12 -20.11 -20.47
C SER A 105 -25.48 -20.33 -19.80
N ALA A 106 -25.46 -20.66 -18.50
CA ALA A 106 -26.61 -20.91 -17.64
C ALA A 106 -26.36 -20.34 -16.22
N SER A 107 -27.44 -20.22 -15.42
CA SER A 107 -27.46 -19.50 -14.14
C SER A 107 -28.33 -20.20 -13.09
N ALA A 108 -28.10 -19.91 -11.81
CA ALA A 108 -28.83 -20.47 -10.66
C ALA A 108 -28.87 -22.02 -10.62
N GLN A 109 -27.83 -22.65 -11.17
CA GLN A 109 -27.68 -24.11 -11.29
C GLN A 109 -27.46 -24.78 -9.91
N PRO A 110 -27.91 -26.04 -9.71
CA PRO A 110 -27.66 -26.79 -8.48
C PRO A 110 -26.17 -27.17 -8.36
N ASN A 111 -25.43 -26.48 -7.50
CA ASN A 111 -23.98 -26.59 -7.33
C ASN A 111 -23.62 -26.47 -5.83
N LEU A 112 -23.61 -27.60 -5.12
CA LEU A 112 -23.40 -27.68 -3.67
C LEU A 112 -22.24 -28.64 -3.34
N PRO A 113 -20.96 -28.21 -3.48
CA PRO A 113 -19.78 -29.03 -3.20
C PRO A 113 -19.59 -29.35 -1.70
N GLY A 1 13.37 4.96 66.72
CA GLY A 1 14.40 4.08 66.13
C GLY A 1 14.69 4.44 64.69
N SER A 2 14.45 3.52 63.76
CA SER A 2 14.71 3.66 62.32
C SER A 2 13.47 3.31 61.47
N HIS A 3 13.38 3.87 60.25
CA HIS A 3 12.24 3.71 59.34
C HIS A 3 12.65 2.97 58.07
N MET A 4 12.00 1.83 57.78
CA MET A 4 12.22 0.99 56.59
C MET A 4 10.86 0.50 56.06
N ALA A 5 10.45 1.02 54.89
CA ALA A 5 9.14 0.82 54.29
C ALA A 5 9.19 0.77 52.74
N SER A 6 10.24 0.12 52.23
CA SER A 6 10.77 0.29 50.86
C SER A 6 10.71 -0.98 50.00
N MET A 7 9.89 -1.97 50.40
CA MET A 7 9.83 -3.30 49.76
C MET A 7 8.48 -4.03 49.82
N ASP A 8 7.54 -3.53 50.62
CA ASP A 8 6.17 -4.06 50.81
C ASP A 8 5.08 -3.00 50.54
N GLN A 9 5.49 -1.82 50.04
CA GLN A 9 4.67 -0.60 49.95
C GLN A 9 4.81 0.08 48.57
N LEU A 10 5.13 -0.69 47.52
CA LEU A 10 5.35 -0.23 46.14
C LEU A 10 4.33 -0.87 45.18
N ASP A 11 3.05 -0.62 45.42
CA ASP A 11 1.93 -1.17 44.63
C ASP A 11 0.80 -0.14 44.36
N GLU A 12 0.48 0.71 45.34
CA GLU A 12 -0.56 1.77 45.25
C GLU A 12 -0.11 3.04 44.50
N ILE A 13 0.87 2.90 43.61
CA ILE A 13 1.57 3.98 42.90
C ILE A 13 0.70 4.55 41.76
N ILE A 14 0.72 5.89 41.59
CA ILE A 14 0.05 6.62 40.51
C ILE A 14 1.10 7.18 39.54
N GLU A 15 0.88 7.01 38.23
CA GLU A 15 1.73 7.54 37.17
C GLU A 15 0.85 8.19 36.07
N GLN A 16 1.14 9.44 35.71
CA GLN A 16 0.44 10.17 34.63
C GLN A 16 1.31 11.27 34.00
N ILE A 17 1.79 12.23 34.80
CA ILE A 17 2.60 13.39 34.38
C ILE A 17 3.72 13.66 35.39
N GLN A 18 4.94 13.19 35.08
CA GLN A 18 6.14 13.34 35.93
C GLN A 18 7.33 13.85 35.09
N LYS A 19 8.05 12.92 34.43
CA LYS A 19 9.21 13.17 33.55
C LYS A 19 9.30 12.15 32.41
N GLU A 20 8.16 11.57 32.01
CA GLU A 20 8.06 10.50 31.01
C GLU A 20 8.22 11.07 29.60
N ALA A 21 9.21 10.55 28.89
CA ALA A 21 9.62 10.96 27.54
C ALA A 21 9.85 9.77 26.59
N ILE A 22 10.92 9.01 26.86
CA ILE A 22 11.46 7.94 26.01
C ILE A 22 11.29 6.56 26.63
N ASN A 23 10.71 6.54 27.82
CA ASN A 23 10.57 5.38 28.69
C ASN A 23 9.53 4.38 28.17
N SER A 24 8.63 4.86 27.29
CA SER A 24 7.57 4.06 26.66
C SER A 24 8.08 3.22 25.48
N ASN A 25 8.89 3.83 24.59
CA ASN A 25 9.37 3.18 23.37
C ASN A 25 10.63 2.29 23.57
N VAL A 26 11.34 2.49 24.68
CA VAL A 26 12.58 1.76 25.02
C VAL A 26 12.33 0.43 25.75
N VAL A 27 11.10 0.21 26.24
CA VAL A 27 10.66 -1.03 26.92
C VAL A 27 9.44 -1.62 26.18
N LEU A 28 9.68 -2.21 25.03
CA LEU A 28 8.67 -2.84 24.17
C LEU A 28 9.18 -4.15 23.52
N LYS A 29 8.29 -5.15 23.40
CA LYS A 29 8.57 -6.49 22.85
C LYS A 29 7.51 -6.98 21.85
N ASN A 30 6.94 -6.08 21.05
CA ASN A 30 6.01 -6.40 19.96
C ASN A 30 6.34 -5.68 18.63
N PRO A 31 7.48 -5.99 17.97
CA PRO A 31 7.89 -5.35 16.72
C PRO A 31 7.18 -5.97 15.49
N ARG A 32 5.84 -5.85 15.47
CA ARG A 32 4.95 -6.49 14.48
C ARG A 32 4.09 -5.50 13.68
N VAL A 33 3.56 -4.46 14.32
CA VAL A 33 2.67 -3.46 13.69
C VAL A 33 3.12 -2.02 14.04
N PRO A 34 4.25 -1.53 13.50
CA PRO A 34 4.70 -0.15 13.69
C PRO A 34 3.78 0.88 13.01
N THR A 35 3.54 2.00 13.69
CA THR A 35 2.50 3.00 13.38
C THR A 35 3.08 4.22 12.65
N GLN A 36 3.40 4.00 11.38
CA GLN A 36 4.10 4.95 10.50
C GLN A 36 3.23 5.69 9.47
N LYS A 37 1.91 5.63 9.65
CA LYS A 37 0.89 5.97 8.65
C LYS A 37 0.49 7.46 8.70
N THR A 38 1.47 8.35 8.49
CA THR A 38 1.31 9.81 8.67
C THR A 38 1.88 10.64 7.50
N GLY A 39 2.32 9.99 6.43
CA GLY A 39 2.87 10.64 5.23
C GLY A 39 3.57 9.69 4.25
N GLU A 40 3.04 8.48 4.04
CA GLU A 40 3.72 7.44 3.25
C GLU A 40 3.64 7.68 1.73
N LEU A 41 2.43 7.86 1.20
CA LEU A 41 2.10 8.14 -0.19
C LEU A 41 1.24 9.41 -0.29
N SER A 42 1.81 10.46 -0.87
CA SER A 42 1.13 11.72 -1.20
C SER A 42 0.56 11.70 -2.61
N GLU A 43 1.41 11.99 -3.59
CA GLU A 43 1.03 12.21 -4.98
C GLU A 43 2.19 12.01 -5.96
N GLU A 44 3.43 12.25 -5.52
CA GLU A 44 4.63 11.91 -6.27
C GLU A 44 5.02 10.44 -6.07
N GLN A 45 4.75 9.84 -4.90
CA GLN A 45 5.17 8.47 -4.59
C GLN A 45 4.44 7.42 -5.44
N LYS A 46 3.13 7.60 -5.64
CA LYS A 46 2.33 6.75 -6.55
C LYS A 46 2.69 6.98 -8.04
N LYS A 47 3.19 8.17 -8.41
CA LYS A 47 3.83 8.43 -9.73
C LYS A 47 5.18 7.74 -9.92
N ILE A 48 5.70 7.04 -8.90
CA ILE A 48 6.79 6.07 -9.02
C ILE A 48 6.22 4.64 -9.03
N VAL A 49 5.43 4.24 -8.04
CA VAL A 49 4.99 2.84 -7.88
C VAL A 49 3.94 2.43 -8.92
N ALA A 50 2.81 3.13 -8.99
CA ALA A 50 1.74 2.80 -9.93
C ALA A 50 2.17 3.03 -11.38
N ASP A 51 3.07 4.00 -11.61
CA ASP A 51 3.77 4.17 -12.89
C ASP A 51 4.63 2.93 -13.26
N TYR A 52 5.42 2.37 -12.35
CA TYR A 52 6.25 1.17 -12.61
C TYR A 52 5.38 -0.08 -12.86
N ILE A 53 4.26 -0.21 -12.17
CA ILE A 53 3.25 -1.25 -12.40
C ILE A 53 2.67 -1.17 -13.84
N SER A 54 2.70 0.01 -14.47
CA SER A 54 2.35 0.18 -15.89
C SER A 54 3.47 -0.22 -16.88
N GLU A 55 4.73 -0.37 -16.42
CA GLU A 55 5.88 -0.69 -17.29
C GLU A 55 6.15 -2.20 -17.34
N VAL A 56 6.25 -2.83 -16.16
CA VAL A 56 6.76 -4.20 -16.01
C VAL A 56 5.81 -5.18 -15.31
N GLY A 57 4.73 -4.68 -14.69
CA GLY A 57 3.57 -5.46 -14.25
C GLY A 57 3.30 -5.33 -12.76
N LEU A 58 4.12 -5.99 -11.94
CA LEU A 58 4.10 -5.93 -10.46
C LEU A 58 5.37 -6.55 -9.83
N ASN A 59 5.81 -7.68 -10.38
CA ASN A 59 6.82 -8.56 -9.78
C ASN A 59 8.19 -8.54 -10.48
N ASN A 60 8.30 -7.86 -11.62
CA ASN A 60 9.54 -7.79 -12.43
C ASN A 60 10.40 -6.55 -12.08
N LEU A 61 9.81 -5.53 -11.45
CA LEU A 61 10.52 -4.41 -10.81
C LEU A 61 11.34 -4.87 -9.60
N ASN A 62 12.30 -4.05 -9.15
CA ASN A 62 13.05 -4.27 -7.91
C ASN A 62 12.72 -3.22 -6.85
N ALA A 63 13.13 -3.50 -5.62
CA ALA A 63 12.93 -2.66 -4.45
C ALA A 63 13.96 -1.52 -4.35
N THR A 64 15.12 -1.67 -4.99
CA THR A 64 16.21 -0.70 -5.01
C THR A 64 15.78 0.61 -5.68
N GLU A 65 15.17 0.54 -6.86
CA GLU A 65 14.70 1.73 -7.60
C GLU A 65 13.57 2.45 -6.85
N LEU A 66 12.61 1.70 -6.29
CA LEU A 66 11.58 2.23 -5.40
C LEU A 66 12.18 2.95 -4.17
N SER A 67 13.05 2.31 -3.40
CA SER A 67 13.69 2.88 -2.20
C SER A 67 14.59 4.09 -2.51
N LYS A 68 15.08 4.24 -3.74
CA LYS A 68 15.87 5.39 -4.21
C LYS A 68 14.99 6.60 -4.53
N ARG A 69 13.87 6.39 -5.23
CA ARG A 69 12.92 7.43 -5.65
C ARG A 69 11.95 7.85 -4.54
N LEU A 70 11.51 6.90 -3.70
CA LEU A 70 10.58 7.11 -2.59
C LEU A 70 11.28 7.50 -1.28
N ASN A 71 12.58 7.21 -1.15
CA ASN A 71 13.38 7.41 0.07
C ASN A 71 12.82 6.63 1.28
N ILE A 72 12.79 5.30 1.13
CA ILE A 72 12.42 4.29 2.14
C ILE A 72 13.56 3.29 2.34
N THR A 73 13.42 2.47 3.38
CA THR A 73 14.20 1.24 3.59
C THR A 73 13.85 0.23 2.49
N VAL A 74 14.85 -0.48 1.95
CA VAL A 74 14.65 -1.46 0.85
C VAL A 74 13.65 -2.55 1.24
N ASP A 75 13.69 -2.99 2.49
CA ASP A 75 12.78 -4.03 3.01
C ASP A 75 11.33 -3.55 3.19
N LYS A 76 11.12 -2.23 3.40
CA LYS A 76 9.78 -1.64 3.37
C LYS A 76 9.23 -1.63 1.94
N ALA A 77 10.07 -1.40 0.93
CA ALA A 77 9.67 -1.49 -0.47
C ALA A 77 9.31 -2.93 -0.86
N LYS A 78 10.18 -3.90 -0.50
CA LYS A 78 10.00 -5.34 -0.75
C LYS A 78 8.66 -5.87 -0.23
N THR A 79 8.23 -5.44 0.97
CA THR A 79 6.93 -5.87 1.54
C THR A 79 5.75 -5.00 1.10
N TYR A 80 5.95 -3.69 0.89
CA TYR A 80 4.91 -2.78 0.40
C TYR A 80 4.39 -3.14 -1.00
N ILE A 81 5.27 -3.61 -1.89
CA ILE A 81 4.93 -4.12 -3.23
C ILE A 81 3.75 -5.12 -3.17
N LYS A 82 3.77 -6.08 -2.23
CA LYS A 82 2.69 -7.06 -2.05
C LYS A 82 1.60 -6.63 -1.07
N ASN A 83 1.88 -5.79 -0.09
CA ASN A 83 0.84 -5.30 0.84
C ASN A 83 -0.12 -4.29 0.17
N SER A 84 0.34 -3.55 -0.84
CA SER A 84 -0.47 -2.57 -1.59
C SER A 84 -1.28 -3.20 -2.73
N ASN A 85 -0.65 -4.07 -3.52
CA ASN A 85 -1.25 -4.65 -4.74
C ASN A 85 -1.86 -6.04 -4.52
N ARG A 86 -1.19 -6.85 -3.70
CA ARG A 86 -1.56 -8.21 -3.29
C ARG A 86 -2.04 -9.10 -4.44
N MET A 87 -1.30 -9.06 -5.55
CA MET A 87 -1.56 -9.69 -6.86
C MET A 87 -2.84 -9.25 -7.61
N GLY A 88 -3.89 -8.82 -6.90
CA GLY A 88 -5.16 -8.34 -7.45
C GLY A 88 -6.14 -7.84 -6.37
N ARG A 89 -5.61 -7.27 -5.28
CA ARG A 89 -6.28 -6.91 -4.02
C ARG A 89 -7.08 -8.07 -3.40
N THR A 90 -6.35 -8.98 -2.74
CA THR A 90 -6.86 -10.05 -1.85
C THR A 90 -7.89 -10.98 -2.51
N ASN A 91 -7.72 -11.16 -3.82
CA ASN A 91 -8.62 -11.87 -4.73
C ASN A 91 -8.61 -13.39 -4.50
N ASN A 92 -7.61 -13.85 -3.75
CA ASN A 92 -7.36 -15.21 -3.26
C ASN A 92 -8.51 -15.73 -2.35
N PHE A 93 -9.32 -14.83 -1.79
CA PHE A 93 -10.42 -15.11 -0.85
C PHE A 93 -11.69 -15.73 -1.48
N LYS A 94 -11.61 -16.31 -2.69
CA LYS A 94 -12.76 -16.70 -3.53
C LYS A 94 -13.39 -18.04 -3.16
N THR A 95 -12.79 -18.73 -2.20
CA THR A 95 -13.06 -20.13 -1.85
C THR A 95 -12.97 -20.32 -0.34
N ILE A 96 -11.90 -19.83 0.28
CA ILE A 96 -11.68 -19.84 1.74
C ILE A 96 -12.62 -18.88 2.47
N LYS A 97 -12.80 -19.08 3.78
CA LYS A 97 -13.61 -18.27 4.71
C LYS A 97 -15.13 -18.22 4.44
N MET A 98 -15.61 -18.73 3.31
CA MET A 98 -17.05 -18.73 2.95
C MET A 98 -17.82 -19.95 3.45
N PHE A 99 -17.19 -21.13 3.46
CA PHE A 99 -17.80 -22.39 3.91
C PHE A 99 -17.69 -22.63 5.42
N GLU A 100 -16.76 -21.95 6.10
CA GLU A 100 -16.56 -22.02 7.55
C GLU A 100 -17.62 -21.19 8.30
N ASP A 101 -18.02 -21.65 9.49
CA ASP A 101 -19.08 -21.03 10.30
C ASP A 101 -18.78 -21.14 11.81
N ASP A 102 -18.94 -20.04 12.55
CA ASP A 102 -18.75 -19.98 14.00
C ASP A 102 -20.07 -20.24 14.76
N VAL A 103 -20.00 -21.04 15.84
CA VAL A 103 -21.16 -21.40 16.69
C VAL A 103 -20.92 -20.96 18.14
N SER A 104 -19.75 -21.30 18.70
CA SER A 104 -19.31 -20.93 20.06
C SER A 104 -18.12 -19.96 20.07
N SER A 105 -17.63 -19.54 18.90
CA SER A 105 -16.39 -18.77 18.70
C SER A 105 -16.59 -17.39 18.05
N ALA A 106 -17.84 -16.96 17.81
CA ALA A 106 -18.16 -15.68 17.19
C ALA A 106 -17.96 -14.49 18.17
N SER A 107 -17.25 -13.47 17.71
CA SER A 107 -17.00 -12.21 18.44
C SER A 107 -17.06 -11.02 17.49
N ALA A 108 -17.83 -9.98 17.84
CA ALA A 108 -18.09 -8.77 17.04
C ALA A 108 -18.69 -9.01 15.63
N GLN A 109 -19.21 -10.22 15.36
CA GLN A 109 -19.84 -10.60 14.09
C GLN A 109 -21.33 -10.22 14.04
N PRO A 110 -21.90 -9.88 12.87
CA PRO A 110 -23.34 -9.64 12.67
C PRO A 110 -24.13 -10.96 12.56
N ASN A 111 -23.94 -11.85 13.54
CA ASN A 111 -24.44 -13.23 13.55
C ASN A 111 -25.19 -13.53 14.85
N LEU A 112 -26.39 -12.95 14.99
CA LEU A 112 -27.29 -13.12 16.14
C LEU A 112 -28.58 -13.83 15.68
N PRO A 113 -28.64 -15.17 15.68
CA PRO A 113 -29.82 -15.95 15.26
C PRO A 113 -31.00 -15.85 16.25
N GLY A 1 -14.09 46.46 20.06
CA GLY A 1 -14.25 45.47 21.14
C GLY A 1 -13.16 44.40 21.10
N SER A 2 -13.11 43.54 22.12
CA SER A 2 -12.05 42.53 22.34
C SER A 2 -10.63 43.14 22.47
N HIS A 3 -9.59 42.29 22.49
CA HIS A 3 -8.18 42.67 22.50
C HIS A 3 -7.40 41.81 21.49
N MET A 4 -6.64 42.46 20.59
CA MET A 4 -5.91 41.81 19.50
C MET A 4 -4.48 42.36 19.43
N ALA A 5 -3.54 41.68 20.10
CA ALA A 5 -2.13 42.03 20.13
C ALA A 5 -1.26 40.79 20.39
N SER A 6 -0.73 40.21 19.30
CA SER A 6 0.04 38.95 19.31
C SER A 6 1.46 39.07 18.69
N MET A 7 1.83 40.25 18.19
CA MET A 7 3.11 40.50 17.49
C MET A 7 3.68 41.92 17.68
N ASP A 8 3.01 42.75 18.49
CA ASP A 8 3.48 44.08 18.95
C ASP A 8 3.54 44.16 20.50
N GLN A 9 3.36 43.01 21.17
CA GLN A 9 3.08 42.90 22.61
C GLN A 9 3.70 41.60 23.19
N LEU A 10 4.98 41.38 22.87
CA LEU A 10 5.83 40.32 23.42
C LEU A 10 7.26 40.82 23.68
N ASP A 11 7.94 40.25 24.68
CA ASP A 11 9.34 40.54 25.01
C ASP A 11 10.04 39.36 25.72
N GLU A 12 9.44 38.83 26.79
CA GLU A 12 9.97 37.75 27.61
C GLU A 12 8.84 36.73 27.92
N ILE A 13 8.45 35.96 26.90
CA ILE A 13 7.31 35.03 26.92
C ILE A 13 7.82 33.58 26.75
N ILE A 14 7.58 32.72 27.74
CA ILE A 14 8.02 31.31 27.77
C ILE A 14 6.91 30.42 28.35
N GLU A 15 6.22 29.70 27.47
CA GLU A 15 5.18 28.70 27.80
C GLU A 15 5.45 27.40 27.01
N GLN A 16 5.94 26.36 27.71
CA GLN A 16 6.33 25.07 27.13
C GLN A 16 6.28 23.95 28.20
N ILE A 17 5.97 22.71 27.80
CA ILE A 17 5.94 21.49 28.64
C ILE A 17 5.24 21.67 30.01
N GLN A 18 3.96 22.04 29.95
CA GLN A 18 3.14 22.43 31.12
C GLN A 18 2.37 21.21 31.68
N LYS A 19 1.16 20.96 31.15
CA LYS A 19 0.25 19.86 31.53
C LYS A 19 -0.63 19.41 30.35
N GLU A 20 -0.13 19.56 29.12
CA GLU A 20 -0.84 19.22 27.88
C GLU A 20 -0.66 17.74 27.52
N ALA A 21 -1.78 17.05 27.43
CA ALA A 21 -1.88 15.63 27.07
C ALA A 21 -3.04 15.35 26.10
N ILE A 22 -4.28 15.44 26.62
CA ILE A 22 -5.51 14.98 25.94
C ILE A 22 -6.58 16.08 25.82
N ASN A 23 -6.29 17.27 26.34
CA ASN A 23 -7.23 18.40 26.30
C ASN A 23 -7.47 18.92 24.86
N SER A 24 -6.53 18.64 23.95
CA SER A 24 -6.51 19.18 22.58
C SER A 24 -7.42 18.44 21.59
N ASN A 25 -7.60 17.12 21.77
CA ASN A 25 -8.38 16.26 20.87
C ASN A 25 -9.80 15.93 21.39
N VAL A 26 -10.07 16.20 22.67
CA VAL A 26 -11.40 16.02 23.29
C VAL A 26 -12.29 17.24 23.07
N VAL A 27 -11.70 18.45 23.10
CA VAL A 27 -12.41 19.73 22.97
C VAL A 27 -12.13 20.34 21.59
N LEU A 28 -12.84 19.85 20.57
CA LEU A 28 -12.71 20.25 19.16
C LEU A 28 -14.04 20.82 18.60
N LYS A 29 -13.96 21.71 17.60
CA LYS A 29 -15.12 22.43 17.00
C LYS A 29 -15.17 22.36 15.47
N ASN A 30 -14.58 21.32 14.87
CA ASN A 30 -14.66 21.03 13.43
C ASN A 30 -15.02 19.56 13.11
N PRO A 31 -16.21 19.06 13.53
CA PRO A 31 -16.64 17.68 13.28
C PRO A 31 -17.20 17.50 11.86
N ARG A 32 -16.32 17.61 10.86
CA ARG A 32 -16.67 17.60 9.42
C ARG A 32 -15.95 16.50 8.63
N VAL A 33 -14.62 16.56 8.54
CA VAL A 33 -13.78 15.62 7.79
C VAL A 33 -12.33 15.65 8.31
N PRO A 34 -11.74 14.50 8.68
CA PRO A 34 -10.31 14.36 8.95
C PRO A 34 -9.51 14.15 7.66
N THR A 35 -8.33 14.77 7.56
CA THR A 35 -7.47 14.75 6.37
C THR A 35 -6.02 14.37 6.71
N GLN A 36 -5.82 13.10 7.05
CA GLN A 36 -4.54 12.52 7.52
C GLN A 36 -4.02 11.36 6.65
N LYS A 37 -4.55 11.25 5.44
CA LYS A 37 -4.29 10.17 4.47
C LYS A 37 -3.08 10.47 3.56
N THR A 38 -2.02 11.02 4.16
CA THR A 38 -0.86 11.59 3.45
C THR A 38 0.51 11.24 4.08
N GLY A 39 0.52 10.34 5.08
CA GLY A 39 1.69 10.04 5.91
C GLY A 39 2.82 9.29 5.19
N GLU A 40 2.50 8.12 4.61
CA GLU A 40 3.50 7.27 3.93
C GLU A 40 3.60 7.54 2.42
N LEU A 41 2.47 7.90 1.77
CA LEU A 41 2.32 8.22 0.36
C LEU A 41 1.29 9.34 0.21
N SER A 42 1.55 10.24 -0.72
CA SER A 42 0.69 11.37 -1.13
C SER A 42 0.24 11.23 -2.58
N GLU A 43 1.14 11.45 -3.51
CA GLU A 43 0.81 11.53 -4.93
C GLU A 43 2.05 11.31 -5.80
N GLU A 44 3.13 11.98 -5.45
CA GLU A 44 4.44 11.79 -6.10
C GLU A 44 4.96 10.37 -5.89
N GLN A 45 4.62 9.75 -4.76
CA GLN A 45 5.04 8.39 -4.39
C GLN A 45 4.40 7.33 -5.29
N LYS A 46 3.15 7.54 -5.71
CA LYS A 46 2.48 6.72 -6.74
C LYS A 46 3.06 6.96 -8.13
N LYS A 47 3.46 8.20 -8.44
CA LYS A 47 4.21 8.51 -9.66
C LYS A 47 5.60 7.83 -9.75
N ILE A 48 6.04 7.16 -8.68
CA ILE A 48 7.21 6.29 -8.64
C ILE A 48 6.80 4.81 -8.66
N VAL A 49 5.94 4.37 -7.72
CA VAL A 49 5.60 2.95 -7.56
C VAL A 49 4.49 2.50 -8.51
N ALA A 50 3.33 3.15 -8.51
CA ALA A 50 2.21 2.80 -9.39
C ALA A 50 2.55 3.02 -10.87
N ASP A 51 3.42 4.00 -11.17
CA ASP A 51 4.02 4.15 -12.49
C ASP A 51 4.83 2.91 -12.92
N TYR A 52 5.54 2.26 -11.99
CA TYR A 52 6.25 0.99 -12.23
C TYR A 52 5.27 -0.17 -12.45
N ILE A 53 4.14 -0.18 -11.73
CA ILE A 53 3.08 -1.19 -11.90
C ILE A 53 2.46 -1.16 -13.32
N SER A 54 2.52 0.00 -13.98
CA SER A 54 2.14 0.17 -15.39
C SER A 54 3.22 -0.25 -16.41
N GLU A 55 4.46 -0.54 -15.99
CA GLU A 55 5.56 -0.91 -16.90
C GLU A 55 5.77 -2.42 -16.99
N VAL A 56 6.03 -3.07 -15.85
CA VAL A 56 6.58 -4.44 -15.80
C VAL A 56 5.66 -5.47 -15.12
N GLY A 57 4.68 -5.03 -14.33
CA GLY A 57 3.64 -5.86 -13.73
C GLY A 57 3.47 -5.52 -12.25
N LEU A 58 4.20 -6.26 -11.40
CA LEU A 58 4.34 -6.06 -9.95
C LEU A 58 5.49 -6.87 -9.33
N ASN A 59 5.79 -8.02 -9.92
CA ASN A 59 6.80 -8.98 -9.46
C ASN A 59 8.15 -8.88 -10.19
N ASN A 60 8.21 -8.19 -11.34
CA ASN A 60 9.40 -8.09 -12.19
C ASN A 60 10.26 -6.84 -11.90
N LEU A 61 9.71 -5.87 -11.16
CA LEU A 61 10.39 -4.64 -10.74
C LEU A 61 11.47 -4.85 -9.67
N ASN A 62 12.31 -3.83 -9.45
CA ASN A 62 13.38 -3.82 -8.46
C ASN A 62 13.05 -2.89 -7.29
N ALA A 63 12.88 -3.45 -6.09
CA ALA A 63 12.57 -2.73 -4.85
C ALA A 63 13.61 -1.63 -4.49
N THR A 64 14.86 -1.79 -4.92
CA THR A 64 15.93 -0.78 -4.73
C THR A 64 15.65 0.50 -5.52
N GLU A 65 15.14 0.39 -6.75
CA GLU A 65 14.77 1.56 -7.57
C GLU A 65 13.58 2.33 -6.96
N LEU A 66 12.60 1.62 -6.38
CA LEU A 66 11.50 2.24 -5.63
C LEU A 66 12.03 3.01 -4.42
N SER A 67 12.88 2.39 -3.60
CA SER A 67 13.39 2.97 -2.35
C SER A 67 14.36 4.13 -2.56
N LYS A 68 15.10 4.14 -3.68
CA LYS A 68 15.97 5.24 -4.12
C LYS A 68 15.20 6.51 -4.48
N ARG A 69 14.02 6.37 -5.09
CA ARG A 69 13.18 7.48 -5.57
C ARG A 69 12.13 7.95 -4.55
N LEU A 70 11.51 7.03 -3.82
CA LEU A 70 10.54 7.32 -2.74
C LEU A 70 11.24 7.70 -1.42
N ASN A 71 12.53 7.33 -1.26
CA ASN A 71 13.37 7.61 -0.09
C ASN A 71 12.89 6.86 1.17
N ILE A 72 12.97 5.54 1.11
CA ILE A 72 12.67 4.55 2.16
C ILE A 72 13.81 3.52 2.24
N THR A 73 13.71 2.53 3.12
CA THR A 73 14.55 1.32 3.09
C THR A 73 14.04 0.31 2.06
N VAL A 74 14.91 -0.58 1.56
CA VAL A 74 14.59 -1.59 0.54
C VAL A 74 13.47 -2.52 1.03
N ASP A 75 13.49 -2.89 2.31
CA ASP A 75 12.52 -3.81 2.90
C ASP A 75 11.11 -3.22 3.04
N LYS A 76 10.96 -1.89 3.15
CA LYS A 76 9.66 -1.22 3.04
C LYS A 76 9.10 -1.34 1.63
N ALA A 77 9.92 -1.21 0.61
CA ALA A 77 9.49 -1.36 -0.78
C ALA A 77 9.10 -2.82 -1.06
N LYS A 78 9.97 -3.76 -0.67
CA LYS A 78 9.77 -5.22 -0.85
C LYS A 78 8.44 -5.72 -0.28
N THR A 79 8.00 -5.20 0.88
CA THR A 79 6.69 -5.57 1.43
C THR A 79 5.54 -4.72 0.84
N TYR A 80 5.74 -3.42 0.67
CA TYR A 80 4.71 -2.51 0.13
C TYR A 80 4.27 -2.89 -1.30
N ILE A 81 5.20 -3.36 -2.14
CA ILE A 81 4.93 -3.89 -3.49
C ILE A 81 3.75 -4.87 -3.49
N LYS A 82 3.77 -5.89 -2.60
CA LYS A 82 2.67 -6.87 -2.51
C LYS A 82 1.53 -6.40 -1.61
N ASN A 83 1.83 -5.65 -0.54
CA ASN A 83 0.82 -5.22 0.42
C ASN A 83 -0.19 -4.21 -0.18
N SER A 84 0.25 -3.41 -1.17
CA SER A 84 -0.60 -2.45 -1.90
C SER A 84 -1.37 -3.08 -3.08
N ASN A 85 -0.72 -3.96 -3.85
CA ASN A 85 -1.21 -4.44 -5.15
C ASN A 85 -0.93 -5.93 -5.44
N ARG A 86 -1.22 -6.82 -4.49
CA ARG A 86 -1.02 -8.29 -4.61
C ARG A 86 -1.71 -8.90 -5.84
N MET A 87 -2.93 -8.44 -6.14
CA MET A 87 -3.77 -8.94 -7.24
C MET A 87 -3.48 -8.26 -8.59
N GLY A 88 -2.96 -7.03 -8.56
CA GLY A 88 -2.52 -6.26 -9.74
C GLY A 88 -3.60 -5.35 -10.34
N ARG A 89 -4.88 -5.55 -9.96
CA ARG A 89 -6.03 -4.68 -10.27
C ARG A 89 -6.69 -4.09 -9.00
N THR A 90 -5.93 -4.03 -7.90
CA THR A 90 -6.31 -3.48 -6.59
C THR A 90 -7.66 -4.01 -6.08
N ASN A 91 -7.93 -5.29 -6.32
CA ASN A 91 -9.21 -5.99 -6.02
C ASN A 91 -10.49 -5.39 -6.67
N ASN A 92 -10.38 -4.36 -7.53
CA ASN A 92 -11.54 -3.59 -8.04
C ASN A 92 -12.29 -4.28 -9.21
N PHE A 93 -11.80 -5.43 -9.67
CA PHE A 93 -12.31 -6.21 -10.81
C PHE A 93 -13.69 -6.89 -10.57
N LYS A 94 -14.40 -6.53 -9.50
CA LYS A 94 -15.65 -7.16 -9.04
C LYS A 94 -16.91 -6.61 -9.71
N THR A 95 -16.78 -5.46 -10.36
CA THR A 95 -17.86 -4.66 -10.93
C THR A 95 -17.65 -4.42 -12.43
N ILE A 96 -16.40 -4.11 -12.81
CA ILE A 96 -15.94 -4.12 -14.22
C ILE A 96 -15.81 -5.59 -14.69
N LYS A 97 -15.67 -5.81 -16.00
CA LYS A 97 -15.47 -7.11 -16.67
C LYS A 97 -16.66 -8.10 -16.62
N MET A 98 -17.71 -7.80 -15.85
CA MET A 98 -18.94 -8.64 -15.75
C MET A 98 -20.24 -7.91 -16.16
N PHE A 99 -20.17 -6.58 -16.33
CA PHE A 99 -21.33 -5.69 -16.33
C PHE A 99 -21.62 -4.99 -17.68
N GLU A 100 -20.66 -5.01 -18.61
CA GLU A 100 -20.78 -4.41 -19.96
C GLU A 100 -21.34 -5.37 -21.03
N ASP A 101 -21.80 -6.55 -20.62
CA ASP A 101 -22.23 -7.65 -21.48
C ASP A 101 -23.74 -7.68 -21.73
N ASP A 102 -24.17 -8.28 -22.85
CA ASP A 102 -25.58 -8.55 -23.16
C ASP A 102 -26.12 -9.75 -22.36
N VAL A 103 -27.41 -9.71 -21.98
CA VAL A 103 -28.09 -10.76 -21.19
C VAL A 103 -29.43 -11.16 -21.80
N SER A 104 -30.27 -10.17 -22.16
CA SER A 104 -31.63 -10.37 -22.71
C SER A 104 -31.78 -9.86 -24.15
N SER A 105 -30.70 -9.38 -24.75
CA SER A 105 -30.68 -8.66 -26.04
C SER A 105 -30.41 -9.55 -27.26
N ALA A 106 -30.10 -10.83 -27.05
CA ALA A 106 -29.76 -11.81 -28.10
C ALA A 106 -31.00 -12.43 -28.77
N SER A 107 -30.93 -12.60 -30.10
CA SER A 107 -32.01 -13.16 -30.94
C SER A 107 -31.42 -13.95 -32.12
N ALA A 108 -32.11 -15.01 -32.55
CA ALA A 108 -31.74 -15.90 -33.66
C ALA A 108 -30.32 -16.52 -33.59
N GLN A 109 -29.71 -16.55 -32.40
CA GLN A 109 -28.38 -17.13 -32.16
C GLN A 109 -28.41 -18.67 -32.20
N PRO A 110 -27.30 -19.34 -32.59
CA PRO A 110 -27.21 -20.80 -32.68
C PRO A 110 -26.96 -21.44 -31.29
N ASN A 111 -27.93 -21.29 -30.38
CA ASN A 111 -27.83 -21.66 -28.95
C ASN A 111 -26.58 -21.03 -28.27
N LEU A 112 -26.32 -19.75 -28.56
CA LEU A 112 -25.11 -19.01 -28.17
C LEU A 112 -25.48 -17.74 -27.37
N PRO A 113 -25.61 -17.82 -26.03
CA PRO A 113 -25.96 -16.69 -25.17
C PRO A 113 -24.83 -15.65 -25.05
N GLY A 1 35.35 -31.98 9.58
CA GLY A 1 33.88 -31.80 9.50
C GLY A 1 33.16 -32.96 10.20
N SER A 2 32.38 -32.66 11.24
CA SER A 2 31.67 -33.64 12.08
C SER A 2 30.25 -33.17 12.40
N HIS A 3 29.25 -34.05 12.23
CA HIS A 3 27.82 -33.75 12.46
C HIS A 3 27.05 -35.04 12.82
N MET A 4 26.47 -35.11 14.03
CA MET A 4 25.77 -36.29 14.58
C MET A 4 24.45 -35.89 15.27
N ALA A 5 23.46 -35.43 14.49
CA ALA A 5 22.14 -34.99 14.98
C ALA A 5 20.94 -35.85 14.51
N SER A 6 21.16 -36.71 13.52
CA SER A 6 20.16 -37.53 12.82
C SER A 6 19.30 -38.43 13.74
N MET A 7 19.87 -38.86 14.86
CA MET A 7 19.26 -39.84 15.79
C MET A 7 18.34 -39.23 16.83
N ASP A 8 18.38 -37.90 16.97
CA ASP A 8 17.57 -37.08 17.88
C ASP A 8 16.58 -36.19 17.12
N GLN A 9 16.92 -35.83 15.87
CA GLN A 9 16.08 -35.07 14.94
C GLN A 9 14.88 -35.87 14.41
N LEU A 10 15.01 -37.19 14.29
CA LEU A 10 14.02 -38.08 13.66
C LEU A 10 13.21 -38.88 14.70
N ASP A 11 12.13 -39.54 14.24
CA ASP A 11 11.18 -40.34 15.03
C ASP A 11 10.44 -39.57 16.16
N GLU A 12 10.41 -38.23 16.07
CA GLU A 12 9.79 -37.32 17.06
C GLU A 12 8.31 -36.95 16.75
N ILE A 13 7.62 -37.80 15.99
CA ILE A 13 6.32 -37.48 15.36
C ILE A 13 5.21 -37.14 16.38
N ILE A 14 5.24 -37.74 17.58
CA ILE A 14 4.24 -37.57 18.65
C ILE A 14 4.95 -37.16 19.95
N GLU A 15 5.55 -35.97 19.96
CA GLU A 15 6.33 -35.44 21.10
C GLU A 15 5.91 -34.03 21.58
N GLN A 16 5.34 -33.19 20.71
CA GLN A 16 4.97 -31.80 21.03
C GLN A 16 3.79 -31.27 20.20
N ILE A 17 3.95 -31.24 18.87
CA ILE A 17 3.06 -30.73 17.81
C ILE A 17 2.79 -29.22 17.90
N GLN A 18 3.06 -28.47 16.82
CA GLN A 18 2.91 -27.00 16.75
C GLN A 18 2.16 -26.56 15.47
N LYS A 19 1.18 -27.36 15.05
CA LYS A 19 0.11 -26.93 14.12
C LYS A 19 -0.76 -25.82 14.75
N GLU A 20 -0.75 -25.71 16.09
CA GLU A 20 -1.39 -24.66 16.87
C GLU A 20 -0.63 -24.33 18.15
N ALA A 21 -0.59 -23.04 18.48
CA ALA A 21 0.00 -22.48 19.70
C ALA A 21 -0.52 -21.05 19.98
N ILE A 22 0.17 -20.05 19.40
CA ILE A 22 0.04 -18.60 19.69
C ILE A 22 -0.10 -17.78 18.38
N ASN A 23 -0.30 -18.49 17.26
CA ASN A 23 -0.30 -17.91 15.92
C ASN A 23 -1.70 -17.46 15.43
N SER A 24 -2.75 -17.66 16.25
CA SER A 24 -4.14 -17.33 15.93
C SER A 24 -4.75 -16.28 16.87
N ASN A 25 -4.62 -16.48 18.19
CA ASN A 25 -5.09 -15.55 19.23
C ASN A 25 -4.43 -14.15 19.20
N VAL A 26 -3.19 -14.08 18.69
CA VAL A 26 -2.43 -12.83 18.47
C VAL A 26 -2.76 -12.18 17.11
N VAL A 27 -3.18 -12.99 16.12
CA VAL A 27 -3.41 -12.57 14.72
C VAL A 27 -4.92 -12.64 14.40
N LEU A 28 -5.69 -11.84 15.15
CA LEU A 28 -7.15 -11.72 15.08
C LEU A 28 -7.60 -10.25 15.13
N LYS A 29 -8.92 -10.00 15.04
CA LYS A 29 -9.55 -8.67 15.02
C LYS A 29 -9.06 -7.78 13.85
N ASN A 30 -9.03 -8.36 12.65
CA ASN A 30 -8.62 -7.72 11.38
C ASN A 30 -7.27 -6.96 11.48
N PRO A 31 -6.15 -7.68 11.72
CA PRO A 31 -4.84 -7.08 12.05
C PRO A 31 -4.13 -6.53 10.80
N ARG A 32 -4.57 -5.35 10.33
CA ARG A 32 -4.06 -4.68 9.11
C ARG A 32 -3.67 -3.22 9.32
N VAL A 33 -4.58 -2.41 9.88
CA VAL A 33 -4.45 -0.95 10.16
C VAL A 33 -3.62 -0.20 9.11
N PRO A 34 -4.18 0.08 7.92
CA PRO A 34 -3.46 0.81 6.87
C PRO A 34 -3.09 2.25 7.25
N THR A 35 -2.14 2.79 6.49
CA THR A 35 -1.34 3.97 6.84
C THR A 35 -1.55 5.14 5.89
N GLN A 36 -2.82 5.53 5.76
CA GLN A 36 -3.27 6.65 4.90
C GLN A 36 -2.99 8.06 5.47
N LYS A 37 -1.94 8.20 6.30
CA LYS A 37 -1.54 9.42 7.02
C LYS A 37 -0.61 10.33 6.20
N THR A 38 -0.70 10.23 4.86
CA THR A 38 -0.05 11.02 3.81
C THR A 38 1.48 10.97 3.75
N GLY A 39 2.07 10.26 4.71
CA GLY A 39 3.51 10.33 5.00
C GLY A 39 4.36 9.42 4.11
N GLU A 40 3.85 8.24 3.76
CA GLU A 40 4.54 7.28 2.87
C GLU A 40 4.22 7.55 1.39
N LEU A 41 2.94 7.77 1.07
CA LEU A 41 2.40 8.17 -0.22
C LEU A 41 1.64 9.49 -0.06
N SER A 42 2.12 10.53 -0.74
CA SER A 42 1.44 11.81 -0.94
C SER A 42 0.88 11.92 -2.34
N GLU A 43 1.77 12.07 -3.32
CA GLU A 43 1.41 12.29 -4.72
C GLU A 43 2.61 12.04 -5.63
N GLU A 44 3.78 12.52 -5.23
CA GLU A 44 5.07 12.31 -5.90
C GLU A 44 5.68 10.93 -5.61
N GLN A 45 4.91 10.01 -4.98
CA GLN A 45 5.32 8.62 -4.71
C GLN A 45 4.52 7.60 -5.53
N LYS A 46 3.20 7.72 -5.59
CA LYS A 46 2.34 6.86 -6.42
C LYS A 46 2.56 7.08 -7.93
N LYS A 47 3.01 8.28 -8.32
CA LYS A 47 3.51 8.61 -9.67
C LYS A 47 4.80 7.87 -10.05
N ILE A 48 5.46 7.20 -9.09
CA ILE A 48 6.51 6.20 -9.32
C ILE A 48 5.93 4.79 -9.24
N VAL A 49 5.30 4.39 -8.13
CA VAL A 49 4.94 2.97 -7.92
C VAL A 49 3.82 2.48 -8.83
N ALA A 50 2.70 3.21 -8.92
CA ALA A 50 1.59 2.82 -9.79
C ALA A 50 1.98 2.91 -11.28
N ASP A 51 2.75 3.94 -11.64
CA ASP A 51 3.35 4.07 -12.97
C ASP A 51 4.30 2.91 -13.34
N TYR A 52 5.10 2.41 -12.38
CA TYR A 52 6.04 1.29 -12.59
C TYR A 52 5.32 -0.06 -12.69
N ILE A 53 4.23 -0.25 -11.95
CA ILE A 53 3.33 -1.41 -12.10
C ILE A 53 2.74 -1.47 -13.53
N SER A 54 2.44 -0.32 -14.13
CA SER A 54 2.02 -0.22 -15.54
C SER A 54 3.15 -0.43 -16.55
N GLU A 55 4.43 -0.41 -16.14
CA GLU A 55 5.57 -0.45 -17.05
C GLU A 55 6.20 -1.85 -17.15
N VAL A 56 6.32 -2.59 -16.04
CA VAL A 56 6.98 -3.91 -16.00
C VAL A 56 6.21 -4.98 -15.22
N GLY A 57 5.32 -4.59 -14.30
CA GLY A 57 4.64 -5.51 -13.39
C GLY A 57 5.38 -5.64 -12.06
N LEU A 58 4.59 -5.61 -10.98
CA LEU A 58 4.97 -5.79 -9.57
C LEU A 58 5.86 -7.00 -9.29
N ASN A 59 5.77 -8.00 -10.16
CA ASN A 59 6.50 -9.27 -10.07
C ASN A 59 7.88 -9.23 -10.76
N ASN A 60 8.13 -8.22 -11.61
CA ASN A 60 9.32 -8.13 -12.46
C ASN A 60 10.25 -6.95 -12.10
N LEU A 61 9.72 -5.94 -11.40
CA LEU A 61 10.50 -4.83 -10.82
C LEU A 61 11.37 -5.28 -9.63
N ASN A 62 12.25 -4.39 -9.17
CA ASN A 62 13.01 -4.56 -7.93
C ASN A 62 12.60 -3.51 -6.89
N ALA A 63 13.06 -3.72 -5.65
CA ALA A 63 12.82 -2.83 -4.52
C ALA A 63 13.78 -1.63 -4.49
N THR A 64 14.95 -1.76 -5.13
CA THR A 64 16.01 -0.74 -5.20
C THR A 64 15.55 0.53 -5.91
N GLU A 65 14.84 0.40 -7.03
CA GLU A 65 14.29 1.55 -7.76
C GLU A 65 13.19 2.29 -6.96
N LEU A 66 12.39 1.58 -6.17
CA LEU A 66 11.44 2.19 -5.24
C LEU A 66 12.16 2.94 -4.11
N SER A 67 13.10 2.31 -3.41
CA SER A 67 13.85 2.91 -2.30
C SER A 67 14.69 4.14 -2.72
N LYS A 68 14.96 4.31 -4.02
CA LYS A 68 15.70 5.45 -4.58
C LYS A 68 14.82 6.67 -4.83
N ARG A 69 13.55 6.45 -5.18
CA ARG A 69 12.58 7.51 -5.55
C ARG A 69 11.58 7.84 -4.44
N LEU A 70 11.15 6.85 -3.65
CA LEU A 70 10.29 7.03 -2.47
C LEU A 70 11.08 7.37 -1.19
N ASN A 71 12.40 7.14 -1.18
CA ASN A 71 13.27 7.40 -0.02
C ASN A 71 12.82 6.59 1.22
N ILE A 72 12.57 5.31 0.99
CA ILE A 72 12.22 4.26 1.97
C ILE A 72 13.37 3.26 2.11
N THR A 73 13.43 2.50 3.20
CA THR A 73 14.33 1.34 3.28
C THR A 73 13.89 0.23 2.32
N VAL A 74 14.83 -0.59 1.86
CA VAL A 74 14.59 -1.65 0.87
C VAL A 74 13.54 -2.65 1.37
N ASP A 75 13.54 -2.95 2.67
CA ASP A 75 12.58 -3.88 3.27
C ASP A 75 11.13 -3.36 3.31
N LYS A 76 10.94 -2.04 3.46
CA LYS A 76 9.62 -1.42 3.30
C LYS A 76 9.16 -1.50 1.85
N ALA A 77 10.06 -1.31 0.88
CA ALA A 77 9.72 -1.40 -0.54
C ALA A 77 9.30 -2.84 -0.90
N LYS A 78 10.11 -3.83 -0.49
CA LYS A 78 9.89 -5.27 -0.72
C LYS A 78 8.52 -5.74 -0.23
N THR A 79 8.08 -5.29 0.96
CA THR A 79 6.79 -5.72 1.53
C THR A 79 5.61 -4.86 1.07
N TYR A 80 5.82 -3.55 0.85
CA TYR A 80 4.79 -2.64 0.36
C TYR A 80 4.31 -2.99 -1.06
N ILE A 81 5.22 -3.45 -1.93
CA ILE A 81 4.90 -3.94 -3.29
C ILE A 81 3.73 -4.94 -3.25
N LYS A 82 3.80 -5.95 -2.38
CA LYS A 82 2.74 -6.98 -2.27
C LYS A 82 1.58 -6.58 -1.36
N ASN A 83 1.79 -5.76 -0.33
CA ASN A 83 0.71 -5.35 0.58
C ASN A 83 -0.22 -4.28 -0.04
N SER A 84 0.26 -3.49 -1.00
CA SER A 84 -0.53 -2.48 -1.73
C SER A 84 -1.21 -3.04 -2.99
N ASN A 85 -0.57 -4.00 -3.67
CA ASN A 85 -1.06 -4.56 -4.94
C ASN A 85 -0.61 -6.02 -5.17
N ARG A 86 -1.03 -6.96 -4.31
CA ARG A 86 -0.67 -8.39 -4.40
C ARG A 86 -1.04 -9.04 -5.76
N MET A 87 -2.20 -8.66 -6.30
CA MET A 87 -2.69 -9.07 -7.63
C MET A 87 -3.31 -7.90 -8.41
N GLY A 88 -4.01 -6.98 -7.73
CA GLY A 88 -4.57 -5.75 -8.32
C GLY A 88 -5.26 -4.87 -7.27
N ARG A 89 -4.54 -3.87 -6.74
CA ARG A 89 -4.99 -2.91 -5.70
C ARG A 89 -5.70 -3.58 -4.50
N THR A 90 -5.27 -4.78 -4.13
CA THR A 90 -5.86 -5.66 -3.09
C THR A 90 -7.40 -5.79 -3.23
N ASN A 91 -7.90 -5.77 -4.47
CA ASN A 91 -9.31 -5.83 -4.85
C ASN A 91 -10.19 -4.76 -4.17
N ASN A 92 -9.64 -3.58 -3.88
CA ASN A 92 -10.32 -2.50 -3.15
C ASN A 92 -11.09 -1.50 -4.04
N PHE A 93 -10.87 -1.55 -5.35
CA PHE A 93 -11.19 -0.51 -6.33
C PHE A 93 -12.68 -0.36 -6.70
N LYS A 94 -13.56 -1.05 -5.97
CA LYS A 94 -15.03 -1.10 -6.18
C LYS A 94 -15.80 0.09 -5.59
N THR A 95 -15.13 0.90 -4.77
CA THR A 95 -15.73 1.85 -3.83
C THR A 95 -14.96 3.18 -3.83
N ILE A 96 -13.63 3.13 -3.87
CA ILE A 96 -12.77 4.31 -4.06
C ILE A 96 -12.93 4.87 -5.49
N LYS A 97 -12.33 6.04 -5.73
CA LYS A 97 -12.33 6.80 -7.01
C LYS A 97 -13.70 7.37 -7.44
N MET A 98 -14.83 6.85 -6.94
CA MET A 98 -16.18 7.33 -7.31
C MET A 98 -16.99 7.93 -6.14
N PHE A 99 -16.49 7.80 -4.90
CA PHE A 99 -17.24 8.06 -3.66
C PHE A 99 -16.74 9.29 -2.87
N GLU A 100 -15.45 9.63 -2.98
CA GLU A 100 -14.83 10.80 -2.33
C GLU A 100 -15.03 12.08 -3.14
N ASP A 101 -15.00 13.24 -2.47
CA ASP A 101 -15.08 14.57 -3.09
C ASP A 101 -13.68 15.18 -3.35
N ASP A 102 -13.53 15.95 -4.43
CA ASP A 102 -12.27 16.60 -4.84
C ASP A 102 -12.40 18.14 -4.86
N VAL A 103 -11.33 18.83 -4.46
CA VAL A 103 -11.26 20.31 -4.36
C VAL A 103 -10.11 20.87 -5.21
N SER A 104 -8.93 20.26 -5.12
CA SER A 104 -7.70 20.67 -5.83
C SER A 104 -7.11 19.58 -6.73
N SER A 105 -7.90 18.54 -7.05
CA SER A 105 -7.48 17.35 -7.82
C SER A 105 -8.57 16.85 -8.79
N ALA A 106 -9.43 17.76 -9.26
CA ALA A 106 -10.50 17.48 -10.23
C ALA A 106 -10.03 17.68 -11.69
N SER A 107 -10.69 16.99 -12.63
CA SER A 107 -10.45 17.05 -14.08
C SER A 107 -11.78 17.07 -14.85
N ALA A 108 -11.72 17.19 -16.19
CA ALA A 108 -12.91 17.20 -17.05
C ALA A 108 -13.75 15.90 -17.02
N GLN A 109 -13.15 14.83 -16.50
CA GLN A 109 -13.79 13.56 -16.13
C GLN A 109 -13.16 12.95 -14.86
N PRO A 110 -13.88 12.11 -14.10
CA PRO A 110 -13.41 11.51 -12.84
C PRO A 110 -12.52 10.27 -13.08
N ASN A 111 -11.44 10.44 -13.86
CA ASN A 111 -10.51 9.38 -14.26
C ASN A 111 -9.04 9.81 -14.02
N LEU A 112 -8.66 9.87 -12.75
CA LEU A 112 -7.33 10.26 -12.27
C LEU A 112 -6.95 9.42 -11.03
N PRO A 113 -5.71 8.89 -10.92
CA PRO A 113 -5.28 8.07 -9.78
C PRO A 113 -5.17 8.88 -8.47
N GLY A 1 -46.44 -25.03 35.38
CA GLY A 1 -45.30 -25.55 34.58
C GLY A 1 -44.04 -24.70 34.77
N SER A 2 -43.01 -24.97 33.96
CA SER A 2 -41.73 -24.24 33.94
C SER A 2 -41.13 -24.20 32.52
N HIS A 3 -40.26 -23.22 32.26
CA HIS A 3 -39.55 -23.06 30.98
C HIS A 3 -38.16 -22.43 31.19
N MET A 4 -37.12 -23.14 30.76
CA MET A 4 -35.70 -22.75 30.92
C MET A 4 -34.85 -23.02 29.66
N ALA A 5 -35.45 -22.86 28.48
CA ALA A 5 -34.80 -23.13 27.20
C ALA A 5 -33.80 -22.03 26.79
N SER A 6 -34.30 -20.80 26.62
CA SER A 6 -33.55 -19.54 26.41
C SER A 6 -32.44 -19.55 25.34
N MET A 7 -32.60 -20.38 24.31
CA MET A 7 -31.62 -20.59 23.22
C MET A 7 -32.28 -20.99 21.89
N ASP A 8 -33.29 -21.84 21.98
CA ASP A 8 -33.99 -22.45 20.85
C ASP A 8 -35.18 -21.60 20.34
N GLN A 9 -35.47 -20.49 21.04
CA GLN A 9 -36.73 -19.75 20.98
C GLN A 9 -36.56 -18.22 21.12
N LEU A 10 -35.35 -17.68 20.88
CA LEU A 10 -35.07 -16.24 20.88
C LEU A 10 -34.13 -15.84 19.72
N ASP A 11 -34.35 -14.64 19.17
CA ASP A 11 -33.56 -14.00 18.10
C ASP A 11 -33.50 -12.46 18.23
N GLU A 12 -34.45 -11.86 18.96
CA GLU A 12 -34.67 -10.41 19.10
C GLU A 12 -33.74 -9.72 20.13
N ILE A 13 -32.47 -10.13 20.16
CA ILE A 13 -31.44 -9.68 21.10
C ILE A 13 -30.50 -8.69 20.41
N ILE A 14 -30.51 -7.42 20.84
CA ILE A 14 -29.65 -6.34 20.33
C ILE A 14 -28.99 -5.59 21.49
N GLU A 15 -29.79 -5.12 22.46
CA GLU A 15 -29.34 -4.48 23.70
C GLU A 15 -29.99 -5.15 24.92
N GLN A 16 -29.17 -5.74 25.80
CA GLN A 16 -29.58 -6.39 27.05
C GLN A 16 -28.42 -6.40 28.06
N ILE A 17 -28.57 -7.11 29.17
CA ILE A 17 -27.64 -7.25 30.28
C ILE A 17 -27.36 -8.74 30.53
N GLN A 18 -26.08 -9.08 30.52
CA GLN A 18 -25.52 -10.44 30.60
C GLN A 18 -24.09 -10.44 31.20
N LYS A 19 -23.48 -11.63 31.36
CA LYS A 19 -22.11 -11.83 31.87
C LYS A 19 -21.04 -11.47 30.82
N GLU A 20 -20.94 -10.17 30.50
CA GLU A 20 -20.08 -9.58 29.47
C GLU A 20 -18.69 -9.16 29.96
N ALA A 21 -18.22 -9.79 31.04
CA ALA A 21 -16.97 -9.50 31.74
C ALA A 21 -15.72 -9.77 30.88
N ILE A 22 -15.44 -11.05 30.60
CA ILE A 22 -14.21 -11.54 29.95
C ILE A 22 -14.54 -12.53 28.81
N ASN A 23 -15.83 -12.62 28.46
CA ASN A 23 -16.35 -13.53 27.43
C ASN A 23 -16.38 -12.91 26.02
N SER A 24 -16.04 -11.61 25.91
CA SER A 24 -16.14 -10.81 24.67
C SER A 24 -14.77 -10.38 24.14
N ASN A 25 -13.96 -9.72 24.97
CA ASN A 25 -12.60 -9.26 24.67
C ASN A 25 -11.60 -10.38 24.27
N VAL A 26 -11.88 -11.61 24.70
CA VAL A 26 -11.12 -12.83 24.37
C VAL A 26 -11.57 -13.47 23.04
N VAL A 27 -12.79 -13.15 22.56
CA VAL A 27 -13.46 -13.79 21.41
C VAL A 27 -13.95 -12.71 20.42
N LEU A 28 -13.00 -11.94 19.87
CA LEU A 28 -13.23 -10.85 18.91
C LEU A 28 -12.22 -10.86 17.74
N LYS A 29 -12.56 -10.14 16.66
CA LYS A 29 -11.84 -10.07 15.38
C LYS A 29 -10.94 -8.82 15.27
N ASN A 30 -10.33 -8.44 16.40
CA ASN A 30 -9.43 -7.29 16.55
C ASN A 30 -10.00 -5.95 16.00
N PRO A 31 -11.14 -5.45 16.53
CA PRO A 31 -11.82 -4.25 16.02
C PRO A 31 -11.05 -2.95 16.36
N ARG A 32 -10.10 -2.56 15.49
CA ARG A 32 -9.32 -1.32 15.58
C ARG A 32 -9.24 -0.54 14.27
N VAL A 33 -8.72 -1.18 13.21
CA VAL A 33 -8.50 -0.63 11.84
C VAL A 33 -7.96 0.83 11.84
N PRO A 34 -6.65 1.03 12.08
CA PRO A 34 -6.06 2.38 12.13
C PRO A 34 -6.03 3.10 10.78
N THR A 35 -5.77 4.40 10.84
CA THR A 35 -6.13 5.39 9.81
C THR A 35 -4.92 6.08 9.20
N GLN A 36 -4.03 5.28 8.60
CA GLN A 36 -2.71 5.71 8.11
C GLN A 36 -2.65 6.00 6.60
N LYS A 37 -3.81 6.21 5.98
CA LYS A 37 -4.04 6.32 4.52
C LYS A 37 -3.59 7.65 3.89
N THR A 38 -2.70 8.37 4.58
CA THR A 38 -2.25 9.73 4.26
C THR A 38 -0.77 10.00 4.65
N GLY A 39 -0.09 8.96 5.18
CA GLY A 39 1.28 9.05 5.72
C GLY A 39 2.37 8.71 4.70
N GLU A 40 2.39 7.46 4.22
CA GLU A 40 3.50 6.91 3.43
C GLU A 40 3.45 7.28 1.93
N LEU A 41 2.25 7.52 1.39
CA LEU A 41 2.01 7.90 0.00
C LEU A 41 0.93 8.99 -0.07
N SER A 42 1.21 10.01 -0.88
CA SER A 42 0.37 11.19 -1.12
C SER A 42 -0.04 11.32 -2.57
N GLU A 43 0.91 11.60 -3.46
CA GLU A 43 0.64 11.90 -4.87
C GLU A 43 1.88 11.82 -5.75
N GLU A 44 3.02 12.30 -5.23
CA GLU A 44 4.33 12.14 -5.86
C GLU A 44 4.77 10.68 -5.86
N GLN A 45 4.34 9.92 -4.85
CA GLN A 45 4.76 8.54 -4.60
C GLN A 45 4.12 7.56 -5.59
N LYS A 46 2.86 7.79 -5.98
CA LYS A 46 2.17 7.03 -7.03
C LYS A 46 2.77 7.24 -8.41
N LYS A 47 3.22 8.47 -8.69
CA LYS A 47 4.02 8.79 -9.89
C LYS A 47 5.38 8.06 -9.96
N ILE A 48 5.75 7.31 -8.92
CA ILE A 48 6.89 6.38 -8.91
C ILE A 48 6.39 4.92 -8.87
N VAL A 49 5.52 4.55 -7.92
CA VAL A 49 5.04 3.17 -7.75
C VAL A 49 4.16 2.72 -8.91
N ALA A 50 3.02 3.37 -9.11
CA ALA A 50 2.04 2.98 -10.12
C ALA A 50 2.58 3.21 -11.54
N ASP A 51 3.45 4.21 -11.70
CA ASP A 51 4.22 4.39 -12.93
C ASP A 51 5.09 3.16 -13.29
N TYR A 52 5.67 2.47 -12.29
CA TYR A 52 6.40 1.21 -12.45
C TYR A 52 5.44 0.02 -12.70
N ILE A 53 4.26 0.00 -12.07
CA ILE A 53 3.23 -1.02 -12.35
C ILE A 53 2.79 -0.95 -13.82
N SER A 54 2.75 0.25 -14.41
CA SER A 54 2.56 0.48 -15.84
C SER A 54 3.82 0.26 -16.70
N GLU A 55 4.98 -0.07 -16.12
CA GLU A 55 6.26 -0.25 -16.83
C GLU A 55 6.60 -1.73 -17.09
N VAL A 56 6.46 -2.59 -16.07
CA VAL A 56 6.94 -3.99 -16.10
C VAL A 56 5.93 -5.07 -15.65
N GLY A 57 4.81 -4.68 -15.03
CA GLY A 57 3.64 -5.54 -14.81
C GLY A 57 3.13 -5.42 -13.37
N LEU A 58 3.81 -6.11 -12.46
CA LEU A 58 3.58 -6.03 -11.00
C LEU A 58 4.77 -6.54 -10.19
N ASN A 59 5.23 -7.73 -10.58
CA ASN A 59 6.24 -8.55 -9.89
C ASN A 59 7.67 -8.37 -10.41
N ASN A 60 7.84 -7.83 -11.62
CA ASN A 60 9.13 -7.85 -12.34
C ASN A 60 10.07 -6.69 -11.96
N LEU A 61 9.54 -5.66 -11.28
CA LEU A 61 10.29 -4.58 -10.63
C LEU A 61 11.11 -5.08 -9.42
N ASN A 62 11.98 -4.22 -8.87
CA ASN A 62 12.70 -4.50 -7.63
C ASN A 62 12.49 -3.42 -6.56
N ALA A 63 12.87 -3.77 -5.33
CA ALA A 63 12.76 -2.93 -4.14
C ALA A 63 13.82 -1.81 -4.09
N THR A 64 14.99 -2.05 -4.69
CA THR A 64 16.14 -1.13 -4.73
C THR A 64 15.82 0.15 -5.49
N GLU A 65 15.20 0.06 -6.67
CA GLU A 65 14.75 1.22 -7.45
C GLU A 65 13.72 2.05 -6.69
N LEU A 66 12.67 1.42 -6.16
CA LEU A 66 11.66 2.12 -5.34
C LEU A 66 12.30 2.86 -4.15
N SER A 67 13.28 2.24 -3.48
CA SER A 67 14.06 2.83 -2.38
C SER A 67 14.86 4.07 -2.80
N LYS A 68 15.26 4.16 -4.07
CA LYS A 68 16.08 5.26 -4.62
C LYS A 68 15.24 6.46 -5.07
N ARG A 69 14.00 6.22 -5.54
CA ARG A 69 13.09 7.27 -6.03
C ARG A 69 12.08 7.75 -4.96
N LEU A 70 11.64 6.87 -4.06
CA LEU A 70 10.74 7.20 -2.93
C LEU A 70 11.50 7.60 -1.65
N ASN A 71 12.80 7.28 -1.55
CA ASN A 71 13.63 7.52 -0.36
C ASN A 71 13.11 6.75 0.88
N ILE A 72 12.97 5.43 0.69
CA ILE A 72 12.61 4.43 1.71
C ILE A 72 13.73 3.40 1.86
N THR A 73 13.69 2.61 2.95
CA THR A 73 14.54 1.40 3.05
C THR A 73 13.99 0.28 2.17
N VAL A 74 14.90 -0.56 1.65
CA VAL A 74 14.60 -1.74 0.82
C VAL A 74 13.61 -2.67 1.54
N ASP A 75 13.67 -2.70 2.88
CA ASP A 75 12.81 -3.55 3.70
C ASP A 75 11.34 -3.07 3.79
N LYS A 76 11.06 -1.77 3.64
CA LYS A 76 9.69 -1.29 3.44
C LYS A 76 9.26 -1.44 2.00
N ALA A 77 10.18 -1.30 1.03
CA ALA A 77 9.85 -1.42 -0.39
C ALA A 77 9.41 -2.85 -0.75
N LYS A 78 10.17 -3.86 -0.30
CA LYS A 78 9.90 -5.27 -0.64
C LYS A 78 8.60 -5.82 -0.02
N THR A 79 8.16 -5.26 1.11
CA THR A 79 6.89 -5.67 1.76
C THR A 79 5.70 -4.80 1.35
N TYR A 80 5.90 -3.50 1.09
CA TYR A 80 4.88 -2.58 0.59
C TYR A 80 4.26 -3.07 -0.73
N ILE A 81 5.10 -3.53 -1.67
CA ILE A 81 4.69 -4.10 -2.96
C ILE A 81 3.57 -5.14 -2.76
N LYS A 82 3.85 -6.21 -2.00
CA LYS A 82 2.91 -7.33 -1.81
C LYS A 82 1.77 -7.06 -0.83
N ASN A 83 1.88 -6.04 0.04
CA ASN A 83 0.78 -5.65 0.94
C ASN A 83 -0.24 -4.72 0.25
N SER A 84 0.22 -3.83 -0.64
CA SER A 84 -0.62 -2.82 -1.31
C SER A 84 -1.12 -3.25 -2.70
N ASN A 85 -0.49 -4.24 -3.33
CA ASN A 85 -0.93 -4.84 -4.59
C ASN A 85 -0.63 -6.35 -4.67
N ARG A 86 -1.28 -7.16 -3.81
CA ARG A 86 -1.06 -8.62 -3.76
C ARG A 86 -1.56 -9.36 -5.02
N MET A 87 -2.77 -9.04 -5.46
CA MET A 87 -3.47 -9.70 -6.58
C MET A 87 -3.74 -8.74 -7.75
N GLY A 88 -3.96 -7.45 -7.47
CA GLY A 88 -4.10 -6.40 -8.49
C GLY A 88 -4.08 -5.02 -7.84
N ARG A 89 -5.12 -4.76 -7.05
CA ARG A 89 -5.17 -3.69 -6.05
C ARG A 89 -5.45 -4.30 -4.67
N THR A 90 -6.71 -4.30 -4.25
CA THR A 90 -7.13 -4.56 -2.85
C THR A 90 -8.41 -5.42 -2.75
N ASN A 91 -8.63 -6.31 -3.72
CA ASN A 91 -9.78 -7.21 -3.79
C ASN A 91 -11.17 -6.51 -3.88
N ASN A 92 -11.22 -5.22 -4.23
CA ASN A 92 -12.46 -4.45 -4.38
C ASN A 92 -13.23 -4.73 -5.69
N PHE A 93 -12.63 -5.48 -6.62
CA PHE A 93 -13.23 -5.92 -7.89
C PHE A 93 -14.35 -6.99 -7.73
N LYS A 94 -14.84 -7.19 -6.50
CA LYS A 94 -15.90 -8.12 -6.09
C LYS A 94 -17.31 -7.53 -6.24
N THR A 95 -17.37 -6.21 -6.46
CA THR A 95 -18.59 -5.40 -6.57
C THR A 95 -18.57 -4.51 -7.81
N ILE A 96 -17.42 -3.88 -8.10
CA ILE A 96 -17.14 -3.23 -9.39
C ILE A 96 -16.93 -4.33 -10.45
N LYS A 97 -17.13 -4.01 -11.74
CA LYS A 97 -16.83 -4.84 -12.91
C LYS A 97 -17.61 -6.16 -13.06
N MET A 98 -18.45 -6.55 -12.09
CA MET A 98 -19.32 -7.74 -12.19
C MET A 98 -20.64 -7.47 -12.92
N PHE A 99 -21.14 -6.23 -12.87
CA PHE A 99 -22.43 -5.81 -13.44
C PHE A 99 -22.29 -4.91 -14.68
N GLU A 100 -21.08 -4.37 -14.90
CA GLU A 100 -20.74 -3.40 -15.95
C GLU A 100 -20.28 -4.07 -17.26
N ASP A 101 -20.28 -3.31 -18.37
CA ASP A 101 -19.86 -3.78 -19.71
C ASP A 101 -20.67 -5.01 -20.20
N ASP A 102 -20.11 -5.87 -21.05
CA ASP A 102 -20.74 -7.12 -21.48
C ASP A 102 -20.68 -8.20 -20.37
N VAL A 103 -21.84 -8.77 -20.01
CA VAL A 103 -21.97 -9.79 -18.94
C VAL A 103 -22.64 -11.07 -19.45
N SER A 104 -23.70 -10.94 -20.27
CA SER A 104 -24.47 -12.06 -20.83
C SER A 104 -24.66 -11.94 -22.36
N SER A 105 -23.66 -11.37 -23.04
CA SER A 105 -23.63 -11.15 -24.51
C SER A 105 -24.85 -10.37 -25.04
N ALA A 106 -25.24 -9.31 -24.33
CA ALA A 106 -26.40 -8.47 -24.62
C ALA A 106 -26.12 -7.38 -25.69
N SER A 107 -27.17 -6.70 -26.15
CA SER A 107 -27.14 -5.63 -27.16
C SER A 107 -28.20 -4.58 -26.85
N ALA A 108 -27.87 -3.29 -26.98
CA ALA A 108 -28.73 -2.15 -26.57
C ALA A 108 -29.26 -2.26 -25.12
N GLN A 109 -28.40 -2.77 -24.22
CA GLN A 109 -28.67 -2.93 -22.79
C GLN A 109 -27.64 -2.16 -21.91
N PRO A 110 -27.83 -0.85 -21.70
CA PRO A 110 -26.95 -0.01 -20.87
C PRO A 110 -27.17 -0.31 -19.37
N ASN A 111 -26.33 -1.17 -18.80
CA ASN A 111 -26.43 -1.68 -17.42
C ASN A 111 -25.41 -0.99 -16.49
N LEU A 112 -25.52 0.34 -16.36
CA LEU A 112 -24.63 1.18 -15.55
C LEU A 112 -25.43 2.19 -14.70
N PRO A 113 -26.13 1.74 -13.63
CA PRO A 113 -26.88 2.61 -12.71
C PRO A 113 -25.97 3.53 -11.86
N GLY A 1 -18.32 26.64 -27.89
CA GLY A 1 -18.23 27.49 -26.68
C GLY A 1 -17.13 28.54 -26.83
N SER A 2 -16.46 28.88 -25.73
CA SER A 2 -15.39 29.89 -25.65
C SER A 2 -14.15 29.35 -24.92
N HIS A 3 -12.95 29.71 -25.38
CA HIS A 3 -11.67 29.30 -24.77
C HIS A 3 -10.62 30.41 -24.95
N MET A 4 -10.16 31.00 -23.83
CA MET A 4 -9.19 32.11 -23.79
C MET A 4 -8.14 31.88 -22.69
N ALA A 5 -7.30 30.86 -22.87
CA ALA A 5 -6.24 30.46 -21.93
C ALA A 5 -4.89 30.17 -22.62
N SER A 6 -4.92 29.35 -23.70
CA SER A 6 -3.79 28.89 -24.53
C SER A 6 -2.75 28.02 -23.81
N MET A 7 -2.22 28.48 -22.68
CA MET A 7 -1.06 27.89 -22.00
C MET A 7 -1.41 26.76 -21.02
N ASP A 8 -2.67 26.72 -20.60
CA ASP A 8 -3.22 25.79 -19.60
C ASP A 8 -3.81 24.51 -20.20
N GLN A 9 -3.75 24.35 -21.52
CA GLN A 9 -4.41 23.30 -22.30
C GLN A 9 -3.47 22.51 -23.24
N LEU A 10 -2.19 22.43 -22.86
CA LEU A 10 -1.11 21.82 -23.67
C LEU A 10 -0.71 20.42 -23.17
N ASP A 11 -0.18 20.32 -21.95
CA ASP A 11 0.37 19.07 -21.36
C ASP A 11 -0.05 18.84 -19.89
N GLU A 12 -0.80 19.77 -19.27
CA GLU A 12 -1.21 19.71 -17.86
C GLU A 12 -2.62 19.17 -17.69
N ILE A 13 -2.74 17.84 -17.78
CA ILE A 13 -4.02 17.13 -17.62
C ILE A 13 -3.87 16.00 -16.58
N ILE A 14 -3.87 16.38 -15.30
CA ILE A 14 -3.67 15.51 -14.13
C ILE A 14 -4.72 15.86 -13.05
N GLU A 15 -5.28 14.85 -12.37
CA GLU A 15 -6.42 14.96 -11.42
C GLU A 15 -7.70 15.57 -12.03
N GLN A 16 -8.75 15.73 -11.21
CA GLN A 16 -10.10 16.19 -11.61
C GLN A 16 -10.50 17.49 -10.88
N ILE A 17 -11.25 18.34 -11.59
CA ILE A 17 -11.48 19.77 -11.25
C ILE A 17 -12.96 20.08 -10.92
N GLN A 18 -13.59 19.18 -10.16
CA GLN A 18 -14.97 19.29 -9.69
C GLN A 18 -15.11 20.25 -8.49
N LYS A 19 -16.36 20.57 -8.10
CA LYS A 19 -16.72 21.47 -6.99
C LYS A 19 -16.51 20.81 -5.59
N GLU A 20 -15.29 20.33 -5.33
CA GLU A 20 -14.86 19.77 -4.05
C GLU A 20 -13.52 20.36 -3.60
N ALA A 21 -13.47 20.74 -2.32
CA ALA A 21 -12.25 21.17 -1.63
C ALA A 21 -12.24 20.76 -0.15
N ILE A 22 -12.95 21.51 0.70
CA ILE A 22 -12.95 21.39 2.18
C ILE A 22 -14.37 21.19 2.74
N ASN A 23 -15.34 21.03 1.85
CA ASN A 23 -16.77 20.87 2.20
C ASN A 23 -17.20 19.41 2.42
N SER A 24 -16.29 18.45 2.20
CA SER A 24 -16.54 17.01 2.25
C SER A 24 -15.82 16.34 3.42
N ASN A 25 -14.49 16.44 3.47
CA ASN A 25 -13.61 15.90 4.52
C ASN A 25 -13.91 16.38 5.95
N VAL A 26 -14.52 17.57 6.08
CA VAL A 26 -14.97 18.17 7.35
C VAL A 26 -16.39 17.72 7.74
N VAL A 27 -17.20 17.26 6.77
CA VAL A 27 -18.64 16.97 6.90
C VAL A 27 -18.95 15.53 6.44
N LEU A 28 -18.33 14.56 7.13
CA LEU A 28 -18.48 13.12 6.90
C LEU A 28 -19.33 12.43 7.99
N LYS A 29 -19.95 11.29 7.63
CA LYS A 29 -20.92 10.54 8.46
C LYS A 29 -20.45 9.09 8.76
N ASN A 30 -19.13 8.92 8.92
CA ASN A 30 -18.44 7.64 9.20
C ASN A 30 -18.85 6.49 8.23
N PRO A 31 -18.47 6.56 6.94
CA PRO A 31 -18.89 5.61 5.92
C PRO A 31 -18.14 4.26 6.01
N ARG A 32 -18.62 3.37 6.89
CA ARG A 32 -18.12 2.00 7.12
C ARG A 32 -16.58 1.93 7.24
N VAL A 33 -16.06 2.75 8.17
CA VAL A 33 -14.63 2.95 8.53
C VAL A 33 -13.75 3.25 7.30
N PRO A 34 -13.58 4.53 6.90
CA PRO A 34 -12.81 4.91 5.73
C PRO A 34 -11.30 4.65 5.84
N THR A 35 -10.63 4.66 4.69
CA THR A 35 -9.31 4.08 4.44
C THR A 35 -8.25 5.13 4.09
N GLN A 36 -7.95 6.01 5.06
CA GLN A 36 -7.04 7.15 4.89
C GLN A 36 -5.55 6.77 5.09
N LYS A 37 -5.14 5.69 4.42
CA LYS A 37 -3.75 5.16 4.35
C LYS A 37 -2.87 6.01 3.41
N THR A 38 -2.83 7.32 3.66
CA THR A 38 -2.21 8.36 2.81
C THR A 38 -0.97 9.02 3.44
N GLY A 39 -0.55 8.55 4.62
CA GLY A 39 0.44 9.20 5.49
C GLY A 39 1.87 9.30 4.93
N GLU A 40 2.25 8.41 4.00
CA GLU A 40 3.55 8.44 3.30
C GLU A 40 3.42 8.46 1.76
N LEU A 41 2.20 8.58 1.21
CA LEU A 41 1.93 8.47 -0.24
C LEU A 41 0.95 9.55 -0.76
N SER A 42 1.55 10.58 -1.36
CA SER A 42 0.93 11.84 -1.81
C SER A 42 1.59 12.38 -3.07
N GLU A 43 1.07 11.97 -4.23
CA GLU A 43 1.27 12.61 -5.56
C GLU A 43 2.68 12.59 -6.15
N GLU A 44 3.62 11.91 -5.48
CA GLU A 44 4.97 11.65 -5.98
C GLU A 44 5.32 10.15 -5.90
N GLN A 45 4.88 9.48 -4.83
CA GLN A 45 5.22 8.09 -4.51
C GLN A 45 4.47 7.10 -5.41
N LYS A 46 3.24 7.43 -5.82
CA LYS A 46 2.48 6.67 -6.83
C LYS A 46 3.10 6.78 -8.21
N LYS A 47 3.65 7.94 -8.55
CA LYS A 47 4.47 8.13 -9.77
C LYS A 47 5.78 7.31 -9.80
N ILE A 48 6.11 6.59 -8.72
CA ILE A 48 7.25 5.67 -8.60
C ILE A 48 6.80 4.19 -8.54
N VAL A 49 5.52 3.90 -8.27
CA VAL A 49 5.02 2.54 -8.02
C VAL A 49 3.81 2.18 -8.87
N ALA A 50 2.72 2.96 -8.82
CA ALA A 50 1.57 2.77 -9.72
C ALA A 50 1.98 2.95 -11.18
N ASP A 51 2.82 3.95 -11.46
CA ASP A 51 3.43 4.16 -12.79
C ASP A 51 4.40 3.03 -13.19
N TYR A 52 5.03 2.37 -12.22
CA TYR A 52 5.92 1.21 -12.44
C TYR A 52 5.12 -0.07 -12.76
N ILE A 53 3.98 -0.26 -12.09
CA ILE A 53 3.00 -1.30 -12.41
C ILE A 53 2.47 -1.13 -13.84
N SER A 54 2.33 0.11 -14.32
CA SER A 54 2.05 0.43 -15.73
C SER A 54 3.22 0.19 -16.70
N GLU A 55 4.46 -0.05 -16.23
CA GLU A 55 5.65 -0.15 -17.08
C GLU A 55 6.16 -1.59 -17.24
N VAL A 56 6.19 -2.39 -16.15
CA VAL A 56 6.80 -3.74 -16.14
C VAL A 56 5.86 -4.85 -15.62
N GLY A 57 4.76 -4.50 -14.96
CA GLY A 57 3.63 -5.39 -14.67
C GLY A 57 3.20 -5.31 -13.20
N LEU A 58 3.94 -5.99 -12.33
CA LEU A 58 3.73 -6.00 -10.87
C LEU A 58 4.95 -6.55 -10.11
N ASN A 59 5.47 -7.66 -10.62
CA ASN A 59 6.54 -8.48 -10.02
C ASN A 59 7.94 -8.23 -10.62
N ASN A 60 8.03 -7.60 -11.80
CA ASN A 60 9.27 -7.51 -12.57
C ASN A 60 10.14 -6.29 -12.19
N LEU A 61 9.56 -5.34 -11.45
CA LEU A 61 10.26 -4.26 -10.74
C LEU A 61 11.09 -4.79 -9.55
N ASN A 62 11.99 -3.97 -9.03
CA ASN A 62 12.76 -4.27 -7.82
C ASN A 62 12.50 -3.23 -6.70
N ALA A 63 12.98 -3.55 -5.51
CA ALA A 63 12.85 -2.73 -4.31
C ALA A 63 13.85 -1.56 -4.27
N THR A 64 14.98 -1.69 -4.99
CA THR A 64 16.07 -0.70 -5.05
C THR A 64 15.64 0.58 -5.77
N GLU A 65 14.97 0.47 -6.91
CA GLU A 65 14.46 1.63 -7.66
C GLU A 65 13.34 2.38 -6.93
N LEU A 66 12.56 1.65 -6.11
CA LEU A 66 11.63 2.23 -5.15
C LEU A 66 12.35 2.97 -4.01
N SER A 67 13.27 2.32 -3.30
CA SER A 67 13.98 2.89 -2.16
C SER A 67 14.79 4.14 -2.52
N LYS A 68 15.28 4.22 -3.76
CA LYS A 68 16.05 5.36 -4.32
C LYS A 68 15.20 6.62 -4.52
N ARG A 69 13.99 6.49 -5.09
CA ARG A 69 13.12 7.63 -5.44
C ARG A 69 12.07 7.97 -4.38
N LEU A 70 11.52 6.95 -3.71
CA LEU A 70 10.49 7.06 -2.66
C LEU A 70 11.15 7.34 -1.28
N ASN A 71 12.46 7.11 -1.16
CA ASN A 71 13.27 7.40 0.03
C ASN A 71 12.80 6.64 1.28
N ILE A 72 12.82 5.31 1.14
CA ILE A 72 12.42 4.30 2.13
C ILE A 72 13.54 3.26 2.29
N THR A 73 13.54 2.48 3.37
CA THR A 73 14.41 1.30 3.46
C THR A 73 13.96 0.21 2.47
N VAL A 74 14.89 -0.62 2.00
CA VAL A 74 14.63 -1.67 0.99
C VAL A 74 13.55 -2.64 1.48
N ASP A 75 13.53 -2.95 2.78
CA ASP A 75 12.52 -3.83 3.39
C ASP A 75 11.10 -3.24 3.39
N LYS A 76 10.96 -1.91 3.51
CA LYS A 76 9.67 -1.23 3.34
C LYS A 76 9.19 -1.34 1.90
N ALA A 77 10.08 -1.27 0.91
CA ALA A 77 9.72 -1.42 -0.50
C ALA A 77 9.31 -2.88 -0.79
N LYS A 78 10.14 -3.84 -0.34
CA LYS A 78 9.92 -5.30 -0.48
C LYS A 78 8.59 -5.77 0.11
N THR A 79 8.13 -5.19 1.22
CA THR A 79 6.80 -5.52 1.78
C THR A 79 5.69 -4.68 1.17
N TYR A 80 5.86 -3.37 0.97
CA TYR A 80 4.82 -2.49 0.42
C TYR A 80 4.35 -2.92 -0.98
N ILE A 81 5.26 -3.40 -1.84
CA ILE A 81 4.95 -3.96 -3.16
C ILE A 81 3.78 -4.96 -3.07
N LYS A 82 3.93 -6.01 -2.23
CA LYS A 82 2.90 -7.04 -2.04
C LYS A 82 1.77 -6.59 -1.12
N ASN A 83 2.05 -5.80 -0.09
CA ASN A 83 1.03 -5.34 0.87
C ASN A 83 -0.03 -4.41 0.23
N SER A 84 0.35 -3.66 -0.81
CA SER A 84 -0.56 -2.87 -1.64
C SER A 84 -1.31 -3.72 -2.66
N ASN A 85 -0.62 -4.65 -3.33
CA ASN A 85 -1.16 -5.49 -4.41
C ASN A 85 -0.51 -6.90 -4.48
N ARG A 86 -1.00 -7.84 -3.66
CA ARG A 86 -0.56 -9.26 -3.68
C ARG A 86 -0.84 -9.96 -5.01
N MET A 87 -2.07 -9.80 -5.51
CA MET A 87 -2.61 -10.42 -6.73
C MET A 87 -2.97 -9.40 -7.83
N GLY A 88 -3.03 -8.10 -7.50
CA GLY A 88 -3.28 -6.99 -8.43
C GLY A 88 -4.66 -6.36 -8.24
N ARG A 89 -5.72 -7.18 -8.22
CA ARG A 89 -7.12 -6.78 -8.00
C ARG A 89 -7.70 -7.27 -6.67
N THR A 90 -6.84 -7.38 -5.65
CA THR A 90 -7.15 -7.88 -4.28
C THR A 90 -7.90 -9.21 -4.26
N ASN A 91 -7.61 -10.08 -5.25
CA ASN A 91 -8.32 -11.35 -5.54
C ASN A 91 -9.85 -11.23 -5.77
N ASN A 92 -10.41 -10.02 -5.90
CA ASN A 92 -11.85 -9.75 -5.89
C ASN A 92 -12.49 -9.66 -7.29
N PHE A 93 -11.74 -10.04 -8.34
CA PHE A 93 -12.16 -10.07 -9.76
C PHE A 93 -13.22 -11.14 -10.11
N LYS A 94 -13.92 -11.65 -9.09
CA LYS A 94 -14.95 -12.71 -9.15
C LYS A 94 -16.28 -12.17 -9.68
N THR A 95 -16.48 -10.86 -9.48
CA THR A 95 -17.73 -10.12 -9.69
C THR A 95 -17.49 -8.85 -10.51
N ILE A 96 -16.42 -8.10 -10.22
CA ILE A 96 -15.93 -6.99 -11.06
C ILE A 96 -15.19 -7.59 -12.28
N LYS A 97 -15.04 -6.81 -13.36
CA LYS A 97 -14.37 -7.15 -14.64
C LYS A 97 -15.04 -8.23 -15.50
N MET A 98 -15.87 -9.11 -14.93
CA MET A 98 -16.36 -10.33 -15.60
C MET A 98 -17.62 -10.11 -16.45
N PHE A 99 -18.41 -9.06 -16.16
CA PHE A 99 -19.61 -8.70 -16.92
C PHE A 99 -19.46 -7.43 -17.78
N GLU A 100 -18.38 -6.65 -17.58
CA GLU A 100 -18.18 -5.32 -18.19
C GLU A 100 -17.43 -5.34 -19.54
N ASP A 101 -17.14 -6.52 -20.07
CA ASP A 101 -16.27 -6.75 -21.23
C ASP A 101 -17.00 -6.60 -22.60
N ASP A 102 -17.78 -5.51 -22.75
CA ASP A 102 -18.49 -5.18 -24.00
C ASP A 102 -17.54 -4.67 -25.10
N VAL A 103 -17.78 -5.09 -26.34
CA VAL A 103 -17.02 -4.66 -27.55
C VAL A 103 -17.95 -4.32 -28.72
N SER A 104 -18.87 -5.23 -29.06
CA SER A 104 -19.76 -5.15 -30.24
C SER A 104 -21.26 -5.07 -29.87
N SER A 105 -21.56 -4.68 -28.63
CA SER A 105 -22.93 -4.72 -28.04
C SER A 105 -23.56 -6.12 -28.09
N ALA A 106 -22.75 -7.15 -27.75
CA ALA A 106 -23.10 -8.57 -27.75
C ALA A 106 -22.63 -9.26 -26.44
N SER A 107 -23.19 -10.43 -26.14
CA SER A 107 -22.93 -11.22 -24.93
C SER A 107 -22.59 -12.69 -25.26
N ALA A 108 -22.09 -13.43 -24.27
CA ALA A 108 -21.61 -14.81 -24.36
C ALA A 108 -22.73 -15.87 -24.39
N GLN A 109 -23.89 -15.51 -24.95
CA GLN A 109 -25.09 -16.35 -25.11
C GLN A 109 -25.51 -17.07 -23.80
N PRO A 110 -25.95 -16.32 -22.77
CA PRO A 110 -26.32 -16.86 -21.47
C PRO A 110 -27.57 -17.77 -21.56
N ASN A 111 -27.33 -19.08 -21.54
CA ASN A 111 -28.33 -20.13 -21.72
C ASN A 111 -27.98 -21.38 -20.87
N LEU A 112 -27.63 -21.15 -19.59
CA LEU A 112 -27.21 -22.18 -18.63
C LEU A 112 -28.06 -22.07 -17.33
N PRO A 113 -29.36 -22.45 -17.37
CA PRO A 113 -30.26 -22.40 -16.21
C PRO A 113 -29.95 -23.47 -15.15
N GLY A 1 1.04 22.77 81.56
CA GLY A 1 1.96 23.78 81.00
C GLY A 1 1.27 25.14 80.88
N SER A 2 1.66 25.92 79.86
CA SER A 2 1.13 27.27 79.57
C SER A 2 1.08 27.56 78.06
N HIS A 3 0.28 28.55 77.65
CA HIS A 3 0.11 28.97 76.25
C HIS A 3 -0.05 30.50 76.15
N MET A 4 0.97 31.18 75.61
CA MET A 4 1.00 32.64 75.41
C MET A 4 1.70 33.00 74.08
N ALA A 5 1.16 32.49 72.97
CA ALA A 5 1.75 32.58 71.61
C ALA A 5 0.76 33.10 70.55
N SER A 6 -0.22 33.87 70.99
CA SER A 6 -1.48 34.12 70.27
C SER A 6 -1.67 35.56 69.76
N MET A 7 -0.59 36.35 69.68
CA MET A 7 -0.64 37.77 69.27
C MET A 7 0.61 38.32 68.57
N ASP A 8 1.73 37.60 68.62
CA ASP A 8 3.06 38.02 68.12
C ASP A 8 3.74 36.93 67.25
N GLN A 9 3.00 35.85 66.95
CA GLN A 9 3.47 34.64 66.28
C GLN A 9 2.39 34.10 65.31
N LEU A 10 1.57 34.99 64.75
CA LEU A 10 0.49 34.68 63.81
C LEU A 10 0.92 34.99 62.37
N ASP A 11 1.46 33.98 61.68
CA ASP A 11 1.88 34.00 60.28
C ASP A 11 1.56 32.63 59.69
N GLU A 12 0.48 32.53 58.92
CA GLU A 12 0.16 31.34 58.12
C GLU A 12 1.06 31.25 56.87
N ILE A 13 1.40 30.02 56.47
CA ILE A 13 2.44 29.73 55.45
C ILE A 13 1.94 28.66 54.45
N ILE A 14 0.69 28.81 54.00
CA ILE A 14 -0.03 27.84 53.15
C ILE A 14 -0.23 28.44 51.74
N GLU A 15 0.68 28.11 50.82
CA GLU A 15 0.65 28.55 49.41
C GLU A 15 0.66 27.33 48.46
N GLN A 16 -0.51 26.69 48.31
CA GLN A 16 -0.69 25.49 47.47
C GLN A 16 -1.92 25.51 46.54
N ILE A 17 -2.60 26.67 46.42
CA ILE A 17 -3.89 26.84 45.73
C ILE A 17 -3.77 27.78 44.51
N GLN A 18 -3.24 27.25 43.41
CA GLN A 18 -2.91 27.98 42.17
C GLN A 18 -3.38 27.29 40.88
N LYS A 19 -4.54 26.60 40.92
CA LYS A 19 -5.23 25.97 39.78
C LYS A 19 -4.33 25.02 38.97
N GLU A 20 -3.55 24.22 39.70
CA GLU A 20 -2.67 23.15 39.20
C GLU A 20 -1.59 23.55 38.18
N ALA A 21 -1.15 24.81 38.23
CA ALA A 21 -0.28 25.43 37.24
C ALA A 21 1.21 24.97 37.22
N ILE A 22 1.50 23.88 37.93
CA ILE A 22 2.84 23.26 38.08
C ILE A 22 2.90 21.85 37.44
N ASN A 23 1.84 21.45 36.75
CA ASN A 23 1.76 20.15 36.06
C ASN A 23 2.37 20.15 34.64
N SER A 24 2.69 21.33 34.10
CA SER A 24 3.08 21.54 32.69
C SER A 24 4.53 21.99 32.55
N ASN A 25 4.94 23.01 33.32
CA ASN A 25 6.30 23.57 33.33
C ASN A 25 7.42 22.57 33.71
N VAL A 26 7.06 21.49 34.39
CA VAL A 26 7.96 20.42 34.87
C VAL A 26 7.82 19.10 34.10
N VAL A 27 6.84 19.01 33.18
CA VAL A 27 6.53 17.81 32.37
C VAL A 27 6.33 18.21 30.89
N LEU A 28 7.36 18.83 30.30
CA LEU A 28 7.37 19.30 28.91
C LEU A 28 8.42 18.56 28.06
N LYS A 29 8.07 18.24 26.81
CA LYS A 29 8.89 17.47 25.84
C LYS A 29 9.05 18.18 24.48
N ASN A 30 9.18 19.50 24.50
CA ASN A 30 9.33 20.38 23.34
C ASN A 30 8.28 20.12 22.22
N PRO A 31 6.97 20.37 22.48
CA PRO A 31 5.87 20.00 21.57
C PRO A 31 5.85 20.86 20.29
N ARG A 32 6.61 20.44 19.28
CA ARG A 32 6.74 21.08 17.96
C ARG A 32 6.57 20.10 16.79
N VAL A 33 7.16 18.90 16.88
CA VAL A 33 7.19 17.90 15.79
C VAL A 33 6.80 16.50 16.34
N PRO A 34 5.50 16.16 16.40
CA PRO A 34 5.05 14.82 16.77
C PRO A 34 5.22 13.80 15.63
N THR A 35 5.22 12.52 16.01
CA THR A 35 5.46 11.33 15.17
C THR A 35 4.25 10.94 14.30
N GLN A 36 3.86 11.87 13.43
CA GLN A 36 2.65 11.83 12.59
C GLN A 36 2.81 11.07 11.25
N LYS A 37 3.83 10.23 11.14
CA LYS A 37 4.42 9.74 9.88
C LYS A 37 3.77 8.44 9.36
N THR A 38 2.44 8.45 9.26
CA THR A 38 1.60 7.25 9.03
C THR A 38 1.04 7.11 7.59
N GLY A 39 1.18 8.16 6.78
CA GLY A 39 0.73 8.23 5.39
C GLY A 39 1.81 7.79 4.40
N GLU A 40 2.75 8.70 4.12
CA GLU A 40 3.95 8.52 3.27
C GLU A 40 3.69 8.21 1.78
N LEU A 41 2.45 8.30 1.29
CA LEU A 41 2.10 8.36 -0.14
C LEU A 41 1.02 9.42 -0.36
N SER A 42 1.35 10.38 -1.22
CA SER A 42 0.47 11.53 -1.53
C SER A 42 0.28 11.73 -3.02
N GLU A 43 1.33 12.14 -3.71
CA GLU A 43 1.21 12.64 -5.08
C GLU A 43 2.51 12.52 -5.91
N GLU A 44 3.66 12.39 -5.24
CA GLU A 44 4.92 12.03 -5.90
C GLU A 44 5.16 10.51 -5.86
N GLN A 45 4.69 9.82 -4.82
CA GLN A 45 5.11 8.44 -4.52
C GLN A 45 4.39 7.41 -5.39
N LYS A 46 3.07 7.57 -5.59
CA LYS A 46 2.29 6.72 -6.51
C LYS A 46 2.63 6.97 -7.98
N LYS A 47 3.16 8.16 -8.32
CA LYS A 47 3.85 8.42 -9.60
C LYS A 47 5.19 7.70 -9.78
N ILE A 48 5.67 6.98 -8.76
CA ILE A 48 6.75 5.99 -8.86
C ILE A 48 6.18 4.57 -8.79
N VAL A 49 5.33 4.25 -7.81
CA VAL A 49 4.82 2.87 -7.59
C VAL A 49 3.92 2.42 -8.74
N ALA A 50 2.80 3.12 -8.95
CA ALA A 50 1.80 2.73 -9.95
C ALA A 50 2.29 2.97 -11.38
N ASP A 51 3.15 3.99 -11.58
CA ASP A 51 3.91 4.17 -12.82
C ASP A 51 4.77 2.94 -13.18
N TYR A 52 5.41 2.29 -12.19
CA TYR A 52 6.18 1.05 -12.37
C TYR A 52 5.28 -0.17 -12.61
N ILE A 53 4.11 -0.22 -11.96
CA ILE A 53 3.11 -1.27 -12.22
C ILE A 53 2.61 -1.20 -13.68
N SER A 54 2.54 0.00 -14.24
CA SER A 54 2.29 0.26 -15.66
C SER A 54 3.51 0.00 -16.58
N GLU A 55 4.73 -0.22 -16.02
CA GLU A 55 5.97 -0.33 -16.79
C GLU A 55 6.40 -1.80 -17.01
N VAL A 56 6.31 -2.65 -15.97
CA VAL A 56 6.87 -4.03 -16.00
C VAL A 56 5.92 -5.13 -15.49
N GLY A 57 4.80 -4.78 -14.85
CA GLY A 57 3.66 -5.67 -14.59
C GLY A 57 3.21 -5.62 -13.14
N LEU A 58 3.95 -6.29 -12.26
CA LEU A 58 3.78 -6.25 -10.80
C LEU A 58 5.03 -6.74 -10.05
N ASN A 59 5.59 -7.85 -10.54
CA ASN A 59 6.62 -8.66 -9.86
C ASN A 59 8.01 -8.57 -10.50
N ASN A 60 8.13 -7.92 -11.67
CA ASN A 60 9.38 -7.82 -12.43
C ASN A 60 10.22 -6.59 -12.04
N LEU A 61 9.62 -5.64 -11.32
CA LEU A 61 10.30 -4.53 -10.64
C LEU A 61 11.15 -5.02 -9.45
N ASN A 62 12.03 -4.15 -8.94
CA ASN A 62 12.79 -4.40 -7.71
C ASN A 62 12.60 -3.31 -6.65
N ALA A 63 13.01 -3.64 -5.43
CA ALA A 63 12.87 -2.78 -4.26
C ALA A 63 13.86 -1.61 -4.24
N THR A 64 15.04 -1.78 -4.85
CA THR A 64 16.11 -0.77 -4.92
C THR A 64 15.69 0.45 -5.75
N GLU A 65 15.07 0.24 -6.91
CA GLU A 65 14.52 1.32 -7.74
C GLU A 65 13.37 2.07 -7.04
N LEU A 66 12.59 1.40 -6.20
CA LEU A 66 11.53 2.01 -5.40
C LEU A 66 12.11 2.85 -4.25
N SER A 67 13.06 2.31 -3.49
CA SER A 67 13.74 2.99 -2.38
C SER A 67 14.54 4.22 -2.82
N LYS A 68 15.05 4.22 -4.07
CA LYS A 68 15.85 5.31 -4.65
C LYS A 68 15.04 6.59 -4.92
N ARG A 69 13.78 6.45 -5.36
CA ARG A 69 12.91 7.58 -5.75
C ARG A 69 11.84 7.92 -4.72
N LEU A 70 11.31 6.93 -3.99
CA LEU A 70 10.33 7.10 -2.91
C LEU A 70 11.01 7.43 -1.56
N ASN A 71 12.31 7.16 -1.43
CA ASN A 71 13.15 7.41 -0.25
C ASN A 71 12.65 6.64 0.99
N ILE A 72 12.82 5.31 0.94
CA ILE A 72 12.46 4.33 1.98
C ILE A 72 13.59 3.31 2.21
N THR A 73 13.46 2.53 3.27
CA THR A 73 14.25 1.32 3.52
C THR A 73 13.86 0.22 2.53
N VAL A 74 14.84 -0.49 1.96
CA VAL A 74 14.63 -1.57 0.97
C VAL A 74 13.71 -2.68 1.51
N ASP A 75 13.82 -2.98 2.80
CA ASP A 75 12.98 -3.98 3.47
C ASP A 75 11.52 -3.55 3.63
N LYS A 76 11.23 -2.24 3.68
CA LYS A 76 9.86 -1.73 3.61
C LYS A 76 9.36 -1.72 2.17
N ALA A 77 10.23 -1.48 1.19
CA ALA A 77 9.86 -1.48 -0.22
C ALA A 77 9.42 -2.87 -0.68
N LYS A 78 10.23 -3.90 -0.38
CA LYS A 78 9.98 -5.28 -0.83
C LYS A 78 8.75 -5.95 -0.21
N THR A 79 8.26 -5.46 0.94
CA THR A 79 6.97 -5.91 1.51
C THR A 79 5.80 -5.00 1.15
N TYR A 80 6.01 -3.68 1.06
CA TYR A 80 4.98 -2.71 0.67
C TYR A 80 4.38 -3.03 -0.70
N ILE A 81 5.21 -3.38 -1.69
CA ILE A 81 4.79 -3.80 -3.04
C ILE A 81 3.63 -4.82 -2.97
N LYS A 82 3.89 -5.99 -2.36
CA LYS A 82 2.96 -7.13 -2.26
C LYS A 82 1.91 -7.02 -1.15
N ASN A 83 1.82 -5.90 -0.44
CA ASN A 83 0.73 -5.58 0.49
C ASN A 83 -0.19 -4.45 -0.03
N SER A 84 0.36 -3.50 -0.79
CA SER A 84 -0.39 -2.41 -1.44
C SER A 84 -1.02 -2.85 -2.76
N ASN A 85 -0.28 -3.65 -3.53
CA ASN A 85 -0.72 -4.28 -4.78
C ASN A 85 -0.25 -5.74 -4.87
N ARG A 86 -1.00 -6.65 -4.23
CA ARG A 86 -0.75 -8.11 -4.25
C ARG A 86 -1.13 -8.78 -5.59
N MET A 87 -2.15 -8.24 -6.26
CA MET A 87 -2.59 -8.62 -7.62
C MET A 87 -2.86 -7.40 -8.51
N GLY A 88 -3.36 -6.30 -7.92
CA GLY A 88 -3.72 -5.06 -8.61
C GLY A 88 -5.17 -4.70 -8.34
N ARG A 89 -6.09 -5.12 -9.23
CA ARG A 89 -7.53 -4.85 -9.19
C ARG A 89 -8.32 -5.76 -8.22
N THR A 90 -7.72 -6.03 -7.06
CA THR A 90 -8.25 -6.84 -5.94
C THR A 90 -8.79 -8.22 -6.35
N ASN A 91 -8.24 -8.80 -7.43
CA ASN A 91 -8.72 -10.02 -8.11
C ASN A 91 -10.24 -10.03 -8.43
N ASN A 92 -10.88 -8.86 -8.56
CA ASN A 92 -12.32 -8.71 -8.80
C ASN A 92 -12.69 -8.57 -10.30
N PHE A 93 -11.70 -8.51 -11.18
CA PHE A 93 -11.82 -8.38 -12.65
C PHE A 93 -12.27 -9.68 -13.37
N LYS A 94 -12.86 -10.62 -12.61
CA LYS A 94 -13.40 -11.92 -13.05
C LYS A 94 -14.67 -11.80 -13.92
N THR A 95 -15.32 -10.63 -13.90
CA THR A 95 -16.53 -10.31 -14.65
C THR A 95 -16.57 -8.84 -15.14
N ILE A 96 -15.76 -7.97 -14.54
CA ILE A 96 -15.66 -6.52 -14.87
C ILE A 96 -14.29 -6.27 -15.52
N LYS A 97 -14.18 -5.18 -16.31
CA LYS A 97 -13.00 -4.86 -17.15
C LYS A 97 -12.70 -5.87 -18.29
N MET A 98 -13.50 -6.94 -18.41
CA MET A 98 -13.35 -7.99 -19.44
C MET A 98 -14.63 -8.23 -20.29
N PHE A 99 -15.72 -7.53 -19.98
CA PHE A 99 -17.08 -7.88 -20.44
C PHE A 99 -17.85 -6.70 -21.08
N GLU A 100 -17.44 -5.46 -20.80
CA GLU A 100 -18.07 -4.24 -21.31
C GLU A 100 -17.50 -3.80 -22.67
N ASP A 101 -18.30 -3.08 -23.47
CA ASP A 101 -17.93 -2.52 -24.77
C ASP A 101 -18.66 -1.18 -25.02
N ASP A 102 -18.04 -0.26 -25.74
CA ASP A 102 -18.56 1.10 -26.03
C ASP A 102 -18.75 1.34 -27.53
N VAL A 103 -19.81 2.09 -27.89
CA VAL A 103 -20.19 2.39 -29.28
C VAL A 103 -20.29 3.90 -29.52
N SER A 104 -20.95 4.63 -28.61
CA SER A 104 -21.16 6.09 -28.67
C SER A 104 -20.43 6.86 -27.56
N SER A 105 -19.67 6.18 -26.70
CA SER A 105 -19.03 6.72 -25.49
C SER A 105 -17.53 6.35 -25.33
N ALA A 106 -16.88 5.94 -26.43
CA ALA A 106 -15.46 5.56 -26.44
C ALA A 106 -14.50 6.77 -26.40
N SER A 107 -13.23 6.51 -26.05
CA SER A 107 -12.13 7.50 -25.98
C SER A 107 -10.88 7.01 -26.72
N ALA A 108 -9.96 7.93 -27.05
CA ALA A 108 -8.73 7.68 -27.80
C ALA A 108 -7.59 7.07 -26.95
N GLN A 109 -7.95 6.24 -25.97
CA GLN A 109 -7.09 5.56 -24.99
C GLN A 109 -6.03 6.49 -24.33
N PRO A 110 -6.46 7.58 -23.63
CA PRO A 110 -5.59 8.57 -23.00
C PRO A 110 -4.96 8.06 -21.68
N ASN A 111 -4.14 7.00 -21.77
CA ASN A 111 -3.54 6.29 -20.63
C ASN A 111 -1.99 6.29 -20.68
N LEU A 112 -1.41 7.31 -21.31
CA LEU A 112 0.03 7.53 -21.46
C LEU A 112 0.44 8.85 -20.76
N PRO A 113 0.66 8.86 -19.43
CA PRO A 113 1.03 10.05 -18.66
C PRO A 113 2.47 10.54 -18.97
N GLY A 1 -14.99 -16.62 9.96
CA GLY A 1 -15.59 -16.16 11.24
C GLY A 1 -14.74 -15.08 11.90
N SER A 2 -14.83 -14.98 13.22
CA SER A 2 -14.15 -13.97 14.06
C SER A 2 -13.50 -14.59 15.31
N HIS A 3 -12.54 -13.88 15.92
CA HIS A 3 -11.84 -14.28 17.14
C HIS A 3 -11.83 -13.14 18.18
N MET A 4 -12.04 -13.49 19.46
CA MET A 4 -12.20 -12.53 20.56
C MET A 4 -11.26 -12.89 21.74
N ALA A 5 -10.08 -12.26 21.77
CA ALA A 5 -9.00 -12.51 22.75
C ALA A 5 -8.25 -11.24 23.20
N SER A 6 -8.86 -10.06 23.01
CA SER A 6 -8.23 -8.75 23.26
C SER A 6 -8.54 -8.14 24.63
N MET A 7 -9.29 -8.86 25.49
CA MET A 7 -9.77 -8.36 26.80
C MET A 7 -9.91 -9.41 27.91
N ASP A 8 -9.57 -10.68 27.63
CA ASP A 8 -9.59 -11.81 28.57
C ASP A 8 -8.23 -12.56 28.64
N GLN A 9 -7.22 -12.06 27.92
CA GLN A 9 -5.96 -12.75 27.61
C GLN A 9 -4.77 -11.77 27.61
N LEU A 10 -4.80 -10.75 28.48
CA LEU A 10 -3.87 -9.61 28.45
C LEU A 10 -3.24 -9.27 29.82
N ASP A 11 -3.32 -10.17 30.80
CA ASP A 11 -2.84 -9.96 32.18
C ASP A 11 -1.61 -10.81 32.54
N GLU A 12 -1.69 -12.13 32.42
CA GLU A 12 -0.63 -13.07 32.77
C GLU A 12 -0.03 -13.71 31.50
N ILE A 13 1.06 -13.10 30.99
CA ILE A 13 1.81 -13.54 29.81
C ILE A 13 3.30 -13.64 30.20
N ILE A 14 3.88 -14.84 30.03
CA ILE A 14 5.30 -15.15 30.35
C ILE A 14 5.88 -16.00 29.21
N GLU A 15 7.01 -15.59 28.65
CA GLU A 15 7.70 -16.26 27.53
C GLU A 15 9.22 -16.33 27.79
N GLN A 16 9.63 -17.21 28.71
CA GLN A 16 11.02 -17.39 29.15
C GLN A 16 11.25 -18.84 29.66
N ILE A 17 12.45 -19.14 30.19
CA ILE A 17 12.86 -20.38 30.87
C ILE A 17 12.52 -21.68 30.10
N GLN A 18 12.70 -21.67 28.77
CA GLN A 18 12.29 -22.75 27.86
C GLN A 18 13.26 -22.95 26.68
N LYS A 19 12.85 -23.69 25.64
CA LYS A 19 13.55 -23.78 24.35
C LYS A 19 13.42 -22.47 23.58
N GLU A 20 14.35 -21.55 23.82
CA GLU A 20 14.44 -20.21 23.24
C GLU A 20 15.87 -19.94 22.75
N ALA A 21 15.99 -19.31 21.59
CA ALA A 21 17.26 -19.00 20.92
C ALA A 21 17.15 -17.71 20.09
N ILE A 22 16.67 -17.81 18.85
CA ILE A 22 16.53 -16.69 17.89
C ILE A 22 15.13 -16.57 17.30
N ASN A 23 14.26 -17.54 17.57
CA ASN A 23 12.97 -17.70 16.91
C ASN A 23 11.89 -16.66 17.34
N SER A 24 12.17 -15.87 18.39
CA SER A 24 11.32 -14.77 18.86
C SER A 24 11.82 -13.41 18.37
N ASN A 25 13.07 -13.05 18.66
CA ASN A 25 13.61 -11.71 18.39
C ASN A 25 13.82 -11.39 16.89
N VAL A 26 13.83 -12.41 16.04
CA VAL A 26 13.92 -12.25 14.57
C VAL A 26 12.60 -11.77 13.93
N VAL A 27 11.48 -11.85 14.65
CA VAL A 27 10.15 -11.38 14.23
C VAL A 27 9.63 -10.32 15.21
N LEU A 28 10.24 -9.13 15.16
CA LEU A 28 9.90 -7.99 16.04
C LEU A 28 9.95 -6.65 15.28
N LYS A 29 9.00 -5.75 15.57
CA LYS A 29 8.81 -4.44 14.92
C LYS A 29 8.87 -3.26 15.92
N ASN A 30 9.71 -3.38 16.94
CA ASN A 30 9.88 -2.42 18.06
C ASN A 30 8.54 -1.97 18.68
N PRO A 31 7.77 -2.89 19.32
CA PRO A 31 6.42 -2.63 19.83
C PRO A 31 6.43 -1.71 21.07
N ARG A 32 6.40 -0.39 20.85
CA ARG A 32 6.32 0.66 21.89
C ARG A 32 5.42 1.83 21.50
N VAL A 33 5.65 2.45 20.34
CA VAL A 33 4.96 3.69 19.90
C VAL A 33 4.54 3.61 18.42
N PRO A 34 3.44 2.90 18.09
CA PRO A 34 2.91 2.82 16.73
C PRO A 34 2.04 4.04 16.39
N THR A 35 2.64 5.02 15.72
CA THR A 35 2.01 6.29 15.28
C THR A 35 2.63 6.89 14.02
N GLN A 36 3.17 6.03 13.15
CA GLN A 36 3.94 6.42 11.97
C GLN A 36 3.11 6.72 10.71
N LYS A 37 1.80 6.91 10.89
CA LYS A 37 0.76 7.03 9.84
C LYS A 37 0.54 8.50 9.42
N THR A 38 1.62 9.16 8.98
CA THR A 38 1.69 10.64 8.89
C THR A 38 2.21 11.21 7.56
N GLY A 39 2.45 10.37 6.55
CA GLY A 39 2.92 10.82 5.22
C GLY A 39 3.50 9.72 4.31
N GLU A 40 2.82 8.58 4.17
CA GLU A 40 3.35 7.39 3.50
C GLU A 40 3.38 7.52 1.95
N LEU A 41 2.27 7.95 1.35
CA LEU A 41 2.09 8.26 -0.06
C LEU A 41 1.07 9.41 -0.20
N SER A 42 1.30 10.26 -1.20
CA SER A 42 0.43 11.40 -1.53
C SER A 42 0.26 11.63 -3.02
N GLU A 43 1.36 11.94 -3.72
CA GLU A 43 1.29 12.48 -5.08
C GLU A 43 2.60 12.34 -5.86
N GLU A 44 3.73 12.29 -5.15
CA GLU A 44 5.06 12.09 -5.70
C GLU A 44 5.57 10.65 -5.43
N GLN A 45 4.68 9.74 -4.99
CA GLN A 45 5.03 8.38 -4.59
C GLN A 45 4.32 7.33 -5.46
N LYS A 46 3.00 7.43 -5.66
CA LYS A 46 2.27 6.58 -6.62
C LYS A 46 2.67 6.86 -8.08
N LYS A 47 3.20 8.06 -8.39
CA LYS A 47 3.82 8.34 -9.71
C LYS A 47 5.11 7.55 -9.98
N ILE A 48 5.65 6.89 -8.96
CA ILE A 48 6.75 5.90 -9.07
C ILE A 48 6.13 4.50 -9.16
N VAL A 49 5.39 4.07 -8.13
CA VAL A 49 4.99 2.65 -7.98
C VAL A 49 3.86 2.23 -8.91
N ALA A 50 2.75 2.98 -8.94
CA ALA A 50 1.60 2.65 -9.78
C ALA A 50 1.92 2.80 -11.27
N ASP A 51 2.89 3.66 -11.60
CA ASP A 51 3.51 3.79 -12.93
C ASP A 51 4.46 2.61 -13.26
N TYR A 52 5.19 2.05 -12.29
CA TYR A 52 6.03 0.85 -12.49
C TYR A 52 5.16 -0.39 -12.80
N ILE A 53 4.01 -0.50 -12.15
CA ILE A 53 2.99 -1.52 -12.44
C ILE A 53 2.41 -1.35 -13.88
N SER A 54 2.52 -0.15 -14.46
CA SER A 54 2.23 0.11 -15.88
C SER A 54 3.45 -0.05 -16.81
N GLU A 55 4.66 -0.32 -16.29
CA GLU A 55 5.91 -0.36 -17.07
C GLU A 55 6.50 -1.78 -17.18
N VAL A 56 6.34 -2.63 -16.15
CA VAL A 56 6.93 -3.99 -16.12
C VAL A 56 6.00 -5.08 -15.56
N GLY A 57 4.90 -4.71 -14.91
CA GLY A 57 3.78 -5.58 -14.55
C GLY A 57 3.39 -5.48 -13.08
N LEU A 58 4.16 -6.18 -12.23
CA LEU A 58 3.99 -6.24 -10.77
C LEU A 58 5.21 -6.91 -10.10
N ASN A 59 5.79 -7.90 -10.79
CA ASN A 59 6.74 -8.87 -10.24
C ASN A 59 8.16 -8.80 -10.84
N ASN A 60 8.39 -7.97 -11.86
CA ASN A 60 9.70 -7.85 -12.53
C ASN A 60 10.51 -6.63 -12.04
N LEU A 61 9.85 -5.66 -11.41
CA LEU A 61 10.46 -4.52 -10.72
C LEU A 61 11.26 -4.96 -9.47
N ASN A 62 12.20 -4.13 -9.04
CA ASN A 62 12.98 -4.34 -7.82
C ASN A 62 12.65 -3.29 -6.74
N ALA A 63 13.17 -3.52 -5.54
CA ALA A 63 12.98 -2.66 -4.38
C ALA A 63 13.99 -1.50 -4.33
N THR A 64 15.12 -1.62 -5.04
CA THR A 64 16.21 -0.64 -5.11
C THR A 64 15.80 0.65 -5.81
N GLU A 65 15.12 0.55 -6.96
CA GLU A 65 14.60 1.73 -7.67
C GLU A 65 13.49 2.45 -6.88
N LEU A 66 12.64 1.69 -6.19
CA LEU A 66 11.64 2.23 -5.25
C LEU A 66 12.30 2.99 -4.08
N SER A 67 13.25 2.37 -3.37
CA SER A 67 13.95 2.98 -2.22
C SER A 67 14.77 4.22 -2.60
N LYS A 68 15.15 4.35 -3.88
CA LYS A 68 15.92 5.49 -4.43
C LYS A 68 15.06 6.73 -4.66
N ARG A 69 13.85 6.55 -5.21
CA ARG A 69 12.90 7.65 -5.48
C ARG A 69 12.01 7.99 -4.28
N LEU A 70 11.57 6.98 -3.53
CA LEU A 70 10.65 7.12 -2.40
C LEU A 70 11.35 7.40 -1.06
N ASN A 71 12.67 7.13 -0.97
CA ASN A 71 13.49 7.31 0.23
C ASN A 71 13.01 6.46 1.44
N ILE A 72 12.47 5.29 1.15
CA ILE A 72 12.17 4.19 2.09
C ILE A 72 13.38 3.24 2.22
N THR A 73 13.41 2.40 3.25
CA THR A 73 14.33 1.26 3.30
C THR A 73 13.91 0.15 2.32
N VAL A 74 14.88 -0.62 1.83
CA VAL A 74 14.66 -1.70 0.84
C VAL A 74 13.64 -2.73 1.33
N ASP A 75 13.64 -3.01 2.64
CA ASP A 75 12.71 -3.96 3.26
C ASP A 75 11.26 -3.44 3.34
N LYS A 76 11.06 -2.14 3.51
CA LYS A 76 9.73 -1.53 3.37
C LYS A 76 9.26 -1.55 1.92
N ALA A 77 10.15 -1.38 0.95
CA ALA A 77 9.80 -1.46 -0.47
C ALA A 77 9.39 -2.89 -0.85
N LYS A 78 10.19 -3.89 -0.45
CA LYS A 78 9.97 -5.33 -0.68
C LYS A 78 8.60 -5.82 -0.17
N THR A 79 8.18 -5.37 1.01
CA THR A 79 6.87 -5.76 1.59
C THR A 79 5.73 -4.87 1.08
N TYR A 80 5.93 -3.55 0.92
CA TYR A 80 4.92 -2.63 0.41
C TYR A 80 4.44 -2.98 -1.01
N ILE A 81 5.34 -3.46 -1.89
CA ILE A 81 5.01 -3.95 -3.24
C ILE A 81 3.82 -4.93 -3.23
N LYS A 82 3.76 -5.85 -2.25
CA LYS A 82 2.67 -6.82 -2.13
C LYS A 82 1.57 -6.38 -1.15
N ASN A 83 1.92 -5.76 -0.04
CA ASN A 83 0.93 -5.37 0.99
C ASN A 83 0.02 -4.20 0.57
N SER A 84 0.44 -3.39 -0.42
CA SER A 84 -0.40 -2.34 -1.01
C SER A 84 -1.23 -2.82 -2.21
N ASN A 85 -0.65 -3.68 -3.06
CA ASN A 85 -1.21 -4.06 -4.37
C ASN A 85 -0.96 -5.53 -4.76
N ARG A 86 -1.35 -6.47 -3.87
CA ARG A 86 -1.18 -7.92 -4.02
C ARG A 86 -1.80 -8.48 -5.31
N MET A 87 -3.00 -8.00 -5.66
CA MET A 87 -3.76 -8.43 -6.86
C MET A 87 -3.79 -7.37 -7.98
N GLY A 88 -3.40 -6.12 -7.68
CA GLY A 88 -3.28 -5.02 -8.65
C GLY A 88 -4.38 -3.98 -8.43
N ARG A 89 -3.98 -2.72 -8.18
CA ARG A 89 -4.87 -1.56 -7.94
C ARG A 89 -6.02 -1.86 -6.96
N THR A 90 -5.67 -2.57 -5.88
CA THR A 90 -6.55 -3.07 -4.80
C THR A 90 -7.79 -3.85 -5.29
N ASN A 91 -7.72 -4.44 -6.49
CA ASN A 91 -8.82 -5.09 -7.21
C ASN A 91 -10.08 -4.20 -7.37
N ASN A 92 -9.90 -2.86 -7.39
CA ASN A 92 -11.00 -1.89 -7.50
C ASN A 92 -11.24 -1.43 -8.96
N PHE A 93 -10.27 -1.65 -9.85
CA PHE A 93 -10.21 -1.14 -11.24
C PHE A 93 -11.17 -1.82 -12.25
N LYS A 94 -12.14 -2.60 -11.75
CA LYS A 94 -13.00 -3.54 -12.51
C LYS A 94 -14.39 -2.98 -12.87
N THR A 95 -14.61 -1.71 -12.58
CA THR A 95 -15.87 -0.99 -12.75
C THR A 95 -15.60 0.45 -13.22
N ILE A 96 -14.65 1.11 -12.55
CA ILE A 96 -14.16 2.46 -12.91
C ILE A 96 -13.26 2.43 -14.16
N LYS A 97 -12.91 3.61 -14.68
CA LYS A 97 -12.00 3.83 -15.83
C LYS A 97 -12.50 3.29 -17.20
N MET A 98 -13.65 2.61 -17.26
CA MET A 98 -14.24 2.07 -18.51
C MET A 98 -15.76 2.21 -18.60
N PHE A 99 -16.36 3.11 -17.80
CA PHE A 99 -17.81 3.27 -17.68
C PHE A 99 -18.26 4.72 -17.47
N GLU A 100 -17.45 5.54 -16.80
CA GLU A 100 -17.68 6.98 -16.57
C GLU A 100 -17.56 7.83 -17.87
N ASP A 101 -18.37 8.88 -17.96
CA ASP A 101 -18.49 9.75 -19.15
C ASP A 101 -18.84 11.21 -18.81
N ASP A 102 -18.66 12.13 -19.76
CA ASP A 102 -18.99 13.56 -19.67
C ASP A 102 -19.72 14.06 -20.93
N VAL A 103 -20.72 14.94 -20.73
CA VAL A 103 -21.51 15.57 -21.81
C VAL A 103 -21.66 17.08 -21.59
N SER A 104 -22.09 17.49 -20.38
CA SER A 104 -22.38 18.88 -20.00
C SER A 104 -21.43 19.45 -18.93
N SER A 105 -20.32 18.74 -18.64
CA SER A 105 -19.34 19.07 -17.59
C SER A 105 -19.96 19.24 -16.19
N ALA A 106 -20.76 18.25 -15.78
CA ALA A 106 -21.42 18.17 -14.48
C ALA A 106 -21.05 16.88 -13.73
N SER A 107 -20.66 17.00 -12.45
CA SER A 107 -20.19 15.90 -11.59
C SER A 107 -20.69 16.08 -10.15
N ALA A 108 -21.52 15.15 -9.66
CA ALA A 108 -22.14 15.18 -8.33
C ALA A 108 -22.91 16.49 -8.00
N GLN A 109 -23.43 17.14 -9.04
CA GLN A 109 -24.07 18.46 -9.03
C GLN A 109 -25.56 18.40 -9.43
N PRO A 110 -26.41 19.35 -8.98
CA PRO A 110 -27.85 19.35 -9.22
C PRO A 110 -28.21 19.80 -10.65
N ASN A 111 -28.09 18.88 -11.61
CA ASN A 111 -28.34 19.11 -13.04
C ASN A 111 -29.29 18.02 -13.60
N LEU A 112 -30.60 18.23 -13.42
CA LEU A 112 -31.66 17.32 -13.87
C LEU A 112 -32.86 18.12 -14.47
N PRO A 113 -32.80 18.50 -15.75
CA PRO A 113 -33.85 19.28 -16.43
C PRO A 113 -35.14 18.48 -16.67
N GLY A 1 17.20 58.04 -18.42
CA GLY A 1 17.07 57.83 -16.96
C GLY A 1 16.44 56.47 -16.67
N SER A 2 15.22 56.46 -16.14
CA SER A 2 14.43 55.25 -15.83
C SER A 2 12.94 55.46 -16.14
N HIS A 3 12.22 54.39 -16.48
CA HIS A 3 10.82 54.43 -16.92
C HIS A 3 9.88 53.93 -15.81
N MET A 4 9.26 54.86 -15.09
CA MET A 4 8.35 54.60 -13.96
C MET A 4 6.99 55.28 -14.20
N ALA A 5 6.03 54.52 -14.74
CA ALA A 5 4.68 54.99 -15.08
C ALA A 5 3.63 53.86 -15.07
N SER A 6 4.00 52.70 -15.64
CA SER A 6 3.25 51.43 -15.85
C SER A 6 1.92 51.51 -16.63
N MET A 7 1.09 52.52 -16.37
CA MET A 7 -0.26 52.65 -16.93
C MET A 7 -0.34 53.48 -18.22
N ASP A 8 0.74 54.19 -18.56
CA ASP A 8 0.86 55.09 -19.71
C ASP A 8 1.53 54.44 -20.95
N GLN A 9 1.85 53.14 -20.87
CA GLN A 9 2.65 52.39 -21.86
C GLN A 9 1.98 51.12 -22.42
N LEU A 10 0.66 50.97 -22.25
CA LEU A 10 -0.14 49.85 -22.76
C LEU A 10 -0.44 50.03 -24.27
N ASP A 11 0.61 49.95 -25.10
CA ASP A 11 0.56 50.15 -26.56
C ASP A 11 1.48 49.20 -27.36
N GLU A 12 2.38 48.46 -26.70
CA GLU A 12 3.23 47.43 -27.31
C GLU A 12 3.17 46.11 -26.52
N ILE A 13 2.83 45.02 -27.21
CA ILE A 13 2.72 43.65 -26.67
C ILE A 13 3.53 42.72 -27.58
N ILE A 14 4.85 42.65 -27.33
CA ILE A 14 5.82 41.89 -28.14
C ILE A 14 6.62 40.98 -27.19
N GLU A 15 6.51 39.66 -27.38
CA GLU A 15 7.16 38.64 -26.55
C GLU A 15 7.70 37.50 -27.43
N GLN A 16 9.02 37.34 -27.44
CA GLN A 16 9.77 36.30 -28.18
C GLN A 16 11.12 36.00 -27.51
N ILE A 17 11.80 34.94 -27.99
CA ILE A 17 13.18 34.53 -27.61
C ILE A 17 13.44 34.39 -26.08
N GLN A 18 12.41 33.94 -25.35
CA GLN A 18 12.46 33.62 -23.91
C GLN A 18 12.00 32.18 -23.61
N LYS A 19 12.30 31.67 -22.40
CA LYS A 19 12.04 30.29 -21.94
C LYS A 19 10.57 30.02 -21.57
N GLU A 20 9.64 30.50 -22.39
CA GLU A 20 8.18 30.30 -22.26
C GLU A 20 7.55 30.01 -23.62
N ALA A 21 6.73 28.95 -23.67
CA ALA A 21 5.89 28.61 -24.81
C ALA A 21 4.66 27.78 -24.39
N ILE A 22 4.87 26.50 -24.09
CA ILE A 22 3.82 25.48 -23.81
C ILE A 22 3.96 24.84 -22.44
N ASN A 23 5.07 25.11 -21.76
CA ASN A 23 5.44 24.45 -20.50
C ASN A 23 4.55 24.86 -19.31
N SER A 24 3.79 25.96 -19.44
CA SER A 24 2.83 26.42 -18.42
C SER A 24 1.49 25.66 -18.51
N ASN A 25 0.90 25.53 -19.70
CA ASN A 25 -0.43 24.93 -19.88
C ASN A 25 -0.43 23.39 -19.91
N VAL A 26 0.72 22.77 -20.12
CA VAL A 26 0.88 21.31 -20.18
C VAL A 26 0.98 20.66 -18.79
N VAL A 27 1.29 21.45 -17.75
CA VAL A 27 1.38 21.01 -16.34
C VAL A 27 0.22 21.62 -15.53
N LEU A 28 -1.01 21.21 -15.87
CA LEU A 28 -2.25 21.59 -15.18
C LEU A 28 -2.96 20.34 -14.64
N LYS A 29 -2.97 20.19 -13.32
CA LYS A 29 -3.38 18.98 -12.57
C LYS A 29 -4.31 19.33 -11.38
N ASN A 30 -5.27 20.23 -11.64
CA ASN A 30 -6.22 20.80 -10.66
C ASN A 30 -5.53 21.38 -9.39
N PRO A 31 -4.62 22.37 -9.52
CA PRO A 31 -3.72 22.81 -8.44
C PRO A 31 -4.38 23.78 -7.43
N ARG A 32 -5.46 23.32 -6.79
CA ARG A 32 -6.26 24.08 -5.80
C ARG A 32 -6.71 23.29 -4.58
N VAL A 33 -6.13 22.10 -4.35
CA VAL A 33 -6.42 21.20 -3.22
C VAL A 33 -5.15 20.98 -2.39
N PRO A 34 -5.02 21.62 -1.21
CA PRO A 34 -3.98 21.29 -0.23
C PRO A 34 -4.36 20.01 0.54
N THR A 35 -3.60 18.94 0.30
CA THR A 35 -3.84 17.59 0.86
C THR A 35 -2.52 16.89 1.24
N GLN A 36 -1.72 17.62 2.02
CA GLN A 36 -0.32 17.25 2.36
C GLN A 36 -0.16 16.51 3.70
N LYS A 37 -1.25 15.94 4.19
CA LYS A 37 -1.37 15.18 5.46
C LYS A 37 -1.07 13.68 5.27
N THR A 38 -0.15 13.35 4.36
CA THR A 38 0.17 11.98 3.94
C THR A 38 1.64 11.87 3.50
N GLY A 39 2.54 12.07 4.46
CA GLY A 39 3.99 12.00 4.30
C GLY A 39 4.54 10.63 3.85
N GLU A 40 3.73 9.56 3.93
CA GLU A 40 4.09 8.22 3.43
C GLU A 40 3.92 8.10 1.90
N LEU A 41 2.73 8.38 1.38
CA LEU A 41 2.39 8.35 -0.04
C LEU A 41 1.33 9.40 -0.43
N SER A 42 1.77 10.42 -1.15
CA SER A 42 0.98 11.59 -1.56
C SER A 42 0.48 11.45 -2.97
N GLU A 43 1.38 11.57 -3.94
CA GLU A 43 1.03 11.57 -5.35
C GLU A 43 2.26 11.27 -6.21
N GLU A 44 3.37 11.94 -5.90
CA GLU A 44 4.68 11.67 -6.51
C GLU A 44 5.06 10.19 -6.32
N GLN A 45 4.76 9.62 -5.14
CA GLN A 45 5.09 8.25 -4.77
C GLN A 45 4.32 7.22 -5.61
N LYS A 46 3.05 7.52 -5.95
CA LYS A 46 2.27 6.72 -6.92
C LYS A 46 2.79 6.87 -8.35
N LYS A 47 3.23 8.07 -8.71
CA LYS A 47 3.97 8.34 -9.97
C LYS A 47 5.35 7.66 -10.06
N ILE A 48 5.77 6.95 -9.01
CA ILE A 48 6.84 5.94 -9.04
C ILE A 48 6.24 4.52 -9.01
N VAL A 49 5.50 4.14 -7.96
CA VAL A 49 5.09 2.73 -7.75
C VAL A 49 3.98 2.27 -8.69
N ALA A 50 2.86 3.00 -8.76
CA ALA A 50 1.76 2.66 -9.69
C ALA A 50 2.22 2.81 -11.15
N ASP A 51 3.09 3.80 -11.42
CA ASP A 51 3.78 3.94 -12.71
C ASP A 51 4.67 2.73 -13.07
N TYR A 52 5.31 2.08 -12.08
CA TYR A 52 6.10 0.86 -12.28
C TYR A 52 5.21 -0.34 -12.61
N ILE A 53 4.07 -0.47 -11.95
CA ILE A 53 3.04 -1.48 -12.24
C ILE A 53 2.54 -1.33 -13.69
N SER A 54 2.50 -0.10 -14.23
CA SER A 54 2.21 0.16 -15.65
C SER A 54 3.38 -0.16 -16.61
N GLU A 55 4.59 -0.43 -16.13
CA GLU A 55 5.79 -0.59 -16.97
C GLU A 55 6.23 -2.06 -17.11
N VAL A 56 6.15 -2.85 -16.03
CA VAL A 56 6.74 -4.21 -15.97
C VAL A 56 5.79 -5.31 -15.48
N GLY A 57 4.66 -4.95 -14.86
CA GLY A 57 3.57 -5.88 -14.51
C GLY A 57 3.04 -5.61 -13.11
N LEU A 58 3.70 -6.21 -12.13
CA LEU A 58 3.38 -6.12 -10.69
C LEU A 58 4.55 -6.64 -9.84
N ASN A 59 5.13 -7.74 -10.30
CA ASN A 59 6.11 -8.57 -9.58
C ASN A 59 7.54 -8.52 -10.14
N ASN A 60 7.78 -7.87 -11.30
CA ASN A 60 9.09 -7.89 -11.96
C ASN A 60 9.97 -6.68 -11.61
N LEU A 61 9.38 -5.64 -11.02
CA LEU A 61 10.05 -4.39 -10.63
C LEU A 61 11.11 -4.54 -9.52
N ASN A 62 12.01 -3.56 -9.43
CA ASN A 62 13.13 -3.53 -8.50
C ASN A 62 12.83 -2.61 -7.29
N ALA A 63 12.91 -3.17 -6.09
CA ALA A 63 12.67 -2.47 -4.83
C ALA A 63 13.77 -1.44 -4.48
N THR A 64 14.97 -1.57 -5.06
CA THR A 64 16.06 -0.59 -4.91
C THR A 64 15.70 0.75 -5.55
N GLU A 65 15.08 0.76 -6.74
CA GLU A 65 14.60 1.98 -7.41
C GLU A 65 13.52 2.70 -6.57
N LEU A 66 12.57 1.94 -5.99
CA LEU A 66 11.62 2.47 -4.99
C LEU A 66 12.33 3.08 -3.77
N SER A 67 13.36 2.42 -3.22
CA SER A 67 14.12 2.91 -2.07
C SER A 67 14.86 4.23 -2.35
N LYS A 68 15.19 4.48 -3.62
CA LYS A 68 15.90 5.68 -4.10
C LYS A 68 14.95 6.85 -4.34
N ARG A 69 13.75 6.57 -4.87
CA ARG A 69 12.74 7.57 -5.26
C ARG A 69 11.73 7.91 -4.15
N LEU A 70 11.36 6.94 -3.31
CA LEU A 70 10.49 7.16 -2.14
C LEU A 70 11.27 7.43 -0.84
N ASN A 71 12.60 7.19 -0.83
CA ASN A 71 13.49 7.39 0.33
C ASN A 71 13.04 6.54 1.54
N ILE A 72 13.14 5.22 1.37
CA ILE A 72 12.74 4.17 2.33
C ILE A 72 13.82 3.10 2.46
N THR A 73 13.74 2.32 3.54
CA THR A 73 14.41 1.04 3.71
C THR A 73 14.02 0.09 2.57
N VAL A 74 14.99 -0.60 1.96
CA VAL A 74 14.73 -1.52 0.82
C VAL A 74 13.75 -2.63 1.21
N ASP A 75 13.80 -3.09 2.46
CA ASP A 75 12.89 -4.13 2.97
C ASP A 75 11.45 -3.62 3.16
N LYS A 76 11.26 -2.32 3.45
CA LYS A 76 9.93 -1.71 3.43
C LYS A 76 9.37 -1.64 2.02
N ALA A 77 10.22 -1.38 1.01
CA ALA A 77 9.79 -1.41 -0.40
C ALA A 77 9.38 -2.83 -0.82
N LYS A 78 10.24 -3.82 -0.54
CA LYS A 78 10.04 -5.23 -0.88
C LYS A 78 8.71 -5.79 -0.33
N THR A 79 8.31 -5.41 0.89
CA THR A 79 7.03 -5.85 1.47
C THR A 79 5.84 -4.94 1.11
N TYR A 80 6.05 -3.63 0.98
CA TYR A 80 5.01 -2.67 0.59
C TYR A 80 4.44 -2.97 -0.80
N ILE A 81 5.29 -3.39 -1.75
CA ILE A 81 4.88 -3.82 -3.10
C ILE A 81 3.70 -4.81 -3.04
N LYS A 82 3.88 -5.96 -2.37
CA LYS A 82 2.85 -7.02 -2.28
C LYS A 82 1.69 -6.70 -1.35
N ASN A 83 1.87 -5.80 -0.37
CA ASN A 83 0.80 -5.36 0.52
C ASN A 83 -0.11 -4.28 -0.09
N SER A 84 0.44 -3.43 -0.95
CA SER A 84 -0.29 -2.35 -1.65
C SER A 84 -0.96 -2.85 -2.94
N ASN A 85 -0.24 -3.64 -3.73
CA ASN A 85 -0.71 -4.24 -4.98
C ASN A 85 -0.34 -5.74 -5.05
N ARG A 86 -1.20 -6.58 -4.45
CA ARG A 86 -1.07 -8.06 -4.53
C ARG A 86 -1.55 -8.63 -5.87
N MET A 87 -2.67 -8.09 -6.39
CA MET A 87 -3.29 -8.46 -7.67
C MET A 87 -3.42 -7.26 -8.64
N GLY A 88 -3.58 -6.05 -8.08
CA GLY A 88 -3.67 -4.78 -8.81
C GLY A 88 -5.13 -4.34 -8.95
N ARG A 89 -5.52 -3.29 -8.20
CA ARG A 89 -6.89 -2.71 -8.14
C ARG A 89 -7.98 -3.78 -8.03
N THR A 90 -7.71 -4.83 -7.25
CA THR A 90 -8.57 -6.01 -7.00
C THR A 90 -9.18 -6.63 -8.28
N ASN A 91 -8.47 -6.53 -9.41
CA ASN A 91 -8.95 -6.91 -10.75
C ASN A 91 -10.27 -6.24 -11.18
N ASN A 92 -10.67 -5.11 -10.58
CA ASN A 92 -11.98 -4.45 -10.78
C ASN A 92 -11.91 -3.23 -11.72
N PHE A 93 -10.96 -3.23 -12.65
CA PHE A 93 -10.63 -2.11 -13.55
C PHE A 93 -10.91 -2.39 -15.04
N LYS A 94 -11.59 -3.52 -15.32
CA LYS A 94 -11.60 -4.23 -16.61
C LYS A 94 -12.75 -3.86 -17.55
N THR A 95 -13.81 -3.30 -16.98
CA THR A 95 -15.12 -3.05 -17.61
C THR A 95 -15.83 -1.88 -16.94
N ILE A 96 -15.95 -1.94 -15.61
CA ILE A 96 -16.43 -0.86 -14.74
C ILE A 96 -15.41 0.29 -14.64
N LYS A 97 -15.68 1.30 -13.79
CA LYS A 97 -14.94 2.56 -13.63
C LYS A 97 -14.94 3.51 -14.84
N MET A 98 -15.08 3.03 -16.08
CA MET A 98 -15.05 3.87 -17.29
C MET A 98 -16.43 4.45 -17.67
N PHE A 99 -17.53 3.86 -17.16
CA PHE A 99 -18.91 4.29 -17.42
C PHE A 99 -19.66 4.77 -16.16
N GLU A 100 -18.99 4.83 -15.00
CA GLU A 100 -19.59 5.11 -13.69
C GLU A 100 -19.35 6.57 -13.24
N ASP A 101 -20.30 7.14 -12.50
CA ASP A 101 -20.31 8.54 -12.04
C ASP A 101 -20.80 8.67 -10.57
N ASP A 102 -20.34 7.77 -9.69
CA ASP A 102 -20.64 7.76 -8.25
C ASP A 102 -19.40 7.42 -7.39
N VAL A 103 -19.35 7.96 -6.17
CA VAL A 103 -18.27 7.78 -5.19
C VAL A 103 -18.83 7.53 -3.78
N SER A 104 -19.78 8.36 -3.35
CA SER A 104 -20.41 8.36 -2.01
C SER A 104 -21.93 8.10 -2.05
N SER A 105 -22.40 7.44 -3.12
CA SER A 105 -23.80 7.11 -3.44
C SER A 105 -24.80 8.29 -3.44
N ALA A 106 -24.30 9.53 -3.61
CA ALA A 106 -25.08 10.75 -3.74
C ALA A 106 -24.60 11.58 -4.95
N SER A 107 -25.45 11.68 -5.97
CA SER A 107 -25.20 12.41 -7.23
C SER A 107 -26.50 13.01 -7.75
N ALA A 108 -26.52 14.33 -8.02
CA ALA A 108 -27.71 15.09 -8.45
C ALA A 108 -28.93 14.97 -7.50
N GLN A 109 -28.68 14.76 -6.21
CA GLN A 109 -29.68 14.60 -5.14
C GLN A 109 -29.59 15.73 -4.08
N PRO A 110 -30.07 16.96 -4.38
CA PRO A 110 -30.13 18.05 -3.40
C PRO A 110 -31.17 17.72 -2.30
N ASN A 111 -30.69 17.55 -1.07
CA ASN A 111 -31.48 17.07 0.08
C ASN A 111 -31.22 17.84 1.39
N LEU A 112 -30.71 19.07 1.28
CA LEU A 112 -30.28 19.92 2.40
C LEU A 112 -30.79 21.37 2.22
N PRO A 113 -32.03 21.68 2.64
CA PRO A 113 -32.62 23.02 2.52
C PRO A 113 -31.99 24.05 3.50
N GLY A 1 -62.02 -13.11 19.61
CA GLY A 1 -62.32 -11.69 19.31
C GLY A 1 -61.43 -10.76 20.13
N SER A 2 -61.01 -9.64 19.54
CA SER A 2 -60.02 -8.69 20.09
C SER A 2 -58.64 -9.30 20.40
N HIS A 3 -57.69 -8.49 20.87
CA HIS A 3 -56.31 -8.93 21.19
C HIS A 3 -55.79 -8.26 22.47
N MET A 4 -55.18 -9.05 23.36
CA MET A 4 -54.79 -8.66 24.74
C MET A 4 -53.35 -9.08 25.09
N ALA A 5 -52.41 -8.87 24.16
CA ALA A 5 -51.00 -9.22 24.30
C ALA A 5 -50.10 -8.19 23.60
N SER A 6 -49.59 -7.24 24.39
CA SER A 6 -48.79 -6.09 23.94
C SER A 6 -47.36 -6.04 24.52
N MET A 7 -46.94 -7.09 25.22
CA MET A 7 -45.61 -7.19 25.87
C MET A 7 -45.05 -8.62 26.03
N ASP A 8 -45.87 -9.62 25.73
CA ASP A 8 -45.50 -11.06 25.70
C ASP A 8 -45.36 -11.60 24.27
N GLN A 9 -45.55 -10.72 23.28
CA GLN A 9 -45.75 -11.05 21.85
C GLN A 9 -45.04 -10.04 20.91
N LEU A 10 -44.11 -9.24 21.43
CA LEU A 10 -43.28 -8.29 20.65
C LEU A 10 -41.84 -8.80 20.55
N ASP A 11 -41.29 -8.80 19.33
CA ASP A 11 -39.93 -9.27 19.01
C ASP A 11 -39.31 -8.51 17.82
N GLU A 12 -40.11 -8.13 16.82
CA GLU A 12 -39.67 -7.47 15.58
C GLU A 12 -39.50 -5.94 15.74
N ILE A 13 -38.91 -5.50 16.84
CA ILE A 13 -38.75 -4.09 17.25
C ILE A 13 -37.31 -3.61 17.04
N ILE A 14 -37.15 -2.43 16.45
CA ILE A 14 -35.86 -1.78 16.19
C ILE A 14 -35.46 -0.91 17.40
N GLU A 15 -34.20 -0.99 17.83
CA GLU A 15 -33.64 -0.29 19.00
C GLU A 15 -32.27 0.36 18.71
N GLN A 16 -31.84 1.28 19.58
CA GLN A 16 -30.62 2.09 19.45
C GLN A 16 -29.88 2.23 20.80
N ILE A 17 -28.63 2.70 20.78
CA ILE A 17 -27.78 3.03 21.94
C ILE A 17 -27.76 1.93 23.04
N GLN A 18 -27.64 0.67 22.61
CA GLN A 18 -27.83 -0.53 23.43
C GLN A 18 -26.51 -1.06 24.04
N LYS A 19 -25.88 -0.24 24.90
CA LYS A 19 -24.58 -0.50 25.55
C LYS A 19 -23.48 -0.87 24.53
N GLU A 20 -23.42 -0.10 23.43
CA GLU A 20 -22.53 -0.34 22.30
C GLU A 20 -21.09 0.04 22.63
N ALA A 21 -20.24 -0.99 22.71
CA ALA A 21 -18.80 -0.87 22.91
C ALA A 21 -17.98 -1.55 21.80
N ILE A 22 -17.81 -2.88 21.90
CA ILE A 22 -16.86 -3.66 21.08
C ILE A 22 -17.52 -4.66 20.13
N ASN A 23 -18.80 -4.90 20.32
CA ASN A 23 -19.53 -5.93 19.58
C ASN A 23 -19.77 -5.58 18.11
N SER A 24 -19.66 -4.29 17.75
CA SER A 24 -19.86 -3.79 16.39
C SER A 24 -18.62 -3.96 15.49
N ASN A 25 -17.41 -3.68 16.01
CA ASN A 25 -16.17 -3.73 15.22
C ASN A 25 -15.55 -5.12 15.09
N VAL A 26 -15.94 -6.05 15.96
CA VAL A 26 -15.48 -7.46 15.94
C VAL A 26 -16.26 -8.30 14.91
N VAL A 27 -17.54 -7.99 14.69
CA VAL A 27 -18.46 -8.73 13.79
C VAL A 27 -18.82 -7.85 12.58
N LEU A 28 -17.89 -7.74 11.63
CA LEU A 28 -17.99 -6.91 10.42
C LEU A 28 -17.71 -7.76 9.17
N LYS A 29 -18.60 -7.64 8.16
CA LYS A 29 -18.65 -8.48 6.93
C LYS A 29 -18.73 -7.63 5.65
N ASN A 30 -17.90 -6.59 5.57
CA ASN A 30 -17.78 -5.69 4.41
C ASN A 30 -16.32 -5.55 3.88
N PRO A 31 -15.62 -6.64 3.52
CA PRO A 31 -14.28 -6.57 2.92
C PRO A 31 -14.36 -6.05 1.47
N ARG A 32 -14.25 -4.73 1.31
CA ARG A 32 -14.26 -4.02 0.02
C ARG A 32 -13.15 -2.96 -0.08
N VAL A 33 -13.27 -1.88 0.69
CA VAL A 33 -12.38 -0.70 0.63
C VAL A 33 -12.28 -0.06 2.02
N PRO A 34 -11.09 -0.04 2.65
CA PRO A 34 -10.82 0.79 3.82
C PRO A 34 -10.53 2.25 3.43
N THR A 35 -10.73 3.15 4.39
CA THR A 35 -10.50 4.59 4.30
C THR A 35 -9.07 5.05 4.59
N GLN A 36 -8.12 4.13 4.53
CA GLN A 36 -6.75 4.33 4.97
C GLN A 36 -5.76 4.30 3.81
N LYS A 37 -5.64 5.44 3.12
CA LYS A 37 -4.79 5.66 1.93
C LYS A 37 -3.89 6.90 2.04
N THR A 38 -3.42 7.19 3.26
CA THR A 38 -2.79 8.48 3.65
C THR A 38 -1.55 8.31 4.56
N GLY A 39 -1.04 7.09 4.71
CA GLY A 39 0.05 6.76 5.64
C GLY A 39 1.43 7.28 5.20
N GLU A 40 1.93 6.77 4.07
CA GLU A 40 3.30 7.01 3.58
C GLU A 40 3.36 7.52 2.11
N LEU A 41 2.20 7.72 1.46
CA LEU A 41 2.08 8.09 0.05
C LEU A 41 1.07 9.24 -0.13
N SER A 42 1.49 10.21 -0.93
CA SER A 42 0.80 11.45 -1.29
C SER A 42 0.27 11.41 -2.72
N GLU A 43 1.13 11.72 -3.68
CA GLU A 43 0.77 11.93 -5.08
C GLU A 43 1.97 11.67 -5.99
N GLU A 44 3.11 12.25 -5.65
CA GLU A 44 4.39 11.99 -6.32
C GLU A 44 4.84 10.54 -6.10
N GLN A 45 4.44 9.94 -4.98
CA GLN A 45 4.77 8.56 -4.61
C GLN A 45 4.08 7.55 -5.53
N LYS A 46 2.83 7.81 -5.94
CA LYS A 46 2.14 7.03 -7.00
C LYS A 46 2.74 7.23 -8.38
N LYS A 47 3.22 8.44 -8.67
CA LYS A 47 4.05 8.73 -9.86
C LYS A 47 5.39 7.97 -9.91
N ILE A 48 5.73 7.22 -8.86
CA ILE A 48 6.84 6.26 -8.82
C ILE A 48 6.31 4.81 -8.79
N VAL A 49 5.36 4.47 -7.91
CA VAL A 49 4.82 3.09 -7.79
C VAL A 49 3.91 2.72 -8.97
N ALA A 50 2.77 3.40 -9.10
CA ALA A 50 1.75 3.06 -10.10
C ALA A 50 2.25 3.29 -11.53
N ASP A 51 3.14 4.27 -11.70
CA ASP A 51 3.87 4.48 -12.94
C ASP A 51 4.75 3.28 -13.34
N TYR A 52 5.46 2.66 -12.39
CA TYR A 52 6.32 1.49 -12.65
C TYR A 52 5.49 0.21 -12.92
N ILE A 53 4.35 0.07 -12.23
CA ILE A 53 3.34 -0.96 -12.50
C ILE A 53 2.80 -0.87 -13.93
N SER A 54 2.79 0.32 -14.54
CA SER A 54 2.43 0.53 -15.95
C SER A 54 3.55 0.14 -16.95
N GLU A 55 4.81 0.01 -16.50
CA GLU A 55 5.95 -0.32 -17.38
C GLU A 55 6.26 -1.81 -17.40
N VAL A 56 6.38 -2.41 -16.21
CA VAL A 56 6.92 -3.78 -16.02
C VAL A 56 5.96 -4.73 -15.28
N GLY A 57 4.84 -4.23 -14.75
CA GLY A 57 3.67 -5.01 -14.33
C GLY A 57 3.40 -4.91 -12.84
N LEU A 58 4.22 -5.63 -12.06
CA LEU A 58 4.21 -5.70 -10.58
C LEU A 58 5.39 -6.53 -10.05
N ASN A 59 5.77 -7.55 -10.82
CA ASN A 59 6.66 -8.65 -10.41
C ASN A 59 8.03 -8.65 -11.10
N ASN A 60 8.25 -7.76 -12.08
CA ASN A 60 9.54 -7.59 -12.77
C ASN A 60 10.38 -6.42 -12.21
N LEU A 61 9.75 -5.46 -11.52
CA LEU A 61 10.44 -4.44 -10.72
C LEU A 61 11.12 -5.04 -9.48
N ASN A 62 11.99 -4.26 -8.84
CA ASN A 62 12.64 -4.62 -7.58
C ASN A 62 12.48 -3.53 -6.51
N ALA A 63 12.86 -3.88 -5.28
CA ALA A 63 12.77 -3.05 -4.10
C ALA A 63 13.83 -1.94 -4.06
N THR A 64 15.02 -2.20 -4.61
CA THR A 64 16.16 -1.27 -4.64
C THR A 64 15.82 -0.01 -5.45
N GLU A 65 15.33 -0.18 -6.67
CA GLU A 65 14.95 0.93 -7.56
C GLU A 65 13.78 1.75 -7.01
N LEU A 66 12.84 1.09 -6.32
CA LEU A 66 11.76 1.77 -5.61
C LEU A 66 12.28 2.60 -4.43
N SER A 67 13.15 2.03 -3.58
CA SER A 67 13.75 2.70 -2.41
C SER A 67 14.57 3.94 -2.76
N LYS A 68 15.10 4.01 -3.99
CA LYS A 68 15.96 5.08 -4.51
C LYS A 68 15.17 6.30 -5.01
N ARG A 69 13.85 6.14 -5.24
CA ARG A 69 12.94 7.16 -5.81
C ARG A 69 11.80 7.50 -4.85
N LEU A 70 11.22 6.48 -4.23
CA LEU A 70 10.22 6.58 -3.15
C LEU A 70 10.84 6.96 -1.79
N ASN A 71 12.18 6.91 -1.68
CA ASN A 71 12.98 7.42 -0.56
C ASN A 71 12.61 6.75 0.79
N ILE A 72 12.86 5.44 0.84
CA ILE A 72 12.56 4.51 1.95
C ILE A 72 13.74 3.54 2.15
N THR A 73 13.67 2.70 3.18
CA THR A 73 14.53 1.50 3.29
C THR A 73 14.04 0.39 2.35
N VAL A 74 14.96 -0.46 1.89
CA VAL A 74 14.65 -1.56 0.94
C VAL A 74 13.64 -2.54 1.54
N ASP A 75 13.67 -2.77 2.86
CA ASP A 75 12.75 -3.67 3.55
C ASP A 75 11.30 -3.18 3.57
N LYS A 76 11.08 -1.86 3.60
CA LYS A 76 9.74 -1.28 3.42
C LYS A 76 9.25 -1.46 1.99
N ALA A 77 10.13 -1.39 0.99
CA ALA A 77 9.76 -1.60 -0.41
C ALA A 77 9.37 -3.07 -0.66
N LYS A 78 10.18 -4.01 -0.13
CA LYS A 78 9.98 -5.46 -0.23
C LYS A 78 8.61 -5.91 0.31
N THR A 79 8.14 -5.33 1.42
CA THR A 79 6.82 -5.66 1.98
C THR A 79 5.69 -4.82 1.38
N TYR A 80 5.90 -3.52 1.14
CA TYR A 80 4.90 -2.63 0.51
C TYR A 80 4.41 -3.17 -0.84
N ILE A 81 5.32 -3.70 -1.66
CA ILE A 81 4.99 -4.29 -2.98
C ILE A 81 3.91 -5.38 -2.90
N LYS A 82 3.87 -6.22 -1.84
CA LYS A 82 2.79 -7.22 -1.66
C LYS A 82 1.65 -6.70 -0.80
N ASN A 83 1.93 -5.87 0.21
CA ASN A 83 0.95 -5.47 1.22
C ASN A 83 -0.09 -4.47 0.66
N SER A 84 0.32 -3.64 -0.30
CA SER A 84 -0.52 -2.65 -0.98
C SER A 84 -1.22 -3.18 -2.22
N ASN A 85 -0.59 -4.10 -2.94
CA ASN A 85 -1.07 -4.70 -4.18
C ASN A 85 -0.50 -6.10 -4.38
N ARG A 86 -1.13 -7.11 -3.76
CA ARG A 86 -0.79 -8.54 -3.89
C ARG A 86 -1.27 -9.17 -5.20
N MET A 87 -2.22 -8.52 -5.88
CA MET A 87 -3.14 -9.12 -6.85
C MET A 87 -2.57 -9.28 -8.28
N GLY A 88 -1.35 -9.80 -8.38
CA GLY A 88 -0.64 -10.10 -9.64
C GLY A 88 0.74 -10.76 -9.46
N ARG A 89 1.02 -11.32 -8.27
CA ARG A 89 2.32 -11.89 -7.89
C ARG A 89 2.49 -13.35 -8.29
N THR A 90 1.53 -14.17 -7.87
CA THR A 90 1.46 -15.64 -8.07
C THR A 90 0.03 -16.14 -8.33
N ASN A 91 -0.90 -15.20 -8.55
CA ASN A 91 -2.34 -15.42 -8.79
C ASN A 91 -3.08 -16.28 -7.74
N ASN A 92 -2.53 -16.43 -6.53
CA ASN A 92 -3.06 -17.30 -5.46
C ASN A 92 -4.12 -16.61 -4.56
N PHE A 93 -4.36 -15.31 -4.76
CA PHE A 93 -5.09 -14.40 -3.87
C PHE A 93 -6.63 -14.56 -3.90
N LYS A 94 -7.13 -15.61 -4.57
CA LYS A 94 -8.56 -15.83 -4.88
C LYS A 94 -9.36 -16.53 -3.77
N THR A 95 -8.66 -16.98 -2.73
CA THR A 95 -9.12 -17.93 -1.72
C THR A 95 -8.64 -17.51 -0.33
N ILE A 96 -7.37 -17.10 -0.21
CA ILE A 96 -6.83 -16.48 1.00
C ILE A 96 -7.47 -15.12 1.29
N LYS A 97 -7.16 -14.53 2.45
CA LYS A 97 -7.63 -13.22 2.95
C LYS A 97 -9.14 -13.09 3.26
N MET A 98 -10.01 -13.97 2.75
CA MET A 98 -11.46 -13.92 3.01
C MET A 98 -12.04 -15.18 3.67
N PHE A 99 -11.30 -16.29 3.64
CA PHE A 99 -11.81 -17.63 3.95
C PHE A 99 -11.42 -18.18 5.33
N GLU A 100 -10.30 -17.70 5.90
CA GLU A 100 -9.78 -18.19 7.18
C GLU A 100 -10.51 -17.57 8.40
N ASP A 101 -10.95 -18.42 9.33
CA ASP A 101 -11.67 -18.02 10.55
C ASP A 101 -11.60 -19.12 11.63
N ASP A 102 -11.26 -18.76 12.87
CA ASP A 102 -11.29 -19.62 14.06
C ASP A 102 -11.60 -18.77 15.31
N VAL A 103 -12.38 -19.32 16.25
CA VAL A 103 -12.77 -18.66 17.52
C VAL A 103 -12.63 -19.61 18.71
N SER A 104 -13.22 -20.81 18.63
CA SER A 104 -13.30 -21.78 19.74
C SER A 104 -12.46 -23.05 19.52
N SER A 105 -11.69 -23.10 18.43
CA SER A 105 -11.08 -24.32 17.88
C SER A 105 -9.54 -24.34 17.89
N ALA A 106 -8.89 -23.25 18.29
CA ALA A 106 -7.43 -23.10 18.28
C ALA A 106 -6.79 -23.62 19.58
N SER A 107 -5.73 -24.43 19.44
CA SER A 107 -4.86 -24.90 20.53
C SER A 107 -3.46 -25.24 19.97
N ALA A 108 -2.48 -25.48 20.84
CA ALA A 108 -1.14 -25.92 20.44
C ALA A 108 -1.13 -27.28 19.72
N GLN A 109 -2.08 -28.14 20.11
CA GLN A 109 -2.39 -29.44 19.50
C GLN A 109 -3.85 -29.89 19.80
N PRO A 110 -4.46 -30.74 18.94
CA PRO A 110 -5.85 -31.17 19.07
C PRO A 110 -6.02 -32.33 20.07
N ASN A 111 -5.82 -32.05 21.36
CA ASN A 111 -5.83 -33.03 22.46
C ASN A 111 -6.81 -32.61 23.57
N LEU A 112 -8.08 -32.99 23.42
CA LEU A 112 -9.11 -32.89 24.45
C LEU A 112 -8.88 -33.79 25.69
N PRO A 113 -8.64 -35.11 25.55
CA PRO A 113 -8.29 -36.02 26.65
C PRO A 113 -6.84 -35.82 27.15
N GLY A 1 7.60 46.41 24.51
CA GLY A 1 8.75 46.92 23.73
C GLY A 1 10.08 46.65 24.42
N SER A 2 11.18 46.76 23.68
CA SER A 2 12.58 46.65 24.17
C SER A 2 12.88 45.37 24.98
N HIS A 3 12.36 44.22 24.54
CA HIS A 3 12.42 42.95 25.26
C HIS A 3 13.83 42.33 25.23
N MET A 4 14.49 42.28 26.39
CA MET A 4 15.80 41.63 26.62
C MET A 4 15.73 40.81 27.91
N ALA A 5 15.34 39.54 27.75
CA ALA A 5 15.28 38.52 28.78
C ALA A 5 15.32 37.15 28.10
N SER A 6 16.36 36.38 28.40
CA SER A 6 16.50 34.97 28.04
C SER A 6 17.09 34.14 29.19
N MET A 7 18.20 34.60 29.78
CA MET A 7 19.00 33.82 30.76
C MET A 7 18.37 33.69 32.15
N ASP A 8 17.35 34.50 32.41
CA ASP A 8 16.50 34.51 33.62
C ASP A 8 15.05 34.10 33.31
N GLN A 9 14.82 33.57 32.09
CA GLN A 9 13.51 33.46 31.44
C GLN A 9 13.43 32.22 30.52
N LEU A 10 13.97 31.08 30.96
CA LEU A 10 14.04 29.84 30.16
C LEU A 10 13.65 28.55 30.91
N ASP A 11 13.23 28.65 32.18
CA ASP A 11 13.14 27.49 33.09
C ASP A 11 11.83 26.71 33.03
N GLU A 12 10.70 27.37 32.75
CA GLU A 12 9.34 26.80 32.75
C GLU A 12 8.52 27.15 31.49
N ILE A 13 9.19 27.63 30.43
CA ILE A 13 8.57 28.19 29.22
C ILE A 13 7.97 27.07 28.34
N ILE A 14 6.72 27.25 27.91
CA ILE A 14 6.03 26.40 26.92
C ILE A 14 5.00 27.22 26.12
N GLU A 15 5.09 27.15 24.78
CA GLU A 15 4.20 27.85 23.83
C GLU A 15 4.27 27.25 22.42
N GLN A 16 3.25 27.50 21.59
CA GLN A 16 3.26 27.22 20.15
C GLN A 16 3.75 28.42 19.31
N ILE A 17 3.79 28.20 17.99
CA ILE A 17 4.35 29.10 16.98
C ILE A 17 3.28 29.67 16.02
N GLN A 18 2.00 29.52 16.36
CA GLN A 18 0.84 29.80 15.50
C GLN A 18 -0.31 30.48 16.28
N LYS A 19 -1.22 31.15 15.56
CA LYS A 19 -2.40 31.85 16.12
C LYS A 19 -3.60 30.93 16.42
N GLU A 20 -3.41 29.61 16.32
CA GLU A 20 -4.40 28.59 16.61
C GLU A 20 -4.15 27.97 18.00
N ALA A 21 -5.25 27.70 18.69
CA ALA A 21 -5.30 27.01 19.98
C ALA A 21 -6.59 26.17 20.13
N ILE A 22 -7.70 26.83 20.52
CA ILE A 22 -8.99 26.21 20.90
C ILE A 22 -10.16 26.76 20.06
N ASN A 23 -9.83 27.61 19.09
CA ASN A 23 -10.81 28.35 18.28
C ASN A 23 -11.23 27.62 16.98
N SER A 24 -10.67 26.43 16.73
CA SER A 24 -10.86 25.65 15.50
C SER A 24 -11.43 24.24 15.75
N ASN A 25 -10.84 23.50 16.68
CA ASN A 25 -11.27 22.17 17.11
C ASN A 25 -12.66 22.13 17.80
N VAL A 26 -13.03 23.23 18.44
CA VAL A 26 -14.35 23.44 19.09
C VAL A 26 -15.38 24.03 18.10
N VAL A 27 -14.93 24.76 17.08
CA VAL A 27 -15.77 25.51 16.12
C VAL A 27 -15.44 25.11 14.68
N LEU A 28 -15.91 23.92 14.28
CA LEU A 28 -15.67 23.29 12.97
C LEU A 28 -16.99 22.93 12.27
N LYS A 29 -17.04 23.10 10.93
CA LYS A 29 -18.23 22.87 10.08
C LYS A 29 -18.09 21.68 9.10
N ASN A 30 -17.12 20.78 9.35
CA ASN A 30 -16.91 19.54 8.59
C ASN A 30 -16.64 18.32 9.51
N PRO A 31 -17.56 17.94 10.42
CA PRO A 31 -17.39 16.80 11.32
C PRO A 31 -17.74 15.46 10.65
N ARG A 32 -17.06 15.18 9.53
CA ARG A 32 -17.38 14.07 8.61
C ARG A 32 -16.13 13.28 8.19
N VAL A 33 -15.36 13.77 7.21
CA VAL A 33 -14.19 13.07 6.62
C VAL A 33 -13.07 14.08 6.32
N PRO A 34 -12.03 14.19 7.18
CA PRO A 34 -10.89 15.07 6.93
C PRO A 34 -9.85 14.47 5.96
N THR A 35 -9.07 15.36 5.35
CA THR A 35 -8.10 15.12 4.27
C THR A 35 -6.76 14.54 4.76
N GLN A 36 -6.85 13.37 5.39
CA GLN A 36 -5.76 12.70 6.12
C GLN A 36 -4.82 11.81 5.27
N LYS A 37 -4.87 11.96 3.94
CA LYS A 37 -4.36 11.01 2.94
C LYS A 37 -2.87 11.27 2.62
N THR A 38 -2.01 11.10 3.62
CA THR A 38 -0.57 11.47 3.57
C THR A 38 0.37 10.48 4.29
N GLY A 39 -0.13 9.31 4.70
CA GLY A 39 0.57 8.35 5.57
C GLY A 39 1.79 7.67 4.91
N GLU A 40 1.66 7.20 3.68
CA GLU A 40 2.71 6.49 2.91
C GLU A 40 2.86 7.04 1.48
N LEU A 41 1.77 7.06 0.73
CA LEU A 41 1.64 7.58 -0.62
C LEU A 41 0.77 8.84 -0.57
N SER A 42 1.40 9.97 -0.89
CA SER A 42 0.73 11.26 -1.07
C SER A 42 0.46 11.57 -2.52
N GLU A 43 1.50 11.87 -3.29
CA GLU A 43 1.35 12.38 -4.66
C GLU A 43 2.59 12.20 -5.54
N GLU A 44 3.78 12.19 -4.95
CA GLU A 44 5.02 11.89 -5.65
C GLU A 44 5.27 10.37 -5.70
N GLN A 45 4.78 9.63 -4.70
CA GLN A 45 5.15 8.22 -4.48
C GLN A 45 4.42 7.29 -5.46
N LYS A 46 3.15 7.57 -5.73
CA LYS A 46 2.37 6.89 -6.77
C LYS A 46 2.86 7.22 -8.19
N LYS A 47 3.41 8.42 -8.41
CA LYS A 47 4.15 8.78 -9.64
C LYS A 47 5.45 7.98 -9.86
N ILE A 48 5.86 7.18 -8.87
CA ILE A 48 6.92 6.16 -9.00
C ILE A 48 6.28 4.77 -9.08
N VAL A 49 5.46 4.35 -8.11
CA VAL A 49 4.94 2.97 -8.03
C VAL A 49 3.98 2.66 -9.19
N ALA A 50 2.92 3.46 -9.36
CA ALA A 50 1.90 3.19 -10.39
C ALA A 50 2.47 3.38 -11.80
N ASP A 51 3.36 4.36 -11.98
CA ASP A 51 4.14 4.54 -13.22
C ASP A 51 5.02 3.31 -13.55
N TYR A 52 5.71 2.72 -12.56
CA TYR A 52 6.55 1.53 -12.74
C TYR A 52 5.71 0.27 -13.05
N ILE A 53 4.53 0.15 -12.44
CA ILE A 53 3.58 -0.93 -12.74
C ILE A 53 3.17 -0.93 -14.22
N SER A 54 3.05 0.25 -14.84
CA SER A 54 2.79 0.38 -16.29
C SER A 54 3.99 -0.02 -17.18
N GLU A 55 5.20 -0.21 -16.64
CA GLU A 55 6.38 -0.62 -17.41
C GLU A 55 6.55 -2.14 -17.42
N VAL A 56 6.38 -2.79 -16.26
CA VAL A 56 6.80 -4.20 -16.04
C VAL A 56 5.74 -5.11 -15.44
N GLY A 57 4.61 -4.60 -14.96
CA GLY A 57 3.43 -5.38 -14.56
C GLY A 57 3.02 -5.08 -13.13
N LEU A 58 3.74 -5.68 -12.19
CA LEU A 58 3.56 -5.55 -10.73
C LEU A 58 4.71 -6.21 -9.96
N ASN A 59 5.07 -7.40 -10.44
CA ASN A 59 5.96 -8.37 -9.77
C ASN A 59 7.37 -8.47 -10.37
N ASN A 60 7.59 -7.90 -11.57
CA ASN A 60 8.86 -8.00 -12.30
C ASN A 60 9.86 -6.87 -11.96
N LEU A 61 9.36 -5.75 -11.43
CA LEU A 61 10.16 -4.68 -10.84
C LEU A 61 10.93 -5.13 -9.59
N ASN A 62 11.93 -4.33 -9.16
CA ASN A 62 12.64 -4.55 -7.90
C ASN A 62 12.37 -3.42 -6.88
N ALA A 63 12.72 -3.70 -5.62
CA ALA A 63 12.52 -2.81 -4.49
C ALA A 63 13.57 -1.68 -4.41
N THR A 64 14.78 -1.94 -4.90
CA THR A 64 15.91 -0.99 -4.93
C THR A 64 15.58 0.28 -5.71
N GLU A 65 14.95 0.14 -6.88
CA GLU A 65 14.52 1.26 -7.71
C GLU A 65 13.38 2.10 -7.07
N LEU A 66 12.56 1.51 -6.19
CA LEU A 66 11.58 2.26 -5.39
C LEU A 66 12.27 3.03 -4.25
N SER A 67 13.12 2.38 -3.45
CA SER A 67 13.82 3.01 -2.31
C SER A 67 14.70 4.19 -2.73
N LYS A 68 15.18 4.20 -3.98
CA LYS A 68 16.03 5.25 -4.57
C LYS A 68 15.27 6.53 -4.95
N ARG A 69 13.96 6.42 -5.26
CA ARG A 69 13.12 7.51 -5.81
C ARG A 69 12.02 7.96 -4.84
N LEU A 70 11.41 7.01 -4.14
CA LEU A 70 10.34 7.20 -3.15
C LEU A 70 10.92 7.56 -1.76
N ASN A 71 12.20 7.26 -1.54
CA ASN A 71 12.96 7.47 -0.30
C ASN A 71 12.35 6.71 0.90
N ILE A 72 12.54 5.39 0.86
CA ILE A 72 12.14 4.40 1.87
C ILE A 72 13.27 3.41 2.14
N THR A 73 13.16 2.68 3.25
CA THR A 73 13.97 1.50 3.55
C THR A 73 13.72 0.41 2.50
N VAL A 74 14.76 -0.32 2.06
CA VAL A 74 14.64 -1.38 1.04
C VAL A 74 13.64 -2.47 1.46
N ASP A 75 13.62 -2.81 2.75
CA ASP A 75 12.71 -3.81 3.30
C ASP A 75 11.27 -3.29 3.43
N LYS A 76 11.07 -1.97 3.59
CA LYS A 76 9.74 -1.37 3.46
C LYS A 76 9.27 -1.43 2.01
N ALA A 77 10.15 -1.26 1.02
CA ALA A 77 9.79 -1.38 -0.40
C ALA A 77 9.41 -2.83 -0.76
N LYS A 78 10.22 -3.81 -0.34
CA LYS A 78 9.97 -5.25 -0.54
C LYS A 78 8.64 -5.71 0.05
N THR A 79 8.30 -5.27 1.27
CA THR A 79 7.06 -5.69 1.94
C THR A 79 5.83 -4.87 1.52
N TYR A 80 6.00 -3.57 1.26
CA TYR A 80 4.93 -2.68 0.75
C TYR A 80 4.30 -3.23 -0.53
N ILE A 81 5.13 -3.64 -1.51
CA ILE A 81 4.70 -4.21 -2.79
C ILE A 81 3.60 -5.27 -2.57
N LYS A 82 3.91 -6.33 -1.81
CA LYS A 82 3.04 -7.50 -1.63
C LYS A 82 2.00 -7.40 -0.52
N ASN A 83 1.99 -6.31 0.27
CA ASN A 83 0.91 -6.03 1.24
C ASN A 83 -0.11 -5.01 0.70
N SER A 84 0.32 -4.05 -0.11
CA SER A 84 -0.52 -3.00 -0.69
C SER A 84 -1.08 -3.35 -2.07
N ASN A 85 -0.36 -4.19 -2.83
CA ASN A 85 -0.75 -4.66 -4.16
C ASN A 85 -0.24 -6.09 -4.43
N ARG A 86 -0.80 -7.10 -3.75
CA ARG A 86 -0.29 -8.48 -3.81
C ARG A 86 -0.46 -9.15 -5.18
N MET A 87 -1.59 -8.91 -5.85
CA MET A 87 -1.90 -9.45 -7.19
C MET A 87 -2.41 -8.38 -8.17
N GLY A 88 -2.96 -7.27 -7.69
CA GLY A 88 -3.44 -6.17 -8.54
C GLY A 88 -3.88 -4.97 -7.72
N ARG A 89 -5.18 -4.62 -7.82
CA ARG A 89 -5.87 -3.75 -6.85
C ARG A 89 -6.07 -4.52 -5.54
N THR A 90 -7.21 -5.17 -5.37
CA THR A 90 -7.53 -5.97 -4.17
C THR A 90 -8.43 -7.19 -4.45
N ASN A 91 -8.08 -7.98 -5.48
CA ASN A 91 -8.64 -9.31 -5.76
C ASN A 91 -10.19 -9.39 -5.90
N ASN A 92 -10.86 -8.30 -6.24
CA ASN A 92 -12.32 -8.22 -6.48
C ASN A 92 -12.70 -8.03 -7.97
N PHE A 93 -11.73 -7.94 -8.87
CA PHE A 93 -11.90 -7.67 -10.31
C PHE A 93 -12.41 -8.87 -11.14
N LYS A 94 -13.03 -9.87 -10.50
CA LYS A 94 -13.28 -11.24 -11.01
C LYS A 94 -14.66 -11.43 -11.66
N THR A 95 -15.45 -10.36 -11.65
CA THR A 95 -16.87 -10.28 -12.02
C THR A 95 -17.14 -8.90 -12.61
N ILE A 96 -16.65 -7.85 -11.95
CA ILE A 96 -16.63 -6.48 -12.47
C ILE A 96 -15.57 -6.31 -13.57
N LYS A 97 -15.71 -5.25 -14.39
CA LYS A 97 -14.86 -4.97 -15.57
C LYS A 97 -14.92 -6.05 -16.68
N MET A 98 -15.95 -6.90 -16.68
CA MET A 98 -16.21 -7.91 -17.73
C MET A 98 -17.62 -7.79 -18.34
N PHE A 99 -18.64 -7.61 -17.51
CA PHE A 99 -20.08 -7.57 -17.89
C PHE A 99 -20.71 -6.20 -17.62
N GLU A 100 -19.88 -5.15 -17.65
CA GLU A 100 -20.19 -3.79 -17.19
C GLU A 100 -19.66 -2.72 -18.15
N ASP A 101 -20.20 -1.50 -18.05
CA ASP A 101 -19.82 -0.35 -18.87
C ASP A 101 -18.67 0.47 -18.25
N ASP A 102 -17.88 1.14 -19.10
CA ASP A 102 -16.76 2.00 -18.72
C ASP A 102 -16.59 3.21 -19.66
N VAL A 103 -16.07 4.32 -19.12
CA VAL A 103 -15.77 5.57 -19.85
C VAL A 103 -14.45 6.19 -19.36
N SER A 104 -14.31 6.38 -18.04
CA SER A 104 -13.16 7.02 -17.39
C SER A 104 -12.46 6.11 -16.36
N SER A 105 -12.67 4.79 -16.47
CA SER A 105 -12.21 3.76 -15.51
C SER A 105 -11.67 2.50 -16.20
N ALA A 106 -11.05 2.67 -17.37
CA ALA A 106 -10.47 1.60 -18.21
C ALA A 106 -9.23 2.08 -18.99
N SER A 107 -8.44 1.12 -19.50
CA SER A 107 -7.17 1.34 -20.21
C SER A 107 -7.01 0.33 -21.35
N ALA A 108 -6.49 0.78 -22.51
CA ALA A 108 -6.40 -0.02 -23.74
C ALA A 108 -7.74 -0.68 -24.17
N GLN A 109 -8.84 0.03 -23.91
CA GLN A 109 -10.22 -0.40 -24.12
C GLN A 109 -10.96 0.53 -25.11
N PRO A 110 -11.03 0.19 -26.41
CA PRO A 110 -11.68 1.00 -27.45
C PRO A 110 -13.21 0.78 -27.46
N ASN A 111 -13.86 0.98 -26.32
CA ASN A 111 -15.28 0.67 -26.06
C ASN A 111 -16.21 1.78 -26.57
N LEU A 112 -16.17 2.05 -27.89
CA LEU A 112 -16.93 3.09 -28.59
C LEU A 112 -17.87 2.45 -29.65
N PRO A 113 -19.15 2.16 -29.31
CA PRO A 113 -20.12 1.55 -30.24
C PRO A 113 -20.61 2.52 -31.34
N GLY A 1 -8.64 23.70 6.12
CA GLY A 1 -7.52 24.31 5.37
C GLY A 1 -7.96 25.55 4.62
N SER A 2 -7.17 26.62 4.69
CA SER A 2 -7.41 27.91 4.00
C SER A 2 -6.11 28.60 3.59
N HIS A 3 -6.20 29.50 2.60
CA HIS A 3 -5.12 30.39 2.17
C HIS A 3 -5.69 31.72 1.64
N MET A 4 -4.99 32.83 1.92
CA MET A 4 -5.35 34.18 1.50
C MET A 4 -4.17 34.88 0.80
N ALA A 5 -4.17 34.84 -0.53
CA ALA A 5 -3.21 35.50 -1.42
C ALA A 5 -3.87 35.81 -2.78
N SER A 6 -4.26 37.08 -2.96
CA SER A 6 -4.97 37.57 -4.15
C SER A 6 -4.14 38.53 -5.04
N MET A 7 -2.88 38.78 -4.68
CA MET A 7 -2.02 39.82 -5.30
C MET A 7 -0.58 39.40 -5.59
N ASP A 8 -0.20 38.19 -5.16
CA ASP A 8 1.14 37.58 -5.36
C ASP A 8 1.06 36.17 -5.99
N GLN A 9 -0.13 35.79 -6.47
CA GLN A 9 -0.53 34.42 -6.77
C GLN A 9 -1.59 34.34 -7.90
N LEU A 10 -1.60 35.32 -8.81
CA LEU A 10 -2.68 35.55 -9.79
C LEU A 10 -2.22 35.83 -11.23
N ASP A 11 -0.96 35.53 -11.58
CA ASP A 11 -0.33 36.00 -12.83
C ASP A 11 0.47 34.93 -13.61
N GLU A 12 0.85 33.82 -12.96
CA GLU A 12 1.70 32.75 -13.48
C GLU A 12 0.92 31.62 -14.21
N ILE A 13 -0.22 31.95 -14.82
CA ILE A 13 -1.09 30.99 -15.53
C ILE A 13 -0.49 30.65 -16.91
N ILE A 14 0.22 29.52 -16.99
CA ILE A 14 0.93 29.02 -18.19
C ILE A 14 0.73 27.49 -18.31
N GLU A 15 0.51 26.98 -19.53
CA GLU A 15 0.49 25.55 -19.85
C GLU A 15 1.77 25.15 -20.60
N GLN A 16 2.63 24.33 -19.97
CA GLN A 16 3.92 23.86 -20.51
C GLN A 16 4.37 22.57 -19.80
N ILE A 17 5.41 21.91 -20.32
CA ILE A 17 5.99 20.65 -19.82
C ILE A 17 7.45 20.84 -19.40
N GLN A 18 7.66 20.64 -18.10
CA GLN A 18 8.87 20.98 -17.33
C GLN A 18 9.17 19.91 -16.27
N LYS A 19 10.31 20.01 -15.57
CA LYS A 19 10.61 19.26 -14.34
C LYS A 19 9.84 19.83 -13.14
N GLU A 20 8.52 19.68 -13.17
CA GLU A 20 7.61 20.06 -12.08
C GLU A 20 7.82 19.19 -10.85
N ALA A 21 8.44 19.78 -9.82
CA ALA A 21 8.65 19.16 -8.51
C ALA A 21 7.82 19.86 -7.42
N ILE A 22 8.29 21.02 -6.94
CA ILE A 22 7.74 21.72 -5.76
C ILE A 22 7.12 23.09 -6.07
N ASN A 23 7.30 23.56 -7.30
CA ASN A 23 6.81 24.87 -7.75
C ASN A 23 5.31 24.89 -8.08
N SER A 24 4.70 23.71 -8.22
CA SER A 24 3.33 23.56 -8.76
C SER A 24 2.25 23.55 -7.68
N ASN A 25 2.49 22.91 -6.53
CA ASN A 25 1.54 22.84 -5.41
C ASN A 25 1.36 24.17 -4.66
N VAL A 26 2.28 25.12 -4.88
CA VAL A 26 2.26 26.48 -4.29
C VAL A 26 1.20 27.37 -4.95
N VAL A 27 0.85 27.11 -6.22
CA VAL A 27 -0.18 27.84 -6.98
C VAL A 27 -1.16 26.83 -7.60
N LEU A 28 -2.12 26.37 -6.78
CA LEU A 28 -3.10 25.34 -7.11
C LEU A 28 -4.53 25.78 -6.73
N LYS A 29 -5.52 25.42 -7.57
CA LYS A 29 -6.95 25.77 -7.44
C LYS A 29 -7.85 24.54 -7.21
N ASN A 30 -7.30 23.47 -6.62
CA ASN A 30 -7.99 22.21 -6.30
C ASN A 30 -7.78 21.75 -4.83
N PRO A 31 -8.11 22.58 -3.80
CA PRO A 31 -7.80 22.30 -2.39
C PRO A 31 -8.78 21.29 -1.74
N ARG A 32 -8.88 20.09 -2.33
CA ARG A 32 -9.66 18.96 -1.80
C ARG A 32 -8.91 18.21 -0.70
N VAL A 33 -7.68 17.79 -1.02
CA VAL A 33 -6.77 16.89 -0.26
C VAL A 33 -7.45 15.62 0.30
N PRO A 34 -7.20 14.43 -0.27
CA PRO A 34 -7.84 13.19 0.19
C PRO A 34 -7.30 12.71 1.56
N THR A 35 -8.04 11.76 2.16
CA THR A 35 -7.90 11.29 3.55
C THR A 35 -6.74 10.31 3.79
N GLN A 36 -5.56 10.60 3.22
CA GLN A 36 -4.37 9.74 3.28
C GLN A 36 -3.05 10.46 3.62
N LYS A 37 -3.16 11.62 4.25
CA LYS A 37 -2.06 12.43 4.78
C LYS A 37 -1.50 11.85 6.11
N THR A 38 -0.88 10.66 6.00
CA THR A 38 -0.25 9.90 7.10
C THR A 38 1.27 9.75 6.95
N GLY A 39 1.86 10.45 5.97
CA GLY A 39 3.31 10.55 5.74
C GLY A 39 3.96 9.41 4.94
N GLU A 40 3.20 8.40 4.48
CA GLU A 40 3.75 7.26 3.72
C GLU A 40 3.70 7.47 2.20
N LEU A 41 2.55 7.89 1.65
CA LEU A 41 2.33 8.12 0.21
C LEU A 41 1.36 9.27 -0.03
N SER A 42 1.83 10.28 -0.77
CA SER A 42 1.08 11.49 -1.14
C SER A 42 0.58 11.45 -2.57
N GLU A 43 1.47 11.59 -3.54
CA GLU A 43 1.12 11.70 -4.96
C GLU A 43 2.33 11.43 -5.85
N GLU A 44 3.47 12.01 -5.50
CA GLU A 44 4.77 11.71 -6.12
C GLU A 44 5.14 10.23 -5.93
N GLN A 45 4.76 9.65 -4.79
CA GLN A 45 5.08 8.27 -4.42
C GLN A 45 4.33 7.26 -5.30
N LYS A 46 3.08 7.54 -5.68
CA LYS A 46 2.35 6.74 -6.68
C LYS A 46 2.96 6.83 -8.08
N LYS A 47 3.48 8.00 -8.44
CA LYS A 47 4.27 8.20 -9.68
C LYS A 47 5.60 7.43 -9.73
N ILE A 48 5.95 6.69 -8.67
CA ILE A 48 7.12 5.80 -8.56
C ILE A 48 6.71 4.31 -8.45
N VAL A 49 5.43 4.01 -8.16
CA VAL A 49 4.94 2.64 -7.93
C VAL A 49 3.78 2.25 -8.84
N ALA A 50 2.66 2.98 -8.83
CA ALA A 50 1.56 2.73 -9.74
C ALA A 50 1.99 2.94 -11.21
N ASP A 51 2.83 3.94 -11.45
CA ASP A 51 3.49 4.17 -12.74
C ASP A 51 4.46 3.02 -13.14
N TYR A 52 5.09 2.37 -12.16
CA TYR A 52 6.02 1.25 -12.40
C TYR A 52 5.26 -0.06 -12.69
N ILE A 53 4.15 -0.29 -11.99
CA ILE A 53 3.18 -1.36 -12.27
C ILE A 53 2.61 -1.20 -13.70
N SER A 54 2.45 0.03 -14.18
CA SER A 54 2.10 0.33 -15.57
C SER A 54 3.22 0.05 -16.59
N GLU A 55 4.49 -0.09 -16.16
CA GLU A 55 5.65 -0.18 -17.05
C GLU A 55 6.20 -1.61 -17.20
N VAL A 56 6.31 -2.37 -16.10
CA VAL A 56 6.97 -3.71 -16.09
C VAL A 56 6.10 -4.82 -15.49
N GLY A 57 5.00 -4.51 -14.80
CA GLY A 57 3.97 -5.47 -14.38
C GLY A 57 3.59 -5.28 -12.91
N LEU A 58 4.40 -5.88 -12.04
CA LEU A 58 4.24 -5.89 -10.57
C LEU A 58 5.47 -6.50 -9.87
N ASN A 59 5.93 -7.61 -10.45
CA ASN A 59 6.93 -8.52 -9.89
C ASN A 59 8.29 -8.54 -10.63
N ASN A 60 8.39 -7.80 -11.74
CA ASN A 60 9.61 -7.71 -12.57
C ASN A 60 10.50 -6.51 -12.17
N LEU A 61 9.91 -5.49 -11.52
CA LEU A 61 10.62 -4.44 -10.80
C LEU A 61 11.35 -4.97 -9.56
N ASN A 62 12.25 -4.17 -8.99
CA ASN A 62 12.90 -4.45 -7.71
C ASN A 62 12.58 -3.37 -6.66
N ALA A 63 13.00 -3.65 -5.43
CA ALA A 63 12.82 -2.78 -4.28
C ALA A 63 13.78 -1.59 -4.27
N THR A 64 15.01 -1.78 -4.78
CA THR A 64 16.12 -0.81 -4.75
C THR A 64 15.82 0.44 -5.58
N GLU A 65 15.33 0.28 -6.81
CA GLU A 65 14.97 1.40 -7.70
C GLU A 65 13.77 2.20 -7.18
N LEU A 66 12.88 1.53 -6.45
CA LEU A 66 11.69 2.10 -5.83
C LEU A 66 12.09 2.88 -4.56
N SER A 67 12.93 2.30 -3.69
CA SER A 67 13.44 2.93 -2.46
C SER A 67 14.39 4.10 -2.72
N LYS A 68 15.12 4.09 -3.85
CA LYS A 68 15.98 5.20 -4.30
C LYS A 68 15.18 6.44 -4.69
N ARG A 69 14.02 6.26 -5.35
CA ARG A 69 13.15 7.36 -5.81
C ARG A 69 12.15 7.83 -4.75
N LEU A 70 11.53 6.89 -4.03
CA LEU A 70 10.53 7.16 -2.97
C LEU A 70 11.19 7.54 -1.63
N ASN A 71 12.49 7.24 -1.46
CA ASN A 71 13.31 7.52 -0.27
C ASN A 71 12.79 6.79 0.99
N ILE A 72 12.92 5.47 0.95
CA ILE A 72 12.52 4.51 2.00
C ILE A 72 13.63 3.46 2.24
N THR A 73 13.38 2.58 3.20
CA THR A 73 14.14 1.34 3.43
C THR A 73 13.78 0.31 2.35
N VAL A 74 14.76 -0.50 1.92
CA VAL A 74 14.56 -1.53 0.87
C VAL A 74 13.47 -2.53 1.26
N ASP A 75 13.43 -2.93 2.53
CA ASP A 75 12.43 -3.87 3.05
C ASP A 75 11.02 -3.26 3.12
N LYS A 76 10.90 -1.94 3.32
CA LYS A 76 9.62 -1.23 3.20
C LYS A 76 9.09 -1.27 1.77
N ALA A 77 9.95 -1.17 0.76
CA ALA A 77 9.54 -1.30 -0.64
C ALA A 77 9.12 -2.74 -0.94
N LYS A 78 9.95 -3.71 -0.53
CA LYS A 78 9.72 -5.16 -0.73
C LYS A 78 8.39 -5.63 -0.15
N THR A 79 8.04 -5.17 1.06
CA THR A 79 6.77 -5.55 1.69
C THR A 79 5.58 -4.71 1.20
N TYR A 80 5.77 -3.41 0.95
CA TYR A 80 4.72 -2.53 0.42
C TYR A 80 4.22 -2.97 -0.97
N ILE A 81 5.10 -3.47 -1.84
CA ILE A 81 4.74 -4.04 -3.15
C ILE A 81 3.61 -5.08 -3.01
N LYS A 82 3.70 -5.99 -2.04
CA LYS A 82 2.69 -7.05 -1.80
C LYS A 82 1.60 -6.71 -0.79
N ASN A 83 1.73 -5.64 0.00
CA ASN A 83 0.63 -5.11 0.82
C ASN A 83 -0.32 -4.20 0.02
N SER A 84 0.20 -3.47 -0.97
CA SER A 84 -0.56 -2.55 -1.82
C SER A 84 -1.24 -3.24 -3.00
N ASN A 85 -0.51 -4.10 -3.72
CA ASN A 85 -0.97 -4.73 -4.97
C ASN A 85 -1.39 -6.20 -4.79
N ARG A 86 -0.78 -6.89 -3.82
CA ARG A 86 -1.08 -8.27 -3.39
C ARG A 86 -1.11 -9.31 -4.53
N MET A 87 -0.20 -9.17 -5.51
CA MET A 87 -0.09 -9.93 -6.78
C MET A 87 -1.29 -9.79 -7.74
N GLY A 88 -2.51 -9.89 -7.24
CA GLY A 88 -3.78 -9.57 -7.91
C GLY A 88 -4.61 -10.83 -8.15
N ARG A 89 -4.03 -11.79 -8.88
CA ARG A 89 -4.58 -13.14 -9.13
C ARG A 89 -3.51 -14.22 -8.99
N THR A 90 -3.04 -14.41 -7.75
CA THR A 90 -2.24 -15.57 -7.30
C THR A 90 -0.97 -15.82 -8.10
N ASN A 91 -0.39 -14.71 -8.58
CA ASN A 91 0.73 -14.68 -9.53
C ASN A 91 2.08 -15.02 -8.84
N ASN A 92 2.04 -15.17 -7.52
CA ASN A 92 3.11 -15.62 -6.62
C ASN A 92 3.52 -17.09 -6.84
N PHE A 93 2.68 -17.91 -7.48
CA PHE A 93 2.81 -19.36 -7.66
C PHE A 93 3.97 -19.85 -8.56
N LYS A 94 4.93 -18.98 -8.91
CA LYS A 94 5.97 -19.24 -9.94
C LYS A 94 7.21 -19.99 -9.45
N THR A 95 7.27 -20.24 -8.14
CA THR A 95 8.47 -20.70 -7.43
C THR A 95 8.10 -21.76 -6.39
N ILE A 96 7.05 -21.49 -5.59
CA ILE A 96 6.54 -22.41 -4.57
C ILE A 96 5.81 -23.60 -5.20
N LYS A 97 5.56 -24.66 -4.41
CA LYS A 97 4.82 -25.89 -4.76
C LYS A 97 5.47 -26.79 -5.83
N MET A 98 6.47 -26.31 -6.60
CA MET A 98 7.10 -27.07 -7.69
C MET A 98 8.22 -28.00 -7.22
N PHE A 99 9.09 -27.51 -6.31
CA PHE A 99 10.26 -28.24 -5.80
C PHE A 99 10.09 -28.83 -4.39
N GLU A 100 8.98 -28.49 -3.71
CA GLU A 100 8.73 -28.85 -2.31
C GLU A 100 8.15 -30.28 -2.20
N ASP A 101 9.00 -31.26 -1.87
CA ASP A 101 8.68 -32.69 -1.81
C ASP A 101 9.58 -33.44 -0.79
N ASP A 102 9.18 -34.65 -0.39
CA ASP A 102 9.94 -35.51 0.54
C ASP A 102 11.20 -36.10 -0.12
N VAL A 103 12.28 -36.22 0.67
CA VAL A 103 13.58 -36.77 0.25
C VAL A 103 14.06 -37.87 1.20
N SER A 104 14.09 -37.58 2.50
CA SER A 104 14.53 -38.50 3.57
C SER A 104 13.39 -39.13 4.38
N SER A 105 12.14 -38.73 4.11
CA SER A 105 10.95 -39.07 4.90
C SER A 105 10.07 -40.20 4.30
N ALA A 106 10.43 -40.71 3.11
CA ALA A 106 9.68 -41.76 2.41
C ALA A 106 10.01 -43.18 2.96
N SER A 107 9.02 -44.07 2.90
CA SER A 107 9.08 -45.46 3.40
C SER A 107 8.15 -46.35 2.58
N ALA A 108 8.61 -47.54 2.18
CA ALA A 108 7.88 -48.46 1.28
C ALA A 108 7.39 -47.80 -0.02
N GLN A 109 8.18 -46.86 -0.55
CA GLN A 109 7.95 -46.13 -1.80
C GLN A 109 9.16 -46.27 -2.78
N PRO A 110 8.93 -46.26 -4.10
CA PRO A 110 10.00 -46.35 -5.10
C PRO A 110 10.86 -45.07 -5.10
N ASN A 111 12.14 -45.22 -4.74
CA ASN A 111 13.09 -44.11 -4.55
C ASN A 111 14.51 -44.49 -5.02
N LEU A 112 14.61 -44.99 -6.25
CA LEU A 112 15.87 -45.44 -6.90
C LEU A 112 16.15 -44.63 -8.19
N PRO A 113 16.63 -43.37 -8.08
CA PRO A 113 16.96 -42.53 -9.23
C PRO A 113 18.20 -43.02 -10.01
N GLY A 1 -14.53 28.75 4.31
CA GLY A 1 -13.40 28.19 3.53
C GLY A 1 -13.51 26.68 3.41
N SER A 2 -12.42 25.97 3.73
CA SER A 2 -12.29 24.50 3.65
C SER A 2 -11.75 23.90 4.96
N HIS A 3 -12.10 22.63 5.23
CA HIS A 3 -11.80 21.93 6.49
C HIS A 3 -11.00 20.62 6.26
N MET A 4 -9.93 20.72 5.48
CA MET A 4 -9.04 19.59 5.14
C MET A 4 -7.92 19.45 6.19
N ALA A 5 -8.22 18.74 7.29
CA ALA A 5 -7.34 18.59 8.45
C ALA A 5 -7.15 17.15 8.95
N SER A 6 -7.54 16.17 8.13
CA SER A 6 -7.64 14.75 8.50
C SER A 6 -6.37 13.91 8.26
N MET A 7 -5.29 14.55 7.77
CA MET A 7 -4.03 13.88 7.40
C MET A 7 -2.76 14.75 7.54
N ASP A 8 -2.93 16.03 7.89
CA ASP A 8 -1.85 17.00 8.09
C ASP A 8 -1.74 17.50 9.56
N GLN A 9 -2.72 17.10 10.39
CA GLN A 9 -3.00 17.68 11.72
C GLN A 9 -3.39 16.57 12.74
N LEU A 10 -3.02 15.31 12.48
CA LEU A 10 -3.19 14.17 13.39
C LEU A 10 -1.80 13.69 13.87
N ASP A 11 -1.51 13.90 15.17
CA ASP A 11 -0.24 13.51 15.82
C ASP A 11 -0.44 13.13 17.31
N GLU A 12 -1.66 12.72 17.69
CA GLU A 12 -2.08 12.33 19.05
C GLU A 12 -1.72 13.36 20.15
N ILE A 13 -2.28 14.56 20.02
CA ILE A 13 -1.94 15.75 20.83
C ILE A 13 -2.88 15.87 22.05
N ILE A 14 -2.92 14.82 22.87
CA ILE A 14 -3.79 14.70 24.05
C ILE A 14 -2.93 14.58 25.31
N GLU A 15 -2.91 15.63 26.13
CA GLU A 15 -2.16 15.67 27.40
C GLU A 15 -2.81 16.65 28.41
N GLN A 16 -2.95 17.93 28.03
CA GLN A 16 -3.57 19.00 28.82
C GLN A 16 -4.17 20.10 27.92
N ILE A 17 -5.27 20.71 28.39
CA ILE A 17 -5.94 21.87 27.80
C ILE A 17 -6.37 22.82 28.93
N GLN A 18 -6.20 24.12 28.68
CA GLN A 18 -6.60 25.21 29.59
C GLN A 18 -7.10 26.46 28.83
N LYS A 19 -6.20 27.21 28.20
CA LYS A 19 -6.46 28.42 27.40
C LYS A 19 -5.49 28.57 26.21
N GLU A 20 -4.24 28.14 26.36
CA GLU A 20 -3.18 28.23 25.34
C GLU A 20 -2.51 26.87 25.11
N ALA A 21 -2.51 26.44 23.84
CA ALA A 21 -1.71 25.30 23.39
C ALA A 21 -1.21 25.48 21.94
N ILE A 22 -2.13 25.53 20.96
CA ILE A 22 -1.79 25.44 19.53
C ILE A 22 -1.54 26.76 18.83
N ASN A 23 -2.05 27.83 19.41
CA ASN A 23 -2.06 29.14 18.79
C ASN A 23 -0.65 29.76 18.69
N SER A 24 0.31 29.21 19.43
CA SER A 24 1.74 29.58 19.37
C SER A 24 2.37 29.26 18.00
N ASN A 25 1.86 28.22 17.32
CA ASN A 25 2.28 27.86 15.95
C ASN A 25 1.53 28.67 14.88
N VAL A 26 0.29 29.06 15.19
CA VAL A 26 -0.65 29.72 14.27
C VAL A 26 -0.28 31.19 14.08
N VAL A 27 0.02 31.90 15.17
CA VAL A 27 0.38 33.33 15.18
C VAL A 27 1.92 33.45 15.28
N LEU A 28 2.60 33.10 14.18
CA LEU A 28 4.06 32.99 14.12
C LEU A 28 4.62 33.50 12.76
N LYS A 29 5.90 33.92 12.74
CA LYS A 29 6.58 34.61 11.63
C LYS A 29 7.49 33.67 10.79
N ASN A 30 7.18 32.37 10.80
CA ASN A 30 7.95 31.29 10.14
C ASN A 30 9.47 31.27 10.47
N PRO A 31 9.89 31.24 11.75
CA PRO A 31 11.29 31.22 12.14
C PRO A 31 11.93 29.84 11.88
N ARG A 32 12.48 29.65 10.66
CA ARG A 32 13.10 28.41 10.18
C ARG A 32 12.19 27.17 10.34
N VAL A 33 11.06 27.19 9.62
CA VAL A 33 10.03 26.13 9.64
C VAL A 33 9.92 25.48 8.25
N PRO A 34 10.60 24.34 8.01
CA PRO A 34 10.46 23.54 6.80
C PRO A 34 9.21 22.64 6.82
N THR A 35 8.94 22.00 5.68
CA THR A 35 7.65 21.40 5.32
C THR A 35 7.79 19.95 4.84
N GLN A 36 8.08 19.05 5.78
CA GLN A 36 8.44 17.64 5.53
C GLN A 36 7.35 16.61 5.90
N LYS A 37 6.12 17.07 6.03
CA LYS A 37 4.93 16.30 6.46
C LYS A 37 4.30 15.51 5.30
N THR A 38 5.13 14.89 4.46
CA THR A 38 4.78 14.36 3.12
C THR A 38 5.21 12.89 2.87
N GLY A 39 5.67 12.20 3.92
CA GLY A 39 6.21 10.83 3.86
C GLY A 39 5.17 9.70 3.85
N GLU A 40 3.88 10.01 3.65
CA GLU A 40 2.73 9.11 3.86
C GLU A 40 1.87 8.94 2.59
N LEU A 41 2.53 8.68 1.46
CA LEU A 41 1.95 8.33 0.16
C LEU A 41 1.06 9.43 -0.44
N SER A 42 1.71 10.51 -0.88
CA SER A 42 1.11 11.83 -1.13
C SER A 42 1.45 12.34 -2.53
N GLU A 43 0.70 11.81 -3.51
CA GLU A 43 0.60 12.30 -4.91
C GLU A 43 1.92 12.37 -5.71
N GLU A 44 2.93 11.63 -5.25
CA GLU A 44 4.24 11.49 -5.89
C GLU A 44 4.79 10.06 -5.69
N GLN A 45 4.59 9.45 -4.51
CA GLN A 45 5.09 8.11 -4.21
C GLN A 45 4.39 7.04 -5.05
N LYS A 46 3.06 7.09 -5.13
CA LYS A 46 2.27 6.26 -6.06
C LYS A 46 2.52 6.59 -7.54
N LYS A 47 2.95 7.83 -7.85
CA LYS A 47 3.44 8.24 -9.19
C LYS A 47 4.79 7.62 -9.58
N ILE A 48 5.50 6.97 -8.63
CA ILE A 48 6.63 6.08 -8.89
C ILE A 48 6.15 4.63 -8.94
N VAL A 49 5.41 4.18 -7.92
CA VAL A 49 5.08 2.76 -7.71
C VAL A 49 4.08 2.26 -8.75
N ALA A 50 2.88 2.85 -8.81
CA ALA A 50 1.83 2.40 -9.71
C ALA A 50 2.17 2.70 -11.18
N ASP A 51 2.95 3.75 -11.43
CA ASP A 51 3.60 3.96 -12.73
C ASP A 51 4.52 2.78 -13.12
N TYR A 52 5.33 2.23 -12.21
CA TYR A 52 6.17 1.04 -12.44
C TYR A 52 5.31 -0.22 -12.68
N ILE A 53 4.20 -0.38 -11.95
CA ILE A 53 3.26 -1.51 -12.17
C ILE A 53 2.76 -1.55 -13.62
N SER A 54 2.56 -0.38 -14.24
CA SER A 54 2.21 -0.25 -15.67
C SER A 54 3.38 -0.49 -16.66
N GLU A 55 4.64 -0.62 -16.21
CA GLU A 55 5.79 -0.87 -17.09
C GLU A 55 6.11 -2.36 -17.22
N VAL A 56 6.26 -3.05 -16.07
CA VAL A 56 6.86 -4.39 -16.02
C VAL A 56 5.95 -5.48 -15.43
N GLY A 57 4.84 -5.13 -14.77
CA GLY A 57 3.75 -6.04 -14.44
C GLY A 57 3.34 -5.98 -12.97
N LEU A 58 4.16 -6.57 -12.10
CA LEU A 58 3.98 -6.56 -10.64
C LEU A 58 5.25 -7.00 -9.89
N ASN A 59 5.88 -8.07 -10.40
CA ASN A 59 6.96 -8.81 -9.73
C ASN A 59 8.34 -8.67 -10.40
N ASN A 60 8.41 -8.02 -11.57
CA ASN A 60 9.63 -7.91 -12.37
C ASN A 60 10.46 -6.63 -12.07
N LEU A 61 9.86 -5.66 -11.37
CA LEU A 61 10.55 -4.52 -10.76
C LEU A 61 11.43 -4.96 -9.59
N ASN A 62 12.33 -4.09 -9.12
CA ASN A 62 13.09 -4.30 -7.89
C ASN A 62 12.75 -3.26 -6.81
N ALA A 63 13.20 -3.54 -5.60
CA ALA A 63 12.98 -2.71 -4.43
C ALA A 63 13.98 -1.52 -4.35
N THR A 64 15.13 -1.63 -5.01
CA THR A 64 16.21 -0.64 -5.02
C THR A 64 15.78 0.65 -5.73
N GLU A 65 15.20 0.54 -6.93
CA GLU A 65 14.72 1.70 -7.70
C GLU A 65 13.57 2.43 -6.98
N LEU A 66 12.61 1.67 -6.44
CA LEU A 66 11.55 2.20 -5.57
C LEU A 66 12.13 2.96 -4.37
N SER A 67 12.95 2.31 -3.53
CA SER A 67 13.57 2.92 -2.33
C SER A 67 14.48 4.12 -2.61
N LYS A 68 15.00 4.25 -3.84
CA LYS A 68 15.82 5.40 -4.30
C LYS A 68 14.96 6.62 -4.64
N ARG A 69 13.84 6.42 -5.34
CA ARG A 69 12.87 7.47 -5.71
C ARG A 69 11.92 7.86 -4.57
N LEU A 70 11.54 6.89 -3.73
CA LEU A 70 10.64 7.05 -2.57
C LEU A 70 11.37 7.47 -1.28
N ASN A 71 12.67 7.19 -1.17
CA ASN A 71 13.49 7.41 0.04
C ASN A 71 12.94 6.63 1.26
N ILE A 72 12.68 5.34 1.05
CA ILE A 72 12.35 4.32 2.07
C ILE A 72 13.52 3.36 2.28
N THR A 73 13.40 2.51 3.29
CA THR A 73 14.23 1.31 3.49
C THR A 73 13.88 0.25 2.44
N VAL A 74 14.88 -0.42 1.86
CA VAL A 74 14.70 -1.44 0.81
C VAL A 74 13.75 -2.56 1.27
N ASP A 75 13.85 -2.97 2.54
CA ASP A 75 13.02 -4.02 3.13
C ASP A 75 11.57 -3.60 3.40
N LYS A 76 11.29 -2.29 3.51
CA LYS A 76 9.91 -1.78 3.47
C LYS A 76 9.37 -1.79 2.05
N ALA A 77 10.22 -1.48 1.06
CA ALA A 77 9.81 -1.52 -0.36
C ALA A 77 9.43 -2.94 -0.79
N LYS A 78 10.28 -3.92 -0.45
CA LYS A 78 10.11 -5.37 -0.74
C LYS A 78 8.75 -5.93 -0.30
N THR A 79 8.21 -5.46 0.84
CA THR A 79 6.89 -5.91 1.34
C THR A 79 5.73 -4.97 0.97
N TYR A 80 5.99 -3.67 0.84
CA TYR A 80 5.01 -2.69 0.38
C TYR A 80 4.54 -2.94 -1.07
N ILE A 81 5.43 -3.48 -1.93
CA ILE A 81 5.13 -3.92 -3.31
C ILE A 81 3.90 -4.86 -3.39
N LYS A 82 3.59 -5.61 -2.32
CA LYS A 82 2.40 -6.49 -2.24
C LYS A 82 1.37 -6.09 -1.18
N ASN A 83 1.78 -5.39 -0.12
CA ASN A 83 0.90 -4.78 0.87
C ASN A 83 0.32 -3.42 0.40
N SER A 84 0.04 -3.29 -0.91
CA SER A 84 -0.55 -2.11 -1.55
C SER A 84 -1.24 -2.43 -2.87
N ASN A 85 -0.55 -3.16 -3.76
CA ASN A 85 -0.88 -3.22 -5.19
C ASN A 85 -0.85 -4.63 -5.83
N ARG A 86 -1.12 -5.69 -5.04
CA ARG A 86 -1.08 -7.10 -5.47
C ARG A 86 -2.25 -7.57 -6.34
N MET A 87 -3.32 -6.77 -6.46
CA MET A 87 -4.59 -7.20 -7.06
C MET A 87 -5.25 -6.07 -7.90
N GLY A 88 -4.54 -5.60 -8.92
CA GLY A 88 -5.03 -4.62 -9.90
C GLY A 88 -5.89 -5.29 -10.98
N ARG A 89 -5.34 -5.40 -12.20
CA ARG A 89 -5.96 -6.09 -13.35
C ARG A 89 -5.39 -7.50 -13.56
N THR A 90 -5.38 -8.31 -12.50
CA THR A 90 -5.06 -9.76 -12.55
C THR A 90 -3.72 -10.11 -13.23
N ASN A 91 -2.80 -9.14 -13.34
CA ASN A 91 -1.62 -9.16 -14.21
C ASN A 91 -1.89 -9.53 -15.70
N ASN A 92 -3.15 -9.50 -16.16
CA ASN A 92 -3.52 -9.89 -17.54
C ASN A 92 -3.26 -8.77 -18.58
N PHE A 93 -3.01 -7.54 -18.12
CA PHE A 93 -2.67 -6.35 -18.92
C PHE A 93 -1.22 -6.36 -19.48
N LYS A 94 -0.55 -7.53 -19.46
CA LYS A 94 0.85 -7.78 -19.81
C LYS A 94 1.12 -7.92 -21.32
N THR A 95 0.08 -7.68 -22.12
CA THR A 95 0.00 -7.94 -23.55
C THR A 95 -0.85 -6.85 -24.23
N ILE A 96 -2.02 -6.55 -23.65
CA ILE A 96 -2.93 -5.48 -24.08
C ILE A 96 -2.30 -4.12 -23.75
N LYS A 97 -2.75 -3.03 -24.42
CA LYS A 97 -2.31 -1.64 -24.23
C LYS A 97 -0.86 -1.30 -24.64
N MET A 98 -0.08 -2.26 -25.16
CA MET A 98 1.34 -2.06 -25.52
C MET A 98 1.61 -2.00 -27.04
N PHE A 99 0.99 -2.86 -27.85
CA PHE A 99 1.17 -2.88 -29.32
C PHE A 99 0.26 -1.87 -30.05
N GLU A 100 -0.83 -1.48 -29.39
CA GLU A 100 -1.82 -0.51 -29.86
C GLU A 100 -1.39 0.94 -29.51
N ASP A 101 -1.56 1.87 -30.46
CA ASP A 101 -1.15 3.28 -30.37
C ASP A 101 -2.25 4.24 -30.87
N ASP A 102 -2.23 5.50 -30.40
CA ASP A 102 -3.08 6.60 -30.86
C ASP A 102 -2.28 7.61 -31.70
N VAL A 103 -2.89 8.11 -32.78
CA VAL A 103 -2.32 9.14 -33.67
C VAL A 103 -3.32 10.29 -33.90
N SER A 104 -4.59 9.97 -34.04
CA SER A 104 -5.72 10.89 -34.29
C SER A 104 -6.81 10.85 -33.21
N SER A 105 -6.51 10.25 -32.04
CA SER A 105 -7.47 9.94 -30.96
C SER A 105 -8.63 9.04 -31.43
N ALA A 106 -8.42 7.73 -31.39
CA ALA A 106 -9.38 6.69 -31.78
C ALA A 106 -10.45 6.39 -30.70
N SER A 107 -11.46 5.59 -31.08
CA SER A 107 -12.54 5.10 -30.20
C SER A 107 -12.37 3.60 -29.92
N ALA A 108 -13.19 3.04 -29.02
CA ALA A 108 -13.14 1.61 -28.67
C ALA A 108 -13.37 0.66 -29.86
N GLN A 109 -14.10 1.14 -30.85
CA GLN A 109 -14.26 0.57 -32.19
C GLN A 109 -14.41 1.68 -33.25
N PRO A 110 -14.00 1.44 -34.52
CA PRO A 110 -14.28 2.34 -35.62
C PRO A 110 -15.78 2.32 -35.96
N ASN A 111 -16.38 3.50 -36.05
CA ASN A 111 -17.81 3.72 -36.27
C ASN A 111 -18.07 4.82 -37.33
N LEU A 112 -17.31 4.78 -38.44
CA LEU A 112 -17.38 5.75 -39.55
C LEU A 112 -17.42 5.03 -40.92
N PRO A 113 -18.50 4.27 -41.23
CA PRO A 113 -18.66 3.55 -42.51
C PRO A 113 -18.85 4.50 -43.72
N GLY A 1 -6.59 25.35 -26.02
CA GLY A 1 -7.54 26.44 -25.73
C GLY A 1 -8.15 26.28 -24.35
N SER A 2 -7.76 27.16 -23.41
CA SER A 2 -8.18 27.14 -21.99
C SER A 2 -8.50 28.54 -21.49
N HIS A 3 -9.39 28.66 -20.49
CA HIS A 3 -9.77 29.91 -19.85
C HIS A 3 -9.07 30.08 -18.49
N MET A 4 -8.56 31.29 -18.24
CA MET A 4 -7.80 31.65 -17.04
C MET A 4 -8.31 32.98 -16.47
N ALA A 5 -9.11 32.90 -15.41
CA ALA A 5 -9.63 34.05 -14.65
C ALA A 5 -9.65 33.78 -13.13
N SER A 6 -10.48 32.82 -12.68
CA SER A 6 -10.61 32.40 -11.28
C SER A 6 -10.87 33.55 -10.28
N MET A 7 -11.63 34.55 -10.72
CA MET A 7 -11.92 35.78 -9.95
C MET A 7 -13.23 36.50 -10.33
N ASP A 8 -13.58 36.43 -11.61
CA ASP A 8 -14.73 37.13 -12.21
C ASP A 8 -16.01 36.26 -12.25
N GLN A 9 -15.87 34.97 -11.94
CA GLN A 9 -16.88 33.92 -12.13
C GLN A 9 -16.98 32.99 -10.89
N LEU A 10 -16.49 33.44 -9.72
CA LEU A 10 -16.53 32.71 -8.44
C LEU A 10 -17.38 33.48 -7.42
N ASP A 11 -18.33 32.78 -6.78
CA ASP A 11 -19.23 33.33 -5.76
C ASP A 11 -19.60 32.33 -4.64
N GLU A 12 -18.99 31.14 -4.62
CA GLU A 12 -19.23 30.06 -3.67
C GLU A 12 -18.01 29.87 -2.75
N ILE A 13 -18.00 30.57 -1.61
CA ILE A 13 -16.94 30.52 -0.59
C ILE A 13 -17.57 30.34 0.80
N ILE A 14 -17.51 29.12 1.36
CA ILE A 14 -18.08 28.75 2.66
C ILE A 14 -17.09 27.86 3.43
N GLU A 15 -16.79 28.21 4.68
CA GLU A 15 -15.92 27.46 5.61
C GLU A 15 -14.55 27.07 4.97
N GLN A 16 -13.94 28.03 4.27
CA GLN A 16 -12.71 27.87 3.49
C GLN A 16 -11.77 29.09 3.61
N ILE A 17 -10.56 28.97 3.05
CA ILE A 17 -9.59 30.06 2.83
C ILE A 17 -9.31 30.94 4.07
N GLN A 18 -9.19 30.30 5.24
CA GLN A 18 -8.86 30.93 6.52
C GLN A 18 -7.34 31.03 6.75
N LYS A 19 -6.94 31.80 7.78
CA LYS A 19 -5.55 31.84 8.30
C LYS A 19 -5.22 30.59 9.11
N GLU A 20 -5.21 29.44 8.43
CA GLU A 20 -4.84 28.14 8.99
C GLU A 20 -3.32 28.03 9.16
N ALA A 21 -2.85 28.28 10.38
CA ALA A 21 -1.45 28.13 10.76
C ALA A 21 -1.30 27.53 12.16
N ILE A 22 -1.64 28.33 13.18
CA ILE A 22 -1.42 28.04 14.62
C ILE A 22 -2.75 27.97 15.39
N ASN A 23 -3.86 28.11 14.67
CA ASN A 23 -5.21 28.06 15.24
C ASN A 23 -5.75 26.64 15.49
N SER A 24 -5.01 25.61 15.04
CA SER A 24 -5.37 24.18 15.21
C SER A 24 -4.58 23.51 16.34
N ASN A 25 -3.24 23.55 16.31
CA ASN A 25 -2.39 22.74 17.18
C ASN A 25 -2.37 23.17 18.66
N VAL A 26 -2.83 24.39 18.96
CA VAL A 26 -2.92 24.94 20.32
C VAL A 26 -4.07 24.33 21.14
N VAL A 27 -5.12 23.85 20.47
CA VAL A 27 -6.35 23.33 21.10
C VAL A 27 -6.31 21.79 21.22
N LEU A 28 -5.18 21.27 21.71
CA LEU A 28 -4.91 19.84 21.93
C LEU A 28 -4.16 19.60 23.26
N LYS A 29 -4.48 18.48 23.93
CA LYS A 29 -3.90 18.06 25.23
C LYS A 29 -3.47 16.58 25.24
N ASN A 30 -2.93 16.10 24.11
CA ASN A 30 -2.48 14.72 23.87
C ASN A 30 -3.57 13.65 24.21
N PRO A 31 -4.59 13.49 23.35
CA PRO A 31 -5.77 12.65 23.63
C PRO A 31 -5.48 11.14 23.50
N ARG A 32 -4.81 10.57 24.52
CA ARG A 32 -4.51 9.15 24.70
C ARG A 32 -3.87 8.48 23.45
N VAL A 33 -2.92 9.20 22.87
CA VAL A 33 -2.13 8.90 21.64
C VAL A 33 -2.98 8.28 20.51
N PRO A 34 -3.58 9.10 19.62
CA PRO A 34 -4.39 8.60 18.51
C PRO A 34 -3.58 7.86 17.43
N THR A 35 -4.30 7.13 16.59
CA THR A 35 -3.80 5.98 15.82
C THR A 35 -4.12 6.11 14.33
N GLN A 36 -3.41 7.02 13.65
CA GLN A 36 -3.69 7.45 12.26
C GLN A 36 -2.51 7.39 11.29
N LYS A 37 -1.46 6.65 11.66
CA LYS A 37 -0.15 6.61 10.98
C LYS A 37 -0.12 5.51 9.91
N THR A 38 -0.84 5.74 8.80
CA THR A 38 -1.11 4.72 7.77
C THR A 38 -1.08 5.24 6.30
N GLY A 39 -0.60 6.47 6.10
CA GLY A 39 -0.50 7.11 4.77
C GLY A 39 0.74 6.65 3.99
N GLU A 40 1.90 7.23 4.33
CA GLU A 40 3.24 6.98 3.75
C GLU A 40 3.41 7.34 2.25
N LEU A 41 2.33 7.78 1.59
CA LEU A 41 2.25 8.15 0.18
C LEU A 41 1.30 9.35 0.00
N SER A 42 1.69 10.24 -0.90
CA SER A 42 0.93 11.44 -1.30
C SER A 42 0.46 11.35 -2.75
N GLU A 43 1.38 11.50 -3.69
CA GLU A 43 1.06 11.62 -5.11
C GLU A 43 2.27 11.32 -5.99
N GLU A 44 3.41 11.92 -5.61
CA GLU A 44 4.71 11.63 -6.24
C GLU A 44 5.14 10.18 -6.01
N GLN A 45 4.75 9.59 -4.87
CA GLN A 45 5.09 8.21 -4.51
C GLN A 45 4.38 7.19 -5.42
N LYS A 46 3.15 7.49 -5.85
CA LYS A 46 2.43 6.70 -6.87
C LYS A 46 3.04 6.85 -8.26
N LYS A 47 3.55 8.04 -8.58
CA LYS A 47 4.37 8.26 -9.80
C LYS A 47 5.68 7.47 -9.84
N ILE A 48 6.04 6.77 -8.75
CA ILE A 48 7.20 5.86 -8.65
C ILE A 48 6.79 4.38 -8.58
N VAL A 49 5.57 4.06 -8.13
CA VAL A 49 5.07 2.67 -7.93
C VAL A 49 3.95 2.32 -8.91
N ALA A 50 2.82 3.04 -8.88
CA ALA A 50 1.69 2.78 -9.77
C ALA A 50 2.07 2.97 -11.25
N ASP A 51 2.98 3.90 -11.54
CA ASP A 51 3.59 4.10 -12.86
C ASP A 51 4.52 2.95 -13.27
N TYR A 52 5.18 2.29 -12.31
CA TYR A 52 6.07 1.14 -12.52
C TYR A 52 5.29 -0.15 -12.79
N ILE A 53 4.16 -0.32 -12.08
CA ILE A 53 3.16 -1.36 -12.38
C ILE A 53 2.66 -1.21 -13.84
N SER A 54 2.47 0.02 -14.31
CA SER A 54 2.16 0.32 -15.73
C SER A 54 3.34 0.17 -16.69
N GLU A 55 4.58 -0.09 -16.22
CA GLU A 55 5.79 -0.17 -17.05
C GLU A 55 6.36 -1.60 -17.18
N VAL A 56 6.18 -2.46 -16.16
CA VAL A 56 6.81 -3.80 -16.11
C VAL A 56 5.88 -4.94 -15.66
N GLY A 57 4.73 -4.62 -15.04
CA GLY A 57 3.66 -5.57 -14.70
C GLY A 57 3.16 -5.37 -13.29
N LEU A 58 3.88 -5.98 -12.34
CA LEU A 58 3.65 -5.90 -10.89
C LEU A 58 4.87 -6.44 -10.13
N ASN A 59 5.37 -7.57 -10.63
CA ASN A 59 6.35 -8.43 -9.99
C ASN A 59 7.76 -8.39 -10.60
N ASN A 60 7.96 -7.70 -11.74
CA ASN A 60 9.23 -7.71 -12.46
C ASN A 60 10.16 -6.53 -12.07
N LEU A 61 9.61 -5.51 -11.42
CA LEU A 61 10.34 -4.43 -10.74
C LEU A 61 11.19 -4.94 -9.56
N ASN A 62 12.14 -4.13 -9.10
CA ASN A 62 12.88 -4.37 -7.86
C ASN A 62 12.54 -3.33 -6.78
N ALA A 63 13.02 -3.58 -5.57
CA ALA A 63 12.83 -2.71 -4.41
C ALA A 63 13.87 -1.58 -4.34
N THR A 64 15.01 -1.74 -5.01
CA THR A 64 16.13 -0.79 -5.05
C THR A 64 15.75 0.53 -5.74
N GLU A 65 15.08 0.47 -6.88
CA GLU A 65 14.61 1.67 -7.59
C GLU A 65 13.55 2.44 -6.78
N LEU A 66 12.67 1.70 -6.08
CA LEU A 66 11.68 2.30 -5.16
C LEU A 66 12.35 2.97 -3.95
N SER A 67 13.31 2.33 -3.28
CA SER A 67 14.02 2.89 -2.13
C SER A 67 14.84 4.13 -2.49
N LYS A 68 15.36 4.20 -3.73
CA LYS A 68 16.13 5.34 -4.28
C LYS A 68 15.25 6.56 -4.56
N ARG A 69 14.06 6.37 -5.14
CA ARG A 69 13.17 7.47 -5.59
C ARG A 69 12.10 7.87 -4.59
N LEU A 70 11.54 6.90 -3.85
CA LEU A 70 10.49 7.09 -2.83
C LEU A 70 11.11 7.43 -1.44
N ASN A 71 12.43 7.18 -1.28
CA ASN A 71 13.21 7.45 -0.07
C ASN A 71 12.68 6.70 1.18
N ILE A 72 12.82 5.38 1.10
CA ILE A 72 12.41 4.35 2.07
C ILE A 72 13.53 3.32 2.22
N THR A 73 13.54 2.53 3.31
CA THR A 73 14.42 1.35 3.39
C THR A 73 13.97 0.27 2.39
N VAL A 74 14.90 -0.58 1.93
CA VAL A 74 14.64 -1.62 0.92
C VAL A 74 13.55 -2.59 1.40
N ASP A 75 13.52 -2.89 2.69
CA ASP A 75 12.50 -3.77 3.29
C ASP A 75 11.09 -3.16 3.32
N LYS A 76 10.96 -1.83 3.45
CA LYS A 76 9.68 -1.14 3.27
C LYS A 76 9.20 -1.27 1.84
N ALA A 77 10.07 -1.17 0.85
CA ALA A 77 9.70 -1.31 -0.56
C ALA A 77 9.29 -2.75 -0.86
N LYS A 78 10.11 -3.73 -0.44
CA LYS A 78 9.87 -5.18 -0.59
C LYS A 78 8.51 -5.62 -0.03
N THR A 79 8.13 -5.11 1.15
CA THR A 79 6.84 -5.50 1.77
C THR A 79 5.67 -4.67 1.25
N TYR A 80 5.85 -3.36 1.01
CA TYR A 80 4.81 -2.47 0.50
C TYR A 80 4.31 -2.88 -0.89
N ILE A 81 5.18 -3.40 -1.77
CA ILE A 81 4.80 -3.98 -3.08
C ILE A 81 3.61 -4.95 -2.92
N LYS A 82 3.74 -5.96 -2.05
CA LYS A 82 2.69 -6.95 -1.79
C LYS A 82 1.56 -6.44 -0.89
N ASN A 83 1.82 -5.52 0.05
CA ASN A 83 0.75 -4.95 0.88
C ASN A 83 -0.22 -4.07 0.05
N SER A 84 0.31 -3.35 -0.94
CA SER A 84 -0.48 -2.49 -1.84
C SER A 84 -1.24 -3.29 -2.90
N ASN A 85 -0.58 -4.25 -3.53
CA ASN A 85 -1.13 -5.10 -4.59
C ASN A 85 -0.50 -6.50 -4.62
N ARG A 86 -0.99 -7.43 -3.77
CA ARG A 86 -0.49 -8.81 -3.73
C ARG A 86 -0.82 -9.59 -5.01
N MET A 87 -2.12 -9.74 -5.26
CA MET A 87 -2.75 -10.58 -6.30
C MET A 87 -4.18 -10.07 -6.61
N GLY A 88 -4.37 -8.74 -6.65
CA GLY A 88 -5.69 -8.13 -6.82
C GLY A 88 -6.03 -7.96 -8.31
N ARG A 89 -6.38 -6.73 -8.67
CA ARG A 89 -6.65 -6.28 -10.05
C ARG A 89 -5.42 -5.68 -10.73
N THR A 90 -4.24 -6.21 -10.41
CA THR A 90 -2.90 -5.76 -10.87
C THR A 90 -2.66 -4.25 -10.66
N ASN A 91 -3.31 -3.66 -9.64
CA ASN A 91 -3.43 -2.22 -9.42
C ASN A 91 -3.77 -1.38 -10.67
N ASN A 92 -4.61 -1.92 -11.57
CA ASN A 92 -5.08 -1.25 -12.80
C ASN A 92 -6.52 -0.68 -12.69
N PHE A 93 -7.22 -0.94 -11.58
CA PHE A 93 -8.55 -0.41 -11.23
C PHE A 93 -8.55 1.10 -10.84
N LYS A 94 -7.48 1.81 -11.21
CA LYS A 94 -7.21 3.24 -10.99
C LYS A 94 -7.85 4.16 -12.04
N THR A 95 -8.34 3.55 -13.11
CA THR A 95 -8.92 4.19 -14.30
C THR A 95 -10.20 3.48 -14.75
N ILE A 96 -10.21 2.14 -14.76
CA ILE A 96 -11.43 1.32 -14.91
C ILE A 96 -12.28 1.44 -13.64
N LYS A 97 -13.60 1.26 -13.76
CA LYS A 97 -14.57 1.12 -12.66
C LYS A 97 -14.80 2.37 -11.77
N MET A 98 -14.05 3.46 -11.99
CA MET A 98 -14.27 4.75 -11.31
C MET A 98 -15.38 5.60 -11.96
N PHE A 99 -15.61 5.41 -13.27
CA PHE A 99 -16.55 6.19 -14.09
C PHE A 99 -17.74 5.37 -14.63
N GLU A 100 -17.69 4.03 -14.50
CA GLU A 100 -18.72 3.10 -14.96
C GLU A 100 -19.71 2.72 -13.83
N ASP A 101 -20.96 2.44 -14.19
CA ASP A 101 -21.98 1.92 -13.26
C ASP A 101 -21.92 0.39 -13.19
N ASP A 102 -21.56 -0.16 -12.01
CA ASP A 102 -21.50 -1.59 -11.71
C ASP A 102 -22.07 -1.90 -10.31
N VAL A 103 -22.73 -3.05 -10.17
CA VAL A 103 -23.23 -3.58 -8.87
C VAL A 103 -22.93 -5.08 -8.72
N SER A 104 -23.27 -5.87 -9.74
CA SER A 104 -23.15 -7.35 -9.74
C SER A 104 -22.23 -7.89 -10.86
N SER A 105 -21.30 -7.06 -11.34
CA SER A 105 -20.35 -7.38 -12.43
C SER A 105 -21.04 -7.87 -13.73
N ALA A 106 -22.05 -7.11 -14.18
CA ALA A 106 -22.82 -7.39 -15.39
C ALA A 106 -22.02 -7.15 -16.70
N SER A 107 -22.53 -7.65 -17.83
CA SER A 107 -21.98 -7.47 -19.18
C SER A 107 -23.10 -7.23 -20.20
N ALA A 108 -22.78 -7.18 -21.49
CA ALA A 108 -23.72 -7.04 -22.61
C ALA A 108 -24.51 -8.33 -22.90
N GLN A 109 -25.20 -8.82 -21.87
CA GLN A 109 -25.97 -10.06 -21.86
C GLN A 109 -27.27 -9.96 -22.70
N PRO A 110 -27.75 -11.07 -23.31
CA PRO A 110 -28.99 -11.11 -24.09
C PRO A 110 -30.23 -11.14 -23.17
N ASN A 111 -30.61 -9.97 -22.64
CA ASN A 111 -31.69 -9.78 -21.69
C ASN A 111 -32.47 -8.49 -22.02
N LEU A 112 -33.56 -8.62 -22.77
CA LEU A 112 -34.45 -7.53 -23.20
C LEU A 112 -35.93 -7.86 -22.91
N PRO A 113 -36.36 -7.93 -21.63
CA PRO A 113 -37.74 -8.23 -21.23
C PRO A 113 -38.74 -7.09 -21.59
N GLY A 1 -7.65 -18.66 42.06
CA GLY A 1 -8.57 -19.69 42.61
C GLY A 1 -9.42 -19.14 43.74
N SER A 2 -10.68 -19.58 43.82
CA SER A 2 -11.62 -19.25 44.91
C SER A 2 -12.57 -20.42 45.20
N HIS A 3 -12.96 -20.59 46.47
CA HIS A 3 -13.70 -21.77 46.98
C HIS A 3 -14.65 -21.41 48.14
N MET A 4 -15.22 -20.21 48.12
CA MET A 4 -16.02 -19.64 49.21
C MET A 4 -17.53 -19.82 48.96
N ALA A 5 -18.01 -21.05 49.18
CA ALA A 5 -19.40 -21.50 48.98
C ALA A 5 -19.96 -21.16 47.58
N SER A 6 -19.48 -21.91 46.59
CA SER A 6 -19.74 -21.74 45.14
C SER A 6 -21.23 -21.59 44.77
N MET A 7 -22.12 -22.29 45.49
CA MET A 7 -23.58 -22.26 45.30
C MET A 7 -24.24 -20.92 45.63
N ASP A 8 -23.49 -20.01 46.26
CA ASP A 8 -23.85 -18.64 46.63
C ASP A 8 -22.87 -17.59 46.04
N GLN A 9 -21.99 -18.02 45.14
CA GLN A 9 -20.78 -17.33 44.69
C GLN A 9 -20.52 -17.52 43.18
N LEU A 10 -21.54 -17.89 42.39
CA LEU A 10 -21.48 -18.04 40.93
C LEU A 10 -22.45 -17.07 40.24
N ASP A 11 -21.90 -16.22 39.38
CA ASP A 11 -22.66 -15.21 38.59
C ASP A 11 -22.03 -14.95 37.19
N GLU A 12 -20.96 -15.65 36.82
CA GLU A 12 -20.17 -15.46 35.61
C GLU A 12 -20.21 -16.76 34.76
N ILE A 13 -21.20 -16.84 33.87
CA ILE A 13 -21.51 -18.03 33.04
C ILE A 13 -21.51 -17.61 31.55
N ILE A 14 -20.90 -18.42 30.69
CA ILE A 14 -20.79 -18.17 29.24
C ILE A 14 -21.91 -18.91 28.49
N GLU A 15 -22.65 -18.19 27.63
CA GLU A 15 -23.74 -18.73 26.80
C GLU A 15 -23.74 -18.15 25.36
N GLN A 16 -22.63 -17.50 24.95
CA GLN A 16 -22.52 -16.78 23.68
C GLN A 16 -22.13 -17.67 22.49
N ILE A 17 -22.23 -17.08 21.29
CA ILE A 17 -21.89 -17.68 20.00
C ILE A 17 -20.45 -17.38 19.52
N GLN A 18 -19.60 -16.84 20.41
CA GLN A 18 -18.27 -16.29 20.10
C GLN A 18 -17.24 -16.64 21.19
N LYS A 19 -15.95 -16.59 20.83
CA LYS A 19 -14.81 -16.94 21.72
C LYS A 19 -14.27 -15.72 22.50
N GLU A 20 -15.17 -14.84 22.93
CA GLU A 20 -14.87 -13.64 23.72
C GLU A 20 -15.97 -13.35 24.75
N ALA A 21 -15.54 -12.82 25.89
CA ALA A 21 -16.29 -12.69 27.13
C ALA A 21 -15.92 -11.38 27.85
N ILE A 22 -14.99 -11.46 28.80
CA ILE A 22 -14.47 -10.35 29.61
C ILE A 22 -12.95 -10.52 29.71
N ASN A 23 -12.30 -10.62 28.53
CA ASN A 23 -10.84 -10.68 28.35
C ASN A 23 -10.35 -9.63 27.32
N SER A 24 -11.23 -8.73 26.87
CA SER A 24 -10.95 -7.72 25.83
C SER A 24 -11.46 -6.32 26.21
N ASN A 25 -12.75 -6.20 26.54
CA ASN A 25 -13.37 -4.95 27.02
C ASN A 25 -12.77 -4.39 28.33
N VAL A 26 -12.13 -5.26 29.11
CA VAL A 26 -11.44 -4.95 30.38
C VAL A 26 -9.98 -4.47 30.19
N VAL A 27 -9.41 -4.63 28.99
CA VAL A 27 -8.09 -4.11 28.59
C VAL A 27 -8.20 -3.36 27.24
N LEU A 28 -9.14 -2.40 27.18
CA LEU A 28 -9.37 -1.56 26.00
C LEU A 28 -8.51 -0.27 26.02
N LYS A 29 -8.25 0.31 24.84
CA LYS A 29 -7.30 1.43 24.62
C LYS A 29 -7.93 2.69 23.99
N ASN A 30 -9.25 2.88 24.17
CA ASN A 30 -10.05 4.00 23.65
C ASN A 30 -9.85 4.25 22.13
N PRO A 31 -10.41 3.41 21.25
CA PRO A 31 -10.12 3.43 19.81
C PRO A 31 -10.61 4.72 19.12
N ARG A 32 -9.71 5.69 18.98
CA ARG A 32 -9.89 7.00 18.33
C ARG A 32 -8.69 7.39 17.46
N VAL A 33 -7.47 7.19 17.95
CA VAL A 33 -6.21 7.56 17.24
C VAL A 33 -5.27 6.34 17.12
N PRO A 34 -5.42 5.50 16.07
CA PRO A 34 -4.48 4.42 15.77
C PRO A 34 -3.18 4.92 15.11
N THR A 35 -2.23 4.00 14.94
CA THR A 35 -0.81 4.27 14.65
C THR A 35 -0.35 3.66 13.31
N GLN A 36 -0.87 4.20 12.22
CA GLN A 36 -0.68 3.71 10.83
C GLN A 36 0.13 4.68 9.96
N LYS A 37 1.04 5.45 10.57
CA LYS A 37 1.85 6.52 9.94
C LYS A 37 3.01 5.99 9.08
N THR A 38 2.78 4.93 8.32
CA THR A 38 3.79 4.15 7.56
C THR A 38 3.59 4.14 6.03
N GLY A 39 2.49 4.72 5.56
CA GLY A 39 2.13 4.79 4.12
C GLY A 39 2.97 5.81 3.35
N GLU A 40 3.02 7.05 3.83
CA GLU A 40 3.86 8.15 3.29
C GLU A 40 3.60 8.48 1.80
N LEU A 41 2.35 8.31 1.36
CA LEU A 41 1.91 8.37 -0.02
C LEU A 41 1.12 9.67 -0.30
N SER A 42 1.83 10.66 -0.83
CA SER A 42 1.36 12.03 -1.07
C SER A 42 1.76 12.52 -2.47
N GLU A 43 1.11 11.96 -3.48
CA GLU A 43 1.04 12.44 -4.88
C GLU A 43 2.36 12.43 -5.68
N GLU A 44 3.41 11.80 -5.14
CA GLU A 44 4.67 11.54 -5.84
C GLU A 44 5.09 10.06 -5.74
N GLN A 45 4.77 9.41 -4.61
CA GLN A 45 5.24 8.07 -4.26
C GLN A 45 4.50 6.99 -5.05
N LYS A 46 3.18 7.13 -5.19
CA LYS A 46 2.36 6.36 -6.14
C LYS A 46 2.73 6.63 -7.61
N LYS A 47 3.19 7.85 -7.94
CA LYS A 47 3.77 8.18 -9.26
C LYS A 47 5.12 7.52 -9.54
N ILE A 48 5.67 6.78 -8.57
CA ILE A 48 6.80 5.86 -8.73
C ILE A 48 6.28 4.42 -8.76
N VAL A 49 5.56 3.96 -7.73
CA VAL A 49 5.20 2.54 -7.59
C VAL A 49 4.12 2.10 -8.58
N ALA A 50 2.98 2.81 -8.66
CA ALA A 50 1.92 2.47 -9.59
C ALA A 50 2.36 2.67 -11.06
N ASP A 51 3.20 3.69 -11.30
CA ASP A 51 3.86 3.90 -12.60
C ASP A 51 4.79 2.73 -12.99
N TYR A 52 5.48 2.08 -12.04
CA TYR A 52 6.30 0.89 -12.29
C TYR A 52 5.43 -0.35 -12.59
N ILE A 53 4.32 -0.51 -11.87
CA ILE A 53 3.31 -1.56 -12.16
C ILE A 53 2.75 -1.41 -13.60
N SER A 54 2.58 -0.18 -14.09
CA SER A 54 2.24 0.09 -15.49
C SER A 54 3.37 -0.17 -16.51
N GLU A 55 4.62 -0.40 -16.08
CA GLU A 55 5.78 -0.52 -16.98
C GLU A 55 6.24 -1.97 -17.17
N VAL A 56 6.29 -2.77 -16.09
CA VAL A 56 6.87 -4.14 -16.11
C VAL A 56 5.97 -5.25 -15.53
N GLY A 57 4.89 -4.90 -14.83
CA GLY A 57 3.77 -5.81 -14.50
C GLY A 57 3.37 -5.72 -13.03
N LEU A 58 4.13 -6.39 -12.17
CA LEU A 58 3.93 -6.38 -10.71
C LEU A 58 5.20 -6.80 -9.96
N ASN A 59 5.81 -7.90 -10.42
CA ASN A 59 6.91 -8.61 -9.76
C ASN A 59 8.29 -8.41 -10.43
N ASN A 60 8.33 -7.86 -11.65
CA ASN A 60 9.54 -7.75 -12.46
C ASN A 60 10.38 -6.49 -12.16
N LEU A 61 9.79 -5.55 -11.41
CA LEU A 61 10.42 -4.33 -10.92
C LEU A 61 11.48 -4.56 -9.83
N ASN A 62 12.16 -3.48 -9.42
CA ASN A 62 13.23 -3.51 -8.45
C ASN A 62 12.89 -2.70 -7.18
N ALA A 63 12.88 -3.33 -6.01
CA ALA A 63 12.62 -2.67 -4.73
C ALA A 63 13.71 -1.62 -4.39
N THR A 64 14.92 -1.78 -4.93
CA THR A 64 16.03 -0.80 -4.82
C THR A 64 15.75 0.49 -5.61
N GLU A 65 15.24 0.39 -6.84
CA GLU A 65 14.81 1.56 -7.61
C GLU A 65 13.65 2.30 -6.94
N LEU A 66 12.70 1.56 -6.34
CA LEU A 66 11.62 2.16 -5.54
C LEU A 66 12.18 2.94 -4.33
N SER A 67 13.05 2.33 -3.53
CA SER A 67 13.62 2.96 -2.32
C SER A 67 14.51 4.16 -2.62
N LYS A 68 15.12 4.21 -3.82
CA LYS A 68 15.93 5.33 -4.32
C LYS A 68 15.07 6.53 -4.74
N ARG A 69 13.99 6.27 -5.50
CA ARG A 69 13.04 7.30 -5.97
C ARG A 69 12.14 7.84 -4.86
N LEU A 70 11.63 6.95 -4.01
CA LEU A 70 10.58 7.21 -2.99
C LEU A 70 11.18 7.60 -1.62
N ASN A 71 12.45 7.27 -1.38
CA ASN A 71 13.19 7.50 -0.13
C ASN A 71 12.57 6.77 1.08
N ILE A 72 12.69 5.44 1.02
CA ILE A 72 12.32 4.45 2.04
C ILE A 72 13.50 3.46 2.21
N THR A 73 13.43 2.54 3.17
CA THR A 73 14.33 1.37 3.21
C THR A 73 13.87 0.30 2.20
N VAL A 74 14.79 -0.52 1.70
CA VAL A 74 14.51 -1.58 0.71
C VAL A 74 13.46 -2.56 1.24
N ASP A 75 13.48 -2.86 2.54
CA ASP A 75 12.52 -3.76 3.18
C ASP A 75 11.09 -3.21 3.22
N LYS A 76 10.92 -1.88 3.36
CA LYS A 76 9.60 -1.25 3.23
C LYS A 76 9.10 -1.30 1.80
N ALA A 77 9.97 -1.22 0.80
CA ALA A 77 9.57 -1.36 -0.61
C ALA A 77 9.16 -2.82 -0.91
N LYS A 78 9.99 -3.79 -0.51
CA LYS A 78 9.78 -5.23 -0.69
C LYS A 78 8.45 -5.71 -0.10
N THR A 79 8.05 -5.20 1.07
CA THR A 79 6.74 -5.53 1.67
C THR A 79 5.60 -4.68 1.11
N TYR A 80 5.79 -3.37 0.90
CA TYR A 80 4.75 -2.47 0.39
C TYR A 80 4.23 -2.89 -0.99
N ILE A 81 5.09 -3.44 -1.86
CA ILE A 81 4.71 -4.06 -3.15
C ILE A 81 3.53 -5.02 -2.95
N LYS A 82 3.71 -6.12 -2.19
CA LYS A 82 2.64 -7.11 -1.95
C LYS A 82 1.53 -6.62 -1.02
N ASN A 83 1.78 -5.61 -0.17
CA ASN A 83 0.79 -5.10 0.78
C ASN A 83 -0.21 -4.14 0.11
N SER A 84 0.22 -3.39 -0.91
CA SER A 84 -0.60 -2.47 -1.70
C SER A 84 -1.15 -3.11 -2.97
N ASN A 85 -0.32 -3.84 -3.72
CA ASN A 85 -0.65 -4.44 -5.01
C ASN A 85 -0.36 -5.96 -5.04
N ARG A 86 -1.30 -6.74 -4.49
CA ARG A 86 -1.34 -8.22 -4.55
C ARG A 86 -2.18 -8.79 -5.71
N MET A 87 -2.85 -7.94 -6.48
CA MET A 87 -3.81 -8.33 -7.53
C MET A 87 -3.13 -8.72 -8.86
N GLY A 88 -2.26 -9.74 -8.81
CA GLY A 88 -1.70 -10.40 -9.99
C GLY A 88 -2.61 -11.54 -10.44
N ARG A 89 -2.12 -12.78 -10.34
CA ARG A 89 -2.88 -14.02 -10.57
C ARG A 89 -3.13 -14.79 -9.28
N THR A 90 -3.86 -14.16 -8.34
CA THR A 90 -4.47 -14.81 -7.16
C THR A 90 -3.52 -15.66 -6.29
N ASN A 91 -2.21 -15.36 -6.34
CA ASN A 91 -1.12 -16.19 -5.82
C ASN A 91 -1.17 -17.69 -6.23
N ASN A 92 -1.81 -18.01 -7.37
CA ASN A 92 -1.98 -19.37 -7.90
C ASN A 92 -0.93 -19.76 -8.97
N PHE A 93 -0.12 -18.80 -9.44
CA PHE A 93 0.87 -18.90 -10.53
C PHE A 93 2.12 -19.74 -10.20
N LYS A 94 2.10 -20.55 -9.13
CA LYS A 94 3.23 -21.32 -8.56
C LYS A 94 3.60 -22.59 -9.33
N THR A 95 2.87 -22.83 -10.43
CA THR A 95 2.89 -24.05 -11.24
C THR A 95 2.64 -23.72 -12.71
N ILE A 96 1.60 -22.92 -12.99
CA ILE A 96 1.21 -22.50 -14.35
C ILE A 96 2.24 -21.50 -14.91
N LYS A 97 2.33 -21.38 -16.24
CA LYS A 97 3.27 -20.52 -16.99
C LYS A 97 4.76 -20.89 -16.91
N MET A 98 5.16 -21.88 -16.12
CA MET A 98 6.59 -22.22 -15.88
C MET A 98 7.09 -23.44 -16.63
N PHE A 99 6.32 -24.54 -16.70
CA PHE A 99 6.71 -25.78 -17.39
C PHE A 99 6.20 -25.88 -18.84
N GLU A 100 5.34 -24.95 -19.26
CA GLU A 100 4.69 -24.92 -20.58
C GLU A 100 5.41 -23.98 -21.57
N ASP A 101 5.34 -24.31 -22.86
CA ASP A 101 5.89 -23.52 -23.97
C ASP A 101 4.91 -23.48 -25.16
N ASP A 102 4.97 -22.42 -25.97
CA ASP A 102 4.20 -22.24 -27.20
C ASP A 102 5.02 -21.52 -28.30
N VAL A 103 4.75 -21.86 -29.56
CA VAL A 103 5.42 -21.29 -30.76
C VAL A 103 4.40 -20.94 -31.85
N SER A 104 3.47 -21.85 -32.15
CA SER A 104 2.45 -21.73 -33.21
C SER A 104 1.01 -21.79 -32.68
N SER A 105 0.80 -21.40 -31.42
CA SER A 105 -0.50 -21.40 -30.72
C SER A 105 -1.21 -22.77 -30.70
N ALA A 106 -0.44 -23.86 -30.53
CA ALA A 106 -0.95 -25.22 -30.47
C ALA A 106 -1.57 -25.53 -29.09
N SER A 107 -2.82 -26.00 -29.07
CA SER A 107 -3.59 -26.37 -27.87
C SER A 107 -4.51 -27.56 -28.18
N ALA A 108 -4.31 -28.68 -27.49
CA ALA A 108 -5.05 -29.94 -27.68
C ALA A 108 -5.06 -30.50 -29.12
N GLN A 109 -4.05 -30.12 -29.92
CA GLN A 109 -3.88 -30.50 -31.33
C GLN A 109 -2.52 -31.18 -31.57
N PRO A 110 -2.44 -32.52 -31.62
CA PRO A 110 -1.20 -33.27 -31.83
C PRO A 110 -0.81 -33.32 -33.33
N ASN A 111 -0.50 -32.15 -33.90
CA ASN A 111 -0.25 -31.92 -35.33
C ASN A 111 1.18 -31.41 -35.61
N LEU A 112 2.16 -31.95 -34.87
CA LEU A 112 3.59 -31.61 -34.95
C LEU A 112 4.48 -32.88 -35.00
N PRO A 113 5.67 -32.82 -35.64
CA PRO A 113 6.60 -33.95 -35.74
C PRO A 113 7.27 -34.31 -34.38
N GLY A 1 39.79 16.82 51.01
CA GLY A 1 39.14 17.34 49.79
C GLY A 1 37.70 17.74 50.03
N SER A 2 36.94 17.97 48.95
CA SER A 2 35.51 18.31 48.97
C SER A 2 34.79 17.74 47.74
N HIS A 3 33.46 17.57 47.82
CA HIS A 3 32.61 17.02 46.75
C HIS A 3 31.57 18.05 46.30
N MET A 4 31.62 18.44 45.02
CA MET A 4 30.67 19.33 44.37
C MET A 4 30.27 18.78 42.99
N ALA A 5 29.00 18.38 42.85
CA ALA A 5 28.39 17.94 41.60
C ALA A 5 26.92 18.39 41.49
N SER A 6 26.06 17.89 42.39
CA SER A 6 24.63 18.23 42.49
C SER A 6 23.83 18.07 41.18
N MET A 7 24.23 17.11 40.34
CA MET A 7 23.60 16.80 39.03
C MET A 7 23.79 15.36 38.53
N ASP A 8 24.86 14.70 38.96
CA ASP A 8 25.24 13.33 38.59
C ASP A 8 24.71 12.26 39.57
N GLN A 9 24.13 12.69 40.69
CA GLN A 9 23.85 11.88 41.88
C GLN A 9 22.48 12.27 42.53
N LEU A 10 21.51 12.66 41.71
CA LEU A 10 20.16 13.09 42.13
C LEU A 10 19.14 11.96 41.85
N ASP A 11 18.98 11.06 42.81
CA ASP A 11 18.12 9.87 42.72
C ASP A 11 17.13 9.73 43.90
N GLU A 12 17.17 10.64 44.87
CA GLU A 12 16.32 10.62 46.08
C GLU A 12 15.17 11.62 45.99
N ILE A 13 14.03 11.15 45.44
CA ILE A 13 12.82 11.95 45.30
C ILE A 13 11.55 11.20 45.72
N ILE A 14 11.36 9.95 45.26
CA ILE A 14 10.18 9.12 45.52
C ILE A 14 10.54 7.62 45.52
N GLU A 15 9.81 6.83 46.32
CA GLU A 15 9.95 5.36 46.42
C GLU A 15 8.71 4.64 45.88
N GLN A 16 8.90 3.45 45.31
CA GLN A 16 7.84 2.63 44.69
C GLN A 16 8.17 1.12 44.78
N ILE A 17 7.16 0.26 44.72
CA ILE A 17 7.28 -1.20 44.87
C ILE A 17 7.65 -1.91 43.54
N GLN A 18 8.92 -1.82 43.15
CA GLN A 18 9.46 -2.32 41.89
C GLN A 18 10.95 -2.70 42.01
N LYS A 19 11.43 -3.58 41.13
CA LYS A 19 12.83 -4.04 41.08
C LYS A 19 13.67 -3.19 40.11
N GLU A 20 13.77 -1.89 40.40
CA GLU A 20 14.60 -0.94 39.65
C GLU A 20 15.41 -0.04 40.61
N ALA A 21 16.67 0.18 40.26
CA ALA A 21 17.63 1.02 40.99
C ALA A 21 18.50 1.83 40.02
N ILE A 22 19.49 1.17 39.41
CA ILE A 22 20.50 1.81 38.53
C ILE A 22 20.54 1.21 37.12
N ASN A 23 19.84 0.11 36.91
CA ASN A 23 19.90 -0.66 35.67
C ASN A 23 19.16 0.01 34.49
N SER A 24 18.30 0.99 34.78
CA SER A 24 17.53 1.73 33.77
C SER A 24 18.28 2.96 33.26
N ASN A 25 18.75 3.85 34.15
CA ASN A 25 19.39 5.11 33.74
C ASN A 25 20.78 4.95 33.09
N VAL A 26 21.42 3.79 33.30
CA VAL A 26 22.70 3.40 32.69
C VAL A 26 22.52 2.74 31.32
N VAL A 27 21.37 2.09 31.08
CA VAL A 27 21.07 1.30 29.86
C VAL A 27 19.69 1.69 29.30
N LEU A 28 19.65 2.81 28.56
CA LEU A 28 18.44 3.40 27.99
C LEU A 28 18.64 3.79 26.51
N LYS A 29 17.57 3.70 25.69
CA LYS A 29 17.57 3.95 24.23
C LYS A 29 16.60 5.06 23.80
N ASN A 30 16.57 6.15 24.57
CA ASN A 30 15.78 7.37 24.32
C ASN A 30 14.28 7.12 24.00
N PRO A 31 13.49 6.57 24.93
CA PRO A 31 12.08 6.21 24.72
C PRO A 31 11.18 7.46 24.55
N ARG A 32 11.07 7.93 23.30
CA ARG A 32 10.29 9.11 22.88
C ARG A 32 9.30 8.83 21.76
N VAL A 33 9.79 8.20 20.69
CA VAL A 33 9.05 7.72 19.50
C VAL A 33 8.11 8.80 18.91
N PRO A 34 8.62 9.72 18.06
CA PRO A 34 7.84 10.80 17.46
C PRO A 34 6.76 10.30 16.46
N THR A 35 5.74 11.13 16.22
CA THR A 35 4.51 10.79 15.49
C THR A 35 4.41 11.56 14.16
N GLN A 36 5.14 11.05 13.17
CA GLN A 36 5.26 11.60 11.81
C GLN A 36 4.44 10.81 10.77
N LYS A 37 3.31 10.24 11.19
CA LYS A 37 2.43 9.32 10.46
C LYS A 37 1.59 9.97 9.34
N THR A 38 2.12 11.01 8.69
CA THR A 38 1.37 11.98 7.86
C THR A 38 2.06 12.37 6.53
N GLY A 39 3.09 11.61 6.12
CA GLY A 39 3.93 11.92 4.95
C GLY A 39 4.46 10.72 4.15
N GLU A 40 3.75 9.58 4.18
CA GLU A 40 4.22 8.33 3.56
C GLU A 40 4.10 8.31 2.03
N LEU A 41 2.90 8.59 1.50
CA LEU A 41 2.58 8.76 0.08
C LEU A 41 1.51 9.84 -0.06
N SER A 42 1.65 10.64 -1.12
CA SER A 42 0.74 11.71 -1.51
C SER A 42 0.17 11.49 -2.90
N GLU A 43 1.02 11.56 -3.91
CA GLU A 43 0.61 11.58 -5.30
C GLU A 43 1.79 11.27 -6.20
N GLU A 44 2.90 11.96 -5.97
CA GLU A 44 4.15 11.75 -6.70
C GLU A 44 4.71 10.34 -6.45
N GLN A 45 4.47 9.79 -5.26
CA GLN A 45 4.94 8.46 -4.86
C GLN A 45 4.20 7.35 -5.64
N LYS A 46 2.92 7.54 -5.96
CA LYS A 46 2.17 6.62 -6.85
C LYS A 46 2.67 6.70 -8.29
N LYS A 47 3.08 7.89 -8.72
CA LYS A 47 3.76 8.10 -10.00
C LYS A 47 5.17 7.46 -10.08
N ILE A 48 5.63 6.82 -9.00
CA ILE A 48 6.86 6.00 -8.93
C ILE A 48 6.55 4.51 -8.72
N VAL A 49 5.43 4.13 -8.09
CA VAL A 49 5.07 2.74 -7.77
C VAL A 49 3.95 2.19 -8.66
N ALA A 50 2.77 2.81 -8.62
CA ALA A 50 1.62 2.42 -9.44
C ALA A 50 1.90 2.60 -10.95
N ASP A 51 2.59 3.69 -11.31
CA ASP A 51 3.03 3.92 -12.69
C ASP A 51 4.10 2.90 -13.16
N TYR A 52 5.02 2.51 -12.27
CA TYR A 52 6.09 1.53 -12.55
C TYR A 52 5.56 0.10 -12.69
N ILE A 53 4.50 -0.24 -11.96
CA ILE A 53 3.71 -1.46 -12.16
C ILE A 53 3.16 -1.56 -13.59
N SER A 54 2.86 -0.42 -14.22
CA SER A 54 2.41 -0.37 -15.62
C SER A 54 3.55 -0.61 -16.64
N GLU A 55 4.81 -0.50 -16.22
CA GLU A 55 5.98 -0.77 -17.05
C GLU A 55 6.43 -2.23 -16.94
N VAL A 56 6.47 -2.75 -15.70
CA VAL A 56 7.11 -4.04 -15.38
C VAL A 56 6.12 -5.16 -15.06
N GLY A 57 5.14 -4.91 -14.18
CA GLY A 57 4.02 -5.83 -13.95
C GLY A 57 3.38 -5.69 -12.57
N LEU A 58 4.05 -6.28 -11.58
CA LEU A 58 3.58 -6.42 -10.18
C LEU A 58 4.64 -6.99 -9.24
N ASN A 59 5.36 -7.98 -9.76
CA ASN A 59 6.26 -8.86 -9.02
C ASN A 59 7.74 -8.83 -9.50
N ASN A 60 8.03 -8.19 -10.64
CA ASN A 60 9.36 -8.23 -11.29
C ASN A 60 10.22 -6.97 -11.05
N LEU A 61 9.66 -5.96 -10.37
CA LEU A 61 10.20 -4.60 -10.22
C LEU A 61 11.45 -4.54 -9.33
N ASN A 62 12.25 -3.48 -9.50
CA ASN A 62 13.42 -3.19 -8.69
C ASN A 62 12.98 -2.42 -7.43
N ALA A 63 12.96 -3.09 -6.29
CA ALA A 63 12.74 -2.45 -4.98
C ALA A 63 13.81 -1.38 -4.67
N THR A 64 15.00 -1.50 -5.28
CA THR A 64 16.08 -0.49 -5.31
C THR A 64 15.62 0.85 -5.91
N GLU A 65 14.91 0.84 -7.05
CA GLU A 65 14.36 2.07 -7.64
C GLU A 65 13.30 2.73 -6.74
N LEU A 66 12.47 1.95 -6.04
CA LEU A 66 11.52 2.48 -5.05
C LEU A 66 12.26 3.13 -3.85
N SER A 67 13.23 2.45 -3.24
CA SER A 67 13.98 2.97 -2.08
C SER A 67 14.82 4.20 -2.41
N LYS A 68 15.17 4.40 -3.69
CA LYS A 68 15.90 5.57 -4.21
C LYS A 68 15.02 6.79 -4.48
N ARG A 69 13.69 6.61 -4.50
CA ARG A 69 12.69 7.64 -4.89
C ARG A 69 11.69 7.96 -3.77
N LEU A 70 11.18 6.95 -3.07
CA LEU A 70 10.33 7.10 -1.87
C LEU A 70 11.14 7.27 -0.58
N ASN A 71 12.46 7.02 -0.60
CA ASN A 71 13.38 7.13 0.54
C ASN A 71 12.96 6.22 1.71
N ILE A 72 12.99 4.91 1.44
CA ILE A 72 12.61 3.81 2.34
C ILE A 72 13.72 2.75 2.45
N THR A 73 13.58 1.87 3.44
CA THR A 73 14.37 0.63 3.55
C THR A 73 14.05 -0.29 2.36
N VAL A 74 15.06 -1.00 1.82
CA VAL A 74 14.87 -1.89 0.65
C VAL A 74 13.85 -2.99 0.95
N ASP A 75 13.85 -3.52 2.17
CA ASP A 75 12.90 -4.54 2.60
C ASP A 75 11.47 -4.01 2.80
N LYS A 76 11.32 -2.73 3.16
CA LYS A 76 10.01 -2.05 3.13
C LYS A 76 9.50 -1.92 1.70
N ALA A 77 10.36 -1.61 0.73
CA ALA A 77 9.98 -1.54 -0.68
C ALA A 77 9.57 -2.92 -1.21
N LYS A 78 10.37 -3.95 -0.94
CA LYS A 78 10.13 -5.35 -1.34
C LYS A 78 8.79 -5.89 -0.86
N THR A 79 8.36 -5.54 0.36
CA THR A 79 7.06 -5.99 0.89
C THR A 79 5.90 -5.07 0.54
N TYR A 80 6.13 -3.75 0.47
CA TYR A 80 5.13 -2.73 0.12
C TYR A 80 4.61 -2.89 -1.31
N ILE A 81 5.46 -3.30 -2.26
CA ILE A 81 5.09 -3.63 -3.65
C ILE A 81 3.89 -4.59 -3.72
N LYS A 82 3.79 -5.55 -2.78
CA LYS A 82 2.63 -6.46 -2.66
C LYS A 82 1.57 -5.94 -1.71
N ASN A 83 1.96 -5.41 -0.56
CA ASN A 83 0.99 -5.04 0.48
C ASN A 83 0.11 -3.84 0.09
N SER A 84 0.58 -2.98 -0.83
CA SER A 84 -0.20 -1.87 -1.40
C SER A 84 -1.09 -2.28 -2.58
N ASN A 85 -0.60 -3.20 -3.43
CA ASN A 85 -1.21 -3.52 -4.73
C ASN A 85 -1.07 -5.00 -5.14
N ARG A 86 -1.52 -5.93 -4.27
CA ARG A 86 -1.33 -7.39 -4.44
C ARG A 86 -1.90 -7.97 -5.74
N MET A 87 -2.99 -7.38 -6.24
CA MET A 87 -3.67 -7.76 -7.49
C MET A 87 -3.88 -6.60 -8.48
N GLY A 88 -3.64 -5.35 -8.06
CA GLY A 88 -3.81 -4.13 -8.86
C GLY A 88 -5.15 -3.46 -8.60
N ARG A 89 -5.13 -2.12 -8.40
CA ARG A 89 -6.30 -1.27 -8.10
C ARG A 89 -7.22 -1.82 -7.00
N THR A 90 -6.62 -2.51 -6.02
CA THR A 90 -7.28 -3.24 -4.92
C THR A 90 -8.45 -4.14 -5.37
N ASN A 91 -8.38 -4.67 -6.60
CA ASN A 91 -9.43 -5.41 -7.30
C ASN A 91 -10.79 -4.66 -7.46
N ASN A 92 -10.88 -3.37 -7.12
CA ASN A 92 -12.14 -2.61 -7.11
C ASN A 92 -12.62 -2.16 -8.51
N PHE A 93 -11.75 -2.27 -9.53
CA PHE A 93 -11.96 -1.85 -10.93
C PHE A 93 -12.94 -2.74 -11.73
N LYS A 94 -13.68 -3.62 -11.04
CA LYS A 94 -14.49 -4.73 -11.58
C LYS A 94 -15.95 -4.37 -11.90
N THR A 95 -16.33 -3.14 -11.58
CA THR A 95 -17.70 -2.62 -11.64
C THR A 95 -17.70 -1.20 -12.19
N ILE A 96 -16.84 -0.33 -11.66
CA ILE A 96 -16.65 1.06 -12.11
C ILE A 96 -15.95 1.10 -13.47
N LYS A 97 -16.00 2.26 -14.14
CA LYS A 97 -15.41 2.56 -15.47
C LYS A 97 -15.98 1.79 -16.67
N MET A 98 -16.83 0.78 -16.46
CA MET A 98 -17.36 -0.09 -17.53
C MET A 98 -18.71 0.38 -18.09
N PHE A 99 -19.62 0.86 -17.23
CA PHE A 99 -21.00 1.23 -17.59
C PHE A 99 -21.37 2.70 -17.31
N GLU A 100 -20.42 3.49 -16.79
CA GLU A 100 -20.63 4.88 -16.39
C GLU A 100 -20.56 5.83 -17.60
N ASP A 101 -21.70 6.39 -18.00
CA ASP A 101 -21.87 7.30 -19.14
C ASP A 101 -22.91 8.40 -18.84
N ASP A 102 -22.81 9.53 -19.55
CA ASP A 102 -23.75 10.66 -19.46
C ASP A 102 -24.59 10.79 -20.76
N VAL A 103 -25.87 11.15 -20.61
CA VAL A 103 -26.84 11.33 -21.72
C VAL A 103 -27.60 12.65 -21.60
N SER A 104 -28.05 13.01 -20.39
CA SER A 104 -28.75 14.29 -20.14
C SER A 104 -27.84 15.51 -20.34
N SER A 105 -26.54 15.38 -20.00
CA SER A 105 -25.48 16.34 -20.28
C SER A 105 -24.66 15.90 -21.51
N ALA A 106 -24.74 16.66 -22.60
CA ALA A 106 -24.03 16.42 -23.86
C ALA A 106 -23.74 17.73 -24.61
N SER A 107 -22.68 17.74 -25.44
CA SER A 107 -22.22 18.91 -26.19
C SER A 107 -21.72 18.51 -27.59
N ALA A 108 -22.09 19.29 -28.61
CA ALA A 108 -21.78 19.05 -30.03
C ALA A 108 -22.20 17.68 -30.60
N GLN A 109 -23.08 16.96 -29.90
CA GLN A 109 -23.57 15.63 -30.31
C GLN A 109 -24.73 15.76 -31.33
N PRO A 110 -24.67 15.12 -32.51
CA PRO A 110 -25.67 15.26 -33.58
C PRO A 110 -26.91 14.35 -33.36
N ASN A 111 -27.56 14.49 -32.21
CA ASN A 111 -28.63 13.61 -31.71
C ASN A 111 -29.95 14.38 -31.51
N LEU A 112 -30.56 14.82 -32.62
CA LEU A 112 -31.85 15.52 -32.68
C LEU A 112 -32.83 14.79 -33.62
N PRO A 113 -33.60 13.80 -33.13
CA PRO A 113 -34.56 13.03 -33.93
C PRO A 113 -35.80 13.84 -34.37
N GLY A 1 -3.57 -33.84 16.20
CA GLY A 1 -2.75 -34.90 16.81
C GLY A 1 -1.42 -34.36 17.32
N SER A 2 -0.34 -35.15 17.22
CA SER A 2 0.99 -34.82 17.75
C SER A 2 2.11 -35.14 16.73
N HIS A 3 1.92 -34.69 15.47
CA HIS A 3 2.84 -34.87 14.33
C HIS A 3 3.26 -36.34 14.11
N MET A 4 2.29 -37.26 14.20
CA MET A 4 2.48 -38.70 14.07
C MET A 4 2.68 -39.08 12.59
N ALA A 5 3.90 -39.50 12.23
CA ALA A 5 4.29 -39.83 10.85
C ALA A 5 5.26 -41.03 10.77
N SER A 6 6.33 -41.01 11.57
CA SER A 6 7.38 -42.05 11.75
C SER A 6 8.25 -42.39 10.53
N MET A 7 7.68 -42.45 9.31
CA MET A 7 8.36 -42.87 8.07
C MET A 7 8.53 -41.77 7.01
N ASP A 8 8.07 -40.54 7.29
CA ASP A 8 8.10 -39.39 6.38
C ASP A 8 8.93 -38.19 6.91
N GLN A 9 9.56 -38.32 8.09
CA GLN A 9 10.23 -37.21 8.81
C GLN A 9 11.72 -37.44 9.12
N LEU A 10 12.35 -38.46 8.49
CA LEU A 10 13.76 -38.82 8.73
C LEU A 10 14.75 -37.97 7.91
N ASP A 11 14.49 -37.81 6.60
CA ASP A 11 15.41 -37.15 5.66
C ASP A 11 14.96 -35.73 5.25
N GLU A 12 13.67 -35.41 5.37
CA GLU A 12 13.08 -34.09 5.19
C GLU A 12 12.51 -33.61 6.54
N ILE A 13 12.88 -32.41 6.98
CA ILE A 13 12.55 -31.86 8.29
C ILE A 13 12.10 -30.39 8.14
N ILE A 14 10.85 -30.11 8.57
CA ILE A 14 10.15 -28.83 8.39
C ILE A 14 9.44 -28.46 9.71
N GLU A 15 9.42 -27.16 10.06
CA GLU A 15 8.73 -26.60 11.24
C GLU A 15 9.07 -27.32 12.56
N GLN A 16 10.35 -27.32 12.95
CA GLN A 16 10.88 -28.00 14.14
C GLN A 16 11.67 -27.06 15.07
N ILE A 17 12.77 -26.47 14.57
CA ILE A 17 13.65 -25.55 15.31
C ILE A 17 14.03 -24.34 14.45
N GLN A 18 13.51 -23.18 14.85
CA GLN A 18 13.73 -21.86 14.24
C GLN A 18 13.48 -20.76 15.29
N LYS A 19 13.57 -19.47 14.91
CA LYS A 19 13.55 -18.30 15.84
C LYS A 19 12.27 -18.18 16.70
N GLU A 20 11.17 -18.80 16.29
CA GLU A 20 9.91 -18.89 17.03
C GLU A 20 9.21 -20.22 16.75
N ALA A 21 8.42 -20.70 17.71
CA ALA A 21 7.61 -21.91 17.60
C ALA A 21 6.14 -21.64 17.98
N ILE A 22 5.86 -21.52 19.28
CA ILE A 22 4.49 -21.38 19.83
C ILE A 22 4.33 -20.18 20.78
N ASN A 23 5.44 -19.58 21.19
CA ASN A 23 5.44 -18.48 22.16
C ASN A 23 5.08 -17.11 21.56
N SER A 24 5.04 -17.00 20.23
CA SER A 24 4.77 -15.75 19.50
C SER A 24 3.28 -15.50 19.27
N ASN A 25 2.53 -16.49 18.76
CA ASN A 25 1.11 -16.36 18.40
C ASN A 25 0.17 -16.12 19.60
N VAL A 26 0.65 -16.39 20.82
CA VAL A 26 -0.04 -16.12 22.09
C VAL A 26 -0.04 -14.62 22.43
N VAL A 27 0.94 -13.85 21.93
CA VAL A 27 1.13 -12.41 22.18
C VAL A 27 1.32 -11.67 20.85
N LEU A 28 0.26 -11.70 20.01
CA LEU A 28 0.26 -11.17 18.64
C LEU A 28 -1.03 -10.36 18.34
N LYS A 29 -0.92 -9.35 17.47
CA LYS A 29 -1.95 -8.36 17.15
C LYS A 29 -2.46 -8.52 15.71
N ASN A 30 -2.89 -9.74 15.39
CA ASN A 30 -3.57 -10.14 14.14
C ASN A 30 -2.96 -9.55 12.85
N PRO A 31 -1.83 -10.10 12.36
CA PRO A 31 -1.09 -9.55 11.22
C PRO A 31 -1.77 -9.81 9.87
N ARG A 32 -2.78 -8.99 9.55
CA ARG A 32 -3.51 -8.97 8.27
C ARG A 32 -3.65 -7.56 7.68
N VAL A 33 -4.26 -6.62 8.42
CA VAL A 33 -4.56 -5.26 7.95
C VAL A 33 -4.23 -4.21 9.04
N PRO A 34 -2.94 -3.84 9.22
CA PRO A 34 -2.54 -2.73 10.07
C PRO A 34 -2.86 -1.35 9.45
N THR A 35 -2.75 -0.31 10.27
CA THR A 35 -3.20 1.06 10.01
C THR A 35 -2.05 2.04 9.74
N GLN A 36 -1.15 1.67 8.82
CA GLN A 36 0.10 2.41 8.55
C GLN A 36 -0.02 3.66 7.65
N LYS A 37 -1.25 4.16 7.49
CA LYS A 37 -1.64 5.24 6.55
C LYS A 37 -1.32 6.64 7.10
N THR A 38 -0.04 6.91 7.33
CA THR A 38 0.46 8.14 8.00
C THR A 38 1.70 8.77 7.36
N GLY A 39 2.17 8.25 6.23
CA GLY A 39 3.33 8.77 5.50
C GLY A 39 3.96 7.78 4.51
N GLU A 40 3.25 7.45 3.43
CA GLU A 40 3.73 6.55 2.37
C GLU A 40 3.55 7.18 0.98
N LEU A 41 2.40 6.94 0.34
CA LEU A 41 2.08 7.39 -1.02
C LEU A 41 1.10 8.56 -0.98
N SER A 42 1.66 9.76 -1.12
CA SER A 42 0.94 11.03 -1.12
C SER A 42 0.56 11.44 -2.54
N GLU A 43 1.56 11.81 -3.33
CA GLU A 43 1.34 12.32 -4.69
C GLU A 43 2.60 12.26 -5.55
N GLU A 44 3.77 12.38 -4.93
CA GLU A 44 5.08 12.31 -5.58
C GLU A 44 5.74 10.93 -5.42
N GLN A 45 5.09 9.97 -4.73
CA GLN A 45 5.58 8.57 -4.60
C GLN A 45 4.78 7.58 -5.45
N LYS A 46 3.45 7.75 -5.60
CA LYS A 46 2.61 6.93 -6.49
C LYS A 46 2.96 7.11 -7.96
N LYS A 47 3.45 8.31 -8.33
CA LYS A 47 4.04 8.61 -9.66
C LYS A 47 5.35 7.84 -9.95
N ILE A 48 5.88 7.11 -8.97
CA ILE A 48 6.95 6.12 -9.14
C ILE A 48 6.39 4.70 -9.07
N VAL A 49 5.67 4.34 -7.99
CA VAL A 49 5.24 2.94 -7.76
C VAL A 49 4.24 2.50 -8.83
N ALA A 50 3.13 3.22 -9.00
CA ALA A 50 2.06 2.81 -9.92
C ALA A 50 2.48 2.98 -11.39
N ASP A 51 3.31 3.98 -11.69
CA ASP A 51 3.99 4.08 -13.00
C ASP A 51 4.88 2.85 -13.29
N TYR A 52 5.52 2.25 -12.28
CA TYR A 52 6.28 0.99 -12.42
C TYR A 52 5.34 -0.22 -12.62
N ILE A 53 4.19 -0.25 -11.94
CA ILE A 53 3.16 -1.28 -12.15
C ILE A 53 2.64 -1.24 -13.61
N SER A 54 2.63 -0.05 -14.23
CA SER A 54 2.34 0.14 -15.65
C SER A 54 3.47 -0.29 -16.60
N GLU A 55 4.69 -0.55 -16.12
CA GLU A 55 5.89 -0.71 -16.94
C GLU A 55 6.30 -2.18 -17.13
N VAL A 56 6.27 -2.99 -16.04
CA VAL A 56 6.85 -4.36 -16.05
C VAL A 56 5.92 -5.46 -15.50
N GLY A 57 4.81 -5.12 -14.86
CA GLY A 57 3.75 -6.07 -14.46
C GLY A 57 3.28 -5.80 -13.04
N LEU A 58 3.99 -6.41 -12.10
CA LEU A 58 3.80 -6.27 -10.66
C LEU A 58 5.03 -6.75 -9.88
N ASN A 59 5.54 -7.90 -10.31
CA ASN A 59 6.56 -8.70 -9.62
C ASN A 59 7.98 -8.60 -10.23
N ASN A 60 8.10 -8.06 -11.44
CA ASN A 60 9.36 -7.98 -12.17
C ASN A 60 10.19 -6.73 -11.81
N LEU A 61 9.56 -5.73 -11.18
CA LEU A 61 10.19 -4.48 -10.74
C LEU A 61 11.25 -4.68 -9.64
N ASN A 62 12.13 -3.69 -9.49
CA ASN A 62 13.19 -3.67 -8.48
C ASN A 62 12.83 -2.71 -7.33
N ALA A 63 12.69 -3.26 -6.13
CA ALA A 63 12.39 -2.51 -4.90
C ALA A 63 13.45 -1.45 -4.54
N THR A 64 14.70 -1.63 -4.98
CA THR A 64 15.79 -0.65 -4.82
C THR A 64 15.54 0.61 -5.66
N GLU A 65 15.06 0.46 -6.89
CA GLU A 65 14.72 1.60 -7.76
C GLU A 65 13.51 2.40 -7.25
N LEU A 66 12.58 1.75 -6.54
CA LEU A 66 11.53 2.41 -5.74
C LEU A 66 12.14 3.18 -4.56
N SER A 67 12.89 2.51 -3.67
CA SER A 67 13.44 3.10 -2.44
C SER A 67 14.40 4.28 -2.70
N LYS A 68 15.02 4.34 -3.89
CA LYS A 68 15.86 5.44 -4.39
C LYS A 68 15.09 6.75 -4.66
N ARG A 69 13.78 6.67 -4.93
CA ARG A 69 12.89 7.81 -5.24
C ARG A 69 11.84 8.06 -4.15
N LEU A 70 11.31 7.00 -3.55
CA LEU A 70 10.43 7.08 -2.38
C LEU A 70 11.20 7.43 -1.08
N ASN A 71 12.53 7.25 -1.08
CA ASN A 71 13.43 7.52 0.04
C ASN A 71 13.03 6.72 1.30
N ILE A 72 12.84 5.42 1.09
CA ILE A 72 12.46 4.41 2.10
C ILE A 72 13.61 3.39 2.30
N THR A 73 13.39 2.49 3.25
CA THR A 73 14.16 1.27 3.46
C THR A 73 13.81 0.27 2.34
N VAL A 74 14.80 -0.42 1.77
CA VAL A 74 14.58 -1.39 0.67
C VAL A 74 13.57 -2.47 1.07
N ASP A 75 13.66 -2.95 2.31
CA ASP A 75 12.76 -3.98 2.84
C ASP A 75 11.34 -3.47 3.10
N LYS A 76 11.14 -2.16 3.36
CA LYS A 76 9.81 -1.57 3.37
C LYS A 76 9.21 -1.55 1.97
N ALA A 77 10.00 -1.26 0.93
CA ALA A 77 9.51 -1.31 -0.46
C ALA A 77 9.12 -2.75 -0.84
N LYS A 78 9.99 -3.71 -0.57
CA LYS A 78 9.81 -5.15 -0.86
C LYS A 78 8.52 -5.72 -0.27
N THR A 79 8.16 -5.34 0.96
CA THR A 79 6.91 -5.81 1.60
C THR A 79 5.70 -4.92 1.27
N TYR A 80 5.89 -3.62 1.10
CA TYR A 80 4.84 -2.66 0.73
C TYR A 80 4.21 -2.97 -0.63
N ILE A 81 5.03 -3.39 -1.62
CA ILE A 81 4.59 -3.85 -2.95
C ILE A 81 3.43 -4.86 -2.80
N LYS A 82 3.64 -5.96 -2.08
CA LYS A 82 2.60 -6.99 -1.89
C LYS A 82 1.47 -6.56 -0.94
N ASN A 83 1.76 -5.75 0.08
CA ASN A 83 0.73 -5.31 1.05
C ASN A 83 -0.32 -4.37 0.43
N SER A 84 0.05 -3.54 -0.55
CA SER A 84 -0.87 -2.68 -1.29
C SER A 84 -1.44 -3.32 -2.56
N ASN A 85 -0.63 -4.10 -3.28
CA ASN A 85 -1.03 -4.75 -4.53
C ASN A 85 -0.41 -6.15 -4.70
N ARG A 86 -1.12 -7.18 -4.20
CA ARG A 86 -0.85 -8.61 -4.48
C ARG A 86 -1.67 -9.23 -5.62
N MET A 87 -2.55 -8.45 -6.25
CA MET A 87 -3.56 -8.91 -7.24
C MET A 87 -3.06 -9.03 -8.70
N GLY A 88 -1.74 -9.17 -8.92
CA GLY A 88 -1.12 -9.08 -10.26
C GLY A 88 -1.25 -10.36 -11.09
N ARG A 89 -0.75 -11.49 -10.55
CA ARG A 89 -0.95 -12.86 -11.09
C ARG A 89 -1.16 -13.86 -9.95
N THR A 90 -2.12 -13.57 -9.09
CA THR A 90 -2.68 -14.48 -8.08
C THR A 90 -1.66 -15.15 -7.14
N ASN A 91 -0.49 -14.51 -6.97
CA ASN A 91 0.71 -15.05 -6.32
C ASN A 91 1.13 -16.46 -6.82
N ASN A 92 0.79 -16.83 -8.06
CA ASN A 92 1.05 -18.15 -8.65
C ASN A 92 2.32 -18.22 -9.52
N PHE A 93 2.92 -17.07 -9.85
CA PHE A 93 4.00 -16.87 -10.83
C PHE A 93 5.39 -17.43 -10.46
N LYS A 94 5.48 -18.25 -9.39
CA LYS A 94 6.73 -18.71 -8.76
C LYS A 94 7.32 -19.99 -9.38
N THR A 95 6.57 -20.63 -10.27
CA THR A 95 6.79 -21.99 -10.75
C THR A 95 6.49 -22.09 -12.25
N ILE A 96 5.39 -21.49 -12.70
CA ILE A 96 5.07 -21.30 -14.12
C ILE A 96 6.11 -20.41 -14.81
N LYS A 97 6.06 -20.33 -16.15
CA LYS A 97 6.89 -19.48 -17.03
C LYS A 97 8.39 -19.87 -17.12
N MET A 98 8.91 -20.64 -16.16
CA MET A 98 10.33 -21.02 -16.05
C MET A 98 10.56 -22.54 -15.97
N PHE A 99 9.49 -23.33 -16.16
CA PHE A 99 9.43 -24.77 -15.88
C PHE A 99 8.52 -25.54 -16.84
N GLU A 100 7.46 -24.90 -17.36
CA GLU A 100 6.47 -25.45 -18.29
C GLU A 100 6.34 -24.62 -19.58
N ASP A 101 5.79 -25.23 -20.63
CA ASP A 101 5.70 -24.66 -21.99
C ASP A 101 4.35 -24.98 -22.66
N ASP A 102 3.90 -24.10 -23.57
CA ASP A 102 2.63 -24.22 -24.30
C ASP A 102 2.82 -23.98 -25.82
N VAL A 103 2.10 -24.73 -26.64
CA VAL A 103 2.15 -24.66 -28.13
C VAL A 103 0.75 -24.51 -28.74
N SER A 104 -0.21 -25.34 -28.30
CA SER A 104 -1.60 -25.38 -28.80
C SER A 104 -2.65 -25.11 -27.71
N SER A 105 -2.21 -24.53 -26.57
CA SER A 105 -2.93 -24.43 -25.29
C SER A 105 -3.26 -25.79 -24.62
N ALA A 106 -3.37 -25.78 -23.29
CA ALA A 106 -3.76 -26.94 -22.47
C ALA A 106 -4.50 -26.49 -21.20
N SER A 107 -5.67 -27.08 -20.97
CA SER A 107 -6.56 -26.82 -19.82
C SER A 107 -7.31 -28.09 -19.39
N ALA A 108 -7.80 -28.10 -18.15
CA ALA A 108 -8.57 -29.22 -17.56
C ALA A 108 -10.06 -29.23 -17.97
N GLN A 109 -10.33 -28.81 -19.21
CA GLN A 109 -11.64 -28.55 -19.85
C GLN A 109 -12.51 -27.49 -19.13
N PRO A 110 -13.53 -26.91 -19.80
CA PRO A 110 -14.46 -25.97 -19.17
C PRO A 110 -15.29 -26.66 -18.07
N ASN A 111 -14.99 -26.30 -16.82
CA ASN A 111 -15.55 -26.89 -15.59
C ASN A 111 -16.04 -25.79 -14.63
N LEU A 112 -16.76 -24.81 -15.18
CA LEU A 112 -17.24 -23.60 -14.50
C LEU A 112 -18.79 -23.51 -14.50
N PRO A 113 -19.41 -22.87 -13.49
CA PRO A 113 -20.86 -22.71 -13.38
C PRO A 113 -21.46 -21.77 -14.46
N GLY A 1 -63.05 -14.88 -24.02
CA GLY A 1 -62.01 -14.33 -24.92
C GLY A 1 -60.63 -14.85 -24.58
N SER A 2 -59.60 -14.25 -25.19
CA SER A 2 -58.18 -14.62 -24.99
C SER A 2 -57.56 -13.90 -23.78
N HIS A 3 -56.76 -14.62 -22.98
CA HIS A 3 -56.06 -14.08 -21.80
C HIS A 3 -54.73 -14.82 -21.58
N MET A 4 -53.61 -14.11 -21.72
CA MET A 4 -52.24 -14.64 -21.59
C MET A 4 -51.38 -13.68 -20.74
N ALA A 5 -51.31 -13.93 -19.44
CA ALA A 5 -50.57 -13.11 -18.47
C ALA A 5 -49.94 -13.96 -17.35
N SER A 6 -50.76 -14.46 -16.41
CA SER A 6 -50.37 -15.30 -15.26
C SER A 6 -49.26 -14.73 -14.34
N MET A 7 -49.05 -13.40 -14.36
CA MET A 7 -48.07 -12.71 -13.49
C MET A 7 -48.50 -11.30 -13.00
N ASP A 8 -49.56 -10.74 -13.58
CA ASP A 8 -50.08 -9.39 -13.24
C ASP A 8 -51.46 -9.40 -12.53
N GLN A 9 -52.11 -10.56 -12.44
CA GLN A 9 -53.48 -10.72 -11.92
C GLN A 9 -53.58 -11.40 -10.54
N LEU A 10 -52.48 -12.00 -10.04
CA LEU A 10 -52.50 -12.83 -8.83
C LEU A 10 -52.63 -11.97 -7.55
N ASP A 11 -53.44 -12.42 -6.59
CA ASP A 11 -53.68 -11.72 -5.32
C ASP A 11 -53.78 -12.66 -4.10
N GLU A 12 -53.71 -13.98 -4.29
CA GLU A 12 -53.75 -15.01 -3.25
C GLU A 12 -52.31 -15.47 -2.90
N ILE A 13 -51.68 -14.78 -1.94
CA ILE A 13 -50.33 -15.09 -1.41
C ILE A 13 -50.39 -15.07 0.13
N ILE A 14 -49.98 -16.18 0.76
CA ILE A 14 -50.01 -16.38 2.23
C ILE A 14 -48.69 -17.01 2.70
N GLU A 15 -47.56 -16.42 2.30
CA GLU A 15 -46.20 -16.85 2.64
C GLU A 15 -45.29 -15.65 2.99
N GLN A 16 -44.25 -15.89 3.79
CA GLN A 16 -43.34 -14.86 4.32
C GLN A 16 -41.85 -15.27 4.32
N ILE A 17 -41.46 -16.15 3.39
CA ILE A 17 -40.11 -16.69 3.23
C ILE A 17 -39.65 -16.59 1.76
N GLN A 18 -38.51 -15.92 1.57
CA GLN A 18 -37.88 -15.69 0.27
C GLN A 18 -36.41 -16.18 0.29
N LYS A 19 -35.44 -15.28 0.51
CA LYS A 19 -33.99 -15.57 0.58
C LYS A 19 -33.29 -14.57 1.52
N GLU A 20 -33.66 -14.59 2.81
CA GLU A 20 -33.27 -13.60 3.82
C GLU A 20 -31.86 -13.83 4.41
N ALA A 21 -30.86 -13.95 3.53
CA ALA A 21 -29.47 -14.30 3.88
C ALA A 21 -28.47 -13.11 3.87
N ILE A 22 -28.99 -11.90 3.67
CA ILE A 22 -28.22 -10.66 3.45
C ILE A 22 -28.24 -9.72 4.67
N ASN A 23 -28.93 -10.14 5.72
CA ASN A 23 -29.16 -9.35 6.94
C ASN A 23 -28.19 -9.64 8.09
N SER A 24 -27.16 -10.48 7.86
CA SER A 24 -26.23 -10.94 8.92
C SER A 24 -24.74 -10.93 8.54
N ASN A 25 -24.43 -10.99 7.24
CA ASN A 25 -23.09 -11.12 6.66
C ASN A 25 -22.36 -9.79 6.37
N VAL A 26 -23.07 -8.67 6.41
CA VAL A 26 -22.56 -7.32 6.06
C VAL A 26 -22.00 -6.57 7.28
N VAL A 27 -22.51 -6.87 8.49
CA VAL A 27 -22.25 -6.09 9.71
C VAL A 27 -21.17 -6.73 10.59
N LEU A 28 -20.05 -7.11 9.97
CA LEU A 28 -18.87 -7.71 10.61
C LEU A 28 -17.55 -7.09 10.08
N LYS A 29 -16.68 -6.66 11.00
CA LYS A 29 -15.41 -5.93 10.74
C LYS A 29 -14.20 -6.42 11.56
N ASN A 30 -14.29 -7.61 12.15
CA ASN A 30 -13.29 -8.22 13.04
C ASN A 30 -12.82 -7.26 14.17
N PRO A 31 -13.68 -6.96 15.17
CA PRO A 31 -13.47 -5.91 16.16
C PRO A 31 -12.48 -6.29 17.28
N ARG A 32 -11.18 -6.31 16.94
CA ARG A 32 -10.05 -6.52 17.87
C ARG A 32 -8.90 -5.54 17.65
N VAL A 33 -8.31 -5.52 16.45
CA VAL A 33 -7.18 -4.66 16.07
C VAL A 33 -7.36 -4.18 14.62
N PRO A 34 -7.69 -2.89 14.39
CA PRO A 34 -7.69 -2.28 13.06
C PRO A 34 -6.25 -2.02 12.56
N THR A 35 -6.11 -1.82 11.24
CA THR A 35 -4.83 -1.68 10.54
C THR A 35 -4.92 -0.54 9.54
N GLN A 36 -4.36 0.60 9.93
CA GLN A 36 -4.51 1.91 9.26
C GLN A 36 -3.20 2.67 9.00
N LYS A 37 -2.07 1.96 9.05
CA LYS A 37 -0.70 2.50 9.05
C LYS A 37 -0.11 2.58 7.63
N THR A 38 -0.65 3.48 6.82
CA THR A 38 -0.41 3.58 5.37
C THR A 38 -0.37 5.02 4.82
N GLY A 39 -0.05 6.00 5.69
CA GLY A 39 -0.02 7.44 5.38
C GLY A 39 1.23 7.93 4.62
N GLU A 40 2.05 7.02 4.10
CA GLU A 40 3.39 7.31 3.54
C GLU A 40 3.40 7.71 2.05
N LEU A 41 2.23 7.76 1.38
CA LEU A 41 2.09 8.13 -0.03
C LEU A 41 1.15 9.33 -0.17
N SER A 42 1.67 10.35 -0.83
CA SER A 42 1.01 11.63 -1.10
C SER A 42 0.56 11.74 -2.54
N GLU A 43 1.51 11.97 -3.44
CA GLU A 43 1.20 12.23 -4.85
C GLU A 43 2.40 11.96 -5.75
N GLU A 44 3.60 12.34 -5.30
CA GLU A 44 4.84 11.99 -6.00
C GLU A 44 5.10 10.48 -5.91
N GLN A 45 4.69 9.83 -4.82
CA GLN A 45 5.02 8.43 -4.53
C GLN A 45 4.31 7.46 -5.47
N LYS A 46 3.01 7.66 -5.71
CA LYS A 46 2.24 6.85 -6.67
C LYS A 46 2.62 7.13 -8.14
N LYS A 47 3.18 8.30 -8.42
CA LYS A 47 3.90 8.63 -9.69
C LYS A 47 5.25 7.92 -9.85
N ILE A 48 5.64 7.08 -8.87
CA ILE A 48 6.77 6.14 -8.93
C ILE A 48 6.26 4.69 -8.85
N VAL A 49 5.34 4.36 -7.94
CA VAL A 49 4.83 2.98 -7.78
C VAL A 49 3.90 2.56 -8.93
N ALA A 50 2.77 3.26 -9.11
CA ALA A 50 1.80 2.92 -10.14
C ALA A 50 2.38 3.16 -11.55
N ASP A 51 3.22 4.18 -11.68
CA ASP A 51 4.04 4.43 -12.88
C ASP A 51 5.04 3.30 -13.23
N TYR A 52 5.44 2.46 -12.26
CA TYR A 52 6.25 1.26 -12.52
C TYR A 52 5.38 0.06 -12.93
N ILE A 53 4.23 -0.11 -12.27
CA ILE A 53 3.25 -1.16 -12.59
C ILE A 53 2.80 -1.09 -14.06
N SER A 54 2.68 0.11 -14.63
CA SER A 54 2.36 0.31 -16.05
C SER A 54 3.53 0.07 -17.03
N GLU A 55 4.77 -0.17 -16.56
CA GLU A 55 5.93 -0.46 -17.42
C GLU A 55 6.21 -1.95 -17.52
N VAL A 56 6.37 -2.62 -16.36
CA VAL A 56 6.93 -3.98 -16.26
C VAL A 56 5.95 -5.04 -15.74
N GLY A 57 4.83 -4.63 -15.12
CA GLY A 57 3.68 -5.49 -14.81
C GLY A 57 3.24 -5.30 -13.36
N LEU A 58 3.96 -5.94 -12.43
CA LEU A 58 3.78 -5.80 -10.98
C LEU A 58 4.97 -6.37 -10.19
N ASN A 59 5.39 -7.57 -10.60
CA ASN A 59 6.40 -8.40 -9.95
C ASN A 59 7.81 -8.27 -10.54
N ASN A 60 7.96 -7.69 -11.73
CA ASN A 60 9.22 -7.66 -12.48
C ASN A 60 10.13 -6.47 -12.12
N LEU A 61 9.56 -5.46 -11.44
CA LEU A 61 10.30 -4.40 -10.74
C LEU A 61 11.06 -4.94 -9.51
N ASN A 62 12.00 -4.16 -8.97
CA ASN A 62 12.71 -4.47 -7.73
C ASN A 62 12.47 -3.39 -6.65
N ALA A 63 12.89 -3.72 -5.43
CA ALA A 63 12.76 -2.88 -4.26
C ALA A 63 13.84 -1.78 -4.18
N THR A 64 15.00 -2.02 -4.78
CA THR A 64 16.15 -1.10 -4.80
C THR A 64 15.80 0.21 -5.53
N GLU A 65 15.27 0.12 -6.75
CA GLU A 65 14.86 1.30 -7.55
C GLU A 65 13.74 2.08 -6.85
N LEU A 66 12.78 1.36 -6.24
CA LEU A 66 11.72 1.96 -5.44
C LEU A 66 12.28 2.72 -4.22
N SER A 67 13.22 2.13 -3.47
CA SER A 67 13.86 2.76 -2.31
C SER A 67 14.65 4.04 -2.66
N LYS A 68 15.12 4.14 -3.91
CA LYS A 68 15.94 5.25 -4.42
C LYS A 68 15.09 6.43 -4.88
N ARG A 69 13.94 6.17 -5.51
CA ARG A 69 13.01 7.20 -6.01
C ARG A 69 11.93 7.59 -5.00
N LEU A 70 11.40 6.63 -4.23
CA LEU A 70 10.39 6.87 -3.19
C LEU A 70 10.99 7.36 -1.85
N ASN A 71 12.30 7.13 -1.65
CA ASN A 71 13.06 7.48 -0.43
C ASN A 71 12.51 6.73 0.81
N ILE A 72 12.74 5.41 0.84
CA ILE A 72 12.35 4.47 1.91
C ILE A 72 13.47 3.47 2.20
N THR A 73 13.32 2.74 3.30
CA THR A 73 14.04 1.50 3.60
C THR A 73 13.72 0.44 2.53
N VAL A 74 14.73 -0.33 2.10
CA VAL A 74 14.55 -1.39 1.07
C VAL A 74 13.56 -2.46 1.54
N ASP A 75 13.54 -2.78 2.82
CA ASP A 75 12.60 -3.75 3.40
C ASP A 75 11.16 -3.24 3.46
N LYS A 76 10.96 -1.92 3.60
CA LYS A 76 9.63 -1.31 3.41
C LYS A 76 9.17 -1.46 1.97
N ALA A 77 10.06 -1.31 0.98
CA ALA A 77 9.70 -1.50 -0.43
C ALA A 77 9.33 -2.96 -0.71
N LYS A 78 10.16 -3.91 -0.25
CA LYS A 78 9.95 -5.36 -0.41
C LYS A 78 8.61 -5.82 0.15
N THR A 79 8.17 -5.31 1.30
CA THR A 79 6.90 -5.72 1.92
C THR A 79 5.71 -4.89 1.45
N TYR A 80 5.89 -3.60 1.15
CA TYR A 80 4.84 -2.71 0.64
C TYR A 80 4.31 -3.16 -0.73
N ILE A 81 5.20 -3.64 -1.61
CA ILE A 81 4.83 -4.19 -2.93
C ILE A 81 3.69 -5.20 -2.80
N LYS A 82 3.83 -6.21 -1.92
CA LYS A 82 2.79 -7.22 -1.68
C LYS A 82 1.66 -6.78 -0.75
N ASN A 83 1.92 -5.92 0.24
CA ASN A 83 0.87 -5.49 1.17
C ASN A 83 -0.10 -4.45 0.56
N SER A 84 0.36 -3.68 -0.44
CA SER A 84 -0.47 -2.73 -1.19
C SER A 84 -1.14 -3.37 -2.41
N ASN A 85 -0.40 -4.24 -3.13
CA ASN A 85 -0.87 -4.89 -4.36
C ASN A 85 -0.24 -6.28 -4.58
N ARG A 86 -0.70 -7.30 -3.82
CA ARG A 86 -0.18 -8.68 -3.92
C ARG A 86 -0.40 -9.32 -5.29
N MET A 87 -1.66 -9.32 -5.75
CA MET A 87 -2.12 -9.94 -7.00
C MET A 87 -3.49 -9.40 -7.48
N GLY A 88 -4.00 -8.31 -6.90
CA GLY A 88 -5.39 -7.87 -7.01
C GLY A 88 -5.64 -6.81 -8.10
N ARG A 89 -4.86 -6.85 -9.18
CA ARG A 89 -4.88 -5.86 -10.28
C ARG A 89 -4.87 -4.42 -9.77
N THR A 90 -3.92 -4.15 -8.87
CA THR A 90 -3.74 -2.85 -8.17
C THR A 90 -4.99 -2.31 -7.45
N ASN A 91 -5.97 -3.19 -7.20
CA ASN A 91 -7.33 -2.85 -6.77
C ASN A 91 -7.99 -1.74 -7.63
N ASN A 92 -7.65 -1.68 -8.93
CA ASN A 92 -8.17 -0.69 -9.89
C ASN A 92 -9.21 -1.25 -10.90
N PHE A 93 -9.45 -2.57 -10.90
CA PHE A 93 -10.22 -3.33 -11.91
C PHE A 93 -11.75 -3.16 -11.86
N LYS A 94 -12.25 -2.15 -11.13
CA LYS A 94 -13.65 -1.99 -10.67
C LYS A 94 -14.53 -1.19 -11.64
N THR A 95 -13.99 -0.97 -12.83
CA THR A 95 -14.46 -0.09 -13.91
C THR A 95 -14.00 -0.67 -15.24
N ILE A 96 -12.73 -1.05 -15.35
CA ILE A 96 -12.14 -1.64 -16.56
C ILE A 96 -12.62 -3.10 -16.72
N LYS A 97 -12.61 -3.64 -17.94
CA LYS A 97 -13.06 -5.00 -18.33
C LYS A 97 -14.57 -5.28 -18.21
N MET A 98 -15.38 -4.38 -17.65
CA MET A 98 -16.82 -4.61 -17.40
C MET A 98 -17.74 -4.04 -18.48
N PHE A 99 -17.57 -2.76 -18.86
CA PHE A 99 -18.43 -2.06 -19.83
C PHE A 99 -17.92 -2.16 -21.29
N GLU A 100 -16.71 -2.70 -21.48
CA GLU A 100 -15.96 -2.65 -22.76
C GLU A 100 -16.36 -3.75 -23.76
N ASP A 101 -17.41 -4.53 -23.45
CA ASP A 101 -17.95 -5.62 -24.27
C ASP A 101 -19.44 -5.38 -24.59
N ASP A 102 -19.80 -5.48 -25.88
CA ASP A 102 -21.19 -5.41 -26.37
C ASP A 102 -21.35 -6.22 -27.67
N VAL A 103 -22.59 -6.63 -27.97
CA VAL A 103 -22.95 -7.47 -29.13
C VAL A 103 -24.27 -7.01 -29.78
N SER A 104 -25.26 -6.62 -28.97
CA SER A 104 -26.63 -6.27 -29.40
C SER A 104 -27.09 -4.89 -28.90
N SER A 105 -26.14 -4.01 -28.58
CA SER A 105 -26.37 -2.68 -27.97
C SER A 105 -27.13 -2.75 -26.64
N ALA A 106 -26.56 -3.47 -25.67
CA ALA A 106 -27.12 -3.68 -24.33
C ALA A 106 -27.07 -2.42 -23.43
N SER A 107 -27.83 -2.43 -22.34
CA SER A 107 -27.89 -1.36 -21.32
C SER A 107 -27.28 -1.77 -19.98
N ALA A 108 -27.11 -0.81 -19.07
CA ALA A 108 -26.57 -1.00 -17.71
C ALA A 108 -27.60 -1.56 -16.69
N GLN A 109 -28.67 -2.20 -17.17
CA GLN A 109 -29.77 -2.79 -16.38
C GLN A 109 -30.37 -1.83 -15.34
N PRO A 110 -31.13 -0.80 -15.80
CA PRO A 110 -31.68 0.27 -14.96
C PRO A 110 -32.82 -0.24 -14.05
N ASN A 111 -32.45 -0.75 -12.87
CA ASN A 111 -33.34 -1.29 -11.84
C ASN A 111 -32.95 -0.83 -10.42
N LEU A 112 -32.43 0.40 -10.32
CA LEU A 112 -31.97 1.04 -9.07
C LEU A 112 -33.05 1.98 -8.48
N PRO A 113 -33.15 2.09 -7.13
CA PRO A 113 -34.11 2.97 -6.46
C PRO A 113 -33.77 4.47 -6.59
N GLY A 1 -7.53 -37.02 -16.10
CA GLY A 1 -6.12 -36.69 -16.45
C GLY A 1 -5.18 -36.91 -15.27
N SER A 2 -4.15 -36.06 -15.15
CA SER A 2 -3.10 -36.13 -14.11
C SER A 2 -2.83 -34.75 -13.48
N HIS A 3 -2.20 -34.73 -12.30
CA HIS A 3 -1.79 -33.52 -11.57
C HIS A 3 -0.27 -33.37 -11.52
N MET A 4 0.21 -32.13 -11.68
CA MET A 4 1.61 -31.79 -11.91
C MET A 4 2.07 -30.58 -11.06
N ALA A 5 2.05 -30.73 -9.74
CA ALA A 5 2.57 -29.76 -8.77
C ALA A 5 3.14 -30.48 -7.53
N SER A 6 4.45 -30.75 -7.57
CA SER A 6 5.14 -31.69 -6.66
C SER A 6 6.52 -31.22 -6.16
N MET A 7 6.92 -29.98 -6.45
CA MET A 7 8.31 -29.50 -6.26
C MET A 7 8.47 -28.09 -5.68
N ASP A 8 7.37 -27.35 -5.55
CA ASP A 8 7.33 -25.96 -5.05
C ASP A 8 6.23 -25.76 -3.99
N GLN A 9 5.67 -26.87 -3.47
CA GLN A 9 4.36 -26.89 -2.79
C GLN A 9 4.29 -27.90 -1.62
N LEU A 10 5.42 -28.46 -1.16
CA LEU A 10 5.49 -29.51 -0.13
C LEU A 10 6.51 -29.15 0.97
N ASP A 11 6.24 -28.07 1.71
CA ASP A 11 7.17 -27.45 2.67
C ASP A 11 6.52 -27.12 4.04
N GLU A 12 5.30 -27.62 4.29
CA GLU A 12 4.44 -27.23 5.43
C GLU A 12 3.85 -28.43 6.23
N ILE A 13 4.47 -29.60 6.09
CA ILE A 13 3.93 -30.90 6.55
C ILE A 13 4.33 -31.15 8.01
N ILE A 14 3.76 -30.37 8.94
CA ILE A 14 4.10 -30.36 10.37
C ILE A 14 2.91 -29.92 11.26
N GLU A 15 1.91 -30.79 11.40
CA GLU A 15 0.64 -30.50 12.10
C GLU A 15 0.27 -31.55 13.18
N GLN A 16 1.27 -32.17 13.83
CA GLN A 16 1.06 -33.20 14.87
C GLN A 16 2.09 -33.11 16.01
N ILE A 17 3.37 -33.32 15.71
CA ILE A 17 4.49 -33.36 16.67
C ILE A 17 5.57 -32.37 16.23
N GLN A 18 5.73 -31.31 17.03
CA GLN A 18 6.58 -30.15 16.76
C GLN A 18 7.03 -29.45 18.05
N LYS A 19 8.02 -28.56 17.94
CA LYS A 19 8.74 -27.89 19.04
C LYS A 19 7.97 -26.70 19.66
N GLU A 20 6.65 -26.85 19.80
CA GLU A 20 5.76 -25.88 20.44
C GLU A 20 5.67 -26.12 21.94
N ALA A 21 6.11 -25.12 22.71
CA ALA A 21 5.89 -25.02 24.15
C ALA A 21 5.64 -23.56 24.59
N ILE A 22 6.70 -22.75 24.59
CA ILE A 22 6.70 -21.36 25.11
C ILE A 22 7.16 -20.32 24.08
N ASN A 23 7.65 -20.79 22.93
CA ASN A 23 8.24 -19.93 21.91
C ASN A 23 7.20 -19.02 21.23
N SER A 24 5.93 -19.42 21.27
CA SER A 24 4.81 -18.77 20.57
C SER A 24 4.22 -17.55 21.31
N ASN A 25 4.47 -17.41 22.61
CA ASN A 25 3.98 -16.29 23.43
C ASN A 25 5.07 -15.30 23.88
N VAL A 26 6.34 -15.68 23.75
CA VAL A 26 7.51 -14.82 24.08
C VAL A 26 7.88 -13.92 22.90
N VAL A 27 7.78 -14.43 21.66
CA VAL A 27 8.13 -13.70 20.42
C VAL A 27 6.86 -13.21 19.74
N LEU A 28 6.29 -12.11 20.27
CA LEU A 28 5.09 -11.43 19.77
C LEU A 28 5.31 -9.91 19.66
N LYS A 29 4.69 -9.29 18.64
CA LYS A 29 4.77 -7.85 18.32
C LYS A 29 3.40 -7.20 18.13
N ASN A 30 2.42 -7.63 18.95
CA ASN A 30 1.02 -7.17 18.96
C ASN A 30 0.34 -7.17 17.56
N PRO A 31 0.14 -8.35 16.94
CA PRO A 31 -0.41 -8.51 15.59
C PRO A 31 -1.95 -8.30 15.55
N ARG A 32 -2.39 -7.06 15.82
CA ARG A 32 -3.80 -6.61 15.88
C ARG A 32 -4.04 -5.31 15.13
N VAL A 33 -3.34 -4.24 15.51
CA VAL A 33 -3.50 -2.88 14.95
C VAL A 33 -2.12 -2.23 14.73
N PRO A 34 -1.57 -2.26 13.51
CA PRO A 34 -0.33 -1.55 13.17
C PRO A 34 -0.52 -0.04 12.97
N THR A 35 0.60 0.66 12.87
CA THR A 35 0.70 2.12 13.03
C THR A 35 1.42 2.79 11.85
N GLN A 36 0.72 2.83 10.71
CA GLN A 36 1.28 3.23 9.40
C GLN A 36 0.81 4.61 8.91
N LYS A 37 0.37 5.46 9.85
CA LYS A 37 -0.16 6.83 9.67
C LYS A 37 0.88 7.90 9.23
N THR A 38 1.95 7.48 8.56
CA THR A 38 3.19 8.26 8.35
C THR A 38 3.89 8.00 7.00
N GLY A 39 3.21 7.32 6.06
CA GLY A 39 3.76 6.97 4.75
C GLY A 39 2.74 6.22 3.88
N GLU A 40 1.76 6.96 3.34
CA GLU A 40 0.53 6.42 2.74
C GLU A 40 0.34 6.82 1.25
N LEU A 41 1.43 7.19 0.56
CA LEU A 41 1.51 7.67 -0.82
C LEU A 41 0.70 8.96 -1.08
N SER A 42 1.40 10.09 -1.15
CA SER A 42 0.79 11.42 -1.30
C SER A 42 0.45 11.76 -2.75
N GLU A 43 1.46 12.00 -3.57
CA GLU A 43 1.25 12.41 -4.96
C GLU A 43 2.49 12.25 -5.83
N GLU A 44 3.68 12.49 -5.26
CA GLU A 44 4.95 12.19 -5.93
C GLU A 44 5.27 10.67 -5.86
N GLN A 45 4.80 10.00 -4.81
CA GLN A 45 5.17 8.64 -4.43
C GLN A 45 4.48 7.59 -5.30
N LYS A 46 3.18 7.77 -5.58
CA LYS A 46 2.42 6.92 -6.52
C LYS A 46 2.86 7.08 -7.99
N LYS A 47 3.41 8.25 -8.34
CA LYS A 47 4.11 8.48 -9.63
C LYS A 47 5.45 7.72 -9.77
N ILE A 48 5.86 6.98 -8.74
CA ILE A 48 7.01 6.07 -8.76
C ILE A 48 6.55 4.61 -8.61
N VAL A 49 5.63 4.30 -7.68
CA VAL A 49 5.12 2.93 -7.50
C VAL A 49 4.16 2.51 -8.62
N ALA A 50 3.01 3.18 -8.75
CA ALA A 50 1.98 2.79 -9.72
C ALA A 50 2.42 3.04 -11.18
N ASP A 51 3.32 4.01 -11.40
CA ASP A 51 4.04 4.15 -12.67
C ASP A 51 4.83 2.87 -13.04
N TYR A 52 5.50 2.22 -12.08
CA TYR A 52 6.20 0.94 -12.30
C TYR A 52 5.21 -0.21 -12.58
N ILE A 53 4.04 -0.21 -11.93
CA ILE A 53 2.98 -1.20 -12.18
C ILE A 53 2.44 -1.09 -13.63
N SER A 54 2.63 0.07 -14.28
CA SER A 54 2.34 0.28 -15.71
C SER A 54 3.48 -0.16 -16.67
N GLU A 55 4.68 -0.48 -16.17
CA GLU A 55 5.84 -0.83 -17.01
C GLU A 55 6.02 -2.35 -17.15
N VAL A 56 6.20 -3.04 -16.02
CA VAL A 56 6.71 -4.43 -15.99
C VAL A 56 5.70 -5.48 -15.50
N GLY A 57 4.64 -5.06 -14.82
CA GLY A 57 3.46 -5.87 -14.50
C GLY A 57 3.02 -5.66 -13.06
N LEU A 58 3.66 -6.39 -12.14
CA LEU A 58 3.41 -6.31 -10.69
C LEU A 58 4.57 -6.90 -9.86
N ASN A 59 5.02 -8.07 -10.29
CA ASN A 59 6.03 -8.90 -9.62
C ASN A 59 7.46 -8.73 -10.19
N ASN A 60 7.60 -8.23 -11.42
CA ASN A 60 8.86 -8.26 -12.17
C ASN A 60 9.81 -7.08 -11.84
N LEU A 61 9.30 -6.09 -11.11
CA LEU A 61 10.03 -4.92 -10.61
C LEU A 61 11.07 -5.25 -9.52
N ASN A 62 11.99 -4.29 -9.30
CA ASN A 62 13.01 -4.31 -8.25
C ASN A 62 12.43 -3.69 -6.94
N ALA A 63 13.26 -3.49 -5.92
CA ALA A 63 12.95 -2.68 -4.73
C ALA A 63 13.92 -1.49 -4.53
N THR A 64 15.10 -1.53 -5.15
CA THR A 64 16.18 -0.55 -4.96
C THR A 64 15.87 0.81 -5.60
N GLU A 65 15.52 0.85 -6.89
CA GLU A 65 15.19 2.11 -7.58
C GLU A 65 13.88 2.76 -7.09
N LEU A 66 12.94 1.96 -6.55
CA LEU A 66 11.79 2.47 -5.79
C LEU A 66 12.23 3.15 -4.49
N SER A 67 12.93 2.44 -3.60
CA SER A 67 13.35 2.94 -2.29
C SER A 67 14.30 4.14 -2.36
N LYS A 68 15.04 4.30 -3.47
CA LYS A 68 15.86 5.47 -3.80
C LYS A 68 15.03 6.72 -4.12
N ARG A 69 13.92 6.56 -4.86
CA ARG A 69 13.06 7.66 -5.35
C ARG A 69 11.94 8.02 -4.38
N LEU A 70 11.35 7.01 -3.71
CA LEU A 70 10.40 7.18 -2.60
C LEU A 70 11.07 7.58 -1.28
N ASN A 71 12.38 7.32 -1.13
CA ASN A 71 13.15 7.60 0.09
C ASN A 71 12.62 6.79 1.29
N ILE A 72 12.62 5.47 1.12
CA ILE A 72 12.29 4.44 2.13
C ILE A 72 13.46 3.46 2.30
N THR A 73 13.31 2.57 3.25
CA THR A 73 14.14 1.38 3.45
C THR A 73 13.86 0.37 2.33
N VAL A 74 14.88 -0.33 1.82
CA VAL A 74 14.71 -1.34 0.74
C VAL A 74 13.74 -2.44 1.18
N ASP A 75 13.82 -2.87 2.44
CA ASP A 75 12.95 -3.89 3.01
C ASP A 75 11.49 -3.42 3.20
N LYS A 76 11.28 -2.12 3.42
CA LYS A 76 9.92 -1.55 3.38
C LYS A 76 9.35 -1.60 1.98
N ALA A 77 10.15 -1.36 0.94
CA ALA A 77 9.69 -1.48 -0.46
C ALA A 77 9.36 -2.95 -0.78
N LYS A 78 10.26 -3.88 -0.44
CA LYS A 78 10.12 -5.33 -0.70
C LYS A 78 8.82 -5.91 -0.12
N THR A 79 8.39 -5.46 1.06
CA THR A 79 7.09 -5.89 1.64
C THR A 79 5.91 -5.04 1.16
N TYR A 80 6.08 -3.71 1.06
CA TYR A 80 5.01 -2.79 0.65
C TYR A 80 4.49 -3.06 -0.78
N ILE A 81 5.36 -3.49 -1.70
CA ILE A 81 4.99 -3.97 -3.05
C ILE A 81 3.81 -4.96 -2.95
N LYS A 82 4.00 -6.10 -2.28
CA LYS A 82 2.96 -7.14 -2.13
C LYS A 82 1.87 -6.78 -1.10
N ASN A 83 2.13 -5.85 -0.19
CA ASN A 83 1.12 -5.40 0.78
C ASN A 83 0.07 -4.45 0.17
N SER A 84 0.47 -3.67 -0.85
CA SER A 84 -0.37 -2.68 -1.52
C SER A 84 -0.90 -3.14 -2.88
N ASN A 85 -0.03 -3.72 -3.71
CA ASN A 85 -0.35 -4.18 -5.06
C ASN A 85 -0.07 -5.69 -5.23
N ARG A 86 -1.11 -6.50 -4.97
CA ARG A 86 -1.12 -7.97 -5.12
C ARG A 86 -2.36 -8.55 -5.83
N MET A 87 -3.03 -7.74 -6.65
CA MET A 87 -4.28 -8.12 -7.34
C MET A 87 -4.04 -9.06 -8.54
N GLY A 88 -2.97 -8.82 -9.29
CA GLY A 88 -2.60 -9.56 -10.51
C GLY A 88 -3.32 -9.00 -11.74
N ARG A 89 -2.62 -8.15 -12.50
CA ARG A 89 -3.16 -7.38 -13.66
C ARG A 89 -4.49 -6.66 -13.33
N THR A 90 -4.62 -6.19 -12.08
CA THR A 90 -5.82 -5.56 -11.49
C THR A 90 -7.11 -6.37 -11.71
N ASN A 91 -6.98 -7.71 -11.74
CA ASN A 91 -8.04 -8.68 -12.05
C ASN A 91 -8.79 -8.43 -13.39
N ASN A 92 -8.15 -7.78 -14.37
CA ASN A 92 -8.76 -7.45 -15.67
C ASN A 92 -8.49 -8.50 -16.78
N PHE A 93 -7.62 -9.48 -16.51
CA PHE A 93 -7.03 -10.44 -17.47
C PHE A 93 -7.98 -11.51 -18.04
N LYS A 94 -9.29 -11.42 -17.76
CA LYS A 94 -10.30 -12.46 -18.04
C LYS A 94 -10.91 -12.41 -19.46
N THR A 95 -10.52 -11.40 -20.22
CA THR A 95 -11.13 -11.00 -21.49
C THR A 95 -10.06 -10.56 -22.48
N ILE A 96 -9.11 -9.73 -22.04
CA ILE A 96 -7.95 -9.33 -22.84
C ILE A 96 -7.04 -10.54 -23.14
N LYS A 97 -6.06 -10.34 -24.03
CA LYS A 97 -5.12 -11.36 -24.55
C LYS A 97 -5.75 -12.42 -25.48
N MET A 98 -7.09 -12.56 -25.53
CA MET A 98 -7.79 -13.52 -26.41
C MET A 98 -9.09 -12.99 -27.06
N PHE A 99 -9.35 -11.69 -27.00
CA PHE A 99 -10.62 -11.08 -27.43
C PHE A 99 -10.43 -9.67 -28.04
N GLU A 100 -9.35 -9.48 -28.80
CA GLU A 100 -8.85 -8.16 -29.25
C GLU A 100 -8.23 -8.21 -30.66
N ASP A 101 -8.26 -7.06 -31.36
CA ASP A 101 -7.75 -6.88 -32.72
C ASP A 101 -6.29 -6.35 -32.75
N ASP A 102 -5.66 -6.32 -33.91
CA ASP A 102 -4.30 -5.78 -34.11
C ASP A 102 -4.25 -4.24 -34.00
N VAL A 103 -3.19 -3.74 -33.38
CA VAL A 103 -2.89 -2.28 -33.24
C VAL A 103 -1.45 -1.97 -33.65
N SER A 104 -0.48 -2.74 -33.15
CA SER A 104 0.97 -2.53 -33.38
C SER A 104 1.66 -3.72 -34.07
N SER A 105 0.86 -4.63 -34.68
CA SER A 105 1.30 -5.87 -35.35
C SER A 105 2.17 -6.78 -34.46
N ALA A 106 1.50 -7.59 -33.61
CA ALA A 106 2.14 -8.52 -32.67
C ALA A 106 1.36 -9.85 -32.57
N SER A 107 1.91 -10.92 -33.17
CA SER A 107 1.31 -12.27 -33.23
C SER A 107 2.38 -13.35 -33.08
N ALA A 108 2.31 -14.15 -32.01
CA ALA A 108 3.27 -15.22 -31.68
C ALA A 108 4.76 -14.78 -31.63
N GLN A 109 4.99 -13.51 -31.30
CA GLN A 109 6.28 -12.81 -31.33
C GLN A 109 6.70 -12.30 -29.93
N PRO A 110 8.00 -12.25 -29.61
CA PRO A 110 8.50 -11.70 -28.34
C PRO A 110 8.39 -10.17 -28.33
N ASN A 111 7.39 -9.64 -27.62
CA ASN A 111 7.08 -8.20 -27.55
C ASN A 111 6.64 -7.75 -26.14
N LEU A 112 7.16 -8.43 -25.10
CA LEU A 112 6.82 -8.25 -23.69
C LEU A 112 8.10 -8.01 -22.85
N PRO A 113 8.56 -6.76 -22.71
CA PRO A 113 9.76 -6.41 -21.94
C PRO A 113 9.57 -6.59 -20.41
N GLY A 1 44.64 44.71 26.99
CA GLY A 1 43.51 44.59 26.06
C GLY A 1 42.60 43.44 26.46
N SER A 2 42.33 42.51 25.52
CA SER A 2 41.52 41.30 25.72
C SER A 2 42.26 40.03 25.29
N HIS A 3 41.96 38.90 25.95
CA HIS A 3 42.55 37.58 25.66
C HIS A 3 41.56 36.47 26.03
N MET A 4 41.27 35.56 25.09
CA MET A 4 40.33 34.45 25.25
C MET A 4 40.89 33.18 24.61
N ALA A 5 41.34 32.23 25.44
CA ALA A 5 42.00 30.98 25.03
C ALA A 5 41.27 29.69 25.46
N SER A 6 39.99 29.82 25.78
CA SER A 6 39.16 28.78 26.43
C SER A 6 37.95 28.33 25.59
N MET A 7 37.96 28.62 24.28
CA MET A 7 36.85 28.32 23.35
C MET A 7 37.24 28.06 21.88
N ASP A 8 38.47 28.37 21.50
CA ASP A 8 39.01 28.28 20.13
C ASP A 8 40.40 27.60 20.07
N GLN A 9 40.79 26.95 21.19
CA GLN A 9 42.12 26.38 21.43
C GLN A 9 42.04 25.01 22.14
N LEU A 10 40.88 24.37 22.10
CA LEU A 10 40.55 23.12 22.81
C LEU A 10 40.21 21.99 21.81
N ASP A 11 40.02 20.77 22.33
CA ASP A 11 39.73 19.57 21.51
C ASP A 11 38.54 18.72 22.04
N GLU A 12 37.75 19.28 22.97
CA GLU A 12 36.63 18.60 23.64
C GLU A 12 35.23 18.90 23.03
N ILE A 13 35.18 19.65 21.92
CA ILE A 13 33.93 20.24 21.39
C ILE A 13 33.08 19.20 20.64
N ILE A 14 33.70 18.29 19.87
CA ILE A 14 33.05 17.30 19.00
C ILE A 14 33.72 15.92 19.19
N GLU A 15 32.91 14.86 19.17
CA GLU A 15 33.33 13.45 19.27
C GLU A 15 32.91 12.63 18.04
N GLN A 16 33.59 11.51 17.77
CA GLN A 16 33.43 10.70 16.55
C GLN A 16 33.49 9.20 16.85
N ILE A 17 34.68 8.65 17.13
CA ILE A 17 34.94 7.24 17.43
C ILE A 17 35.97 7.14 18.57
N GLN A 18 35.54 6.54 19.69
CA GLN A 18 36.26 6.51 20.97
C GLN A 18 35.92 5.26 21.81
N LYS A 19 35.70 4.11 21.13
CA LYS A 19 35.42 2.78 21.73
C LYS A 19 34.24 2.77 22.74
N GLU A 20 33.22 3.58 22.47
CA GLU A 20 32.03 3.82 23.31
C GLU A 20 32.35 4.12 24.78
N ALA A 21 32.81 5.36 25.02
CA ALA A 21 33.24 5.77 26.34
C ALA A 21 32.08 6.06 27.31
N ILE A 22 31.34 7.15 27.06
CA ILE A 22 30.24 7.66 27.91
C ILE A 22 28.97 7.99 27.11
N ASN A 23 29.12 8.06 25.80
CA ASN A 23 28.11 8.65 24.92
C ASN A 23 26.84 7.78 24.76
N SER A 24 26.94 6.49 25.07
CA SER A 24 25.84 5.52 24.90
C SER A 24 25.11 5.23 26.22
N ASN A 25 25.84 5.10 27.32
CA ASN A 25 25.31 4.71 28.63
C ASN A 25 24.70 5.87 29.45
N VAL A 26 24.93 7.11 29.02
CA VAL A 26 24.27 8.32 29.55
C VAL A 26 23.14 8.82 28.62
N VAL A 27 23.27 8.60 27.30
CA VAL A 27 22.32 9.06 26.27
C VAL A 27 21.97 7.92 25.32
N LEU A 28 20.93 7.14 25.67
CA LEU A 28 20.35 6.10 24.81
C LEU A 28 18.89 6.41 24.46
N LYS A 29 18.52 6.20 23.20
CA LYS A 29 17.20 6.51 22.61
C LYS A 29 16.57 5.30 21.89
N ASN A 30 16.92 4.08 22.34
CA ASN A 30 16.58 2.79 21.76
C ASN A 30 16.78 2.73 20.21
N PRO A 31 18.01 2.93 19.70
CA PRO A 31 18.31 3.10 18.27
C PRO A 31 18.36 1.74 17.52
N ARG A 32 17.20 1.08 17.41
CA ARG A 32 17.02 -0.24 16.79
C ARG A 32 16.09 -0.18 15.58
N VAL A 33 14.80 0.10 15.79
CA VAL A 33 13.74 0.11 14.76
C VAL A 33 12.72 1.21 15.08
N PRO A 34 12.66 2.32 14.32
CA PRO A 34 11.66 3.38 14.48
C PRO A 34 10.31 3.04 13.84
N THR A 35 9.31 3.87 14.13
CA THR A 35 7.88 3.60 13.94
C THR A 35 7.18 4.78 13.25
N GLN A 36 7.37 4.87 11.93
CA GLN A 36 6.93 6.01 11.09
C GLN A 36 5.92 5.66 9.97
N LYS A 37 5.26 4.51 10.10
CA LYS A 37 4.32 3.96 9.12
C LYS A 37 2.89 4.48 9.37
N THR A 38 2.63 5.72 8.94
CA THR A 38 1.39 6.47 9.24
C THR A 38 0.91 7.32 8.05
N GLY A 39 0.85 6.70 6.87
CA GLY A 39 0.39 7.31 5.61
C GLY A 39 1.50 8.06 4.87
N GLU A 40 2.49 7.32 4.38
CA GLU A 40 3.73 7.83 3.76
C GLU A 40 3.62 8.07 2.24
N LEU A 41 2.41 8.07 1.68
CA LEU A 41 2.10 8.30 0.28
C LEU A 41 1.02 9.38 0.13
N SER A 42 1.25 10.25 -0.83
CA SER A 42 0.31 11.32 -1.26
C SER A 42 0.04 11.29 -2.75
N GLU A 43 1.04 11.63 -3.56
CA GLU A 43 0.85 11.89 -4.99
C GLU A 43 2.15 11.81 -5.79
N GLU A 44 3.26 12.21 -5.17
CA GLU A 44 4.60 12.04 -5.73
C GLU A 44 5.09 10.60 -5.58
N GLN A 45 4.43 9.76 -4.75
CA GLN A 45 4.84 8.38 -4.49
C GLN A 45 4.27 7.39 -5.50
N LYS A 46 2.99 7.53 -5.85
CA LYS A 46 2.32 6.67 -6.85
C LYS A 46 2.91 6.81 -8.24
N LYS A 47 3.38 8.02 -8.59
CA LYS A 47 4.15 8.25 -9.84
C LYS A 47 5.51 7.53 -9.92
N ILE A 48 5.91 6.81 -8.86
CA ILE A 48 7.12 5.98 -8.80
C ILE A 48 6.80 4.48 -8.70
N VAL A 49 5.55 4.10 -8.34
CA VAL A 49 5.16 2.70 -8.06
C VAL A 49 3.92 2.26 -8.84
N ALA A 50 2.81 2.98 -8.77
CA ALA A 50 1.64 2.71 -9.62
C ALA A 50 2.00 2.90 -11.12
N ASP A 51 2.81 3.92 -11.42
CA ASP A 51 3.40 4.13 -12.74
C ASP A 51 4.38 3.01 -13.16
N TYR A 52 5.03 2.35 -12.19
CA TYR A 52 5.92 1.21 -12.42
C TYR A 52 5.13 -0.08 -12.73
N ILE A 53 4.00 -0.28 -12.06
CA ILE A 53 3.02 -1.33 -12.38
C ILE A 53 2.48 -1.16 -13.81
N SER A 54 2.33 0.08 -14.29
CA SER A 54 2.03 0.38 -15.70
C SER A 54 3.20 0.15 -16.68
N GLU A 55 4.44 -0.08 -16.21
CA GLU A 55 5.63 -0.15 -17.06
C GLU A 55 6.17 -1.59 -17.22
N VAL A 56 6.22 -2.39 -16.14
CA VAL A 56 6.85 -3.73 -16.14
C VAL A 56 5.95 -4.85 -15.59
N GLY A 57 4.83 -4.53 -14.93
CA GLY A 57 3.77 -5.48 -14.56
C GLY A 57 3.35 -5.33 -13.11
N LEU A 58 4.12 -5.96 -12.23
CA LEU A 58 3.92 -6.03 -10.77
C LEU A 58 5.15 -6.60 -10.06
N ASN A 59 5.68 -7.66 -10.65
CA ASN A 59 6.71 -8.54 -10.09
C ASN A 59 8.10 -8.41 -10.73
N ASN A 60 8.20 -7.68 -11.85
CA ASN A 60 9.47 -7.53 -12.61
C ASN A 60 10.31 -6.34 -12.14
N LEU A 61 9.70 -5.37 -11.46
CA LEU A 61 10.37 -4.32 -10.70
C LEU A 61 11.11 -4.87 -9.46
N ASN A 62 12.04 -4.09 -8.90
CA ASN A 62 12.72 -4.44 -7.66
C ASN A 62 12.52 -3.38 -6.56
N ALA A 63 13.02 -3.69 -5.38
CA ALA A 63 12.95 -2.84 -4.20
C ALA A 63 14.04 -1.75 -4.17
N THR A 64 15.16 -1.98 -4.88
CA THR A 64 16.30 -1.08 -4.96
C THR A 64 15.91 0.25 -5.62
N GLU A 65 15.28 0.21 -6.79
CA GLU A 65 14.83 1.42 -7.51
C GLU A 65 13.77 2.21 -6.73
N LEU A 66 12.83 1.51 -6.07
CA LEU A 66 11.92 2.12 -5.10
C LEU A 66 12.67 2.80 -3.95
N SER A 67 13.60 2.12 -3.28
CA SER A 67 14.36 2.69 -2.14
C SER A 67 15.16 3.94 -2.48
N LYS A 68 15.52 4.08 -3.77
CA LYS A 68 16.32 5.17 -4.33
C LYS A 68 15.46 6.37 -4.73
N ARG A 69 14.37 6.12 -5.46
CA ARG A 69 13.48 7.17 -6.01
C ARG A 69 12.34 7.58 -5.07
N LEU A 70 11.87 6.65 -4.22
CA LEU A 70 10.81 6.87 -3.22
C LEU A 70 11.36 7.26 -1.83
N ASN A 71 12.67 7.07 -1.60
CA ASN A 71 13.40 7.45 -0.39
C ASN A 71 12.85 6.76 0.88
N ILE A 72 13.01 5.43 0.94
CA ILE A 72 12.58 4.52 2.01
C ILE A 72 13.60 3.40 2.23
N THR A 73 13.44 2.67 3.33
CA THR A 73 14.08 1.38 3.60
C THR A 73 13.80 0.39 2.45
N VAL A 74 14.79 -0.41 2.06
CA VAL A 74 14.62 -1.46 1.04
C VAL A 74 13.55 -2.48 1.46
N ASP A 75 13.49 -2.81 2.75
CA ASP A 75 12.52 -3.76 3.30
C ASP A 75 11.09 -3.19 3.38
N LYS A 76 10.93 -1.87 3.52
CA LYS A 76 9.64 -1.20 3.35
C LYS A 76 9.17 -1.28 1.91
N ALA A 77 10.08 -1.17 0.94
CA ALA A 77 9.74 -1.34 -0.48
C ALA A 77 9.32 -2.79 -0.77
N LYS A 78 10.11 -3.76 -0.29
CA LYS A 78 9.85 -5.21 -0.48
C LYS A 78 8.47 -5.64 0.04
N THR A 79 8.02 -5.10 1.18
CA THR A 79 6.69 -5.44 1.75
C THR A 79 5.57 -4.52 1.25
N TYR A 80 5.84 -3.25 0.94
CA TYR A 80 4.84 -2.33 0.40
C TYR A 80 4.34 -2.78 -0.99
N ILE A 81 5.23 -3.32 -1.83
CA ILE A 81 4.89 -3.90 -3.15
C ILE A 81 3.71 -4.90 -3.00
N LYS A 82 3.85 -5.92 -2.15
CA LYS A 82 2.78 -6.91 -1.92
C LYS A 82 1.59 -6.36 -1.15
N ASN A 83 1.79 -5.46 -0.19
CA ASN A 83 0.68 -4.87 0.59
C ASN A 83 -0.23 -3.97 -0.27
N SER A 84 0.32 -3.31 -1.28
CA SER A 84 -0.44 -2.47 -2.24
C SER A 84 -1.19 -3.31 -3.27
N ASN A 85 -0.56 -4.37 -3.77
CA ASN A 85 -1.11 -5.28 -4.78
C ASN A 85 -0.62 -6.73 -4.57
N ARG A 86 -1.35 -7.49 -3.75
CA ARG A 86 -1.08 -8.91 -3.43
C ARG A 86 -1.11 -9.81 -4.66
N MET A 87 -2.08 -9.58 -5.54
CA MET A 87 -2.30 -10.29 -6.81
C MET A 87 -2.36 -9.35 -8.02
N GLY A 88 -2.95 -8.16 -7.87
CA GLY A 88 -3.04 -7.15 -8.94
C GLY A 88 -4.43 -6.56 -9.07
N ARG A 89 -4.81 -5.70 -8.11
CA ARG A 89 -6.13 -5.03 -7.99
C ARG A 89 -7.36 -5.95 -7.90
N THR A 90 -7.16 -7.25 -7.60
CA THR A 90 -8.26 -8.22 -7.43
C THR A 90 -9.02 -8.02 -6.12
N ASN A 91 -8.45 -7.16 -5.26
CA ASN A 91 -9.09 -6.56 -4.08
C ASN A 91 -9.55 -7.59 -3.03
N ASN A 92 -8.92 -8.77 -3.02
CA ASN A 92 -9.28 -9.92 -2.20
C ASN A 92 -8.62 -9.92 -0.79
N PHE A 93 -7.66 -9.01 -0.58
CA PHE A 93 -6.85 -8.83 0.64
C PHE A 93 -7.58 -8.16 1.82
N LYS A 94 -8.92 -8.11 1.75
CA LYS A 94 -9.84 -7.38 2.62
C LYS A 94 -10.22 -8.13 3.92
N THR A 95 -9.76 -9.37 4.00
CA THR A 95 -10.10 -10.34 5.05
C THR A 95 -8.87 -11.19 5.38
N ILE A 96 -8.26 -11.82 4.37
CA ILE A 96 -7.05 -12.63 4.51
C ILE A 96 -5.81 -11.77 4.76
N LYS A 97 -4.71 -12.39 5.22
CA LYS A 97 -3.42 -11.74 5.56
C LYS A 97 -3.45 -10.75 6.75
N MET A 98 -4.62 -10.46 7.34
CA MET A 98 -4.76 -9.48 8.44
C MET A 98 -4.78 -10.13 9.84
N PHE A 99 -5.61 -11.16 10.03
CA PHE A 99 -5.82 -11.82 11.34
C PHE A 99 -5.19 -13.22 11.44
N GLU A 100 -4.66 -13.75 10.33
CA GLU A 100 -4.13 -15.11 10.21
C GLU A 100 -2.62 -15.16 10.54
N ASP A 101 -2.21 -16.05 11.45
CA ASP A 101 -0.81 -16.32 11.79
C ASP A 101 -0.59 -17.82 12.08
N ASP A 102 0.37 -18.43 11.38
CA ASP A 102 0.82 -19.82 11.55
C ASP A 102 2.33 -19.94 11.29
N VAL A 103 2.99 -20.87 11.99
CA VAL A 103 4.45 -21.12 11.88
C VAL A 103 4.78 -22.60 11.69
N SER A 104 4.14 -23.48 12.46
CA SER A 104 4.37 -24.93 12.48
C SER A 104 3.13 -25.78 12.11
N SER A 105 2.04 -25.13 11.67
CA SER A 105 0.71 -25.74 11.51
C SER A 105 -0.03 -25.35 10.21
N ALA A 106 0.72 -24.94 9.18
CA ALA A 106 0.20 -24.62 7.85
C ALA A 106 0.46 -25.76 6.84
N SER A 107 -0.57 -26.13 6.06
CA SER A 107 -0.53 -27.13 4.98
C SER A 107 -1.65 -26.84 3.97
N ALA A 108 -1.68 -27.57 2.85
CA ALA A 108 -2.85 -27.63 1.97
C ALA A 108 -4.08 -28.25 2.67
N GLN A 109 -3.82 -29.09 3.67
CA GLN A 109 -4.80 -29.74 4.54
C GLN A 109 -4.24 -30.04 5.96
N PRO A 110 -4.22 -29.06 6.88
CA PRO A 110 -3.65 -29.21 8.24
C PRO A 110 -4.61 -29.92 9.21
N ASN A 111 -5.13 -31.08 8.80
CA ASN A 111 -6.23 -31.82 9.44
C ASN A 111 -5.76 -33.21 9.89
N LEU A 112 -4.84 -33.24 10.87
CA LEU A 112 -4.25 -34.46 11.43
C LEU A 112 -4.24 -34.41 12.98
N PRO A 113 -5.18 -35.07 13.68
CA PRO A 113 -5.27 -35.06 15.14
C PRO A 113 -4.18 -35.93 15.82
N GLY A 1 -5.87 -7.37 12.60
CA GLY A 1 -6.85 -7.82 11.58
C GLY A 1 -6.71 -7.00 10.29
N SER A 2 -7.84 -6.76 9.61
CA SER A 2 -7.93 -6.00 8.35
C SER A 2 -8.98 -4.88 8.43
N HIS A 3 -8.79 -3.82 7.65
CA HIS A 3 -9.70 -2.66 7.61
C HIS A 3 -9.71 -2.01 6.21
N MET A 4 -10.89 -1.61 5.75
CA MET A 4 -11.11 -0.94 4.44
C MET A 4 -12.09 0.24 4.60
N ALA A 5 -11.54 1.46 4.77
CA ALA A 5 -12.28 2.71 4.82
C ALA A 5 -11.36 3.89 4.43
N SER A 6 -11.57 4.42 3.22
CA SER A 6 -10.80 5.55 2.66
C SER A 6 -11.65 6.81 2.38
N MET A 7 -12.98 6.71 2.46
CA MET A 7 -13.94 7.75 2.01
C MET A 7 -15.00 8.15 3.06
N ASP A 8 -15.05 7.41 4.18
CA ASP A 8 -15.87 7.71 5.37
C ASP A 8 -14.99 8.05 6.59
N GLN A 9 -13.69 8.17 6.38
CA GLN A 9 -12.65 8.12 7.42
C GLN A 9 -11.42 8.97 7.06
N LEU A 10 -11.66 10.20 6.58
CA LEU A 10 -10.64 11.20 6.23
C LEU A 10 -11.02 12.57 6.84
N ASP A 11 -10.25 13.02 7.83
CA ASP A 11 -10.50 14.27 8.59
C ASP A 11 -9.20 14.94 9.09
N GLU A 12 -8.05 14.54 8.55
CA GLU A 12 -6.71 15.01 8.94
C GLU A 12 -6.24 16.30 8.21
N ILE A 13 -7.13 16.93 7.43
CA ILE A 13 -6.83 18.02 6.50
C ILE A 13 -6.81 19.38 7.23
N ILE A 14 -5.76 20.19 6.98
CA ILE A 14 -5.57 21.53 7.58
C ILE A 14 -6.22 22.62 6.70
N GLU A 15 -6.07 22.53 5.37
CA GLU A 15 -6.57 23.49 4.38
C GLU A 15 -7.14 22.76 3.16
N GLN A 16 -8.33 23.18 2.68
CA GLN A 16 -9.01 22.54 1.54
C GLN A 16 -9.54 23.57 0.51
N ILE A 17 -10.48 24.45 0.92
CA ILE A 17 -11.15 25.45 0.07
C ILE A 17 -11.22 26.85 0.72
N GLN A 18 -10.44 27.09 1.77
CA GLN A 18 -10.55 28.24 2.67
C GLN A 18 -9.19 28.81 3.09
N LYS A 19 -9.16 30.06 3.55
CA LYS A 19 -7.96 30.77 4.07
C LYS A 19 -7.74 30.58 5.58
N GLU A 20 -8.36 29.56 6.18
CA GLU A 20 -8.53 29.31 7.62
C GLU A 20 -9.28 30.43 8.37
N ALA A 21 -10.39 30.04 9.03
CA ALA A 21 -11.18 30.92 9.88
C ALA A 21 -11.06 30.55 11.37
N ILE A 22 -11.88 29.59 11.82
CA ILE A 22 -12.06 29.27 13.26
C ILE A 22 -11.72 27.83 13.63
N ASN A 23 -11.56 26.98 12.63
CA ASN A 23 -11.36 25.54 12.81
C ASN A 23 -9.94 25.18 13.31
N SER A 24 -8.99 26.12 13.19
CA SER A 24 -7.58 25.92 13.50
C SER A 24 -7.24 26.29 14.95
N ASN A 25 -7.58 27.51 15.39
CA ASN A 25 -7.24 28.01 16.73
C ASN A 25 -7.96 27.27 17.89
N VAL A 26 -9.02 26.51 17.56
CA VAL A 26 -9.84 25.73 18.49
C VAL A 26 -9.41 24.24 18.57
N VAL A 27 -8.49 23.81 17.69
CA VAL A 27 -7.95 22.43 17.62
C VAL A 27 -6.41 22.49 17.54
N LEU A 28 -5.77 22.82 18.67
CA LEU A 28 -4.32 22.97 18.80
C LEU A 28 -3.75 22.02 19.88
N LYS A 29 -2.82 21.15 19.46
CA LYS A 29 -2.10 20.16 20.31
C LYS A 29 -0.61 20.08 19.93
N ASN A 30 0.07 21.23 19.94
CA ASN A 30 1.48 21.42 19.56
C ASN A 30 1.87 20.74 18.21
N PRO A 31 1.40 21.29 17.07
CA PRO A 31 1.59 20.68 15.74
C PRO A 31 3.02 20.88 15.19
N ARG A 32 3.98 20.12 15.74
CA ARG A 32 5.41 20.14 15.35
C ARG A 32 5.92 18.78 14.88
N VAL A 33 5.79 17.73 15.70
CA VAL A 33 6.27 16.36 15.39
C VAL A 33 5.24 15.28 15.79
N PRO A 34 4.05 15.23 15.15
CA PRO A 34 3.08 14.16 15.40
C PRO A 34 3.49 12.82 14.76
N THR A 35 2.95 11.74 15.32
CA THR A 35 3.23 10.32 14.99
C THR A 35 2.50 9.85 13.71
N GLN A 36 2.81 10.52 12.60
CA GLN A 36 2.14 10.38 11.30
C GLN A 36 2.57 9.17 10.45
N LYS A 37 3.00 8.09 11.12
CA LYS A 37 3.62 6.88 10.58
C LYS A 37 2.57 5.83 10.14
N THR A 38 1.69 6.24 9.22
CA THR A 38 0.42 5.53 8.93
C THR A 38 -0.06 5.65 7.46
N GLY A 39 0.83 6.05 6.53
CA GLY A 39 0.51 6.18 5.11
C GLY A 39 1.73 6.27 4.21
N GLU A 40 2.46 7.40 4.28
CA GLU A 40 3.74 7.66 3.59
C GLU A 40 3.67 7.66 2.04
N LEU A 41 2.47 7.80 1.47
CA LEU A 41 2.24 8.06 0.05
C LEU A 41 1.17 9.14 -0.15
N SER A 42 1.50 10.14 -0.96
CA SER A 42 0.72 11.34 -1.24
C SER A 42 0.29 11.44 -2.68
N GLU A 43 1.22 11.69 -3.59
CA GLU A 43 0.94 11.98 -5.00
C GLU A 43 2.15 11.80 -5.90
N GLU A 44 3.33 12.23 -5.44
CA GLU A 44 4.60 12.01 -6.14
C GLU A 44 5.05 10.56 -6.02
N GLN A 45 4.63 9.88 -4.95
CA GLN A 45 5.01 8.51 -4.62
C GLN A 45 4.31 7.51 -5.56
N LYS A 46 3.07 7.81 -5.97
CA LYS A 46 2.35 7.06 -7.02
C LYS A 46 2.96 7.28 -8.40
N LYS A 47 3.46 8.48 -8.66
CA LYS A 47 4.25 8.78 -9.89
C LYS A 47 5.59 8.04 -9.97
N ILE A 48 5.95 7.28 -8.93
CA ILE A 48 7.07 6.32 -8.92
C ILE A 48 6.52 4.88 -8.91
N VAL A 49 5.64 4.53 -7.96
CA VAL A 49 5.13 3.16 -7.78
C VAL A 49 4.13 2.77 -8.86
N ALA A 50 3.00 3.46 -8.97
CA ALA A 50 1.94 3.15 -9.92
C ALA A 50 2.37 3.42 -11.37
N ASP A 51 3.29 4.36 -11.55
CA ASP A 51 4.03 4.51 -12.81
C ASP A 51 4.79 3.21 -13.19
N TYR A 52 5.47 2.56 -12.24
CA TYR A 52 6.14 1.26 -12.43
C TYR A 52 5.15 0.13 -12.77
N ILE A 53 3.97 0.14 -12.15
CA ILE A 53 2.88 -0.82 -12.43
C ILE A 53 2.37 -0.71 -13.89
N SER A 54 2.64 0.42 -14.55
CA SER A 54 2.38 0.64 -15.98
C SER A 54 3.54 0.22 -16.91
N GLU A 55 4.74 -0.06 -16.39
CA GLU A 55 5.93 -0.38 -17.21
C GLU A 55 6.16 -1.88 -17.33
N VAL A 56 6.26 -2.57 -16.20
CA VAL A 56 6.74 -3.97 -16.12
C VAL A 56 5.71 -4.95 -15.56
N GLY A 57 4.67 -4.47 -14.88
CA GLY A 57 3.49 -5.22 -14.45
C GLY A 57 3.23 -5.04 -12.97
N LEU A 58 3.88 -5.87 -12.15
CA LEU A 58 3.74 -5.90 -10.68
C LEU A 58 4.83 -6.72 -9.98
N ASN A 59 5.24 -7.82 -10.61
CA ASN A 59 6.18 -8.81 -10.07
C ASN A 59 7.61 -8.72 -10.66
N ASN A 60 7.81 -7.92 -11.72
CA ASN A 60 9.07 -7.80 -12.45
C ASN A 60 9.93 -6.60 -12.02
N LEU A 61 9.32 -5.65 -11.27
CA LEU A 61 10.01 -4.54 -10.60
C LEU A 61 10.84 -5.03 -9.40
N ASN A 62 11.75 -4.20 -8.90
CA ASN A 62 12.53 -4.46 -7.68
C ASN A 62 12.33 -3.37 -6.61
N ALA A 63 12.79 -3.68 -5.41
CA ALA A 63 12.69 -2.81 -4.25
C ALA A 63 13.75 -1.69 -4.24
N THR A 64 14.88 -1.90 -4.91
CA THR A 64 16.01 -0.95 -5.01
C THR A 64 15.63 0.32 -5.75
N GLU A 65 14.94 0.22 -6.88
CA GLU A 65 14.47 1.39 -7.64
C GLU A 65 13.41 2.20 -6.86
N LEU A 66 12.53 1.53 -6.11
CA LEU A 66 11.59 2.18 -5.19
C LEU A 66 12.31 2.92 -4.05
N SER A 67 13.26 2.27 -3.37
CA SER A 67 14.00 2.85 -2.24
C SER A 67 14.89 4.03 -2.66
N LYS A 68 15.32 4.08 -3.92
CA LYS A 68 16.13 5.17 -4.50
C LYS A 68 15.30 6.42 -4.80
N ARG A 69 14.04 6.26 -5.22
CA ARG A 69 13.15 7.32 -5.71
C ARG A 69 12.15 7.81 -4.65
N LEU A 70 11.69 6.92 -3.76
CA LEU A 70 10.84 7.24 -2.61
C LEU A 70 11.64 7.63 -1.36
N ASN A 71 12.95 7.27 -1.31
CA ASN A 71 13.84 7.49 -0.16
C ASN A 71 13.33 6.80 1.12
N ILE A 72 13.16 5.48 1.01
CA ILE A 72 12.78 4.52 2.06
C ILE A 72 13.88 3.46 2.23
N THR A 73 13.83 2.67 3.31
CA THR A 73 14.64 1.43 3.41
C THR A 73 14.11 0.36 2.45
N VAL A 74 14.99 -0.53 1.98
CA VAL A 74 14.66 -1.59 1.01
C VAL A 74 13.56 -2.51 1.55
N ASP A 75 13.56 -2.78 2.85
CA ASP A 75 12.56 -3.64 3.49
C ASP A 75 11.14 -3.04 3.50
N LYS A 76 11.02 -1.71 3.60
CA LYS A 76 9.72 -1.04 3.44
C LYS A 76 9.22 -1.13 2.00
N ALA A 77 10.11 -1.08 1.01
CA ALA A 77 9.74 -1.25 -0.39
C ALA A 77 9.28 -2.70 -0.66
N LYS A 78 10.05 -3.69 -0.18
CA LYS A 78 9.76 -5.13 -0.32
C LYS A 78 8.40 -5.53 0.26
N THR A 79 8.02 -5.00 1.43
CA THR A 79 6.72 -5.31 2.05
C THR A 79 5.58 -4.45 1.51
N TYR A 80 5.84 -3.18 1.15
CA TYR A 80 4.83 -2.31 0.57
C TYR A 80 4.38 -2.79 -0.82
N ILE A 81 5.29 -3.34 -1.64
CA ILE A 81 4.95 -4.01 -2.92
C ILE A 81 3.83 -5.04 -2.69
N LYS A 82 4.07 -6.05 -1.84
CA LYS A 82 3.11 -7.08 -1.38
C LYS A 82 1.80 -6.57 -0.78
N ASN A 83 1.81 -5.37 -0.22
CA ASN A 83 0.59 -4.77 0.33
C ASN A 83 -0.34 -4.16 -0.76
N SER A 84 0.16 -3.98 -1.99
CA SER A 84 -0.67 -3.82 -3.20
C SER A 84 -0.78 -5.13 -3.99
N ASN A 85 0.34 -5.85 -4.12
CA ASN A 85 0.50 -7.13 -4.80
C ASN A 85 0.02 -8.31 -3.94
N ARG A 86 -1.29 -8.49 -3.92
CA ARG A 86 -1.94 -9.56 -3.14
C ARG A 86 -2.80 -10.51 -3.99
N MET A 87 -2.83 -10.30 -5.31
CA MET A 87 -3.83 -10.89 -6.23
C MET A 87 -3.17 -11.74 -7.31
N GLY A 88 -2.33 -12.67 -6.89
CA GLY A 88 -1.58 -13.60 -7.73
C GLY A 88 -0.83 -14.61 -6.88
N ARG A 89 0.49 -14.72 -7.07
CA ARG A 89 1.35 -15.70 -6.37
C ARG A 89 1.62 -15.41 -4.88
N THR A 90 1.03 -14.36 -4.33
CA THR A 90 1.06 -14.01 -2.89
C THR A 90 0.19 -14.94 -2.01
N ASN A 91 -0.25 -16.04 -2.60
CA ASN A 91 -0.84 -17.24 -1.96
C ASN A 91 -2.18 -16.92 -1.28
N ASN A 92 -2.92 -16.04 -1.95
CA ASN A 92 -4.22 -15.50 -1.54
C ASN A 92 -5.41 -16.44 -1.76
N PHE A 93 -5.21 -17.42 -2.64
CA PHE A 93 -6.27 -18.03 -3.46
C PHE A 93 -6.57 -19.48 -3.05
N LYS A 94 -6.20 -19.83 -1.81
CA LYS A 94 -6.24 -21.17 -1.19
C LYS A 94 -7.58 -21.52 -0.53
N THR A 95 -8.58 -20.66 -0.74
CA THR A 95 -9.86 -20.63 -0.05
C THR A 95 -10.96 -20.18 -1.03
N ILE A 96 -10.71 -19.07 -1.73
CA ILE A 96 -11.61 -18.46 -2.72
C ILE A 96 -11.47 -19.21 -4.06
N LYS A 97 -12.52 -19.18 -4.91
CA LYS A 97 -12.59 -19.86 -6.23
C LYS A 97 -12.55 -21.40 -6.18
N MET A 98 -12.74 -22.03 -5.01
CA MET A 98 -12.68 -23.49 -4.83
C MET A 98 -14.00 -24.17 -4.41
N PHE A 99 -14.95 -23.43 -3.82
CA PHE A 99 -16.22 -23.98 -3.28
C PHE A 99 -17.50 -23.26 -3.76
N GLU A 100 -17.35 -22.16 -4.49
CA GLU A 100 -18.46 -21.28 -4.92
C GLU A 100 -19.00 -21.62 -6.33
N ASP A 101 -18.70 -22.83 -6.83
CA ASP A 101 -18.89 -23.26 -8.22
C ASP A 101 -20.29 -23.87 -8.52
N ASP A 102 -21.26 -23.64 -7.65
CA ASP A 102 -22.67 -24.04 -7.79
C ASP A 102 -23.63 -22.86 -7.53
N VAL A 103 -24.73 -22.80 -8.29
CA VAL A 103 -25.74 -21.73 -8.23
C VAL A 103 -27.16 -22.28 -8.05
N SER A 104 -27.53 -23.28 -8.86
CA SER A 104 -28.88 -23.89 -8.88
C SER A 104 -28.88 -25.39 -8.53
N SER A 105 -27.78 -25.90 -7.97
CA SER A 105 -27.56 -27.33 -7.66
C SER A 105 -26.87 -27.58 -6.30
N ALA A 106 -26.90 -26.58 -5.40
CA ALA A 106 -26.36 -26.66 -4.04
C ALA A 106 -27.38 -27.22 -3.02
N SER A 107 -26.88 -27.78 -1.91
CA SER A 107 -27.69 -28.33 -0.80
C SER A 107 -27.13 -27.88 0.55
N ALA A 108 -27.94 -27.95 1.61
CA ALA A 108 -27.63 -27.51 2.98
C ALA A 108 -26.73 -28.49 3.78
N GLN A 109 -25.95 -29.32 3.06
CA GLN A 109 -25.10 -30.43 3.55
C GLN A 109 -25.86 -31.54 4.32
N PRO A 110 -25.25 -32.73 4.55
CA PRO A 110 -25.88 -33.84 5.27
C PRO A 110 -25.93 -33.59 6.79
N ASN A 111 -26.73 -32.61 7.20
CA ASN A 111 -26.89 -32.12 8.58
C ASN A 111 -28.38 -31.99 8.95
N LEU A 112 -29.08 -33.13 8.96
CA LEU A 112 -30.53 -33.25 9.24
C LEU A 112 -30.78 -34.11 10.50
N PRO A 113 -30.64 -33.53 11.72
CA PRO A 113 -30.85 -34.23 12.99
C PRO A 113 -32.34 -34.57 13.26
N GLY A 1 -37.79 -23.10 23.92
CA GLY A 1 -38.43 -22.30 22.85
C GLY A 1 -39.33 -21.20 23.41
N SER A 2 -40.21 -20.66 22.56
CA SER A 2 -41.23 -19.65 22.94
C SER A 2 -42.50 -19.81 22.09
N HIS A 3 -43.64 -19.37 22.61
CA HIS A 3 -44.95 -19.42 21.92
C HIS A 3 -45.79 -18.17 22.27
N MET A 4 -46.11 -17.35 21.26
CA MET A 4 -46.90 -16.11 21.40
C MET A 4 -47.92 -15.98 20.25
N ALA A 5 -49.00 -16.77 20.31
CA ALA A 5 -50.08 -16.95 19.33
C ALA A 5 -49.69 -17.48 17.93
N SER A 6 -48.51 -17.10 17.42
CA SER A 6 -47.83 -17.41 16.15
C SER A 6 -48.59 -17.07 14.85
N MET A 7 -49.87 -17.42 14.76
CA MET A 7 -50.69 -17.32 13.54
C MET A 7 -51.70 -16.16 13.52
N ASP A 8 -51.77 -15.39 14.60
CA ASP A 8 -52.69 -14.24 14.78
C ASP A 8 -51.98 -12.87 14.82
N GLN A 9 -50.66 -12.84 14.57
CA GLN A 9 -49.78 -11.67 14.81
C GLN A 9 -48.75 -11.38 13.70
N LEU A 10 -49.02 -11.85 12.47
CA LEU A 10 -48.12 -11.73 11.30
C LEU A 10 -48.81 -11.05 10.10
N ASP A 11 -49.01 -9.72 10.21
CA ASP A 11 -49.76 -8.92 9.23
C ASP A 11 -49.07 -7.60 8.80
N GLU A 12 -47.94 -7.23 9.42
CA GLU A 12 -47.20 -5.99 9.12
C GLU A 12 -45.97 -6.27 8.24
N ILE A 13 -46.16 -6.24 6.92
CA ILE A 13 -45.10 -6.46 5.91
C ILE A 13 -45.16 -5.32 4.88
N ILE A 14 -44.32 -4.29 5.06
CA ILE A 14 -44.28 -3.07 4.23
C ILE A 14 -42.81 -2.69 3.93
N GLU A 15 -42.55 -2.21 2.71
CA GLU A 15 -41.24 -1.79 2.20
C GLU A 15 -41.34 -0.43 1.48
N GLN A 16 -41.78 0.61 2.20
CA GLN A 16 -41.98 1.97 1.68
C GLN A 16 -41.46 3.03 2.67
N ILE A 17 -42.19 3.25 3.77
CA ILE A 17 -41.85 4.16 4.87
C ILE A 17 -42.30 3.55 6.19
N GLN A 18 -41.34 3.28 7.07
CA GLN A 18 -41.48 2.57 8.34
C GLN A 18 -40.27 2.88 9.25
N LYS A 19 -40.30 2.43 10.51
CA LYS A 19 -39.27 2.69 11.54
C LYS A 19 -37.83 2.37 11.09
N GLU A 20 -37.67 1.38 10.19
CA GLU A 20 -36.38 0.90 9.69
C GLU A 20 -36.01 1.36 8.26
N ALA A 21 -36.64 2.44 7.79
CA ALA A 21 -36.38 3.07 6.49
C ALA A 21 -34.89 3.42 6.24
N ILE A 22 -34.37 4.39 6.98
CA ILE A 22 -33.03 4.99 6.76
C ILE A 22 -32.18 5.05 8.04
N ASN A 23 -32.79 4.75 9.16
CA ASN A 23 -32.18 4.92 10.48
C ASN A 23 -31.05 3.92 10.78
N SER A 24 -30.99 2.81 10.02
CA SER A 24 -29.98 1.76 10.16
C SER A 24 -28.65 2.09 9.45
N ASN A 25 -28.71 2.57 8.20
CA ASN A 25 -27.51 2.74 7.36
C ASN A 25 -26.70 4.03 7.64
N VAL A 26 -27.32 5.00 8.32
CA VAL A 26 -26.70 6.29 8.68
C VAL A 26 -25.73 6.15 9.86
N VAL A 27 -26.00 5.23 10.80
CA VAL A 27 -25.22 5.01 12.03
C VAL A 27 -24.37 3.74 11.90
N LEU A 28 -23.45 3.75 10.92
CA LEU A 28 -22.59 2.61 10.57
C LEU A 28 -21.20 3.09 10.08
N LYS A 29 -20.14 2.34 10.40
CA LYS A 29 -18.73 2.64 10.06
C LYS A 29 -18.05 1.55 9.21
N ASN A 30 -18.80 0.96 8.27
CA ASN A 30 -18.37 -0.08 7.32
C ASN A 30 -17.58 -1.25 7.99
N PRO A 31 -18.21 -2.03 8.90
CA PRO A 31 -17.53 -2.98 9.78
C PRO A 31 -17.17 -4.31 9.11
N ARG A 32 -16.24 -4.25 8.15
CA ARG A 32 -15.63 -5.40 7.45
C ARG A 32 -14.12 -5.21 7.22
N VAL A 33 -13.75 -4.13 6.53
CA VAL A 33 -12.37 -3.79 6.17
C VAL A 33 -12.21 -2.27 5.99
N PRO A 34 -11.35 -1.60 6.78
CA PRO A 34 -11.02 -0.18 6.61
C PRO A 34 -9.81 0.04 5.69
N THR A 35 -9.55 1.31 5.37
CA THR A 35 -8.71 1.77 4.27
C THR A 35 -7.81 2.93 4.73
N GLN A 36 -6.63 2.57 5.25
CA GLN A 36 -5.62 3.47 5.83
C GLN A 36 -4.25 3.41 5.14
N LYS A 37 -4.22 3.03 3.86
CA LYS A 37 -3.00 2.79 3.05
C LYS A 37 -2.40 4.11 2.50
N THR A 38 -2.19 5.08 3.38
CA THR A 38 -1.92 6.50 3.07
C THR A 38 -0.82 7.15 3.96
N GLY A 39 -0.15 6.34 4.78
CA GLY A 39 0.80 6.81 5.81
C GLY A 39 2.09 7.44 5.27
N GLU A 40 2.60 6.97 4.13
CA GLU A 40 3.87 7.41 3.52
C GLU A 40 3.76 7.65 2.00
N LEU A 41 2.55 7.79 1.45
CA LEU A 41 2.26 8.08 0.05
C LEU A 41 1.17 9.15 -0.08
N SER A 42 1.46 10.13 -0.93
CA SER A 42 0.59 11.27 -1.25
C SER A 42 0.14 11.28 -2.70
N GLU A 43 1.07 11.50 -3.63
CA GLU A 43 0.75 11.73 -5.04
C GLU A 43 2.01 11.56 -5.91
N GLU A 44 3.12 12.15 -5.46
CA GLU A 44 4.42 12.05 -6.11
C GLU A 44 4.97 10.61 -5.99
N GLN A 45 4.58 9.88 -4.93
CA GLN A 45 4.98 8.50 -4.69
C GLN A 45 4.28 7.51 -5.64
N LYS A 46 3.02 7.77 -6.02
CA LYS A 46 2.29 6.99 -7.04
C LYS A 46 2.84 7.22 -8.45
N LYS A 47 3.27 8.45 -8.72
CA LYS A 47 4.05 8.80 -9.93
C LYS A 47 5.39 8.06 -10.06
N ILE A 48 5.79 7.30 -9.03
CA ILE A 48 6.92 6.36 -9.05
C ILE A 48 6.42 4.91 -9.05
N VAL A 49 5.61 4.52 -8.05
CA VAL A 49 5.16 3.13 -7.84
C VAL A 49 4.19 2.70 -8.94
N ALA A 50 3.04 3.36 -9.06
CA ALA A 50 2.00 3.00 -10.02
C ALA A 50 2.46 3.23 -11.47
N ASP A 51 3.34 4.23 -11.66
CA ASP A 51 4.07 4.40 -12.93
C ASP A 51 4.90 3.16 -13.30
N TYR A 52 5.63 2.55 -12.36
CA TYR A 52 6.39 1.31 -12.56
C TYR A 52 5.46 0.10 -12.79
N ILE A 53 4.31 0.04 -12.09
CA ILE A 53 3.30 -1.01 -12.28
C ILE A 53 2.76 -1.01 -13.73
N SER A 54 2.78 0.16 -14.40
CA SER A 54 2.44 0.32 -15.82
C SER A 54 3.56 -0.12 -16.79
N GLU A 55 4.81 -0.31 -16.33
CA GLU A 55 5.95 -0.65 -17.19
C GLU A 55 6.18 -2.17 -17.27
N VAL A 56 6.32 -2.82 -16.11
CA VAL A 56 6.86 -4.19 -16.00
C VAL A 56 5.88 -5.22 -15.42
N GLY A 57 4.78 -4.79 -14.82
CA GLY A 57 3.62 -5.63 -14.46
C GLY A 57 3.20 -5.44 -13.01
N LEU A 58 3.96 -6.05 -12.09
CA LEU A 58 3.86 -5.84 -10.64
C LEU A 58 5.11 -6.37 -9.90
N ASN A 59 5.57 -7.55 -10.31
CA ASN A 59 6.57 -8.36 -9.58
C ASN A 59 7.95 -8.41 -10.26
N ASN A 60 8.08 -7.85 -11.47
CA ASN A 60 9.33 -7.88 -12.26
C ASN A 60 10.26 -6.70 -11.97
N LEU A 61 9.73 -5.63 -11.37
CA LEU A 61 10.51 -4.53 -10.76
C LEU A 61 11.37 -5.02 -9.57
N ASN A 62 12.34 -4.21 -9.15
CA ASN A 62 13.12 -4.43 -7.93
C ASN A 62 12.77 -3.39 -6.85
N ALA A 63 13.23 -3.68 -5.63
CA ALA A 63 13.00 -2.83 -4.46
C ALA A 63 13.99 -1.65 -4.39
N THR A 64 15.17 -1.78 -5.03
CA THR A 64 16.24 -0.78 -5.07
C THR A 64 15.81 0.51 -5.76
N GLU A 65 15.13 0.43 -6.90
CA GLU A 65 14.61 1.62 -7.60
C GLU A 65 13.53 2.34 -6.79
N LEU A 66 12.62 1.61 -6.14
CA LEU A 66 11.62 2.18 -5.24
C LEU A 66 12.27 2.87 -4.02
N SER A 67 13.25 2.24 -3.37
CA SER A 67 13.94 2.80 -2.21
C SER A 67 14.77 4.05 -2.54
N LYS A 68 15.18 4.22 -3.81
CA LYS A 68 15.91 5.39 -4.33
C LYS A 68 14.99 6.58 -4.62
N ARG A 69 13.74 6.30 -4.99
CA ARG A 69 12.76 7.28 -5.51
C ARG A 69 11.71 7.68 -4.47
N LEU A 70 11.21 6.75 -3.66
CA LEU A 70 10.35 7.02 -2.49
C LEU A 70 11.14 7.43 -1.24
N ASN A 71 12.45 7.16 -1.19
CA ASN A 71 13.32 7.41 -0.03
C ASN A 71 12.83 6.61 1.21
N ILE A 72 12.78 5.29 1.04
CA ILE A 72 12.42 4.26 2.03
C ILE A 72 13.57 3.25 2.16
N THR A 73 13.58 2.43 3.21
CA THR A 73 14.49 1.27 3.27
C THR A 73 14.05 0.19 2.27
N VAL A 74 15.00 -0.64 1.81
CA VAL A 74 14.75 -1.69 0.81
C VAL A 74 13.68 -2.68 1.29
N ASP A 75 13.67 -3.00 2.59
CA ASP A 75 12.71 -3.92 3.20
C ASP A 75 11.27 -3.37 3.26
N LYS A 76 11.11 -2.04 3.36
CA LYS A 76 9.78 -1.40 3.21
C LYS A 76 9.28 -1.53 1.78
N ALA A 77 10.14 -1.41 0.79
CA ALA A 77 9.76 -1.57 -0.62
C ALA A 77 9.37 -3.03 -0.91
N LYS A 78 10.21 -3.98 -0.47
CA LYS A 78 10.01 -5.45 -0.61
C LYS A 78 8.70 -5.96 0.00
N THR A 79 8.21 -5.36 1.07
CA THR A 79 6.88 -5.69 1.63
C THR A 79 5.75 -4.85 1.03
N TYR A 80 5.94 -3.54 0.85
CA TYR A 80 4.91 -2.65 0.31
C TYR A 80 4.40 -3.06 -1.09
N ILE A 81 5.29 -3.59 -1.94
CA ILE A 81 4.96 -4.15 -3.27
C ILE A 81 3.80 -5.16 -3.20
N LYS A 82 3.78 -6.06 -2.20
CA LYS A 82 2.69 -7.03 -1.98
C LYS A 82 1.64 -6.55 -1.00
N ASN A 83 1.97 -5.64 -0.08
CA ASN A 83 1.04 -5.13 0.92
C ASN A 83 -0.06 -4.23 0.30
N SER A 84 0.28 -3.50 -0.76
CA SER A 84 -0.64 -2.59 -1.48
C SER A 84 -1.46 -3.27 -2.58
N ASN A 85 -0.88 -4.25 -3.27
CA ASN A 85 -1.45 -4.86 -4.48
C ASN A 85 -1.96 -6.31 -4.28
N ARG A 86 -1.26 -7.07 -3.44
CA ARG A 86 -1.51 -8.48 -3.08
C ARG A 86 -1.79 -9.38 -4.29
N MET A 87 -0.88 -9.32 -5.26
CA MET A 87 -0.92 -9.92 -6.62
C MET A 87 -2.04 -9.39 -7.54
N GLY A 88 -3.24 -9.17 -7.01
CA GLY A 88 -4.40 -8.61 -7.70
C GLY A 88 -5.64 -8.52 -6.81
N ARG A 89 -5.44 -8.21 -5.52
CA ARG A 89 -6.45 -8.24 -4.43
C ARG A 89 -7.26 -9.54 -4.36
N THR A 90 -6.60 -10.62 -3.95
CA THR A 90 -7.23 -11.88 -3.48
C THR A 90 -8.22 -12.48 -4.48
N ASN A 91 -7.81 -12.42 -5.74
CA ASN A 91 -8.58 -12.80 -6.94
C ASN A 91 -8.49 -14.31 -7.23
N ASN A 92 -7.64 -15.00 -6.48
CA ASN A 92 -7.40 -16.44 -6.47
C ASN A 92 -8.64 -17.27 -6.06
N PHE A 93 -9.63 -16.64 -5.44
CA PHE A 93 -10.85 -17.23 -4.87
C PHE A 93 -11.90 -17.74 -5.89
N LYS A 94 -11.54 -17.91 -7.17
CA LYS A 94 -12.46 -18.29 -8.25
C LYS A 94 -12.94 -19.72 -8.01
N THR A 95 -14.15 -19.80 -7.48
CA THR A 95 -14.88 -21.01 -7.07
C THR A 95 -14.40 -21.64 -5.74
N ILE A 96 -13.42 -21.02 -5.06
CA ILE A 96 -12.77 -21.55 -3.85
C ILE A 96 -13.02 -20.58 -2.68
N LYS A 97 -13.17 -21.13 -1.47
CA LYS A 97 -13.62 -20.41 -0.25
C LYS A 97 -15.04 -19.80 -0.35
N MET A 98 -15.81 -20.20 -1.37
CA MET A 98 -17.17 -19.72 -1.68
C MET A 98 -18.16 -20.84 -2.09
N PHE A 99 -17.77 -22.11 -1.95
CA PHE A 99 -18.44 -23.24 -2.62
C PHE A 99 -18.47 -24.55 -1.82
N GLU A 100 -17.42 -24.87 -1.05
CA GLU A 100 -17.31 -26.14 -0.31
C GLU A 100 -18.19 -26.19 0.95
N ASP A 101 -18.71 -27.37 1.29
CA ASP A 101 -19.53 -27.64 2.49
C ASP A 101 -18.70 -28.25 3.63
N ASP A 102 -19.21 -28.17 4.86
CA ASP A 102 -18.63 -28.84 6.04
C ASP A 102 -18.82 -30.38 5.99
N VAL A 103 -17.78 -31.12 6.34
CA VAL A 103 -17.76 -32.61 6.40
C VAL A 103 -17.33 -33.12 7.77
N SER A 104 -16.35 -32.47 8.42
CA SER A 104 -15.81 -32.82 9.74
C SER A 104 -15.76 -31.60 10.69
N SER A 105 -16.74 -30.69 10.56
CA SER A 105 -17.00 -29.51 11.42
C SER A 105 -15.77 -28.62 11.72
N ALA A 106 -14.86 -28.46 10.76
CA ALA A 106 -13.62 -27.71 10.90
C ALA A 106 -13.86 -26.19 10.97
N SER A 107 -13.84 -25.64 12.19
CA SER A 107 -14.06 -24.22 12.50
C SER A 107 -13.38 -23.81 13.80
N ALA A 108 -13.29 -22.51 14.08
CA ALA A 108 -12.60 -21.90 15.23
C ALA A 108 -13.44 -21.93 16.54
N GLN A 109 -14.16 -23.03 16.75
CA GLN A 109 -15.04 -23.31 17.89
C GLN A 109 -16.01 -22.14 18.22
N PRO A 110 -16.95 -21.81 17.32
CA PRO A 110 -17.87 -20.67 17.43
C PRO A 110 -19.05 -20.93 18.39
N ASN A 111 -18.74 -21.45 19.58
CA ASN A 111 -19.69 -21.88 20.61
C ASN A 111 -20.18 -20.70 21.47
N LEU A 112 -20.90 -19.76 20.84
CA LEU A 112 -21.50 -18.57 21.46
C LEU A 112 -23.04 -18.61 21.34
N PRO A 113 -23.75 -19.45 22.13
CA PRO A 113 -25.21 -19.55 22.12
C PRO A 113 -25.92 -18.30 22.69
N GLY A 1 -5.59 22.43 16.63
CA GLY A 1 -6.60 23.26 17.31
C GLY A 1 -6.67 22.96 18.81
N SER A 2 -7.89 22.99 19.37
CA SER A 2 -8.17 22.72 20.80
C SER A 2 -9.46 21.90 20.97
N HIS A 3 -9.64 21.31 22.17
CA HIS A 3 -10.83 20.52 22.53
C HIS A 3 -11.28 20.80 23.96
N MET A 4 -12.57 21.09 24.14
CA MET A 4 -13.22 21.40 25.42
C MET A 4 -14.47 20.52 25.60
N ALA A 5 -14.38 19.52 26.47
CA ALA A 5 -15.49 18.60 26.79
C ALA A 5 -15.53 18.22 28.29
N SER A 6 -14.50 17.53 28.80
CA SER A 6 -14.30 17.13 30.20
C SER A 6 -15.45 16.30 30.85
N MET A 7 -16.40 15.79 30.06
CA MET A 7 -17.60 15.07 30.52
C MET A 7 -18.00 13.85 29.68
N ASP A 8 -17.45 13.74 28.48
CA ASP A 8 -17.57 12.59 27.57
C ASP A 8 -16.26 11.77 27.47
N GLN A 9 -15.24 12.16 28.24
CA GLN A 9 -13.85 11.71 28.09
C GLN A 9 -13.11 11.70 29.46
N LEU A 10 -13.67 10.98 30.44
CA LEU A 10 -13.07 10.73 31.75
C LEU A 10 -13.21 9.26 32.23
N ASP A 11 -12.44 8.90 33.25
CA ASP A 11 -12.46 7.59 33.93
C ASP A 11 -12.23 6.38 32.99
N GLU A 12 -11.29 6.53 32.06
CA GLU A 12 -11.01 5.60 30.95
C GLU A 12 -9.58 4.99 30.96
N ILE A 13 -8.87 5.08 32.09
CA ILE A 13 -7.44 4.72 32.22
C ILE A 13 -7.28 3.19 32.42
N ILE A 14 -7.60 2.43 31.37
CA ILE A 14 -7.56 0.94 31.36
C ILE A 14 -7.03 0.34 30.04
N GLU A 15 -6.86 1.14 28.98
CA GLU A 15 -6.64 0.69 27.60
C GLU A 15 -5.16 0.67 27.17
N GLN A 16 -4.27 0.09 27.99
CA GLN A 16 -2.83 0.00 27.68
C GLN A 16 -2.19 -1.36 28.03
N ILE A 17 -2.46 -1.92 29.23
CA ILE A 17 -1.91 -3.20 29.69
C ILE A 17 -3.01 -4.09 30.28
N GLN A 18 -3.27 -5.19 29.58
CA GLN A 18 -4.31 -6.20 29.84
C GLN A 18 -3.90 -7.52 29.14
N LYS A 19 -4.75 -8.57 29.20
CA LYS A 19 -4.50 -9.88 28.56
C LYS A 19 -4.52 -9.79 27.02
N GLU A 20 -3.34 -9.62 26.44
CA GLU A 20 -3.04 -9.80 25.02
C GLU A 20 -1.71 -10.54 24.84
N ALA A 21 -1.60 -11.28 23.74
CA ALA A 21 -0.47 -12.18 23.41
C ALA A 21 -0.07 -12.14 21.93
N ILE A 22 -0.33 -11.01 21.26
CA ILE A 22 -0.25 -10.82 19.80
C ILE A 22 -1.08 -11.90 19.07
N ASN A 23 -2.33 -11.96 19.50
CA ASN A 23 -3.34 -12.97 19.21
C ASN A 23 -4.60 -12.38 18.55
N SER A 24 -4.64 -11.05 18.39
CA SER A 24 -5.77 -10.30 17.82
C SER A 24 -5.42 -9.51 16.56
N ASN A 25 -4.23 -8.89 16.52
CA ASN A 25 -3.72 -8.10 15.40
C ASN A 25 -3.17 -8.94 14.23
N VAL A 26 -2.80 -10.19 14.50
CA VAL A 26 -2.34 -11.19 13.51
C VAL A 26 -3.54 -11.98 12.94
N VAL A 27 -4.58 -12.20 13.74
CA VAL A 27 -5.78 -12.96 13.37
C VAL A 27 -6.86 -12.02 12.78
N LEU A 28 -6.50 -11.37 11.67
CA LEU A 28 -7.36 -10.48 10.88
C LEU A 28 -7.50 -10.97 9.42
N LYS A 29 -8.67 -10.73 8.83
CA LYS A 29 -9.08 -11.18 7.49
C LYS A 29 -9.51 -10.00 6.61
N ASN A 30 -8.70 -8.93 6.58
CA ASN A 30 -8.88 -7.70 5.80
C ASN A 30 -10.30 -7.10 5.95
N PRO A 31 -10.65 -6.47 7.09
CA PRO A 31 -12.01 -6.02 7.40
C PRO A 31 -12.44 -4.79 6.59
N ARG A 32 -12.93 -5.02 5.36
CA ARG A 32 -13.47 -4.01 4.41
C ARG A 32 -12.56 -2.79 4.17
N VAL A 33 -11.25 -3.02 4.24
CA VAL A 33 -10.13 -2.06 4.26
C VAL A 33 -10.32 -0.94 5.32
N PRO A 34 -9.63 -1.01 6.47
CA PRO A 34 -9.70 0.03 7.49
C PRO A 34 -8.99 1.32 7.05
N THR A 35 -9.19 2.39 7.82
CA THR A 35 -8.90 3.80 7.49
C THR A 35 -7.43 4.23 7.54
N GLN A 36 -6.51 3.33 7.19
CA GLN A 36 -5.05 3.52 7.24
C GLN A 36 -4.39 3.30 5.87
N LYS A 37 -4.72 4.16 4.89
CA LYS A 37 -4.21 4.16 3.50
C LYS A 37 -3.50 5.48 3.15
N THR A 38 -2.85 6.09 4.14
CA THR A 38 -2.33 7.48 4.09
C THR A 38 -1.00 7.67 4.86
N GLY A 39 -0.33 6.58 5.24
CA GLY A 39 0.83 6.59 6.16
C GLY A 39 2.09 7.27 5.62
N GLU A 40 2.40 7.09 4.32
CA GLU A 40 3.62 7.61 3.68
C GLU A 40 3.48 7.97 2.19
N LEU A 41 2.27 7.87 1.61
CA LEU A 41 1.95 8.19 0.23
C LEU A 41 1.17 9.51 0.16
N SER A 42 1.83 10.51 -0.42
CA SER A 42 1.25 11.80 -0.80
C SER A 42 0.76 11.79 -2.23
N GLU A 43 1.67 11.93 -3.19
CA GLU A 43 1.33 12.09 -4.60
C GLU A 43 2.50 11.66 -5.49
N GLU A 44 3.71 12.10 -5.16
CA GLU A 44 4.93 11.69 -5.87
C GLU A 44 5.23 10.19 -5.66
N GLN A 45 4.82 9.61 -4.54
CA GLN A 45 5.23 8.27 -4.11
C GLN A 45 4.54 7.17 -4.93
N LYS A 46 3.22 7.31 -5.13
CA LYS A 46 2.43 6.48 -6.06
C LYS A 46 2.79 6.73 -7.53
N LYS A 47 3.27 7.94 -7.88
CA LYS A 47 3.86 8.27 -9.20
C LYS A 47 5.23 7.61 -9.46
N ILE A 48 5.76 6.85 -8.49
CA ILE A 48 6.92 5.97 -8.65
C ILE A 48 6.45 4.51 -8.65
N VAL A 49 5.70 4.05 -7.64
CA VAL A 49 5.32 2.63 -7.52
C VAL A 49 4.27 2.23 -8.56
N ALA A 50 3.10 2.88 -8.56
CA ALA A 50 2.00 2.55 -9.48
C ALA A 50 2.33 2.91 -10.94
N ASP A 51 3.20 3.89 -11.15
CA ASP A 51 3.83 4.11 -12.47
C ASP A 51 4.66 2.88 -12.93
N TYR A 52 5.46 2.26 -12.05
CA TYR A 52 6.22 1.04 -12.37
C TYR A 52 5.28 -0.15 -12.66
N ILE A 53 4.12 -0.25 -11.99
CA ILE A 53 3.09 -1.27 -12.27
C ILE A 53 2.54 -1.16 -13.71
N SER A 54 2.66 0.02 -14.34
CA SER A 54 2.34 0.23 -15.76
C SER A 54 3.49 -0.14 -16.73
N GLU A 55 4.72 -0.37 -16.24
CA GLU A 55 5.91 -0.63 -17.07
C GLU A 55 6.15 -2.13 -17.26
N VAL A 56 6.27 -2.88 -16.16
CA VAL A 56 6.80 -4.26 -16.17
C VAL A 56 5.88 -5.33 -15.59
N GLY A 57 4.86 -4.94 -14.82
CA GLY A 57 3.79 -5.79 -14.30
C GLY A 57 3.62 -5.58 -12.81
N LEU A 58 4.36 -6.35 -12.01
CA LEU A 58 4.38 -6.28 -10.53
C LEU A 58 5.59 -6.98 -9.91
N ASN A 59 6.01 -8.10 -10.50
CA ASN A 59 7.07 -8.98 -9.97
C ASN A 59 8.41 -8.92 -10.73
N ASN A 60 8.47 -8.14 -11.82
CA ASN A 60 9.69 -7.97 -12.63
C ASN A 60 10.51 -6.72 -12.23
N LEU A 61 9.90 -5.78 -11.50
CA LEU A 61 10.56 -4.64 -10.84
C LEU A 61 11.36 -5.09 -9.60
N ASN A 62 12.26 -4.23 -9.10
CA ASN A 62 12.95 -4.43 -7.82
C ASN A 62 12.56 -3.34 -6.79
N ALA A 63 13.03 -3.54 -5.57
CA ALA A 63 12.81 -2.62 -4.45
C ALA A 63 13.84 -1.48 -4.41
N THR A 64 15.00 -1.68 -5.04
CA THR A 64 16.13 -0.74 -5.10
C THR A 64 15.74 0.56 -5.81
N GLU A 65 15.15 0.50 -7.00
CA GLU A 65 14.75 1.69 -7.77
C GLU A 65 13.64 2.49 -7.06
N LEU A 66 12.60 1.79 -6.58
CA LEU A 66 11.55 2.34 -5.71
C LEU A 66 12.13 3.06 -4.49
N SER A 67 12.98 2.41 -3.70
CA SER A 67 13.57 2.98 -2.46
C SER A 67 14.53 4.14 -2.73
N LYS A 68 15.17 4.18 -3.89
CA LYS A 68 16.02 5.30 -4.36
C LYS A 68 15.20 6.54 -4.73
N ARG A 69 14.12 6.38 -5.50
CA ARG A 69 13.26 7.50 -5.97
C ARG A 69 12.29 8.02 -4.90
N LEU A 70 11.70 7.11 -4.12
CA LEU A 70 10.71 7.40 -3.07
C LEU A 70 11.37 7.76 -1.73
N ASN A 71 12.65 7.39 -1.55
CA ASN A 71 13.47 7.65 -0.36
C ASN A 71 12.90 6.95 0.89
N ILE A 72 12.94 5.61 0.86
CA ILE A 72 12.51 4.67 1.91
C ILE A 72 13.57 3.60 2.18
N THR A 73 13.32 2.81 3.22
CA THR A 73 14.01 1.54 3.49
C THR A 73 13.67 0.53 2.39
N VAL A 74 14.65 -0.23 1.91
CA VAL A 74 14.45 -1.23 0.83
C VAL A 74 13.38 -2.24 1.22
N ASP A 75 13.36 -2.66 2.49
CA ASP A 75 12.41 -3.63 3.01
C ASP A 75 10.96 -3.10 3.11
N LYS A 76 10.78 -1.78 3.26
CA LYS A 76 9.44 -1.16 3.13
C LYS A 76 8.92 -1.27 1.71
N ALA A 77 9.77 -1.09 0.70
CA ALA A 77 9.37 -1.27 -0.71
C ALA A 77 9.07 -2.76 -0.98
N LYS A 78 9.94 -3.67 -0.53
CA LYS A 78 9.80 -5.13 -0.69
C LYS A 78 8.45 -5.66 -0.17
N THR A 79 7.99 -5.18 0.99
CA THR A 79 6.68 -5.59 1.52
C THR A 79 5.53 -4.78 0.94
N TYR A 80 5.70 -3.48 0.70
CA TYR A 80 4.64 -2.61 0.17
C TYR A 80 4.19 -3.02 -1.24
N ILE A 81 5.09 -3.54 -2.08
CA ILE A 81 4.80 -4.11 -3.40
C ILE A 81 3.64 -5.13 -3.33
N LYS A 82 3.65 -6.05 -2.35
CA LYS A 82 2.54 -7.01 -2.13
C LYS A 82 1.44 -6.47 -1.22
N ASN A 83 1.74 -5.54 -0.31
CA ASN A 83 0.75 -4.99 0.62
C ASN A 83 -0.32 -4.14 -0.10
N SER A 84 0.06 -3.46 -1.19
CA SER A 84 -0.83 -2.58 -1.97
C SER A 84 -1.51 -3.28 -3.16
N ASN A 85 -0.78 -4.15 -3.87
CA ASN A 85 -1.27 -4.79 -5.11
C ASN A 85 -1.78 -6.22 -4.92
N ARG A 86 -1.22 -6.94 -3.94
CA ARG A 86 -1.52 -8.31 -3.52
C ARG A 86 -1.64 -9.31 -4.69
N MET A 87 -0.59 -9.34 -5.51
CA MET A 87 -0.42 -10.12 -6.76
C MET A 87 -1.38 -9.77 -7.92
N GLY A 88 -2.59 -9.28 -7.63
CA GLY A 88 -3.47 -8.62 -8.62
C GLY A 88 -4.93 -8.67 -8.15
N ARG A 89 -5.34 -9.86 -7.71
CA ARG A 89 -6.54 -10.12 -6.91
C ARG A 89 -6.18 -10.84 -5.62
N THR A 90 -6.07 -12.18 -5.69
CA THR A 90 -6.05 -13.09 -4.52
C THR A 90 -5.15 -14.32 -4.68
N ASN A 91 -4.18 -14.25 -5.61
CA ASN A 91 -3.33 -15.37 -6.03
C ASN A 91 -4.16 -16.56 -6.57
N ASN A 92 -5.21 -16.22 -7.32
CA ASN A 92 -6.21 -17.13 -7.85
C ASN A 92 -5.81 -17.87 -9.14
N PHE A 93 -4.81 -17.33 -9.84
CA PHE A 93 -4.78 -17.30 -11.30
C PHE A 93 -3.61 -18.10 -11.92
N LYS A 94 -2.94 -18.89 -11.08
CA LYS A 94 -1.64 -19.56 -11.35
C LYS A 94 -1.75 -20.91 -12.08
N THR A 95 -2.99 -21.39 -12.27
CA THR A 95 -3.33 -22.77 -12.62
C THR A 95 -4.54 -22.82 -13.54
N ILE A 96 -5.60 -22.07 -13.21
CA ILE A 96 -6.81 -21.91 -14.03
C ILE A 96 -6.58 -20.96 -15.22
N LYS A 97 -7.57 -20.83 -16.10
CA LYS A 97 -7.55 -20.06 -17.37
C LYS A 97 -6.60 -20.58 -18.46
N MET A 98 -5.64 -21.45 -18.12
CA MET A 98 -4.60 -21.98 -19.02
C MET A 98 -4.57 -23.53 -19.10
N PHE A 99 -5.46 -24.21 -18.39
CA PHE A 99 -5.38 -25.66 -18.12
C PHE A 99 -6.70 -26.43 -18.33
N GLU A 100 -7.81 -25.73 -18.53
CA GLU A 100 -9.17 -26.30 -18.61
C GLU A 100 -9.67 -26.32 -20.07
N ASP A 101 -9.47 -27.46 -20.75
CA ASP A 101 -9.87 -27.69 -22.15
C ASP A 101 -10.19 -29.17 -22.42
N ASP A 102 -10.96 -29.47 -23.46
CA ASP A 102 -11.33 -30.83 -23.87
C ASP A 102 -10.16 -31.57 -24.58
N VAL A 103 -10.02 -32.86 -24.27
CA VAL A 103 -9.04 -33.78 -24.89
C VAL A 103 -9.70 -35.09 -25.35
N SER A 104 -10.54 -35.68 -24.48
CA SER A 104 -11.27 -36.94 -24.72
C SER A 104 -12.80 -36.77 -24.58
N SER A 105 -13.32 -35.59 -24.92
CA SER A 105 -14.74 -35.21 -24.96
C SER A 105 -15.55 -35.64 -23.71
N ALA A 106 -15.09 -35.20 -22.53
CA ALA A 106 -15.69 -35.54 -21.24
C ALA A 106 -17.11 -34.94 -21.08
N SER A 107 -18.14 -35.78 -21.27
CA SER A 107 -19.56 -35.43 -21.25
C SER A 107 -20.43 -36.66 -20.95
N ALA A 108 -21.73 -36.45 -20.69
CA ALA A 108 -22.72 -37.49 -20.41
C ALA A 108 -23.26 -38.22 -21.67
N GLN A 109 -22.38 -38.36 -22.67
CA GLN A 109 -22.59 -38.92 -24.03
C GLN A 109 -23.65 -38.17 -24.90
N PRO A 110 -23.57 -38.28 -26.25
CA PRO A 110 -24.45 -37.57 -27.17
C PRO A 110 -25.85 -38.22 -27.25
N ASN A 111 -26.72 -37.88 -26.31
CA ASN A 111 -28.06 -38.44 -26.13
C ASN A 111 -29.17 -37.36 -26.08
N LEU A 112 -28.97 -36.27 -26.82
CA LEU A 112 -29.93 -35.15 -26.96
C LEU A 112 -30.09 -34.76 -28.46
N PRO A 113 -30.73 -35.62 -29.29
CA PRO A 113 -30.95 -35.36 -30.72
C PRO A 113 -32.00 -34.25 -30.98
N GLY A 1 -38.89 -62.02 1.41
CA GLY A 1 -39.05 -60.67 0.82
C GLY A 1 -37.85 -60.25 -0.02
N SER A 2 -37.90 -59.03 -0.55
CA SER A 2 -36.84 -58.42 -1.39
C SER A 2 -36.70 -56.91 -1.14
N HIS A 3 -35.58 -56.31 -1.57
CA HIS A 3 -35.22 -54.91 -1.33
C HIS A 3 -34.73 -54.18 -2.60
N MET A 4 -35.28 -54.56 -3.76
CA MET A 4 -34.90 -54.04 -5.08
C MET A 4 -35.64 -52.72 -5.41
N ALA A 5 -35.32 -51.66 -4.65
CA ALA A 5 -35.93 -50.35 -4.72
C ALA A 5 -34.88 -49.24 -4.54
N SER A 6 -34.30 -48.80 -5.66
CA SER A 6 -33.14 -47.88 -5.71
C SER A 6 -33.25 -46.79 -6.80
N MET A 7 -34.47 -46.54 -7.32
CA MET A 7 -34.73 -45.59 -8.42
C MET A 7 -35.85 -44.57 -8.15
N ASP A 8 -36.79 -44.95 -7.30
CA ASP A 8 -37.91 -44.11 -6.82
C ASP A 8 -37.76 -43.71 -5.34
N GLN A 9 -37.04 -44.53 -4.56
CA GLN A 9 -36.76 -44.30 -3.14
C GLN A 9 -35.45 -43.50 -2.93
N LEU A 10 -34.40 -43.84 -3.69
CA LEU A 10 -33.11 -43.13 -3.69
C LEU A 10 -33.05 -42.19 -4.90
N ASP A 11 -32.61 -40.93 -4.69
CA ASP A 11 -32.39 -39.96 -5.77
C ASP A 11 -31.36 -38.87 -5.40
N GLU A 12 -31.56 -38.18 -4.26
CA GLU A 12 -30.85 -36.95 -3.88
C GLU A 12 -29.84 -37.16 -2.73
N ILE A 13 -29.38 -38.40 -2.54
CA ILE A 13 -28.65 -38.85 -1.34
C ILE A 13 -27.14 -38.54 -1.45
N ILE A 14 -26.84 -37.25 -1.58
CA ILE A 14 -25.49 -36.69 -1.79
C ILE A 14 -25.26 -35.45 -0.90
N GLU A 15 -26.25 -34.57 -0.79
CA GLU A 15 -26.20 -33.30 -0.03
C GLU A 15 -27.48 -33.07 0.80
N GLN A 16 -27.44 -32.11 1.74
CA GLN A 16 -28.52 -31.78 2.67
C GLN A 16 -28.78 -30.26 2.72
N ILE A 17 -29.95 -29.86 3.24
CA ILE A 17 -30.49 -28.50 3.23
C ILE A 17 -30.60 -27.92 4.66
N GLN A 18 -29.79 -26.90 4.92
CA GLN A 18 -29.65 -26.23 6.24
C GLN A 18 -29.32 -24.71 6.13
N LYS A 19 -29.82 -24.05 5.07
CA LYS A 19 -29.60 -22.62 4.72
C LYS A 19 -28.14 -22.18 4.47
N GLU A 20 -27.20 -23.12 4.44
CA GLU A 20 -25.79 -22.92 4.06
C GLU A 20 -25.23 -24.19 3.42
N ALA A 21 -24.30 -24.02 2.48
CA ALA A 21 -23.64 -25.11 1.75
C ALA A 21 -22.20 -24.73 1.34
N ILE A 22 -22.07 -23.94 0.27
CA ILE A 22 -20.78 -23.48 -0.30
C ILE A 22 -20.67 -21.96 -0.44
N ASN A 23 -21.79 -21.28 -0.39
CA ASN A 23 -21.91 -19.88 -0.80
C ASN A 23 -21.18 -18.88 0.12
N SER A 24 -20.85 -19.30 1.34
CA SER A 24 -20.08 -18.52 2.31
C SER A 24 -18.57 -18.76 2.20
N ASN A 25 -18.14 -20.04 2.13
CA ASN A 25 -16.71 -20.40 2.13
C ASN A 25 -16.01 -20.22 0.78
N VAL A 26 -16.78 -20.06 -0.31
CA VAL A 26 -16.24 -19.77 -1.66
C VAL A 26 -15.79 -18.31 -1.82
N VAL A 27 -16.20 -17.41 -0.91
CA VAL A 27 -15.87 -15.97 -0.91
C VAL A 27 -15.03 -15.62 0.34
N LEU A 28 -13.79 -16.13 0.38
CA LEU A 28 -12.87 -16.03 1.52
C LEU A 28 -11.48 -15.44 1.15
N LYS A 29 -11.46 -14.70 0.06
CA LYS A 29 -10.29 -14.11 -0.62
C LYS A 29 -10.15 -12.61 -0.26
N ASN A 30 -10.28 -12.33 1.04
CA ASN A 30 -10.26 -11.00 1.67
C ASN A 30 -11.21 -9.97 0.98
N PRO A 31 -12.53 -10.21 0.95
CA PRO A 31 -13.50 -9.48 0.13
C PRO A 31 -13.97 -8.14 0.74
N ARG A 32 -13.05 -7.39 1.32
CA ARG A 32 -13.33 -6.20 2.16
C ARG A 32 -12.41 -4.98 1.94
N VAL A 33 -11.21 -5.19 1.40
CA VAL A 33 -10.20 -4.19 0.96
C VAL A 33 -10.16 -2.90 1.82
N PRO A 34 -9.51 -2.93 3.01
CA PRO A 34 -9.40 -1.77 3.89
C PRO A 34 -8.47 -0.67 3.34
N THR A 35 -8.50 0.49 4.01
CA THR A 35 -8.00 1.78 3.53
C THR A 35 -6.77 2.29 4.28
N GLN A 36 -5.74 1.45 4.39
CA GLN A 36 -4.50 1.77 5.13
C GLN A 36 -3.49 2.70 4.39
N LYS A 37 -4.01 3.58 3.52
CA LYS A 37 -3.26 4.56 2.73
C LYS A 37 -2.96 5.83 3.56
N THR A 38 -2.12 5.68 4.59
CA THR A 38 -1.83 6.72 5.60
C THR A 38 -0.38 6.71 6.13
N GLY A 39 0.53 5.97 5.46
CA GLY A 39 1.92 5.79 5.87
C GLY A 39 2.84 6.89 5.33
N GLU A 40 3.38 6.68 4.14
CA GLU A 40 4.48 7.48 3.55
C GLU A 40 4.28 7.76 2.03
N LEU A 41 3.02 7.82 1.56
CA LEU A 41 2.66 8.13 0.18
C LEU A 41 1.56 9.20 0.13
N SER A 42 1.81 10.21 -0.69
CA SER A 42 0.96 11.38 -0.97
C SER A 42 0.45 11.37 -2.39
N GLU A 43 1.28 11.72 -3.36
CA GLU A 43 0.87 11.82 -4.76
C GLU A 43 2.06 11.67 -5.70
N GLU A 44 3.20 12.28 -5.36
CA GLU A 44 4.46 12.12 -6.09
C GLU A 44 5.01 10.70 -5.95
N GLN A 45 4.70 10.02 -4.83
CA GLN A 45 5.16 8.65 -4.57
C GLN A 45 4.44 7.62 -5.45
N LYS A 46 3.16 7.85 -5.79
CA LYS A 46 2.43 7.04 -6.79
C LYS A 46 2.93 7.25 -8.21
N LYS A 47 3.34 8.48 -8.52
CA LYS A 47 4.07 8.81 -9.77
C LYS A 47 5.46 8.15 -9.88
N ILE A 48 5.86 7.36 -8.87
CA ILE A 48 7.02 6.44 -8.88
C ILE A 48 6.56 4.98 -8.83
N VAL A 49 5.70 4.59 -7.86
CA VAL A 49 5.28 3.20 -7.65
C VAL A 49 4.29 2.72 -8.71
N ALA A 50 3.12 3.38 -8.84
CA ALA A 50 2.11 3.01 -9.82
C ALA A 50 2.58 3.26 -11.26
N ASP A 51 3.47 4.24 -11.44
CA ASP A 51 4.23 4.47 -12.67
C ASP A 51 5.23 3.33 -13.03
N TYR A 52 5.48 2.41 -12.10
CA TYR A 52 6.18 1.14 -12.35
C TYR A 52 5.17 -0.01 -12.60
N ILE A 53 4.03 -0.03 -11.92
CA ILE A 53 2.98 -1.05 -12.09
C ILE A 53 2.37 -1.02 -13.50
N SER A 54 2.37 0.14 -14.17
CA SER A 54 2.06 0.26 -15.60
C SER A 54 3.09 -0.35 -16.55
N GLU A 55 4.33 -0.59 -16.11
CA GLU A 55 5.48 -0.71 -16.99
C GLU A 55 5.99 -2.16 -17.13
N VAL A 56 6.05 -2.91 -16.03
CA VAL A 56 6.61 -4.29 -16.00
C VAL A 56 5.69 -5.34 -15.36
N GLY A 57 4.65 -4.94 -14.64
CA GLY A 57 3.61 -5.80 -14.07
C GLY A 57 3.39 -5.45 -12.61
N LEU A 58 4.08 -6.17 -11.74
CA LEU A 58 4.11 -5.98 -10.27
C LEU A 58 5.29 -6.69 -9.59
N ASN A 59 5.74 -7.80 -10.18
CA ASN A 59 6.73 -8.73 -9.63
C ASN A 59 8.10 -8.69 -10.33
N ASN A 60 8.20 -8.03 -11.49
CA ASN A 60 9.43 -7.97 -12.31
C ASN A 60 10.31 -6.76 -11.97
N LEU A 61 9.73 -5.72 -11.35
CA LEU A 61 10.44 -4.61 -10.70
C LEU A 61 11.22 -5.06 -9.45
N ASN A 62 12.15 -4.23 -8.98
CA ASN A 62 12.84 -4.45 -7.70
C ASN A 62 12.51 -3.36 -6.66
N ALA A 63 12.96 -3.59 -5.43
CA ALA A 63 12.75 -2.71 -4.29
C ALA A 63 13.79 -1.57 -4.21
N THR A 64 14.94 -1.74 -4.87
CA THR A 64 16.06 -0.80 -4.90
C THR A 64 15.70 0.49 -5.64
N GLU A 65 15.10 0.40 -6.82
CA GLU A 65 14.69 1.58 -7.61
C GLU A 65 13.59 2.38 -6.91
N LEU A 66 12.56 1.70 -6.38
CA LEU A 66 11.57 2.32 -5.49
C LEU A 66 12.23 3.05 -4.30
N SER A 67 13.05 2.39 -3.50
CA SER A 67 13.70 2.97 -2.31
C SER A 67 14.67 4.11 -2.63
N LYS A 68 15.20 4.17 -3.86
CA LYS A 68 16.04 5.26 -4.39
C LYS A 68 15.24 6.53 -4.68
N ARG A 69 14.11 6.39 -5.40
CA ARG A 69 13.22 7.53 -5.77
C ARG A 69 12.36 8.00 -4.59
N LEU A 70 11.85 7.07 -3.78
CA LEU A 70 11.00 7.34 -2.62
C LEU A 70 11.78 7.74 -1.36
N ASN A 71 13.07 7.39 -1.28
CA ASN A 71 13.95 7.63 -0.13
C ASN A 71 13.43 6.95 1.15
N ILE A 72 13.27 5.62 1.06
CA ILE A 72 12.89 4.68 2.13
C ILE A 72 13.96 3.59 2.28
N THR A 73 13.78 2.67 3.23
CA THR A 73 14.54 1.41 3.25
C THR A 73 13.99 0.42 2.21
N VAL A 74 14.86 -0.41 1.65
CA VAL A 74 14.52 -1.49 0.71
C VAL A 74 13.44 -2.42 1.30
N ASP A 75 13.49 -2.63 2.61
CA ASP A 75 12.60 -3.54 3.33
C ASP A 75 11.15 -3.04 3.44
N LYS A 76 10.90 -1.72 3.37
CA LYS A 76 9.54 -1.20 3.24
C LYS A 76 9.04 -1.32 1.81
N ALA A 77 9.90 -1.12 0.81
CA ALA A 77 9.49 -1.20 -0.59
C ALA A 77 9.07 -2.64 -0.94
N LYS A 78 9.89 -3.63 -0.55
CA LYS A 78 9.66 -5.05 -0.91
C LYS A 78 8.38 -5.63 -0.30
N THR A 79 7.95 -5.16 0.89
CA THR A 79 6.67 -5.61 1.49
C THR A 79 5.49 -4.73 1.07
N TYR A 80 5.71 -3.43 0.86
CA TYR A 80 4.66 -2.51 0.41
C TYR A 80 4.13 -2.86 -0.98
N ILE A 81 5.00 -3.33 -1.89
CA ILE A 81 4.62 -3.86 -3.21
C ILE A 81 3.51 -4.92 -3.05
N LYS A 82 3.78 -6.04 -2.36
CA LYS A 82 2.78 -7.12 -2.15
C LYS A 82 1.56 -6.69 -1.35
N ASN A 83 1.69 -5.73 -0.42
CA ASN A 83 0.55 -5.17 0.33
C ASN A 83 -0.42 -4.36 -0.57
N SER A 84 0.06 -3.85 -1.72
CA SER A 84 -0.80 -3.28 -2.77
C SER A 84 -1.36 -4.38 -3.69
N ASN A 85 -0.47 -5.21 -4.24
CA ASN A 85 -0.78 -6.18 -5.30
C ASN A 85 -0.58 -7.65 -4.83
N ARG A 86 -1.66 -8.24 -4.31
CA ARG A 86 -1.73 -9.63 -3.78
C ARG A 86 -2.79 -10.53 -4.44
N MET A 87 -3.44 -10.07 -5.51
CA MET A 87 -4.65 -10.71 -6.07
C MET A 87 -4.39 -11.96 -6.93
N GLY A 88 -3.18 -12.12 -7.49
CA GLY A 88 -2.78 -13.24 -8.35
C GLY A 88 -2.75 -12.83 -9.82
N ARG A 89 -1.60 -12.33 -10.30
CA ARG A 89 -1.36 -11.71 -11.62
C ARG A 89 -2.58 -10.95 -12.17
N THR A 90 -3.00 -9.92 -11.44
CA THR A 90 -4.09 -9.00 -11.78
C THR A 90 -5.44 -9.69 -12.13
N ASN A 91 -5.60 -10.95 -11.71
CA ASN A 91 -6.65 -11.88 -12.12
C ASN A 91 -6.87 -11.92 -13.66
N ASN A 92 -5.79 -11.76 -14.45
CA ASN A 92 -5.81 -11.73 -15.91
C ASN A 92 -5.33 -13.02 -16.60
N PHE A 93 -4.77 -13.97 -15.83
CA PHE A 93 -4.12 -15.21 -16.29
C PHE A 93 -5.07 -16.31 -16.85
N LYS A 94 -6.31 -15.93 -17.17
CA LYS A 94 -7.47 -16.80 -17.45
C LYS A 94 -7.68 -17.15 -18.93
N THR A 95 -6.86 -16.57 -19.80
CA THR A 95 -7.01 -16.57 -21.26
C THR A 95 -5.64 -16.61 -21.94
N ILE A 96 -4.70 -15.78 -21.48
CA ILE A 96 -3.31 -15.77 -21.93
C ILE A 96 -2.59 -17.08 -21.56
N LYS A 97 -1.40 -17.30 -22.14
CA LYS A 97 -0.56 -18.52 -22.00
C LYS A 97 -1.14 -19.81 -22.61
N MET A 98 -2.41 -19.83 -23.05
CA MET A 98 -3.09 -21.02 -23.58
C MET A 98 -4.07 -20.71 -24.74
N PHE A 99 -3.90 -19.55 -25.39
CA PHE A 99 -4.78 -19.07 -26.46
C PHE A 99 -4.07 -18.13 -27.46
N GLU A 100 -3.21 -17.25 -26.96
CA GLU A 100 -2.37 -16.34 -27.76
C GLU A 100 -1.09 -17.04 -28.31
N ASP A 101 -0.50 -16.46 -29.35
CA ASP A 101 0.75 -16.90 -29.99
C ASP A 101 1.72 -15.73 -30.25
N ASP A 102 3.00 -16.02 -30.45
CA ASP A 102 4.07 -15.06 -30.77
C ASP A 102 4.77 -15.40 -32.10
N VAL A 103 5.34 -14.40 -32.78
CA VAL A 103 5.96 -14.54 -34.12
C VAL A 103 7.40 -15.08 -34.03
N SER A 104 8.04 -14.94 -32.87
CA SER A 104 9.50 -15.05 -32.71
C SER A 104 10.27 -14.02 -33.57
N SER A 105 9.65 -12.85 -33.78
CA SER A 105 10.23 -11.68 -34.43
C SER A 105 9.74 -10.38 -33.78
N ALA A 106 10.64 -9.42 -33.61
CA ALA A 106 10.42 -8.14 -32.93
C ALA A 106 11.39 -7.05 -33.44
N SER A 107 11.18 -5.79 -33.03
CA SER A 107 11.96 -4.61 -33.47
C SER A 107 12.56 -3.87 -32.27
N ALA A 108 13.33 -2.82 -32.51
CA ALA A 108 13.92 -1.97 -31.46
C ALA A 108 12.88 -1.27 -30.56
N GLN A 109 11.64 -1.19 -31.04
CA GLN A 109 10.43 -0.81 -30.30
C GLN A 109 9.25 -1.71 -30.72
N PRO A 110 8.91 -2.76 -29.95
CA PRO A 110 7.73 -3.58 -30.18
C PRO A 110 6.47 -2.81 -29.74
N ASN A 111 5.55 -2.61 -30.69
CA ASN A 111 4.33 -1.79 -30.52
C ASN A 111 3.07 -2.50 -31.08
N LEU A 112 2.97 -3.82 -30.83
CA LEU A 112 1.89 -4.70 -31.29
C LEU A 112 1.19 -5.34 -30.08
N PRO A 113 0.13 -4.70 -29.52
CA PRO A 113 -0.59 -5.18 -28.34
C PRO A 113 -1.52 -6.39 -28.63
N GLY A 1 23.49 0.79 18.14
CA GLY A 1 24.81 0.59 17.51
C GLY A 1 24.83 1.15 16.09
N SER A 2 25.20 0.33 15.11
CA SER A 2 25.29 0.70 13.68
C SER A 2 23.93 1.00 13.04
N HIS A 3 23.95 1.73 11.93
CA HIS A 3 22.79 2.03 11.08
C HIS A 3 23.07 1.68 9.60
N MET A 4 22.03 1.28 8.87
CA MET A 4 22.10 0.82 7.49
C MET A 4 20.96 1.38 6.61
N ALA A 5 20.61 2.65 6.85
CA ALA A 5 19.60 3.41 6.11
C ALA A 5 20.17 4.73 5.54
N SER A 6 20.69 5.61 6.40
CA SER A 6 21.38 6.87 6.06
C SER A 6 20.57 7.87 5.17
N MET A 7 19.24 7.69 5.10
CA MET A 7 18.32 8.53 4.29
C MET A 7 16.92 8.72 4.90
N ASP A 8 16.58 7.91 5.91
CA ASP A 8 15.29 7.96 6.65
C ASP A 8 15.48 8.36 8.13
N GLN A 9 16.71 8.72 8.52
CA GLN A 9 17.16 8.81 9.92
C GLN A 9 18.27 9.87 10.12
N LEU A 10 18.16 11.03 9.45
CA LEU A 10 19.11 12.16 9.53
C LEU A 10 18.47 13.35 10.27
N ASP A 11 19.16 13.87 11.29
CA ASP A 11 18.64 14.92 12.20
C ASP A 11 19.73 15.76 12.92
N GLU A 12 20.99 15.70 12.45
CA GLU A 12 22.18 16.21 13.15
C GLU A 12 22.98 17.27 12.36
N ILE A 13 22.36 17.87 11.33
CA ILE A 13 23.03 18.67 10.30
C ILE A 13 22.89 20.17 10.62
N ILE A 14 23.93 20.77 11.22
CA ILE A 14 23.95 22.16 11.75
C ILE A 14 25.28 22.86 11.41
N GLU A 15 25.67 22.88 10.13
CA GLU A 15 26.95 23.42 9.64
C GLU A 15 26.76 24.29 8.38
N GLN A 16 25.84 25.26 8.43
CA GLN A 16 25.44 26.11 7.30
C GLN A 16 25.10 27.55 7.72
N ILE A 17 25.68 28.56 7.04
CA ILE A 17 25.48 30.00 7.22
C ILE A 17 25.69 30.76 5.90
N GLN A 18 24.92 31.83 5.70
CA GLN A 18 24.92 32.72 4.52
C GLN A 18 25.04 34.22 4.84
N LYS A 19 25.66 34.61 5.98
CA LYS A 19 25.69 36.01 6.49
C LYS A 19 24.28 36.63 6.57
N GLU A 20 23.41 36.02 7.36
CA GLU A 20 21.98 36.35 7.49
C GLU A 20 21.75 37.80 7.93
N ALA A 21 21.29 38.59 6.95
CA ALA A 21 21.30 40.04 7.00
C ALA A 21 19.99 40.65 7.55
N ILE A 22 19.46 40.07 8.63
CA ILE A 22 18.12 40.32 9.18
C ILE A 22 17.04 40.16 8.09
N ASN A 23 17.23 39.14 7.26
CA ASN A 23 16.36 38.76 6.13
C ASN A 23 15.56 37.48 6.40
N SER A 24 15.87 36.78 7.50
CA SER A 24 15.35 35.45 7.85
C SER A 24 14.46 35.49 9.10
N ASN A 25 14.95 36.07 10.20
CA ASN A 25 14.26 36.20 11.48
C ASN A 25 13.02 37.12 11.47
N VAL A 26 12.96 38.04 10.50
CA VAL A 26 11.83 38.96 10.26
C VAL A 26 10.82 38.37 9.27
N VAL A 27 11.24 37.46 8.38
CA VAL A 27 10.46 36.92 7.26
C VAL A 27 10.27 35.40 7.42
N LEU A 28 9.58 35.01 8.51
CA LEU A 28 9.28 33.61 8.85
C LEU A 28 7.88 33.47 9.46
N LYS A 29 7.15 32.42 9.07
CA LYS A 29 5.76 32.12 9.48
C LYS A 29 5.53 30.63 9.74
N ASN A 30 6.56 29.94 10.25
CA ASN A 30 6.61 28.50 10.54
C ASN A 30 6.04 27.61 9.40
N PRO A 31 6.71 27.54 8.21
CA PRO A 31 6.20 26.89 7.00
C PRO A 31 6.29 25.35 7.00
N ARG A 32 5.90 24.74 8.12
CA ARG A 32 6.03 23.30 8.46
C ARG A 32 4.74 22.69 9.05
N VAL A 33 3.58 23.26 8.69
CA VAL A 33 2.24 22.81 9.11
C VAL A 33 1.41 22.31 7.90
N PRO A 34 1.65 21.08 7.41
CA PRO A 34 0.85 20.46 6.34
C PRO A 34 -0.46 19.85 6.86
N THR A 35 -1.37 19.54 5.93
CA THR A 35 -2.61 18.79 6.16
C THR A 35 -2.38 17.28 6.05
N GLN A 36 -1.46 16.78 6.88
CA GLN A 36 -1.13 15.37 7.06
C GLN A 36 -0.74 14.63 5.76
N LYS A 37 -0.13 15.36 4.81
CA LYS A 37 0.16 14.92 3.43
C LYS A 37 1.57 14.33 3.27
N THR A 38 2.05 13.61 4.29
CA THR A 38 3.46 13.22 4.45
C THR A 38 3.65 11.84 5.16
N GLY A 39 2.61 11.00 5.17
CA GLY A 39 2.63 9.67 5.81
C GLY A 39 3.49 8.66 5.04
N GLU A 40 3.01 8.25 3.86
CA GLU A 40 3.70 7.30 2.95
C GLU A 40 3.60 7.78 1.49
N LEU A 41 2.39 7.83 0.95
CA LEU A 41 2.05 8.25 -0.41
C LEU A 41 1.23 9.55 -0.36
N SER A 42 1.82 10.60 -0.92
CA SER A 42 1.14 11.87 -1.19
C SER A 42 0.69 11.98 -2.65
N GLU A 43 1.64 12.13 -3.54
CA GLU A 43 1.41 12.47 -4.96
C GLU A 43 2.64 12.19 -5.81
N GLU A 44 3.85 12.36 -5.26
CA GLU A 44 5.08 12.00 -5.95
C GLU A 44 5.36 10.49 -5.87
N GLN A 45 4.95 9.82 -4.78
CA GLN A 45 5.34 8.42 -4.51
C GLN A 45 4.59 7.42 -5.39
N LYS A 46 3.29 7.66 -5.63
CA LYS A 46 2.49 6.88 -6.56
C LYS A 46 2.91 7.08 -8.02
N LYS A 47 3.48 8.25 -8.36
CA LYS A 47 4.15 8.50 -9.66
C LYS A 47 5.46 7.72 -9.86
N ILE A 48 5.95 7.02 -8.83
CA ILE A 48 7.09 6.08 -8.91
C ILE A 48 6.58 4.63 -8.94
N VAL A 49 5.55 4.28 -8.17
CA VAL A 49 5.07 2.89 -8.04
C VAL A 49 3.99 2.53 -9.07
N ALA A 50 2.89 3.28 -9.15
CA ALA A 50 1.82 3.01 -10.11
C ALA A 50 2.31 3.15 -11.56
N ASP A 51 3.22 4.10 -11.80
CA ASP A 51 3.96 4.23 -13.07
C ASP A 51 4.80 2.98 -13.42
N TYR A 52 5.36 2.27 -12.43
CA TYR A 52 6.11 1.03 -12.63
C TYR A 52 5.19 -0.17 -12.94
N ILE A 53 4.03 -0.24 -12.28
CA ILE A 53 2.98 -1.22 -12.57
C ILE A 53 2.45 -1.07 -14.01
N SER A 54 2.52 0.13 -14.59
CA SER A 54 2.26 0.40 -16.01
C SER A 54 3.42 0.05 -16.96
N GLU A 55 4.63 -0.22 -16.45
CA GLU A 55 5.84 -0.42 -17.24
C GLU A 55 6.26 -1.89 -17.35
N VAL A 56 6.14 -2.67 -16.26
CA VAL A 56 6.67 -4.04 -16.17
C VAL A 56 5.69 -5.08 -15.61
N GLY A 57 4.61 -4.64 -14.97
CA GLY A 57 3.48 -5.47 -14.52
C GLY A 57 3.14 -5.23 -13.06
N LEU A 58 3.90 -5.89 -12.18
CA LEU A 58 3.83 -5.79 -10.71
C LEU A 58 4.99 -6.54 -10.04
N ASN A 59 5.41 -7.65 -10.64
CA ASN A 59 6.31 -8.65 -10.04
C ASN A 59 7.74 -8.66 -10.60
N ASN A 60 8.02 -7.87 -11.66
CA ASN A 60 9.34 -7.84 -12.30
C ASN A 60 10.20 -6.64 -11.85
N LEU A 61 9.58 -5.57 -11.33
CA LEU A 61 10.25 -4.44 -10.67
C LEU A 61 11.01 -4.85 -9.41
N ASN A 62 12.00 -4.06 -8.98
CA ASN A 62 12.78 -4.30 -7.77
C ASN A 62 12.50 -3.24 -6.68
N ALA A 63 13.06 -3.49 -5.50
CA ALA A 63 12.93 -2.64 -4.33
C ALA A 63 14.00 -1.53 -4.27
N THR A 64 15.09 -1.67 -5.02
CA THR A 64 16.21 -0.72 -5.10
C THR A 64 15.78 0.60 -5.74
N GLU A 65 15.12 0.57 -6.90
CA GLU A 65 14.66 1.79 -7.59
C GLU A 65 13.58 2.53 -6.78
N LEU A 66 12.59 1.79 -6.27
CA LEU A 66 11.61 2.31 -5.31
C LEU A 66 12.26 2.97 -4.08
N SER A 67 13.18 2.32 -3.37
CA SER A 67 13.83 2.88 -2.17
C SER A 67 14.69 4.12 -2.47
N LYS A 68 15.22 4.24 -3.69
CA LYS A 68 16.01 5.39 -4.17
C LYS A 68 15.15 6.61 -4.50
N ARG A 69 14.02 6.41 -5.19
CA ARG A 69 13.11 7.49 -5.66
C ARG A 69 12.06 7.89 -4.61
N LEU A 70 11.51 6.92 -3.89
CA LEU A 70 10.46 7.11 -2.87
C LEU A 70 11.07 7.47 -1.49
N ASN A 71 12.38 7.22 -1.30
CA ASN A 71 13.14 7.51 -0.07
C ASN A 71 12.60 6.74 1.15
N ILE A 72 12.70 5.41 1.05
CA ILE A 72 12.29 4.41 2.05
C ILE A 72 13.44 3.40 2.23
N THR A 73 13.43 2.63 3.32
CA THR A 73 14.32 1.45 3.43
C THR A 73 13.88 0.36 2.44
N VAL A 74 14.83 -0.44 1.95
CA VAL A 74 14.58 -1.51 0.97
C VAL A 74 13.53 -2.50 1.48
N ASP A 75 13.49 -2.76 2.78
CA ASP A 75 12.52 -3.68 3.41
C ASP A 75 11.08 -3.15 3.39
N LYS A 76 10.87 -1.84 3.49
CA LYS A 76 9.52 -1.25 3.30
C LYS A 76 9.08 -1.37 1.85
N ALA A 77 9.98 -1.27 0.87
CA ALA A 77 9.66 -1.47 -0.54
C ALA A 77 9.30 -2.94 -0.83
N LYS A 78 10.16 -3.87 -0.36
CA LYS A 78 9.99 -5.33 -0.50
C LYS A 78 8.68 -5.87 0.09
N THR A 79 8.15 -5.26 1.16
CA THR A 79 6.85 -5.64 1.72
C THR A 79 5.68 -4.86 1.11
N TYR A 80 5.80 -3.55 0.91
CA TYR A 80 4.73 -2.70 0.36
C TYR A 80 4.25 -3.16 -1.03
N ILE A 81 5.17 -3.62 -1.89
CA ILE A 81 4.88 -4.22 -3.21
C ILE A 81 3.77 -5.29 -3.12
N LYS A 82 3.87 -6.22 -2.17
CA LYS A 82 2.90 -7.30 -1.95
C LYS A 82 1.79 -6.95 -0.94
N ASN A 83 2.03 -6.04 -0.01
CA ASN A 83 1.03 -5.63 0.97
C ASN A 83 -0.09 -4.77 0.35
N SER A 84 0.23 -3.99 -0.68
CA SER A 84 -0.73 -3.15 -1.42
C SER A 84 -1.47 -3.90 -2.54
N ASN A 85 -0.79 -4.81 -3.25
CA ASN A 85 -1.31 -5.44 -4.48
C ASN A 85 -1.52 -6.97 -4.40
N ARG A 86 -0.74 -7.65 -3.56
CA ARG A 86 -0.70 -9.10 -3.31
C ARG A 86 -0.69 -9.98 -4.57
N MET A 87 0.11 -9.57 -5.56
CA MET A 87 0.33 -10.20 -6.88
C MET A 87 -0.92 -10.27 -7.80
N GLY A 88 -2.11 -10.48 -7.26
CA GLY A 88 -3.41 -10.24 -7.90
C GLY A 88 -4.42 -11.34 -7.54
N ARG A 89 -4.14 -12.56 -8.02
CA ARG A 89 -4.89 -13.79 -7.70
C ARG A 89 -3.99 -14.98 -7.32
N THR A 90 -2.70 -14.76 -7.09
CA THR A 90 -1.71 -15.81 -6.80
C THR A 90 -2.07 -16.67 -5.60
N ASN A 91 -2.51 -15.97 -4.55
CA ASN A 91 -3.14 -16.57 -3.36
C ASN A 91 -4.11 -15.59 -2.65
N ASN A 92 -4.69 -14.68 -3.43
CA ASN A 92 -5.52 -13.57 -3.00
C ASN A 92 -7.00 -13.74 -3.42
N PHE A 93 -7.48 -14.99 -3.46
CA PHE A 93 -8.81 -15.39 -3.96
C PHE A 93 -9.63 -16.19 -2.92
N LYS A 94 -9.22 -16.12 -1.65
CA LYS A 94 -9.78 -16.86 -0.49
C LYS A 94 -11.11 -16.33 0.07
N THR A 95 -11.60 -15.20 -0.44
CA THR A 95 -12.89 -14.58 -0.09
C THR A 95 -13.66 -14.07 -1.31
N ILE A 96 -12.93 -13.50 -2.28
CA ILE A 96 -13.41 -13.18 -3.63
C ILE A 96 -13.80 -14.48 -4.35
N LYS A 97 -14.66 -14.38 -5.37
CA LYS A 97 -15.22 -15.48 -6.17
C LYS A 97 -16.10 -16.50 -5.44
N MET A 98 -15.95 -16.66 -4.12
CA MET A 98 -16.78 -17.54 -3.28
C MET A 98 -17.85 -16.80 -2.44
N PHE A 99 -17.66 -15.51 -2.12
CA PHE A 99 -18.69 -14.67 -1.49
C PHE A 99 -19.64 -13.97 -2.50
N GLU A 100 -19.38 -14.10 -3.80
CA GLU A 100 -20.15 -13.49 -4.90
C GLU A 100 -21.31 -14.41 -5.36
N ASP A 101 -22.40 -13.81 -5.84
CA ASP A 101 -23.67 -14.50 -6.16
C ASP A 101 -24.36 -13.96 -7.44
N ASP A 102 -23.57 -13.55 -8.44
CA ASP A 102 -24.06 -13.07 -9.73
C ASP A 102 -24.42 -14.21 -10.70
N VAL A 103 -25.47 -14.01 -11.51
CA VAL A 103 -25.99 -15.00 -12.49
C VAL A 103 -26.19 -14.38 -13.87
N SER A 104 -26.85 -13.23 -13.94
CA SER A 104 -27.19 -12.51 -15.19
C SER A 104 -26.47 -11.17 -15.37
N SER A 105 -25.55 -10.83 -14.46
CA SER A 105 -24.91 -9.51 -14.34
C SER A 105 -23.41 -9.48 -14.72
N ALA A 106 -22.88 -10.59 -15.24
CA ALA A 106 -21.48 -10.71 -15.67
C ALA A 106 -21.28 -10.26 -17.14
N SER A 107 -20.30 -9.37 -17.36
CA SER A 107 -19.97 -8.79 -18.67
C SER A 107 -18.49 -8.37 -18.68
N ALA A 108 -17.73 -8.76 -19.71
CA ALA A 108 -16.29 -8.49 -19.84
C ALA A 108 -15.45 -8.93 -18.62
N GLN A 109 -15.87 -10.03 -17.97
CA GLN A 109 -15.20 -10.64 -16.80
C GLN A 109 -14.85 -12.15 -17.02
N PRO A 110 -13.96 -12.49 -17.97
CA PRO A 110 -13.54 -13.86 -18.27
C PRO A 110 -12.49 -14.43 -17.29
N ASN A 111 -12.76 -14.32 -15.99
CA ASN A 111 -11.88 -14.78 -14.90
C ASN A 111 -12.45 -16.06 -14.26
N LEU A 112 -12.28 -17.20 -14.94
CA LEU A 112 -12.71 -18.54 -14.52
C LEU A 112 -11.51 -19.50 -14.32
N PRO A 113 -11.61 -20.52 -13.45
CA PRO A 113 -10.56 -21.51 -13.21
C PRO A 113 -10.32 -22.45 -14.42
N GLY A 1 44.38 48.38 -5.24
CA GLY A 1 43.65 47.13 -4.94
C GLY A 1 42.31 47.41 -4.26
N SER A 2 41.72 46.37 -3.65
CA SER A 2 40.45 46.44 -2.89
C SER A 2 40.44 45.42 -1.74
N HIS A 3 39.51 45.59 -0.79
CA HIS A 3 39.33 44.71 0.39
C HIS A 3 37.85 44.39 0.59
N MET A 4 37.52 43.10 0.62
CA MET A 4 36.17 42.58 0.83
C MET A 4 36.14 41.60 2.02
N ALA A 5 35.52 42.02 3.11
CA ALA A 5 35.29 41.22 4.32
C ALA A 5 33.83 41.29 4.81
N SER A 6 33.39 42.46 5.28
CA SER A 6 32.01 42.71 5.76
C SER A 6 31.49 41.74 6.83
N MET A 7 32.42 41.18 7.64
CA MET A 7 32.11 40.22 8.72
C MET A 7 33.11 40.19 9.89
N ASP A 8 34.32 40.72 9.68
CA ASP A 8 35.42 40.77 10.66
C ASP A 8 35.74 42.22 11.11
N GLN A 9 34.84 43.16 10.78
CA GLN A 9 35.03 44.62 10.89
C GLN A 9 33.70 45.34 11.22
N LEU A 10 32.83 44.68 11.99
CA LEU A 10 31.50 45.17 12.43
C LEU A 10 31.43 45.31 13.97
N ASP A 11 30.38 45.96 14.47
CA ASP A 11 30.18 46.28 15.90
C ASP A 11 28.79 45.88 16.43
N GLU A 12 27.94 45.25 15.61
CA GLU A 12 26.56 44.87 15.93
C GLU A 12 26.39 43.48 16.57
N ILE A 13 27.49 42.85 17.01
CA ILE A 13 27.52 41.48 17.55
C ILE A 13 26.88 41.41 18.95
N ILE A 14 26.00 40.44 19.16
CA ILE A 14 25.31 40.15 20.44
C ILE A 14 25.38 38.65 20.74
N GLU A 15 25.63 38.30 22.00
CA GLU A 15 25.72 36.91 22.50
C GLU A 15 24.97 36.74 23.84
N GLN A 16 24.75 35.48 24.27
CA GLN A 16 24.03 35.12 25.50
C GLN A 16 24.80 34.08 26.35
N ILE A 17 24.26 33.77 27.53
CA ILE A 17 24.85 32.85 28.52
C ILE A 17 24.93 31.38 28.06
N GLN A 18 24.05 30.94 27.14
CA GLN A 18 24.02 29.58 26.56
C GLN A 18 23.96 28.45 27.63
N LYS A 19 23.13 28.65 28.67
CA LYS A 19 22.86 27.67 29.75
C LYS A 19 21.65 26.79 29.45
N GLU A 20 20.79 27.24 28.54
CA GLU A 20 19.61 26.51 28.01
C GLU A 20 18.59 26.08 29.07
N ALA A 21 18.34 26.96 30.06
CA ALA A 21 17.53 26.69 31.24
C ALA A 21 16.09 26.24 30.95
N ILE A 22 15.30 27.10 30.30
CA ILE A 22 13.85 26.92 30.06
C ILE A 22 13.45 27.11 28.61
N ASN A 23 14.35 27.65 27.79
CA ASN A 23 14.05 28.03 26.41
C ASN A 23 13.94 26.82 25.45
N SER A 24 14.41 25.64 25.88
CA SER A 24 14.33 24.40 25.10
C SER A 24 12.96 23.72 25.21
N ASN A 25 12.47 23.45 26.43
CA ASN A 25 11.24 22.67 26.64
C ASN A 25 9.94 23.36 26.16
N VAL A 26 9.99 24.69 25.98
CA VAL A 26 8.90 25.51 25.41
C VAL A 26 8.82 25.38 23.88
N VAL A 27 9.92 24.99 23.22
CA VAL A 27 10.08 24.99 21.74
C VAL A 27 10.61 23.63 21.25
N LEU A 28 9.92 22.55 21.64
CA LEU A 28 10.17 21.17 21.21
C LEU A 28 8.89 20.45 20.77
N LYS A 29 9.04 19.47 19.86
CA LYS A 29 7.97 18.69 19.21
C LYS A 29 8.11 17.18 19.43
N ASN A 30 8.66 16.79 20.60
CA ASN A 30 9.01 15.42 20.99
C ASN A 30 9.83 14.63 19.93
N PRO A 31 11.02 15.12 19.51
CA PRO A 31 11.81 14.54 18.43
C PRO A 31 12.58 13.27 18.86
N ARG A 32 11.86 12.14 18.94
CA ARG A 32 12.41 10.81 19.27
C ARG A 32 12.00 9.71 18.27
N VAL A 33 10.69 9.47 18.13
CA VAL A 33 10.12 8.39 17.32
C VAL A 33 8.70 8.74 16.84
N PRO A 34 8.46 8.87 15.52
CA PRO A 34 7.13 9.12 14.96
C PRO A 34 6.33 7.84 14.72
N THR A 35 5.02 7.98 14.63
CA THR A 35 4.06 6.92 14.30
C THR A 35 3.93 6.70 12.79
N GLN A 36 5.07 6.37 12.17
CA GLN A 36 5.23 6.07 10.74
C GLN A 36 4.77 7.20 9.78
N LYS A 37 4.77 8.44 10.25
CA LYS A 37 4.22 9.64 9.57
C LYS A 37 5.16 10.21 8.49
N THR A 38 5.89 9.34 7.79
CA THR A 38 7.07 9.67 6.98
C THR A 38 7.13 8.99 5.59
N GLY A 39 6.05 8.30 5.20
CA GLY A 39 5.99 7.52 3.95
C GLY A 39 4.56 7.14 3.51
N GLU A 40 3.60 8.05 3.71
CA GLU A 40 2.15 7.77 3.62
C GLU A 40 1.53 8.06 2.24
N LEU A 41 2.36 8.03 1.19
CA LEU A 41 2.00 8.04 -0.24
C LEU A 41 1.14 9.26 -0.66
N SER A 42 1.80 10.39 -0.91
CA SER A 42 1.15 11.69 -1.19
C SER A 42 0.60 11.78 -2.61
N GLU A 43 1.47 12.06 -3.58
CA GLU A 43 1.07 12.37 -4.96
C GLU A 43 2.21 12.11 -5.94
N GLU A 44 3.43 12.53 -5.58
CA GLU A 44 4.65 12.21 -6.33
C GLU A 44 5.03 10.72 -6.13
N GLN A 45 4.68 10.14 -4.99
CA GLN A 45 5.13 8.81 -4.56
C GLN A 45 4.46 7.69 -5.38
N LYS A 46 3.13 7.71 -5.52
CA LYS A 46 2.40 6.79 -6.41
C LYS A 46 2.72 7.01 -7.90
N LYS A 47 3.15 8.21 -8.31
CA LYS A 47 3.74 8.47 -9.65
C LYS A 47 5.10 7.81 -9.89
N ILE A 48 5.69 7.16 -8.88
CA ILE A 48 6.84 6.25 -9.00
C ILE A 48 6.36 4.79 -8.98
N VAL A 49 5.58 4.38 -7.97
CA VAL A 49 5.24 2.95 -7.79
C VAL A 49 4.14 2.44 -8.71
N ALA A 50 2.99 3.13 -8.78
CA ALA A 50 1.90 2.72 -9.67
C ALA A 50 2.29 2.89 -11.15
N ASP A 51 3.12 3.90 -11.45
CA ASP A 51 3.79 4.03 -12.75
C ASP A 51 4.70 2.84 -13.10
N TYR A 52 5.39 2.23 -12.12
CA TYR A 52 6.21 1.02 -12.34
C TYR A 52 5.33 -0.22 -12.60
N ILE A 53 4.23 -0.37 -11.86
CA ILE A 53 3.22 -1.42 -12.10
C ILE A 53 2.61 -1.29 -13.51
N SER A 54 2.52 -0.07 -14.04
CA SER A 54 2.13 0.21 -15.42
C SER A 54 3.21 -0.14 -16.47
N GLU A 55 4.48 -0.32 -16.07
CA GLU A 55 5.61 -0.46 -17.00
C GLU A 55 6.07 -1.92 -17.15
N VAL A 56 6.16 -2.68 -16.04
CA VAL A 56 6.74 -4.04 -16.03
C VAL A 56 5.89 -5.10 -15.34
N GLY A 57 4.84 -4.72 -14.60
CA GLY A 57 3.77 -5.59 -14.10
C GLY A 57 3.56 -5.45 -12.60
N LEU A 58 4.39 -6.15 -11.84
CA LEU A 58 4.39 -6.21 -10.37
C LEU A 58 5.66 -6.86 -9.82
N ASN A 59 6.15 -7.87 -10.54
CA ASN A 59 7.18 -8.81 -10.10
C ASN A 59 8.53 -8.68 -10.85
N ASN A 60 8.56 -7.91 -11.94
CA ASN A 60 9.77 -7.69 -12.75
C ASN A 60 10.54 -6.42 -12.34
N LEU A 61 9.91 -5.53 -11.55
CA LEU A 61 10.49 -4.31 -11.00
C LEU A 61 11.53 -4.58 -9.89
N ASN A 62 12.32 -3.54 -9.58
CA ASN A 62 13.36 -3.58 -8.56
C ASN A 62 12.99 -2.73 -7.33
N ALA A 63 12.88 -3.37 -6.16
CA ALA A 63 12.61 -2.72 -4.88
C ALA A 63 13.71 -1.73 -4.44
N THR A 64 14.95 -1.90 -4.94
CA THR A 64 16.05 -0.95 -4.72
C THR A 64 15.81 0.37 -5.46
N GLU A 65 15.32 0.36 -6.70
CA GLU A 65 14.91 1.57 -7.42
C GLU A 65 13.77 2.32 -6.70
N LEU A 66 12.78 1.59 -6.16
CA LEU A 66 11.78 2.18 -5.25
C LEU A 66 12.44 2.83 -4.02
N SER A 67 13.40 2.18 -3.36
CA SER A 67 14.10 2.75 -2.19
C SER A 67 14.86 4.05 -2.49
N LYS A 68 15.20 4.28 -3.77
CA LYS A 68 16.01 5.39 -4.26
C LYS A 68 15.14 6.56 -4.74
N ARG A 69 14.06 6.26 -5.48
CA ARG A 69 13.07 7.23 -5.98
C ARG A 69 12.06 7.66 -4.91
N LEU A 70 11.64 6.72 -4.04
CA LEU A 70 10.58 6.88 -3.05
C LEU A 70 11.11 7.17 -1.63
N ASN A 71 12.43 7.01 -1.40
CA ASN A 71 13.11 7.32 -0.13
C ASN A 71 12.53 6.53 1.06
N ILE A 72 12.52 5.20 0.92
CA ILE A 72 12.14 4.20 1.93
C ILE A 72 13.28 3.20 2.17
N THR A 73 13.18 2.47 3.28
CA THR A 73 13.95 1.24 3.52
C THR A 73 13.67 0.21 2.42
N VAL A 74 14.71 -0.52 1.95
CA VAL A 74 14.57 -1.53 0.88
C VAL A 74 13.61 -2.66 1.30
N ASP A 75 13.59 -3.01 2.58
CA ASP A 75 12.68 -4.02 3.14
C ASP A 75 11.23 -3.52 3.24
N LYS A 76 11.02 -2.21 3.46
CA LYS A 76 9.71 -1.59 3.31
C LYS A 76 9.25 -1.67 1.85
N ALA A 77 10.14 -1.47 0.89
CA ALA A 77 9.79 -1.55 -0.54
C ALA A 77 9.32 -2.97 -0.91
N LYS A 78 10.11 -3.99 -0.52
CA LYS A 78 9.80 -5.41 -0.80
C LYS A 78 8.48 -5.90 -0.20
N THR A 79 8.08 -5.41 0.98
CA THR A 79 6.77 -5.76 1.58
C THR A 79 5.62 -4.87 1.07
N TYR A 80 5.84 -3.57 0.92
CA TYR A 80 4.84 -2.59 0.47
C TYR A 80 4.27 -2.92 -0.93
N ILE A 81 5.11 -3.43 -1.84
CA ILE A 81 4.71 -3.95 -3.16
C ILE A 81 3.53 -4.95 -3.04
N LYS A 82 3.54 -5.80 -2.01
CA LYS A 82 2.47 -6.79 -1.73
C LYS A 82 1.37 -6.25 -0.83
N ASN A 83 1.69 -5.36 0.11
CA ASN A 83 0.68 -4.88 1.05
C ASN A 83 -0.41 -4.05 0.34
N SER A 84 -0.03 -3.29 -0.71
CA SER A 84 -0.95 -2.50 -1.53
C SER A 84 -1.66 -3.31 -2.62
N ASN A 85 -0.95 -4.24 -3.27
CA ASN A 85 -1.44 -4.97 -4.45
C ASN A 85 -0.75 -6.33 -4.67
N ARG A 86 -1.17 -7.34 -3.90
CA ARG A 86 -0.79 -8.77 -4.07
C ARG A 86 -1.82 -9.63 -4.83
N MET A 87 -2.82 -9.01 -5.47
CA MET A 87 -4.09 -9.67 -5.81
C MET A 87 -3.97 -10.83 -6.83
N GLY A 88 -2.96 -10.82 -7.71
CA GLY A 88 -2.54 -12.04 -8.42
C GLY A 88 -1.50 -11.71 -9.49
N ARG A 89 -1.97 -11.02 -10.53
CA ARG A 89 -1.14 -10.36 -11.54
C ARG A 89 -1.33 -8.85 -11.43
N THR A 90 -2.27 -8.28 -12.17
CA THR A 90 -2.50 -6.81 -12.26
C THR A 90 -3.97 -6.41 -12.27
N ASN A 91 -4.79 -7.12 -11.48
CA ASN A 91 -6.26 -6.97 -11.39
C ASN A 91 -6.99 -7.25 -12.72
N ASN A 92 -6.33 -7.95 -13.65
CA ASN A 92 -6.82 -8.31 -14.99
C ASN A 92 -7.74 -9.54 -15.02
N PHE A 93 -7.79 -10.32 -13.94
CA PHE A 93 -8.47 -11.63 -13.82
C PHE A 93 -10.02 -11.55 -13.74
N LYS A 94 -10.61 -10.39 -14.08
CA LYS A 94 -12.03 -10.08 -13.88
C LYS A 94 -12.94 -10.69 -14.95
N THR A 95 -12.34 -11.05 -16.09
CA THR A 95 -12.99 -11.51 -17.32
C THR A 95 -12.47 -12.90 -17.72
N ILE A 96 -11.17 -13.16 -17.56
CA ILE A 96 -10.58 -14.51 -17.60
C ILE A 96 -11.09 -15.30 -16.38
N LYS A 97 -11.03 -16.64 -16.45
CA LYS A 97 -11.22 -17.55 -15.30
C LYS A 97 -12.63 -17.62 -14.68
N MET A 98 -13.54 -16.71 -15.05
CA MET A 98 -14.94 -16.72 -14.58
C MET A 98 -15.84 -17.66 -15.41
N PHE A 99 -15.48 -17.90 -16.69
CA PHE A 99 -16.28 -18.68 -17.65
C PHE A 99 -15.55 -19.91 -18.23
N GLU A 100 -14.23 -20.03 -18.00
CA GLU A 100 -13.38 -21.10 -18.54
C GLU A 100 -13.43 -22.37 -17.65
N ASP A 101 -13.60 -23.54 -18.28
CA ASP A 101 -13.61 -24.84 -17.62
C ASP A 101 -13.11 -25.94 -18.57
N ASP A 102 -11.93 -26.50 -18.30
CA ASP A 102 -11.14 -27.38 -19.20
C ASP A 102 -10.83 -26.79 -20.60
N VAL A 103 -10.06 -27.52 -21.41
CA VAL A 103 -9.68 -27.14 -22.79
C VAL A 103 -10.56 -27.85 -23.83
N SER A 104 -11.22 -28.94 -23.44
CA SER A 104 -11.91 -29.90 -24.32
C SER A 104 -10.99 -30.53 -25.38
N SER A 105 -9.68 -30.54 -25.11
CA SER A 105 -8.64 -31.20 -25.91
C SER A 105 -7.43 -31.54 -25.03
N ALA A 106 -6.78 -32.68 -25.29
CA ALA A 106 -5.66 -33.22 -24.53
C ALA A 106 -4.77 -34.14 -25.38
N SER A 107 -3.56 -34.46 -24.89
CA SER A 107 -2.63 -35.42 -25.51
C SER A 107 -2.58 -36.75 -24.73
N ALA A 108 -1.78 -37.72 -25.20
CA ALA A 108 -1.55 -38.98 -24.50
C ALA A 108 -0.89 -38.79 -23.13
N GLN A 109 -0.06 -37.76 -23.01
CA GLN A 109 0.59 -37.29 -21.80
C GLN A 109 0.81 -35.75 -21.82
N PRO A 110 0.84 -35.07 -20.65
CA PRO A 110 0.95 -33.61 -20.57
C PRO A 110 2.39 -33.12 -20.85
N ASN A 111 2.67 -32.80 -22.12
CA ASN A 111 3.95 -32.27 -22.63
C ASN A 111 5.17 -33.14 -22.26
N LEU A 112 4.99 -34.47 -22.29
CA LEU A 112 5.94 -35.47 -21.81
C LEU A 112 6.23 -36.49 -22.93
N PRO A 113 7.33 -36.34 -23.70
CA PRO A 113 7.66 -37.20 -24.85
C PRO A 113 8.20 -38.58 -24.44
#